data_4L0O
#
_entry.id   4L0O
#
_cell.length_a   115.812
_cell.length_b   174.890
_cell.length_c   324.755
_cell.angle_alpha   90.00
_cell.angle_beta   90.00
_cell.angle_gamma   90.00
#
_symmetry.space_group_name_H-M   'C 2 2 21'
#
loop_
_entity.id
_entity.type
_entity.pdbx_description
1 polymer 'Cystathionine gamma-synthase'
2 non-polymer "PYRIDOXAL-5'-PHOSPHATE"
3 non-polymer 'PHOSPHATE ION'
#
_entity_poly.entity_id   1
_entity_poly.type   'polypeptide(L)'
_entity_poly.pdbx_seq_one_letter_code
;MRMQTKLIHGGISEDATTGAVSVPIYQTSTYRQDAIGRHKGYEYSRSGNPTRFALEELIADLEGGVKGFAFASGLAGIHA
VFSLLQSGDHVLLGDDVYGGTFRLFNQVLVKNGLSCTIIDTSDISQIKKAIKPNTKALYLETPSNPLLKITDLAQCASVA
KDHGLLTIVDNTFATPYYQNPLLLGADIVAHSGTKYLGGHSDVVAGLVTTNNEALAQEIAFFQNAIGGVLGPQDSWLLQR
GIKTLGLRMEAHQKNALCVAEFLEKHPKVERVYYPGLPTHPNYELAKKQMRGFSGMLSFTLKNDSEAVAFVESLKLFILG
ESLGGVESLVGIPAFMTHACIPKTQREAAGIRDGLVRLSVGIEHEQDLLEDLEQAFAKIGLEHHHHHH
;
_entity_poly.pdbx_strand_id   H,A,C,E,G,K,M,O
#
# COMPACT_ATOMS: atom_id res chain seq x y z
N MET A 1 6.91 50.51 -12.62
CA MET A 1 6.61 50.99 -11.23
C MET A 1 6.94 49.97 -10.13
N ARG A 2 7.42 50.48 -9.00
CA ARG A 2 7.81 49.65 -7.86
C ARG A 2 6.60 49.27 -7.01
N MET A 3 6.72 48.14 -6.31
CA MET A 3 5.66 47.59 -5.47
C MET A 3 4.77 48.63 -4.79
N GLN A 4 5.41 49.66 -4.20
CA GLN A 4 4.67 50.69 -3.46
C GLN A 4 3.78 51.54 -4.37
N THR A 5 4.28 51.82 -5.58
CA THR A 5 3.50 52.55 -6.58
C THR A 5 2.41 51.63 -7.17
N LYS A 6 2.73 50.34 -7.25
CA LYS A 6 1.83 49.37 -7.85
C LYS A 6 0.54 49.15 -7.04
N LEU A 7 0.63 49.36 -5.72
CA LEU A 7 -0.54 49.23 -4.85
C LEU A 7 -1.59 50.29 -5.14
N ILE A 8 -1.18 51.35 -5.84
CA ILE A 8 -2.04 52.50 -6.08
C ILE A 8 -2.45 52.58 -7.54
N HIS A 9 -1.59 52.12 -8.44
CA HIS A 9 -1.82 52.29 -9.87
C HIS A 9 -1.89 51.00 -10.65
N GLY A 10 -1.70 49.87 -9.95
CA GLY A 10 -1.67 48.55 -10.60
C GLY A 10 -3.03 48.02 -11.00
N GLY A 11 -3.02 46.81 -11.59
CA GLY A 11 -4.24 46.17 -12.12
C GLY A 11 -5.07 47.19 -12.86
N ILE A 12 -6.32 47.34 -12.44
CA ILE A 12 -7.14 48.46 -12.91
C ILE A 12 -7.48 49.31 -11.69
N SER A 13 -7.02 50.56 -11.69
CA SER A 13 -7.19 51.45 -10.54
C SER A 13 -7.94 52.73 -10.90
N GLU A 14 -8.62 52.68 -12.04
CA GLU A 14 -9.14 53.89 -12.68
C GLU A 14 -10.24 53.51 -13.68
N ASP A 15 -11.28 54.33 -13.75
CA ASP A 15 -12.34 54.14 -14.74
C ASP A 15 -11.98 54.85 -16.05
N ALA A 16 -11.74 54.06 -17.10
CA ALA A 16 -11.24 54.57 -18.38
C ALA A 16 -12.16 55.60 -19.06
N THR A 17 -13.46 55.35 -18.99
CA THR A 17 -14.45 56.18 -19.68
C THR A 17 -14.69 57.52 -18.98
N THR A 18 -14.82 57.49 -17.66
CA THR A 18 -15.19 58.68 -16.90
C THR A 18 -13.97 59.43 -16.36
N GLY A 19 -12.88 58.71 -16.12
CA GLY A 19 -11.66 59.28 -15.57
C GLY A 19 -11.53 59.10 -14.06
N ALA A 20 -12.57 58.57 -13.44
CA ALA A 20 -12.62 58.42 -11.98
C ALA A 20 -11.43 57.65 -11.44
N VAL A 21 -10.75 58.23 -10.46
CA VAL A 21 -9.55 57.61 -9.89
C VAL A 21 -9.90 56.46 -8.94
N SER A 22 -11.17 56.08 -8.93
CA SER A 22 -11.65 54.93 -8.21
C SER A 22 -12.60 54.16 -9.13
N VAL A 23 -12.38 52.85 -9.25
CA VAL A 23 -13.26 51.97 -10.03
C VAL A 23 -14.66 52.02 -9.43
N PRO A 24 -15.68 52.21 -10.28
CA PRO A 24 -17.07 52.28 -9.81
C PRO A 24 -17.57 50.93 -9.30
N ILE A 25 -18.46 50.95 -8.32
CA ILE A 25 -19.05 49.73 -7.82
C ILE A 25 -20.23 49.36 -8.72
N TYR A 26 -20.06 48.32 -9.51
CA TYR A 26 -21.11 47.84 -10.39
C TYR A 26 -22.03 46.89 -9.64
N GLN A 27 -22.94 47.45 -8.83
CA GLN A 27 -23.97 46.63 -8.20
C GLN A 27 -25.02 46.23 -9.25
N THR A 28 -24.61 45.37 -10.17
CA THR A 28 -25.50 44.87 -11.21
C THR A 28 -25.32 43.37 -11.35
N SER A 29 -26.40 42.68 -11.71
CA SER A 29 -26.35 41.24 -11.90
C SER A 29 -26.30 40.86 -13.38
N THR A 30 -26.64 41.83 -14.24
CA THR A 30 -26.71 41.56 -15.67
C THR A 30 -26.38 42.78 -16.52
N TYR A 31 -26.15 42.55 -17.82
CA TYR A 31 -25.70 43.57 -18.74
C TYR A 31 -26.42 43.43 -20.06
N ARG A 32 -26.84 44.56 -20.63
CA ARG A 32 -27.44 44.58 -21.97
C ARG A 32 -26.45 44.10 -23.02
N GLN A 33 -26.97 43.43 -24.04
CA GLN A 33 -26.16 42.97 -25.16
C GLN A 33 -26.73 43.49 -26.48
N ASP A 34 -25.85 43.74 -27.45
CA ASP A 34 -26.28 44.04 -28.81
C ASP A 34 -25.86 42.86 -29.77
N GLY A 41 -17.76 43.89 -22.67
CA GLY A 41 -17.49 42.45 -22.59
C GLY A 41 -17.85 41.86 -21.23
N TYR A 42 -19.11 42.02 -20.84
CA TYR A 42 -19.64 41.41 -19.61
C TYR A 42 -21.05 40.88 -19.88
N GLU A 43 -21.40 39.76 -19.25
CA GLU A 43 -22.69 39.12 -19.51
C GLU A 43 -23.48 38.82 -18.23
N TYR A 44 -22.79 38.26 -17.24
CA TYR A 44 -23.39 37.92 -15.96
C TYR A 44 -22.34 38.17 -14.89
N SER A 45 -22.82 38.72 -13.72
CA SER A 45 -21.84 39.17 -12.70
C SER A 45 -21.16 38.04 -11.94
N ARG A 46 -21.71 36.83 -12.06
CA ARG A 46 -21.07 35.65 -11.48
C ARG A 46 -19.98 35.12 -12.39
N SER A 47 -20.02 35.52 -13.66
CA SER A 47 -19.00 35.13 -14.63
C SER A 47 -17.96 36.25 -14.76
N GLY A 48 -18.39 37.49 -14.54
CA GLY A 48 -17.54 38.65 -14.74
C GLY A 48 -18.22 39.95 -14.35
N ASN A 49 -17.49 40.78 -13.62
CA ASN A 49 -18.00 42.02 -13.06
C ASN A 49 -16.82 42.97 -12.99
N PRO A 50 -16.97 44.20 -13.53
CA PRO A 50 -15.85 45.12 -13.69
C PRO A 50 -15.24 45.61 -12.38
N THR A 51 -16.03 45.59 -11.30
CA THR A 51 -15.49 45.96 -9.99
C THR A 51 -14.58 44.84 -9.49
N ARG A 52 -15.06 43.59 -9.56
CA ARG A 52 -14.25 42.44 -9.18
C ARG A 52 -13.03 42.28 -10.08
N PHE A 53 -13.22 42.49 -11.37
CA PHE A 53 -12.13 42.34 -12.33
C PHE A 53 -10.94 43.23 -12.00
N ALA A 54 -11.23 44.49 -11.66
CA ALA A 54 -10.20 45.45 -11.28
C ALA A 54 -9.35 44.92 -10.12
N LEU A 55 -10.00 44.46 -9.05
CA LEU A 55 -9.29 43.85 -7.94
C LEU A 55 -8.48 42.63 -8.42
N GLU A 56 -9.14 41.77 -9.20
CA GLU A 56 -8.49 40.57 -9.74
C GLU A 56 -7.20 40.89 -10.49
N GLU A 57 -7.24 41.87 -11.38
CA GLU A 57 -6.04 42.31 -12.10
C GLU A 57 -4.95 42.78 -11.14
N LEU A 58 -5.34 43.57 -10.13
CA LEU A 58 -4.41 44.09 -9.14
C LEU A 58 -3.59 43.00 -8.44
N ILE A 59 -4.27 42.02 -7.84
CA ILE A 59 -3.59 40.93 -7.12
C ILE A 59 -2.68 40.10 -8.02
N ALA A 60 -3.16 39.82 -9.24
CA ALA A 60 -2.34 39.16 -10.26
C ALA A 60 -1.11 40.00 -10.54
N ASP A 61 -1.31 41.31 -10.66
CA ASP A 61 -0.23 42.26 -10.95
C ASP A 61 0.79 42.35 -9.81
N LEU A 62 0.32 42.26 -8.57
CA LEU A 62 1.21 42.32 -7.40
C LEU A 62 2.03 41.04 -7.24
N GLU A 63 1.38 39.89 -7.37
CA GLU A 63 2.08 38.62 -7.19
C GLU A 63 2.75 38.12 -8.47
N GLY A 64 2.68 38.94 -9.52
CA GLY A 64 3.24 38.57 -10.83
C GLY A 64 2.53 37.38 -11.45
N GLY A 65 1.20 37.44 -11.51
CA GLY A 65 0.40 36.37 -12.10
C GLY A 65 -0.20 36.79 -13.43
N VAL A 66 -0.84 35.84 -14.11
CA VAL A 66 -1.52 36.10 -15.38
C VAL A 66 -2.98 36.51 -15.16
N LYS A 67 -3.59 35.93 -14.13
CA LYS A 67 -4.98 36.17 -13.76
C LYS A 67 -5.17 36.12 -12.25
N GLY A 68 -6.12 36.90 -11.75
CA GLY A 68 -6.56 36.85 -10.36
C GLY A 68 -8.00 36.41 -10.27
N PHE A 69 -8.41 35.90 -9.11
CA PHE A 69 -9.79 35.47 -8.89
C PHE A 69 -10.22 35.80 -7.47
N ALA A 70 -11.25 36.65 -7.34
CA ALA A 70 -11.75 37.07 -6.03
C ALA A 70 -12.90 36.19 -5.57
N PHE A 71 -12.80 35.68 -4.35
CA PHE A 71 -13.81 34.77 -3.83
C PHE A 71 -14.55 35.37 -2.64
N ALA A 72 -15.71 34.80 -2.33
CA ALA A 72 -16.52 35.18 -1.17
C ALA A 72 -15.78 35.02 0.17
N SER A 73 -14.64 34.31 0.15
CA SER A 73 -13.87 34.04 1.36
C SER A 73 -12.59 33.28 1.03
N GLY A 74 -11.57 33.45 1.88
CA GLY A 74 -10.33 32.68 1.75
C GLY A 74 -10.56 31.20 1.53
N LEU A 75 -11.40 30.59 2.38
CA LEU A 75 -11.77 29.18 2.22
C LEU A 75 -12.37 28.87 0.85
N ALA A 76 -13.21 29.77 0.34
CA ALA A 76 -13.85 29.58 -0.95
C ALA A 76 -12.82 29.46 -2.07
N GLY A 77 -11.78 30.29 -2.00
CA GLY A 77 -10.69 30.27 -2.98
C GLY A 77 -9.89 28.98 -2.92
N ILE A 78 -9.46 28.62 -1.71
CA ILE A 78 -8.75 27.37 -1.47
C ILE A 78 -9.59 26.17 -1.93
N HIS A 79 -10.91 26.29 -1.81
CA HIS A 79 -11.81 25.26 -2.33
C HIS A 79 -11.78 25.18 -3.84
N ALA A 80 -11.77 26.34 -4.51
CA ALA A 80 -11.73 26.38 -5.96
C ALA A 80 -10.43 25.78 -6.50
N VAL A 81 -9.32 26.11 -5.86
CA VAL A 81 -8.03 25.53 -6.24
C VAL A 81 -8.12 24.00 -6.16
N PHE A 82 -8.50 23.48 -5.00
CA PHE A 82 -8.54 22.03 -4.83
C PHE A 82 -9.63 21.34 -5.64
N SER A 83 -10.54 22.12 -6.21
CA SER A 83 -11.53 21.56 -7.12
C SER A 83 -10.90 21.17 -8.47
N LEU A 84 -9.62 21.51 -8.66
CA LEU A 84 -8.89 21.12 -9.87
C LEU A 84 -8.68 19.61 -9.95
N LEU A 85 -8.43 19.01 -8.80
CA LEU A 85 -8.03 17.61 -8.73
C LEU A 85 -9.21 16.63 -8.82
N GLN A 86 -8.98 15.52 -9.52
CA GLN A 86 -9.95 14.43 -9.64
C GLN A 86 -9.89 13.55 -8.40
N SER A 87 -10.87 12.65 -8.27
CA SER A 87 -10.86 11.66 -7.20
C SER A 87 -9.72 10.69 -7.50
N GLY A 88 -9.07 10.21 -6.44
CA GLY A 88 -7.87 9.39 -6.57
C GLY A 88 -6.62 10.18 -6.26
N ASP A 89 -6.64 11.48 -6.58
CA ASP A 89 -5.50 12.38 -6.32
C ASP A 89 -5.15 12.51 -4.84
N HIS A 90 -3.88 12.75 -4.56
CA HIS A 90 -3.35 12.84 -3.20
C HIS A 90 -2.57 14.12 -3.02
N VAL A 91 -2.69 14.73 -1.85
CA VAL A 91 -2.12 16.05 -1.60
C VAL A 91 -1.27 16.04 -0.33
N LEU A 92 -0.15 16.76 -0.37
CA LEU A 92 0.70 16.92 0.81
C LEU A 92 0.43 18.25 1.50
N LEU A 93 0.07 18.17 2.79
CA LEU A 93 -0.28 19.32 3.61
C LEU A 93 0.75 19.56 4.71
N GLY A 94 0.99 20.83 5.03
CA GLY A 94 1.84 21.20 6.17
C GLY A 94 1.13 20.90 7.49
N ASP A 95 1.90 20.42 8.47
CA ASP A 95 1.36 20.02 9.77
C ASP A 95 0.79 21.19 10.59
N ASP A 96 1.19 22.41 10.19
CA ASP A 96 0.70 23.62 10.83
C ASP A 96 -0.21 24.37 9.85
N VAL A 97 -1.16 23.62 9.26
CA VAL A 97 -2.11 24.19 8.29
C VAL A 97 -3.30 24.80 9.01
N TYR A 98 -3.85 25.87 8.43
CA TYR A 98 -5.04 26.53 8.98
C TYR A 98 -6.14 25.49 9.27
N GLY A 99 -6.54 25.40 10.55
CA GLY A 99 -7.59 24.48 10.97
C GLY A 99 -8.74 24.30 9.99
N GLY A 100 -9.10 25.40 9.31
CA GLY A 100 -10.16 25.39 8.29
C GLY A 100 -9.75 24.74 6.97
N THR A 101 -8.46 24.91 6.61
CA THR A 101 -7.89 24.24 5.44
C THR A 101 -7.79 22.74 5.71
N PHE A 102 -7.30 22.40 6.91
CA PHE A 102 -7.26 21.01 7.37
C PHE A 102 -8.67 20.42 7.44
N ARG A 103 -9.65 21.27 7.80
CA ARG A 103 -11.06 20.86 7.88
C ARG A 103 -11.66 20.63 6.50
N LEU A 104 -11.30 21.49 5.55
CA LEU A 104 -11.75 21.32 4.16
C LEU A 104 -11.47 19.91 3.69
N PHE A 105 -10.21 19.49 3.80
CA PHE A 105 -9.79 18.15 3.44
C PHE A 105 -10.48 17.08 4.27
N ASN A 106 -10.35 17.22 5.59
CA ASN A 106 -10.91 16.27 6.55
C ASN A 106 -12.42 16.02 6.40
N GLN A 107 -13.16 17.04 5.99
CA GLN A 107 -14.62 17.03 6.09
C GLN A 107 -15.37 17.27 4.78
N VAL A 108 -14.68 17.82 3.78
CA VAL A 108 -15.32 18.14 2.50
C VAL A 108 -14.69 17.35 1.35
N LEU A 109 -13.40 17.58 1.10
CA LEU A 109 -12.71 17.05 -0.08
C LEU A 109 -12.47 15.54 -0.02
N VAL A 110 -12.16 15.03 1.20
CA VAL A 110 -11.99 13.58 1.39
C VAL A 110 -13.24 12.82 0.91
N LYS A 111 -14.42 13.26 1.40
CA LYS A 111 -15.70 12.66 0.99
C LYS A 111 -15.88 12.70 -0.54
N ASN A 112 -15.06 13.51 -1.20
CA ASN A 112 -15.09 13.64 -2.66
C ASN A 112 -14.01 12.83 -3.39
N GLY A 113 -13.15 12.16 -2.63
CA GLY A 113 -12.16 11.25 -3.20
C GLY A 113 -10.70 11.65 -3.13
N LEU A 114 -10.40 12.71 -2.39
CA LEU A 114 -9.01 13.10 -2.20
C LEU A 114 -8.40 12.43 -0.97
N SER A 115 -7.11 12.67 -0.78
CA SER A 115 -6.37 12.13 0.37
C SER A 115 -5.20 13.04 0.65
N CYS A 116 -4.73 13.02 1.88
CA CYS A 116 -3.63 13.87 2.28
C CYS A 116 -2.70 13.11 3.21
N THR A 117 -1.52 13.69 3.40
CA THR A 117 -0.61 13.28 4.45
C THR A 117 -0.05 14.55 5.05
N ILE A 118 0.01 14.58 6.37
CA ILE A 118 0.50 15.74 7.10
C ILE A 118 2.01 15.64 7.34
N ILE A 119 2.72 16.70 6.97
CA ILE A 119 4.18 16.71 7.03
C ILE A 119 4.69 18.07 7.50
N ASP A 120 5.79 18.06 8.26
CA ASP A 120 6.50 19.29 8.57
C ASP A 120 7.24 19.74 7.30
N THR A 121 6.82 20.86 6.74
CA THR A 121 7.39 21.34 5.48
C THR A 121 8.72 22.07 5.66
N SER A 122 9.07 22.41 6.89
CA SER A 122 10.40 22.95 7.19
C SER A 122 11.48 21.85 7.10
N ASP A 123 11.04 20.60 7.01
CA ASP A 123 11.93 19.46 6.77
C ASP A 123 11.67 18.89 5.37
N ILE A 124 12.58 19.20 4.45
CA ILE A 124 12.41 18.88 3.01
C ILE A 124 12.40 17.38 2.71
N SER A 125 13.19 16.61 3.45
CA SER A 125 13.24 15.16 3.27
C SER A 125 11.91 14.48 3.62
N GLN A 126 11.16 15.10 4.53
CA GLN A 126 9.83 14.61 4.91
C GLN A 126 8.85 14.60 3.75
N ILE A 127 8.88 15.67 2.95
CA ILE A 127 8.02 15.76 1.77
C ILE A 127 8.40 14.68 0.77
N LYS A 128 9.70 14.43 0.62
CA LYS A 128 10.21 13.37 -0.26
C LYS A 128 9.73 11.99 0.18
N LYS A 129 9.81 11.74 1.50
CA LYS A 129 9.34 10.47 2.07
C LYS A 129 7.83 10.28 1.89
N ALA A 130 7.11 11.38 1.74
CA ALA A 130 5.64 11.33 1.71
C ALA A 130 5.04 11.24 0.31
N ILE A 131 5.81 11.56 -0.73
CA ILE A 131 5.28 11.55 -2.10
C ILE A 131 4.90 10.13 -2.53
N LYS A 132 3.70 10.01 -3.07
CA LYS A 132 3.19 8.77 -3.64
C LYS A 132 3.11 8.95 -5.15
N PRO A 133 2.98 7.84 -5.92
CA PRO A 133 2.78 7.97 -7.37
C PRO A 133 1.55 8.80 -7.75
N ASN A 134 0.57 8.90 -6.83
CA ASN A 134 -0.68 9.60 -7.11
C ASN A 134 -0.80 10.99 -6.45
N THR A 135 0.28 11.44 -5.81
CA THR A 135 0.35 12.82 -5.30
C THR A 135 0.34 13.82 -6.46
N LYS A 136 -0.50 14.85 -6.37
CA LYS A 136 -0.55 15.87 -7.42
C LYS A 136 -0.25 17.29 -6.95
N ALA A 137 -0.24 17.51 -5.64
CA ALA A 137 -0.11 18.86 -5.10
C ALA A 137 0.60 18.93 -3.76
N LEU A 138 1.16 20.10 -3.48
CA LEU A 138 1.81 20.38 -2.21
C LEU A 138 1.36 21.74 -1.71
N TYR A 139 0.68 21.74 -0.56
CA TYR A 139 0.15 22.96 0.03
C TYR A 139 1.11 23.49 1.10
N LEU A 140 1.64 24.68 0.86
CA LEU A 140 2.58 25.33 1.78
C LEU A 140 1.99 26.61 2.36
N GLU A 141 2.52 27.01 3.51
CA GLU A 141 2.03 28.15 4.27
C GLU A 141 3.20 28.65 5.10
N THR A 142 3.81 29.76 4.67
CA THR A 142 4.97 30.31 5.38
C THR A 142 5.01 31.84 5.41
N PRO A 143 5.21 32.43 6.60
CA PRO A 143 5.35 31.73 7.89
C PRO A 143 4.03 31.15 8.40
N SER A 144 4.15 30.16 9.27
CA SER A 144 3.02 29.37 9.73
C SER A 144 2.24 30.03 10.89
N ASN A 145 1.01 29.56 11.08
CA ASN A 145 0.22 29.90 12.27
C ASN A 145 0.13 28.69 13.20
N PRO A 146 0.39 28.89 14.51
CA PRO A 146 0.81 30.09 15.22
C PRO A 146 2.30 30.15 15.55
N LEU A 147 3.06 29.13 15.14
CA LEU A 147 4.46 29.02 15.54
C LEU A 147 5.43 29.72 14.58
N LEU A 148 4.89 30.32 13.52
CA LEU A 148 5.64 31.15 12.57
C LEU A 148 6.87 30.45 12.01
N LYS A 149 6.67 29.21 11.59
CA LYS A 149 7.73 28.35 11.13
C LYS A 149 7.90 28.49 9.62
N ILE A 150 9.15 28.69 9.22
CA ILE A 150 9.48 29.05 7.84
C ILE A 150 9.74 27.82 6.96
N THR A 151 9.31 27.91 5.70
CA THR A 151 9.49 26.85 4.72
C THR A 151 10.21 27.39 3.49
N ASP A 152 11.30 26.72 3.10
CA ASP A 152 12.07 27.10 1.94
C ASP A 152 11.21 26.97 0.68
N LEU A 153 10.75 28.11 0.18
CA LEU A 153 9.84 28.14 -0.96
C LEU A 153 10.49 27.61 -2.23
N ALA A 154 11.68 28.13 -2.56
CA ALA A 154 12.39 27.73 -3.76
C ALA A 154 12.71 26.24 -3.77
N GLN A 155 13.26 25.74 -2.67
CA GLN A 155 13.57 24.32 -2.52
C GLN A 155 12.32 23.48 -2.77
N CYS A 156 11.29 23.72 -1.96
CA CYS A 156 10.05 22.94 -2.00
C CYS A 156 9.36 23.00 -3.35
N ALA A 157 9.36 24.18 -3.96
CA ALA A 157 8.84 24.37 -5.31
C ALA A 157 9.60 23.51 -6.31
N SER A 158 10.93 23.55 -6.23
CA SER A 158 11.82 22.79 -7.12
C SER A 158 11.62 21.26 -7.01
N VAL A 159 11.76 20.73 -5.80
CA VAL A 159 11.52 19.31 -5.55
C VAL A 159 10.16 18.90 -6.08
N ALA A 160 9.14 19.73 -5.77
CA ALA A 160 7.78 19.44 -6.19
C ALA A 160 7.66 19.44 -7.71
N LYS A 161 8.32 20.41 -8.34
CA LYS A 161 8.36 20.47 -9.80
C LYS A 161 9.02 19.24 -10.43
N ASP A 162 10.10 18.74 -9.84
CA ASP A 162 10.81 17.61 -10.43
C ASP A 162 10.13 16.25 -10.13
N HIS A 163 9.04 16.31 -9.35
CA HIS A 163 7.99 15.30 -9.37
C HIS A 163 6.87 15.95 -10.13
N GLY A 164 5.67 15.36 -10.18
CA GLY A 164 4.61 15.96 -10.99
C GLY A 164 3.68 16.92 -10.27
N LEU A 165 4.25 17.73 -9.37
CA LEU A 165 3.45 18.40 -8.34
C LEU A 165 3.23 19.90 -8.55
N LEU A 166 2.02 20.35 -8.22
CA LEU A 166 1.69 21.76 -8.19
C LEU A 166 2.02 22.31 -6.81
N THR A 167 2.80 23.39 -6.78
CA THR A 167 3.11 24.08 -5.53
C THR A 167 2.02 25.11 -5.27
N ILE A 168 1.26 24.90 -4.22
CA ILE A 168 0.20 25.82 -3.82
C ILE A 168 0.60 26.48 -2.51
N VAL A 169 0.71 27.80 -2.52
CA VAL A 169 1.18 28.53 -1.34
C VAL A 169 0.13 29.48 -0.77
N ASP A 170 -0.16 29.35 0.51
CA ASP A 170 -0.94 30.36 1.22
C ASP A 170 -0.02 31.47 1.69
N ASN A 171 -0.16 32.63 1.05
CA ASN A 171 0.72 33.77 1.28
C ASN A 171 0.06 34.87 2.13
N THR A 172 -0.96 34.51 2.90
CA THR A 172 -1.70 35.48 3.72
C THR A 172 -0.82 36.25 4.71
N PHE A 173 -0.13 35.51 5.59
CA PHE A 173 0.65 36.12 6.67
C PHE A 173 1.69 37.12 6.16
N ALA A 174 2.62 36.64 5.33
CA ALA A 174 3.61 37.53 4.72
C ALA A 174 3.07 37.96 3.36
N THR A 175 2.50 39.16 3.31
CA THR A 175 1.71 39.57 2.13
C THR A 175 2.54 39.73 0.86
N PRO A 176 1.88 39.93 -0.31
CA PRO A 176 2.60 40.15 -1.56
C PRO A 176 3.58 41.31 -1.48
N TYR A 177 3.51 42.06 -0.39
CA TYR A 177 4.41 43.18 -0.15
C TYR A 177 5.78 42.72 0.36
N TYR A 178 5.83 41.51 0.95
CA TYR A 178 7.08 40.98 1.50
C TYR A 178 7.53 39.65 0.90
N GLN A 179 6.63 38.94 0.23
CA GLN A 179 6.91 37.58 -0.27
C GLN A 179 6.09 37.27 -1.52
N ASN A 180 6.76 36.78 -2.56
CA ASN A 180 6.11 36.47 -3.84
C ASN A 180 6.37 35.04 -4.34
N PRO A 181 5.67 34.05 -3.76
CA PRO A 181 5.82 32.63 -4.09
C PRO A 181 5.95 32.29 -5.58
N LEU A 182 5.19 32.95 -6.45
CA LEU A 182 5.26 32.66 -7.89
C LEU A 182 6.65 32.95 -8.47
N LEU A 183 7.31 33.99 -7.95
CA LEU A 183 8.69 34.29 -8.35
C LEU A 183 9.72 33.35 -7.70
N LEU A 184 9.25 32.37 -6.92
CA LEU A 184 10.14 31.42 -6.26
C LEU A 184 9.76 29.98 -6.57
N GLY A 185 8.99 29.80 -7.65
CA GLY A 185 8.67 28.47 -8.16
C GLY A 185 7.28 27.95 -7.84
N ALA A 186 6.48 28.76 -7.15
CA ALA A 186 5.09 28.37 -6.86
C ALA A 186 4.22 28.54 -8.10
N ASP A 187 3.24 27.66 -8.24
CA ASP A 187 2.32 27.71 -9.37
C ASP A 187 1.07 28.51 -9.05
N ILE A 188 0.60 28.38 -7.80
CA ILE A 188 -0.60 29.08 -7.33
C ILE A 188 -0.40 29.71 -5.95
N VAL A 189 -0.81 30.96 -5.82
CA VAL A 189 -0.82 31.70 -4.55
C VAL A 189 -2.26 31.98 -4.11
N ALA A 190 -2.57 31.67 -2.85
CA ALA A 190 -3.88 31.94 -2.28
C ALA A 190 -3.80 32.92 -1.09
N HIS A 191 -4.78 33.81 -0.98
CA HIS A 191 -4.87 34.71 0.15
C HIS A 191 -6.22 34.71 0.78
N SER A 192 -6.23 34.91 2.08
CA SER A 192 -7.41 35.37 2.77
C SER A 192 -7.34 36.89 2.72
N GLY A 193 -8.17 37.50 1.88
CA GLY A 193 -8.24 38.95 1.75
C GLY A 193 -8.82 39.58 3.01
N THR A 194 -9.46 38.75 3.82
CA THR A 194 -10.04 39.13 5.11
C THR A 194 -9.02 39.75 6.06
N LYS A 195 -7.74 39.45 5.84
CA LYS A 195 -6.70 39.83 6.79
C LYS A 195 -5.95 41.08 6.36
N TYR A 196 -4.65 40.96 6.15
CA TYR A 196 -3.81 42.11 5.83
C TYR A 196 -4.20 42.83 4.54
N LEU A 197 -4.66 42.07 3.55
CA LEU A 197 -4.99 42.66 2.25
C LEU A 197 -6.08 43.73 2.35
N GLY A 198 -7.21 43.38 2.98
CA GLY A 198 -8.25 44.36 3.31
C GLY A 198 -7.80 45.30 4.43
N GLY A 199 -7.31 44.71 5.52
CA GLY A 199 -6.58 45.46 6.54
C GLY A 199 -7.38 46.16 7.63
N HIS A 200 -8.69 46.27 7.47
CA HIS A 200 -9.52 47.04 8.39
C HIS A 200 -10.55 46.19 9.07
N SER A 201 -10.24 44.90 9.22
CA SER A 201 -11.18 43.91 9.74
C SER A 201 -12.64 44.13 9.36
N ASP A 202 -12.89 44.56 8.12
CA ASP A 202 -14.25 44.87 7.71
C ASP A 202 -14.72 44.18 6.42
N VAL A 203 -13.89 43.29 5.87
CA VAL A 203 -14.26 42.54 4.66
C VAL A 203 -13.86 41.08 4.83
N VAL A 204 -14.74 40.18 4.38
CA VAL A 204 -14.42 38.76 4.28
C VAL A 204 -14.23 38.40 2.80
N ALA A 205 -13.03 37.94 2.43
CA ALA A 205 -12.70 37.72 1.02
C ALA A 205 -11.55 36.74 0.79
N GLY A 206 -11.61 36.00 -0.32
CA GLY A 206 -10.47 35.19 -0.77
C GLY A 206 -9.87 35.72 -2.05
N LEU A 207 -8.54 35.61 -2.18
CA LEU A 207 -7.87 35.92 -3.44
C LEU A 207 -6.98 34.77 -3.89
N VAL A 208 -7.01 34.49 -5.19
CA VAL A 208 -6.21 33.43 -5.78
C VAL A 208 -5.58 33.90 -7.09
N THR A 209 -4.27 33.72 -7.23
CA THR A 209 -3.58 34.04 -8.49
C THR A 209 -2.64 32.93 -8.96
N THR A 210 -2.27 32.95 -10.23
CA THR A 210 -1.40 31.92 -10.81
C THR A 210 -0.44 32.37 -11.92
N ASN A 211 0.67 31.64 -11.99
CA ASN A 211 1.66 31.72 -13.06
C ASN A 211 1.16 31.24 -14.40
N ASN A 212 0.24 30.26 -14.35
CA ASN A 212 -0.01 29.40 -15.47
C ASN A 212 -1.36 29.65 -16.13
N GLU A 213 -1.31 29.99 -17.43
CA GLU A 213 -2.52 30.22 -18.22
C GLU A 213 -3.51 29.02 -18.14
N ALA A 214 -2.98 27.80 -18.25
CA ALA A 214 -3.82 26.60 -18.23
C ALA A 214 -4.50 26.39 -16.87
N LEU A 215 -3.74 26.59 -15.79
CA LEU A 215 -4.27 26.58 -14.43
C LEU A 215 -5.33 27.66 -14.24
N ALA A 216 -5.09 28.83 -14.85
CA ALA A 216 -6.03 29.95 -14.78
C ALA A 216 -7.40 29.65 -15.39
N GLN A 217 -7.41 28.92 -16.51
CA GLN A 217 -8.66 28.51 -17.15
C GLN A 217 -9.41 27.55 -16.23
N GLU A 218 -8.65 26.70 -15.54
CA GLU A 218 -9.22 25.75 -14.59
C GLU A 218 -9.87 26.48 -13.40
N ILE A 219 -9.11 27.39 -12.77
CA ILE A 219 -9.61 28.19 -11.65
C ILE A 219 -10.82 29.05 -12.06
N ALA A 220 -10.71 29.74 -13.20
CA ALA A 220 -11.82 30.53 -13.76
C ALA A 220 -13.10 29.72 -13.89
N PHE A 221 -12.98 28.51 -14.43
CA PHE A 221 -14.12 27.63 -14.59
C PHE A 221 -14.79 27.26 -13.26
N PHE A 222 -13.99 27.03 -12.22
CA PHE A 222 -14.55 26.62 -10.93
C PHE A 222 -15.06 27.78 -10.09
N GLN A 223 -14.43 28.94 -10.23
CA GLN A 223 -14.96 30.18 -9.66
C GLN A 223 -16.40 30.36 -10.14
N ASN A 224 -16.57 30.23 -11.46
CA ASN A 224 -17.87 30.39 -12.11
C ASN A 224 -18.89 29.27 -11.85
N ALA A 225 -18.44 28.02 -11.91
CA ALA A 225 -19.36 26.87 -11.79
C ALA A 225 -19.79 26.57 -10.36
N ILE A 226 -18.92 26.86 -9.40
CA ILE A 226 -19.23 26.64 -7.99
C ILE A 226 -19.92 27.87 -7.37
N GLY A 227 -19.55 29.06 -7.86
CA GLY A 227 -20.28 30.28 -7.56
C GLY A 227 -19.94 31.00 -6.26
N GLY A 228 -18.81 30.66 -5.67
CA GLY A 228 -18.35 31.29 -4.44
C GLY A 228 -17.62 32.60 -4.69
N VAL A 229 -18.15 33.44 -5.57
CA VAL A 229 -17.48 34.69 -5.97
C VAL A 229 -17.62 35.82 -4.93
N LEU A 230 -16.78 36.84 -5.09
CA LEU A 230 -16.84 38.02 -4.24
C LEU A 230 -17.72 39.08 -4.90
N GLY A 231 -18.62 39.66 -4.11
CA GLY A 231 -19.48 40.76 -4.57
C GLY A 231 -18.70 42.00 -4.96
N PRO A 232 -19.30 42.88 -5.77
CA PRO A 232 -18.64 44.11 -6.23
C PRO A 232 -18.29 45.12 -5.12
N GLN A 233 -19.17 45.25 -4.11
CA GLN A 233 -18.91 46.14 -2.97
C GLN A 233 -17.64 45.74 -2.20
N ASP A 234 -17.55 44.46 -1.85
CA ASP A 234 -16.39 43.91 -1.14
C ASP A 234 -15.13 43.95 -1.99
N SER A 235 -15.28 43.64 -3.27
CA SER A 235 -14.17 43.75 -4.22
C SER A 235 -13.57 45.13 -4.10
N TRP A 236 -14.42 46.15 -4.20
CA TRP A 236 -14.02 47.54 -4.12
C TRP A 236 -13.42 47.87 -2.78
N LEU A 237 -14.04 47.38 -1.71
CA LEU A 237 -13.54 47.61 -0.35
C LEU A 237 -12.15 47.01 -0.16
N LEU A 238 -11.99 45.77 -0.62
CA LEU A 238 -10.71 45.07 -0.56
C LEU A 238 -9.65 45.86 -1.33
N GLN A 239 -10.02 46.35 -2.51
CA GLN A 239 -9.07 47.11 -3.31
C GLN A 239 -8.65 48.39 -2.57
N ARG A 240 -9.62 49.07 -1.97
CA ARG A 240 -9.36 50.28 -1.19
C ARG A 240 -8.37 49.98 -0.07
N GLY A 241 -8.64 48.92 0.69
CA GLY A 241 -7.72 48.44 1.72
C GLY A 241 -6.31 48.20 1.23
N ILE A 242 -6.18 47.51 0.09
CA ILE A 242 -4.89 47.17 -0.49
C ILE A 242 -4.00 48.41 -0.73
N LYS A 243 -4.64 49.54 -1.05
CA LYS A 243 -3.93 50.79 -1.35
C LYS A 243 -2.99 51.28 -0.24
N THR A 244 -3.26 50.86 0.99
CA THR A 244 -2.40 51.17 2.13
C THR A 244 -1.63 49.95 2.66
N LEU A 245 -1.67 48.86 1.90
CA LEU A 245 -0.99 47.61 2.33
C LEU A 245 0.47 47.86 2.69
N GLY A 246 1.16 48.63 1.86
CA GLY A 246 2.58 48.92 2.05
C GLY A 246 2.86 49.63 3.36
N LEU A 247 2.23 50.79 3.55
CA LEU A 247 2.41 51.58 4.75
C LEU A 247 2.03 50.76 6.00
N ARG A 248 0.92 50.04 5.90
CA ARG A 248 0.42 49.26 7.03
C ARG A 248 1.40 48.16 7.43
N MET A 249 1.90 47.42 6.44
CA MET A 249 2.90 46.37 6.67
C MET A 249 4.16 46.93 7.32
N GLU A 250 4.65 48.07 6.83
CA GLU A 250 5.80 48.74 7.43
C GLU A 250 5.55 48.97 8.92
N ALA A 251 4.35 49.45 9.24
CA ALA A 251 3.99 49.77 10.63
C ALA A 251 3.74 48.51 11.46
N HIS A 252 3.07 47.53 10.84
CA HIS A 252 2.87 46.23 11.49
C HIS A 252 4.20 45.69 11.94
N GLN A 253 5.14 45.59 11.00
CA GLN A 253 6.47 45.04 11.24
C GLN A 253 7.27 45.84 12.28
N LYS A 254 7.27 47.16 12.14
CA LYS A 254 7.91 48.02 13.14
C LYS A 254 7.39 47.65 14.52
N ASN A 255 6.07 47.78 14.70
CA ASN A 255 5.40 47.41 15.94
C ASN A 255 5.73 45.98 16.41
N ALA A 256 5.63 45.02 15.51
CA ALA A 256 5.88 43.61 15.84
C ALA A 256 7.31 43.39 16.34
N LEU A 257 8.30 43.93 15.62
CA LEU A 257 9.69 43.84 16.06
C LEU A 257 9.83 44.36 17.48
N CYS A 258 9.38 45.61 17.68
CA CYS A 258 9.42 46.27 18.97
C CYS A 258 8.78 45.41 20.06
N VAL A 259 7.61 44.81 19.77
CA VAL A 259 6.90 43.96 20.73
C VAL A 259 7.66 42.66 21.03
N ALA A 260 8.13 41.98 19.98
CA ALA A 260 8.96 40.78 20.13
C ALA A 260 10.17 41.05 21.01
N GLU A 261 10.86 42.16 20.74
CA GLU A 261 12.06 42.53 21.48
C GLU A 261 11.75 42.80 22.94
N PHE A 262 10.61 43.45 23.18
CA PHE A 262 10.11 43.68 24.54
C PHE A 262 9.89 42.35 25.25
N LEU A 263 9.20 41.43 24.58
CA LEU A 263 8.80 40.16 25.17
C LEU A 263 9.96 39.24 25.57
N GLU A 264 11.06 39.26 24.83
CA GLU A 264 12.19 38.41 25.22
C GLU A 264 13.08 39.02 26.30
N LYS A 265 13.04 40.36 26.43
CA LYS A 265 13.63 41.04 27.59
C LYS A 265 12.89 40.57 28.85
N HIS A 266 11.76 39.89 28.67
CA HIS A 266 10.81 39.72 29.75
C HIS A 266 10.92 38.44 30.56
N PRO A 267 11.05 38.59 31.90
CA PRO A 267 11.29 37.46 32.81
C PRO A 267 10.20 36.38 32.78
N LYS A 268 8.93 36.79 32.68
CA LYS A 268 7.83 35.83 32.70
C LYS A 268 7.67 35.09 31.38
N VAL A 269 8.05 35.74 30.28
CA VAL A 269 8.00 35.15 28.95
C VAL A 269 9.15 34.17 28.75
N GLU A 270 8.84 32.97 28.27
CA GLU A 270 9.87 31.98 27.94
C GLU A 270 10.39 32.13 26.50
N ARG A 271 9.66 31.57 25.54
CA ARG A 271 10.02 31.60 24.13
C ARG A 271 9.10 32.53 23.35
N VAL A 272 9.68 33.29 22.43
CA VAL A 272 8.94 34.18 21.55
C VAL A 272 9.11 33.66 20.12
N TYR A 273 8.01 33.52 19.39
CA TYR A 273 8.05 33.06 18.00
C TYR A 273 7.79 34.22 17.06
N TYR A 274 8.86 34.70 16.41
CA TYR A 274 8.75 35.77 15.42
C TYR A 274 9.90 35.66 14.41
N PRO A 275 9.61 35.69 13.10
CA PRO A 275 10.67 35.46 12.12
C PRO A 275 11.71 36.58 12.07
N GLY A 276 11.34 37.78 12.53
CA GLY A 276 12.26 38.92 12.54
C GLY A 276 13.32 38.90 13.63
N LEU A 277 13.22 37.94 14.55
CA LEU A 277 14.24 37.76 15.56
C LEU A 277 15.39 36.92 15.00
N PRO A 278 16.64 37.40 15.18
CA PRO A 278 17.83 36.67 14.76
C PRO A 278 17.89 35.26 15.34
N THR A 279 17.40 35.11 16.58
CA THR A 279 17.37 33.81 17.27
C THR A 279 16.31 32.84 16.75
N HIS A 280 15.45 33.31 15.82
CA HIS A 280 14.39 32.48 15.29
C HIS A 280 14.94 31.39 14.39
N PRO A 281 14.49 30.14 14.59
CA PRO A 281 14.96 29.08 13.69
C PRO A 281 14.65 29.42 12.24
N ASN A 282 15.69 29.42 11.40
CA ASN A 282 15.61 29.76 9.98
C ASN A 282 15.54 31.26 9.67
N TYR A 283 15.97 32.08 10.62
CA TYR A 283 16.10 33.52 10.41
C TYR A 283 16.79 33.86 9.07
N GLU A 284 17.87 33.14 8.77
CA GLU A 284 18.63 33.36 7.53
C GLU A 284 17.83 32.99 6.28
N LEU A 285 17.09 31.89 6.36
CA LEU A 285 16.18 31.48 5.29
C LEU A 285 15.07 32.53 5.12
N ALA A 286 14.45 32.91 6.24
CA ALA A 286 13.47 33.99 6.27
C ALA A 286 13.97 35.19 5.47
N LYS A 287 15.19 35.63 5.77
CA LYS A 287 15.80 36.80 5.13
C LYS A 287 16.00 36.65 3.63
N LYS A 288 16.14 35.42 3.16
CA LYS A 288 16.35 35.13 1.74
C LYS A 288 15.07 35.33 0.93
N GLN A 289 13.95 34.75 1.39
CA GLN A 289 12.71 34.73 0.62
C GLN A 289 11.68 35.81 1.01
N MET A 290 11.96 36.54 2.08
CA MET A 290 11.07 37.61 2.54
C MET A 290 11.79 38.96 2.55
N ARG A 291 11.10 40.00 2.09
CA ARG A 291 11.64 41.36 2.13
C ARG A 291 11.31 42.03 3.47
N GLY A 292 10.59 41.29 4.31
CA GLY A 292 10.20 41.77 5.62
C GLY A 292 9.38 40.71 6.34
N PHE A 293 8.99 41.02 7.57
CA PHE A 293 8.24 40.10 8.40
C PHE A 293 6.91 40.77 8.73
N SER A 294 5.89 40.00 9.09
CA SER A 294 4.57 40.60 9.28
C SER A 294 4.38 41.20 10.67
N GLY A 295 3.12 41.32 11.09
CA GLY A 295 2.79 41.76 12.43
C GLY A 295 2.43 40.58 13.30
N MET A 296 2.67 39.37 12.78
CA MET A 296 2.24 38.14 13.43
C MET A 296 3.29 37.57 14.37
N LEU A 297 2.91 37.38 15.63
CA LEU A 297 3.80 36.72 16.56
C LEU A 297 3.03 35.99 17.64
N SER A 298 3.69 35.00 18.21
CA SER A 298 3.24 34.42 19.45
C SER A 298 4.41 34.36 20.40
N PHE A 299 4.10 34.03 21.66
CA PHE A 299 5.10 33.84 22.68
C PHE A 299 4.49 32.98 23.76
N THR A 300 5.31 32.11 24.33
CA THR A 300 4.87 31.26 25.41
C THR A 300 5.40 31.84 26.72
N LEU A 301 4.58 31.83 27.76
CA LEU A 301 5.07 32.25 29.07
C LEU A 301 5.35 31.07 29.98
N LYS A 302 6.28 31.26 30.91
CA LYS A 302 6.81 30.17 31.75
C LYS A 302 5.75 29.37 32.47
N ASN A 303 4.78 30.07 33.05
CA ASN A 303 3.65 29.43 33.71
C ASN A 303 2.43 29.43 32.78
N ASP A 304 1.98 28.23 32.41
CA ASP A 304 0.84 28.04 31.50
C ASP A 304 -0.46 28.69 31.98
N SER A 305 -0.81 28.40 33.24
CA SER A 305 -2.07 28.88 33.83
C SER A 305 -2.14 30.40 33.98
N GLU A 306 -1.02 31.08 33.73
CA GLU A 306 -0.97 32.55 33.80
C GLU A 306 -1.34 33.21 32.47
N ALA A 307 -1.48 32.42 31.41
CA ALA A 307 -1.82 32.94 30.08
C ALA A 307 -3.26 33.49 30.01
N VAL A 308 -4.18 32.85 30.73
CA VAL A 308 -5.57 33.31 30.83
C VAL A 308 -5.64 34.70 31.44
N ALA A 309 -5.05 34.85 32.63
CA ALA A 309 -5.06 36.12 33.36
C ALA A 309 -4.37 37.24 32.57
N PHE A 310 -3.26 36.90 31.93
CA PHE A 310 -2.53 37.85 31.10
C PHE A 310 -3.44 38.44 30.02
N VAL A 311 -4.08 37.57 29.24
CA VAL A 311 -4.98 38.01 28.17
C VAL A 311 -6.19 38.78 28.69
N GLU A 312 -6.76 38.31 29.80
CA GLU A 312 -7.94 38.94 30.38
C GLU A 312 -7.69 40.39 30.82
N SER A 313 -6.49 40.67 31.31
CA SER A 313 -6.21 42.04 31.77
C SER A 313 -5.79 43.00 30.67
N LEU A 314 -5.67 42.50 29.44
CA LEU A 314 -5.33 43.37 28.31
C LEU A 314 -6.50 44.30 28.02
N LYS A 315 -6.19 45.54 27.68
CA LYS A 315 -7.22 46.57 27.47
C LYS A 315 -7.08 47.32 26.15
N LEU A 316 -5.95 47.12 25.46
CA LEU A 316 -5.79 47.66 24.12
C LEU A 316 -5.95 46.57 23.05
N PHE A 317 -5.17 45.51 23.20
CA PHE A 317 -5.33 44.33 22.35
C PHE A 317 -6.76 43.85 22.51
N ILE A 318 -7.44 43.60 21.40
CA ILE A 318 -8.79 43.08 21.45
C ILE A 318 -8.76 41.56 21.42
N LEU A 319 -9.44 40.94 22.39
CA LEU A 319 -9.62 39.49 22.41
C LEU A 319 -10.52 39.09 21.24
N GLY A 320 -9.90 38.50 20.22
CA GLY A 320 -10.61 38.23 18.98
C GLY A 320 -10.06 37.04 18.22
N GLU A 321 -10.79 36.63 17.18
CA GLU A 321 -10.51 35.40 16.46
C GLU A 321 -9.65 35.65 15.22
N SER A 322 -9.85 36.80 14.58
CA SER A 322 -9.15 37.11 13.34
C SER A 322 -7.75 37.70 13.58
N LEU A 323 -7.21 38.34 12.54
CA LEU A 323 -5.84 38.85 12.54
C LEU A 323 -5.65 39.79 11.33
N GLY A 324 -4.55 40.54 11.32
CA GLY A 324 -4.17 41.34 10.14
C GLY A 324 -4.86 42.68 9.96
N GLY A 325 -5.71 43.06 10.90
CA GLY A 325 -6.35 44.37 10.84
C GLY A 325 -5.49 45.46 11.47
N VAL A 326 -5.96 46.70 11.39
CA VAL A 326 -5.25 47.84 11.98
C VAL A 326 -5.33 47.81 13.50
N GLU A 327 -6.30 47.07 14.02
CA GLU A 327 -6.43 46.86 15.45
C GLU A 327 -5.67 45.61 15.89
N SER A 328 -4.98 45.73 17.01
CA SER A 328 -4.22 44.63 17.59
C SER A 328 -5.18 43.57 18.13
N LEU A 329 -4.86 42.30 17.85
CA LEU A 329 -5.69 41.19 18.29
C LEU A 329 -4.89 40.17 19.09
N VAL A 330 -5.54 39.60 20.09
CA VAL A 330 -4.93 38.58 20.95
C VAL A 330 -5.85 37.37 21.04
N GLY A 331 -5.27 36.18 20.90
CA GLY A 331 -6.01 34.94 21.17
C GLY A 331 -5.11 33.92 21.84
N ILE A 332 -5.72 32.90 22.42
CA ILE A 332 -4.97 31.77 22.97
C ILE A 332 -5.31 30.54 22.13
N PRO A 333 -4.46 30.23 21.13
CA PRO A 333 -4.77 29.19 20.15
C PRO A 333 -5.33 27.91 20.75
N ALA A 334 -4.86 27.53 21.94
CA ALA A 334 -5.32 26.33 22.63
C ALA A 334 -6.78 26.39 23.10
N PHE A 335 -7.26 27.59 23.42
CA PHE A 335 -8.64 27.77 23.89
C PHE A 335 -9.56 28.42 22.86
N MET A 336 -9.07 28.70 21.68
CA MET A 336 -9.89 29.34 20.66
C MET A 336 -9.75 28.59 19.34
N THR A 337 -8.78 29.05 18.53
CA THR A 337 -8.48 28.48 17.22
C THR A 337 -8.19 26.96 17.21
N HIS A 338 -7.97 26.36 18.38
CA HIS A 338 -7.60 24.93 18.48
C HIS A 338 -8.23 24.17 19.63
N ALA A 339 -9.37 24.66 20.14
CA ALA A 339 -10.00 24.07 21.34
C ALA A 339 -10.45 22.61 21.16
N CYS A 340 -10.86 22.28 19.94
CA CYS A 340 -11.31 20.93 19.57
C CYS A 340 -10.25 19.84 19.73
N ILE A 341 -8.98 20.21 19.53
CA ILE A 341 -7.87 19.26 19.49
C ILE A 341 -7.42 18.84 20.89
N PRO A 342 -7.38 17.51 21.16
CA PRO A 342 -6.95 16.97 22.46
C PRO A 342 -5.63 17.58 22.94
N LYS A 343 -5.57 17.89 24.23
CA LYS A 343 -4.51 18.70 24.83
C LYS A 343 -3.11 18.13 24.57
N THR A 344 -2.95 16.84 24.81
CA THR A 344 -1.68 16.13 24.63
C THR A 344 -1.23 16.08 23.16
N GLN A 345 -2.17 16.20 22.23
CA GLN A 345 -1.84 16.35 20.81
C GLN A 345 -1.38 17.78 20.48
N ARG A 346 -1.95 18.76 21.19
CA ARG A 346 -1.60 20.17 21.01
C ARG A 346 -0.17 20.44 21.47
N GLU A 347 0.21 19.87 22.61
CA GLU A 347 1.59 19.91 23.08
C GLU A 347 2.52 19.16 22.12
N ALA A 348 2.05 18.02 21.59
CA ALA A 348 2.80 17.32 20.55
C ALA A 348 3.14 18.27 19.39
N ALA A 349 2.16 19.08 18.98
CA ALA A 349 2.35 20.02 17.87
C ALA A 349 2.90 21.40 18.30
N GLY A 350 3.40 21.48 19.53
CA GLY A 350 4.06 22.69 20.05
C GLY A 350 3.12 23.77 20.59
N ILE A 351 1.83 23.44 20.67
CA ILE A 351 0.83 24.41 21.10
C ILE A 351 0.45 24.19 22.57
N ARG A 352 1.23 24.82 23.45
CA ARG A 352 0.99 24.78 24.88
C ARG A 352 -0.21 25.67 25.26
N ASP A 353 -0.83 25.37 26.40
CA ASP A 353 -1.92 26.19 26.91
C ASP A 353 -1.46 27.61 27.25
N GLY A 354 -0.14 27.78 27.38
CA GLY A 354 0.45 29.07 27.69
C GLY A 354 0.92 29.84 26.47
N LEU A 355 0.57 29.36 25.28
CA LEU A 355 0.94 30.07 24.05
C LEU A 355 -0.07 31.19 23.78
N VAL A 356 0.45 32.39 23.55
CA VAL A 356 -0.38 33.56 23.27
C VAL A 356 -0.02 34.12 21.91
N ARG A 357 -1.01 34.25 21.03
CA ARG A 357 -0.81 34.81 19.70
C ARG A 357 -1.23 36.26 19.64
N LEU A 358 -0.36 37.11 19.11
CA LEU A 358 -0.71 38.50 18.90
C LEU A 358 -0.69 38.85 17.43
N SER A 359 -1.74 39.51 16.99
CA SER A 359 -1.75 40.20 15.72
C SER A 359 -1.43 41.63 16.09
N VAL A 360 -0.17 42.02 15.91
CA VAL A 360 0.25 43.37 16.30
C VAL A 360 -0.30 44.37 15.28
N GLY A 361 -1.18 45.24 15.75
CA GLY A 361 -1.82 46.24 14.91
C GLY A 361 -0.92 47.41 14.62
N ILE A 362 -1.52 48.54 14.21
CA ILE A 362 -0.75 49.71 13.81
C ILE A 362 -0.88 50.90 14.77
N GLU A 363 -1.39 50.65 15.98
CA GLU A 363 -1.43 51.66 17.03
C GLU A 363 -0.02 52.12 17.40
N HIS A 364 0.07 53.19 18.19
CA HIS A 364 1.36 53.67 18.70
C HIS A 364 2.02 52.61 19.53
N GLU A 365 3.27 52.28 19.18
CA GLU A 365 3.99 51.15 19.77
C GLU A 365 4.05 51.23 21.29
N GLN A 366 4.15 52.46 21.80
CA GLN A 366 4.25 52.69 23.24
C GLN A 366 2.96 52.29 23.93
N ASP A 367 1.81 52.70 23.36
CA ASP A 367 0.50 52.30 23.89
C ASP A 367 0.35 50.78 23.89
N LEU A 368 0.86 50.14 22.83
CA LEU A 368 0.89 48.67 22.77
C LEU A 368 1.75 48.07 23.89
N LEU A 369 2.91 48.68 24.14
CA LEU A 369 3.84 48.16 25.17
C LEU A 369 3.33 48.42 26.60
N GLU A 370 2.74 49.59 26.82
CA GLU A 370 2.21 49.93 28.14
C GLU A 370 1.04 49.00 28.49
N ASP A 371 0.31 48.53 27.48
CA ASP A 371 -0.74 47.54 27.69
C ASP A 371 -0.15 46.17 28.08
N LEU A 372 0.98 45.81 27.49
CA LEU A 372 1.65 44.55 27.82
C LEU A 372 2.28 44.58 29.21
N GLU A 373 2.90 45.71 29.57
CA GLU A 373 3.48 45.89 30.90
C GLU A 373 2.45 45.72 32.02
N GLN A 374 1.33 46.42 31.91
CA GLN A 374 0.28 46.36 32.94
C GLN A 374 -0.36 44.97 33.09
N ALA A 375 -0.41 44.23 31.98
CA ALA A 375 -0.94 42.85 32.01
C ALA A 375 0.03 41.90 32.71
N PHE A 376 1.33 42.04 32.42
CA PHE A 376 2.36 41.30 33.17
C PHE A 376 2.33 41.68 34.65
N ALA A 377 2.33 42.99 34.91
CA ALA A 377 2.26 43.53 36.26
C ALA A 377 1.13 42.91 37.09
N LYS A 378 0.12 42.37 36.42
CA LYS A 378 -1.05 41.81 37.09
C LYS A 378 -1.06 40.27 37.20
N ILE A 379 0.08 39.64 36.89
CA ILE A 379 0.23 38.19 37.09
C ILE A 379 1.50 37.85 37.89
N MET B 1 5.75 -6.17 -52.08
CA MET B 1 5.90 -7.52 -51.45
C MET B 1 5.16 -7.58 -50.10
N ARG B 2 4.57 -8.74 -49.82
CA ARG B 2 3.75 -8.94 -48.63
C ARG B 2 4.57 -9.43 -47.44
N MET B 3 4.02 -9.23 -46.24
CA MET B 3 4.69 -9.65 -45.00
C MET B 3 5.42 -10.99 -45.10
N GLN B 4 4.72 -12.02 -45.58
CA GLN B 4 5.29 -13.35 -45.77
C GLN B 4 6.55 -13.34 -46.63
N THR B 5 6.52 -12.51 -47.67
CA THR B 5 7.65 -12.39 -48.58
C THR B 5 8.74 -11.51 -47.97
N LYS B 6 8.32 -10.57 -47.10
CA LYS B 6 9.26 -9.64 -46.48
C LYS B 6 10.11 -10.33 -45.42
N LEU B 7 9.52 -11.29 -44.71
CA LEU B 7 10.24 -12.08 -43.70
C LEU B 7 11.47 -12.79 -44.28
N ILE B 8 11.46 -12.98 -45.59
CA ILE B 8 12.49 -13.70 -46.32
C ILE B 8 13.39 -12.77 -47.11
N HIS B 9 12.83 -11.69 -47.66
CA HIS B 9 13.57 -10.78 -48.53
C HIS B 9 13.68 -9.37 -48.02
N GLY B 10 13.18 -9.10 -46.82
CA GLY B 10 13.14 -7.73 -46.30
C GLY B 10 14.47 -7.25 -45.79
N GLY B 11 14.55 -5.97 -45.40
CA GLY B 11 15.77 -5.37 -44.86
C GLY B 11 16.97 -5.67 -45.74
N ILE B 12 18.02 -6.22 -45.14
CA ILE B 12 19.10 -6.80 -45.93
C ILE B 12 19.09 -8.31 -45.67
N SER B 13 18.95 -9.07 -46.74
CA SER B 13 18.81 -10.53 -46.67
C SER B 13 19.73 -11.20 -47.66
N GLU B 14 20.75 -10.46 -48.11
CA GLU B 14 21.63 -10.90 -49.17
C GLU B 14 22.96 -10.15 -49.06
N ASP B 15 24.07 -10.86 -49.30
CA ASP B 15 25.35 -10.18 -49.38
C ASP B 15 25.53 -9.57 -50.77
N ALA B 16 25.55 -8.23 -50.80
CA ALA B 16 25.56 -7.45 -52.04
C ALA B 16 26.76 -7.74 -52.95
N THR B 17 27.87 -8.14 -52.35
CA THR B 17 29.10 -8.30 -53.12
C THR B 17 29.34 -9.72 -53.60
N THR B 18 28.85 -10.69 -52.84
CA THR B 18 29.11 -12.09 -53.15
C THR B 18 27.87 -12.77 -53.73
N GLY B 19 26.69 -12.26 -53.39
CA GLY B 19 25.42 -12.86 -53.81
C GLY B 19 24.88 -13.88 -52.82
N ALA B 20 25.62 -14.09 -51.72
CA ALA B 20 25.21 -15.03 -50.68
C ALA B 20 23.79 -14.72 -50.23
N VAL B 21 22.93 -15.73 -50.32
CA VAL B 21 21.52 -15.58 -49.94
C VAL B 21 21.40 -15.42 -48.43
N SER B 22 22.51 -15.55 -47.72
CA SER B 22 22.56 -15.29 -46.30
C SER B 22 23.58 -14.18 -46.01
N VAL B 23 23.20 -13.24 -45.15
CA VAL B 23 24.13 -12.23 -44.65
C VAL B 23 25.25 -12.91 -43.87
N PRO B 24 26.52 -12.58 -44.19
CA PRO B 24 27.68 -13.18 -43.51
C PRO B 24 27.81 -12.71 -42.06
N ILE B 25 28.31 -13.58 -41.20
CA ILE B 25 28.55 -13.20 -39.82
C ILE B 25 29.88 -12.46 -39.73
N TYR B 26 29.79 -11.15 -39.51
CA TYR B 26 30.96 -10.29 -39.36
C TYR B 26 31.49 -10.31 -37.92
N GLN B 27 32.03 -11.45 -37.50
CA GLN B 27 32.71 -11.55 -36.21
C GLN B 27 33.97 -10.70 -36.26
N THR B 28 33.80 -9.41 -36.10
CA THR B 28 34.92 -8.47 -36.12
C THR B 28 34.66 -7.32 -35.14
N SER B 29 35.73 -6.72 -34.63
CA SER B 29 35.59 -5.58 -33.71
C SER B 29 35.79 -4.25 -34.44
N THR B 30 36.71 -4.24 -35.40
CA THR B 30 37.06 -2.99 -36.07
C THR B 30 37.22 -3.16 -37.58
N TYR B 31 37.52 -2.04 -38.24
CA TYR B 31 37.47 -1.95 -39.69
C TYR B 31 38.56 -1.04 -40.18
N ARG B 32 39.24 -1.43 -41.26
CA ARG B 32 40.26 -0.58 -41.81
C ARG B 32 39.62 0.57 -42.58
N GLN B 33 40.24 1.74 -42.51
CA GLN B 33 39.71 2.90 -43.19
C GLN B 33 40.70 3.35 -44.24
N ASP B 34 40.16 3.78 -45.38
CA ASP B 34 40.96 4.60 -46.31
C ASP B 34 41.20 5.88 -45.51
N ALA B 35 41.66 6.95 -46.15
CA ALA B 35 42.01 8.22 -45.44
C ALA B 35 41.10 8.56 -44.23
N ILE B 36 41.72 9.13 -43.18
CA ILE B 36 40.97 9.67 -42.02
C ILE B 36 39.78 10.55 -42.44
N GLY B 37 38.63 10.31 -41.82
CA GLY B 37 37.41 11.04 -42.16
C GLY B 37 36.79 10.53 -43.45
N ARG B 38 37.23 9.34 -43.87
CA ARG B 38 36.68 8.66 -45.04
C ARG B 38 36.73 7.15 -44.77
N HIS B 39 35.59 6.65 -44.25
CA HIS B 39 35.47 5.25 -43.86
C HIS B 39 34.83 4.43 -44.93
N LYS B 40 34.89 3.10 -44.78
CA LYS B 40 34.26 2.19 -45.72
C LYS B 40 32.81 1.87 -45.31
N GLY B 41 32.24 2.74 -44.48
CA GLY B 41 30.88 2.56 -43.96
C GLY B 41 30.83 2.14 -42.50
N TYR B 42 31.82 1.37 -42.07
CA TYR B 42 31.88 0.86 -40.70
C TYR B 42 33.19 1.24 -40.03
N GLU B 43 33.10 1.67 -38.77
CA GLU B 43 34.26 2.15 -38.02
C GLU B 43 34.59 1.28 -36.82
N TYR B 44 33.56 0.90 -36.07
CA TYR B 44 33.70 0.14 -34.84
C TYR B 44 32.42 -0.65 -34.60
N SER B 45 32.57 -1.93 -34.25
CA SER B 45 31.42 -2.84 -34.18
C SER B 45 30.35 -2.49 -33.15
N ARG B 46 30.74 -1.79 -32.07
CA ARG B 46 29.76 -1.31 -31.11
C ARG B 46 28.84 -0.27 -31.75
N SER B 47 29.41 0.64 -32.54
CA SER B 47 28.65 1.67 -33.25
C SER B 47 27.81 1.13 -34.40
N GLY B 48 28.33 0.11 -35.08
CA GLY B 48 27.67 -0.48 -36.26
C GLY B 48 28.39 -1.72 -36.73
N ASN B 49 27.64 -2.67 -37.28
CA ASN B 49 28.16 -3.97 -37.71
C ASN B 49 27.26 -4.52 -38.82
N PRO B 50 27.84 -4.90 -39.99
CA PRO B 50 27.02 -5.23 -41.16
C PRO B 50 25.97 -6.32 -40.92
N THR B 51 26.30 -7.30 -40.07
CA THR B 51 25.37 -8.37 -39.71
C THR B 51 24.22 -7.86 -38.83
N ARG B 52 24.57 -7.13 -37.77
CA ARG B 52 23.56 -6.51 -36.92
C ARG B 52 22.70 -5.52 -37.70
N PHE B 53 23.32 -4.71 -38.55
CA PHE B 53 22.60 -3.72 -39.36
C PHE B 53 21.55 -4.36 -40.26
N ALA B 54 21.91 -5.45 -40.92
CA ALA B 54 20.96 -6.22 -41.73
C ALA B 54 19.71 -6.63 -40.95
N LEU B 55 19.91 -7.04 -39.70
CA LEU B 55 18.80 -7.41 -38.81
C LEU B 55 17.97 -6.20 -38.40
N GLU B 56 18.66 -5.14 -37.97
CA GLU B 56 18.03 -3.86 -37.64
C GLU B 56 17.21 -3.30 -38.80
N GLU B 57 17.69 -3.50 -40.02
CA GLU B 57 16.96 -3.09 -41.23
C GLU B 57 15.72 -3.94 -41.43
N LEU B 58 15.82 -5.22 -41.08
CA LEU B 58 14.73 -6.16 -41.25
C LEU B 58 13.56 -5.82 -40.34
N ILE B 59 13.86 -5.52 -39.07
CA ILE B 59 12.79 -5.26 -38.11
C ILE B 59 12.11 -3.92 -38.41
N ALA B 60 12.89 -2.94 -38.84
CA ALA B 60 12.36 -1.66 -39.31
C ALA B 60 11.43 -1.88 -40.49
N ASP B 61 11.89 -2.64 -41.48
CA ASP B 61 11.09 -2.95 -42.67
C ASP B 61 9.76 -3.58 -42.27
N LEU B 62 9.78 -4.45 -41.27
CA LEU B 62 8.60 -5.20 -40.83
C LEU B 62 7.58 -4.38 -40.03
N GLU B 63 8.07 -3.55 -39.11
CA GLU B 63 7.18 -2.75 -38.27
C GLU B 63 6.82 -1.39 -38.88
N GLY B 64 7.45 -1.07 -40.02
CA GLY B 64 7.23 0.19 -40.71
C GLY B 64 7.91 1.36 -40.02
N GLY B 65 9.19 1.18 -39.67
CA GLY B 65 9.99 2.23 -39.05
C GLY B 65 11.10 2.70 -39.96
N VAL B 66 11.86 3.69 -39.52
CA VAL B 66 12.96 4.25 -40.32
C VAL B 66 14.32 3.64 -39.99
N LYS B 67 14.41 3.01 -38.81
CA LYS B 67 15.64 2.43 -38.29
C LYS B 67 15.31 1.35 -37.29
N GLY B 68 16.15 0.32 -37.25
CA GLY B 68 16.10 -0.71 -36.21
C GLY B 68 17.32 -0.60 -35.33
N PHE B 69 17.27 -1.27 -34.18
CA PHE B 69 18.36 -1.26 -33.21
C PHE B 69 18.28 -2.59 -32.51
N ALA B 70 19.36 -3.37 -32.55
CA ALA B 70 19.40 -4.67 -31.90
C ALA B 70 20.19 -4.55 -30.61
N PHE B 71 19.74 -5.26 -29.57
CA PHE B 71 20.33 -5.16 -28.23
C PHE B 71 20.62 -6.52 -27.63
N ALA B 72 21.45 -6.52 -26.58
CA ALA B 72 21.88 -7.75 -25.91
C ALA B 72 20.69 -8.53 -25.34
N SER B 73 19.63 -7.82 -24.96
CA SER B 73 18.39 -8.44 -24.49
C SER B 73 17.19 -7.52 -24.71
N GLY B 74 15.99 -8.03 -24.43
CA GLY B 74 14.79 -7.20 -24.39
C GLY B 74 14.94 -6.05 -23.40
N LEU B 75 15.37 -6.37 -22.18
CA LEU B 75 15.52 -5.34 -21.15
C LEU B 75 16.52 -4.24 -21.50
N ALA B 76 17.64 -4.63 -22.13
CA ALA B 76 18.67 -3.68 -22.56
C ALA B 76 18.14 -2.66 -23.56
N GLY B 77 17.26 -3.13 -24.45
CA GLY B 77 16.62 -2.27 -25.45
C GLY B 77 15.68 -1.28 -24.78
N ILE B 78 14.74 -1.82 -24.00
CA ILE B 78 13.85 -0.99 -23.18
C ILE B 78 14.63 0.03 -22.35
N HIS B 79 15.70 -0.42 -21.68
CA HIS B 79 16.54 0.49 -20.92
C HIS B 79 17.07 1.63 -21.75
N ALA B 80 17.52 1.32 -22.97
CA ALA B 80 18.07 2.35 -23.87
C ALA B 80 17.00 3.33 -24.34
N VAL B 81 15.78 2.82 -24.49
CA VAL B 81 14.63 3.65 -24.83
C VAL B 81 14.37 4.70 -23.75
N PHE B 82 14.38 4.27 -22.49
CA PHE B 82 14.13 5.18 -21.37
C PHE B 82 15.30 6.09 -21.04
N SER B 83 16.44 5.85 -21.69
CA SER B 83 17.60 6.71 -21.51
C SER B 83 17.45 7.99 -22.31
N LEU B 84 16.34 8.12 -23.02
CA LEU B 84 16.03 9.35 -23.75
C LEU B 84 15.60 10.48 -22.80
N LEU B 85 15.15 10.10 -21.61
CA LEU B 85 14.56 11.06 -20.66
C LEU B 85 15.55 11.59 -19.63
N GLN B 86 15.29 12.80 -19.13
CA GLN B 86 16.05 13.39 -18.04
C GLN B 86 15.53 12.87 -16.71
N SER B 87 16.28 13.13 -15.64
CA SER B 87 15.73 12.98 -14.30
C SER B 87 14.70 14.08 -14.11
N GLY B 88 13.64 13.79 -13.34
CA GLY B 88 12.52 14.72 -13.19
C GLY B 88 11.38 14.44 -14.16
N ASP B 89 11.52 13.40 -14.96
CA ASP B 89 10.51 12.99 -15.94
C ASP B 89 9.60 11.88 -15.44
N HIS B 90 8.41 11.79 -16.04
CA HIS B 90 7.40 10.84 -15.59
C HIS B 90 6.93 9.95 -16.70
N VAL B 91 6.64 8.69 -16.36
CA VAL B 91 6.20 7.68 -17.31
C VAL B 91 5.01 6.93 -16.70
N LEU B 92 4.03 6.60 -17.53
CA LEU B 92 2.85 5.86 -17.12
C LEU B 92 2.93 4.41 -17.57
N LEU B 93 3.07 3.49 -16.61
CA LEU B 93 3.07 2.05 -16.89
C LEU B 93 1.68 1.43 -16.86
N GLY B 94 1.52 0.35 -17.62
CA GLY B 94 0.35 -0.52 -17.50
C GLY B 94 0.43 -1.30 -16.20
N ASP B 95 -0.71 -1.71 -15.67
CA ASP B 95 -0.75 -2.32 -14.34
C ASP B 95 -0.27 -3.78 -14.30
N ASP B 96 -0.11 -4.38 -15.48
CA ASP B 96 0.41 -5.74 -15.58
C ASP B 96 1.48 -5.90 -16.68
N VAL B 97 2.36 -4.91 -16.78
CA VAL B 97 3.53 -5.01 -17.67
C VAL B 97 4.50 -6.08 -17.18
N TYR B 98 5.36 -6.57 -18.07
CA TYR B 98 6.35 -7.59 -17.74
C TYR B 98 7.19 -7.19 -16.52
N GLY B 99 7.41 -8.14 -15.62
CA GLY B 99 8.07 -7.91 -14.33
C GLY B 99 9.44 -7.25 -14.36
N GLY B 100 10.25 -7.63 -15.36
CA GLY B 100 11.57 -7.05 -15.57
C GLY B 100 11.51 -5.57 -15.96
N THR B 101 10.47 -5.19 -16.69
CA THR B 101 10.22 -3.79 -17.01
C THR B 101 9.84 -3.01 -15.75
N PHE B 102 9.02 -3.63 -14.90
CA PHE B 102 8.67 -3.07 -13.60
C PHE B 102 9.92 -2.88 -12.75
N ARG B 103 10.72 -3.93 -12.64
CA ARG B 103 11.98 -3.91 -11.88
C ARG B 103 12.97 -2.89 -12.44
N LEU B 104 12.95 -2.71 -13.76
CA LEU B 104 13.73 -1.65 -14.42
C LEU B 104 13.42 -0.28 -13.84
N PHE B 105 12.14 0.05 -13.75
CA PHE B 105 11.71 1.31 -13.14
C PHE B 105 11.92 1.29 -11.63
N ASN B 106 11.30 0.29 -10.99
CA ASN B 106 11.35 0.14 -9.54
C ASN B 106 12.75 0.28 -8.94
N GLN B 107 13.73 -0.34 -9.59
CA GLN B 107 15.05 -0.52 -8.97
C GLN B 107 16.23 0.14 -9.69
N VAL B 108 16.05 0.45 -10.97
CA VAL B 108 17.13 1.07 -11.75
C VAL B 108 16.79 2.52 -12.08
N LEU B 109 15.67 2.71 -12.78
CA LEU B 109 15.31 4.01 -13.32
C LEU B 109 14.82 5.01 -12.26
N VAL B 110 13.84 4.59 -11.44
CA VAL B 110 13.35 5.42 -10.34
C VAL B 110 14.53 5.99 -9.54
N LYS B 111 15.38 5.08 -9.06
CA LYS B 111 16.65 5.41 -8.43
C LYS B 111 17.37 6.63 -9.07
N ASN B 112 17.25 6.77 -10.39
CA ASN B 112 17.96 7.82 -11.14
C ASN B 112 17.14 9.09 -11.46
N GLY B 113 16.02 9.29 -10.75
CA GLY B 113 15.21 10.49 -10.92
C GLY B 113 14.07 10.34 -11.91
N LEU B 114 13.72 9.09 -12.21
CA LEU B 114 12.63 8.75 -13.12
C LEU B 114 11.45 8.19 -12.34
N SER B 115 10.31 8.84 -12.43
CA SER B 115 9.12 8.38 -11.73
C SER B 115 8.13 7.72 -12.67
N CYS B 116 7.36 6.77 -12.13
CA CYS B 116 6.34 6.06 -12.89
C CYS B 116 5.00 6.09 -12.13
N THR B 117 3.90 5.86 -12.85
CA THR B 117 2.60 5.64 -12.23
C THR B 117 1.95 4.44 -12.91
N ILE B 118 1.62 3.42 -12.12
CA ILE B 118 0.98 2.21 -12.61
C ILE B 118 -0.52 2.45 -12.71
N ILE B 119 -1.09 2.15 -13.89
CA ILE B 119 -2.52 2.30 -14.12
C ILE B 119 -2.99 1.17 -15.02
N ASP B 120 -4.29 0.87 -14.97
CA ASP B 120 -4.90 0.01 -15.96
C ASP B 120 -4.99 0.81 -17.27
N THR B 121 -4.38 0.28 -18.33
CA THR B 121 -4.33 0.98 -19.62
C THR B 121 -5.49 0.64 -20.55
N SER B 122 -6.24 -0.42 -20.19
CA SER B 122 -7.49 -0.73 -20.89
C SER B 122 -8.59 0.19 -20.38
N ASP B 123 -8.26 0.98 -19.36
CA ASP B 123 -9.14 2.00 -18.82
C ASP B 123 -8.63 3.39 -19.25
N ILE B 124 -9.01 3.78 -20.46
CA ILE B 124 -8.57 5.02 -21.09
C ILE B 124 -8.56 6.23 -20.15
N SER B 125 -9.58 6.31 -19.28
CA SER B 125 -9.72 7.43 -18.35
C SER B 125 -8.67 7.43 -17.23
N GLN B 126 -8.23 6.24 -16.83
CA GLN B 126 -7.17 6.09 -15.82
C GLN B 126 -5.85 6.70 -16.29
N ILE B 127 -5.65 6.75 -17.60
CA ILE B 127 -4.45 7.38 -18.16
C ILE B 127 -4.64 8.89 -18.24
N LYS B 128 -5.85 9.32 -18.64
CA LYS B 128 -6.20 10.75 -18.68
C LYS B 128 -5.96 11.39 -17.31
N LYS B 129 -6.41 10.69 -16.26
CA LYS B 129 -6.30 11.19 -14.90
C LYS B 129 -4.88 11.16 -14.34
N ALA B 130 -4.04 10.26 -14.85
CA ALA B 130 -2.72 10.00 -14.26
C ALA B 130 -1.57 10.88 -14.74
N ILE B 131 -1.81 11.64 -15.81
CA ILE B 131 -0.80 12.56 -16.37
C ILE B 131 -0.45 13.70 -15.40
N LYS B 132 0.85 13.89 -15.16
CA LYS B 132 1.35 15.06 -14.44
C LYS B 132 2.02 16.03 -15.43
N PRO B 133 2.31 17.28 -14.99
CA PRO B 133 3.08 18.26 -15.78
C PRO B 133 4.41 17.74 -16.35
N ASN B 134 4.95 16.69 -15.73
CA ASN B 134 6.25 16.15 -16.11
C ASN B 134 6.17 14.77 -16.78
N THR B 135 4.95 14.29 -16.98
CA THR B 135 4.75 13.06 -17.73
C THR B 135 5.27 13.26 -19.14
N LYS B 136 6.19 12.40 -19.55
CA LYS B 136 6.77 12.48 -20.88
C LYS B 136 6.54 11.26 -21.76
N ALA B 137 5.98 10.18 -21.19
CA ALA B 137 5.72 8.96 -21.97
C ALA B 137 4.64 8.03 -21.43
N LEU B 138 4.05 7.28 -22.36
CA LEU B 138 3.04 6.27 -22.07
C LEU B 138 3.54 4.91 -22.57
N TYR B 139 3.72 3.97 -21.65
CA TYR B 139 4.27 2.65 -21.98
C TYR B 139 3.22 1.54 -21.94
N LEU B 140 2.86 1.06 -23.12
CA LEU B 140 1.82 0.06 -23.29
C LEU B 140 2.36 -1.28 -23.74
N GLU B 141 1.58 -2.35 -23.49
CA GLU B 141 1.99 -3.73 -23.77
C GLU B 141 0.74 -4.58 -23.94
N THR B 142 0.44 -4.97 -25.18
CA THR B 142 -0.78 -5.72 -25.48
C THR B 142 -0.59 -6.69 -26.65
N PRO B 143 -1.03 -7.95 -26.48
CA PRO B 143 -1.59 -8.52 -25.24
C PRO B 143 -0.61 -8.52 -24.07
N SER B 144 -1.14 -8.32 -22.88
CA SER B 144 -0.35 -8.23 -21.66
C SER B 144 0.03 -9.63 -21.13
N ASN B 145 1.01 -9.66 -20.21
CA ASN B 145 1.50 -10.96 -19.68
C ASN B 145 1.62 -10.97 -18.15
N PRO B 146 0.98 -12.02 -17.49
CA PRO B 146 0.06 -13.00 -18.07
C PRO B 146 -1.30 -12.32 -18.12
N LEU B 147 -2.37 -13.08 -18.34
CA LEU B 147 -3.73 -12.48 -18.41
C LEU B 147 -4.16 -11.95 -19.77
N LEU B 148 -3.17 -11.75 -20.65
CA LEU B 148 -3.45 -11.38 -22.06
C LEU B 148 -4.40 -10.18 -22.21
N LYS B 149 -4.18 -9.17 -21.36
CA LYS B 149 -5.07 -8.02 -21.29
C LYS B 149 -4.78 -7.03 -22.42
N ILE B 150 -5.82 -6.76 -23.20
CA ILE B 150 -5.72 -5.91 -24.37
C ILE B 150 -5.91 -4.42 -24.02
N THR B 151 -5.04 -3.58 -24.58
CA THR B 151 -5.14 -2.14 -24.46
C THR B 151 -5.43 -1.56 -25.85
N ASP B 152 -6.23 -0.47 -25.89
CA ASP B 152 -6.59 0.16 -27.15
C ASP B 152 -5.48 1.07 -27.65
N LEU B 153 -4.77 0.63 -28.70
CA LEU B 153 -3.56 1.30 -29.16
C LEU B 153 -3.80 2.66 -29.81
N ALA B 154 -4.67 2.69 -30.83
CA ALA B 154 -4.99 3.95 -31.51
C ALA B 154 -5.52 4.99 -30.54
N GLN B 155 -6.50 4.61 -29.73
CA GLN B 155 -7.07 5.48 -28.70
C GLN B 155 -5.99 6.07 -27.78
N CYS B 156 -5.23 5.20 -27.12
CA CYS B 156 -4.14 5.62 -26.23
C CYS B 156 -3.16 6.55 -26.92
N ALA B 157 -2.81 6.21 -28.17
CA ALA B 157 -1.89 7.00 -28.98
C ALA B 157 -2.44 8.41 -29.24
N SER B 158 -3.68 8.49 -29.71
CA SER B 158 -4.38 9.76 -29.89
C SER B 158 -4.33 10.60 -28.61
N VAL B 159 -4.67 9.97 -27.48
CA VAL B 159 -4.71 10.63 -26.17
C VAL B 159 -3.33 11.07 -25.72
N ALA B 160 -2.32 10.24 -25.97
CA ALA B 160 -0.94 10.59 -25.59
C ALA B 160 -0.42 11.74 -26.43
N LYS B 161 -0.87 11.82 -27.68
CA LYS B 161 -0.34 12.80 -28.61
C LYS B 161 -0.79 14.25 -28.35
N ASP B 162 -2.06 14.43 -28.01
CA ASP B 162 -2.58 15.78 -27.73
C ASP B 162 -2.04 16.35 -26.40
N HIS B 163 -1.50 15.46 -25.57
CA HIS B 163 -0.55 15.85 -24.54
C HIS B 163 0.80 15.62 -25.17
N GLY B 164 1.86 16.25 -24.65
CA GLY B 164 3.17 16.11 -25.31
C GLY B 164 3.86 14.77 -25.06
N LEU B 165 3.18 13.67 -25.40
CA LEU B 165 3.56 12.35 -24.89
C LEU B 165 4.03 11.31 -25.90
N LEU B 166 5.04 10.54 -25.49
CA LEU B 166 5.54 9.42 -26.28
C LEU B 166 4.71 8.16 -26.07
N THR B 167 4.36 7.51 -27.16
CA THR B 167 3.69 6.22 -27.10
C THR B 167 4.72 5.14 -27.38
N ILE B 168 5.07 4.39 -26.32
CA ILE B 168 6.06 3.32 -26.38
C ILE B 168 5.37 1.99 -26.15
N VAL B 169 5.44 1.10 -27.15
CA VAL B 169 4.68 -0.16 -27.12
C VAL B 169 5.60 -1.39 -27.10
N ASP B 170 5.28 -2.34 -26.22
CA ASP B 170 5.99 -3.62 -26.15
C ASP B 170 5.24 -4.69 -26.95
N ASN B 171 5.70 -4.90 -28.18
CA ASN B 171 5.01 -5.74 -29.15
C ASN B 171 5.44 -7.22 -29.12
N THR B 172 6.12 -7.63 -28.06
CA THR B 172 6.67 -8.98 -27.93
C THR B 172 5.67 -10.10 -28.18
N PHE B 173 4.54 -10.08 -27.48
CA PHE B 173 3.54 -11.15 -27.55
C PHE B 173 2.87 -11.31 -28.91
N ALA B 174 2.29 -10.23 -29.42
CA ALA B 174 1.74 -10.22 -30.77
C ALA B 174 2.83 -9.67 -31.66
N THR B 175 3.39 -10.53 -32.52
CA THR B 175 4.57 -10.16 -33.30
C THR B 175 4.26 -9.10 -34.37
N PRO B 176 5.29 -8.60 -35.09
CA PRO B 176 5.02 -7.73 -36.24
C PRO B 176 4.19 -8.43 -37.31
N TYR B 177 4.00 -9.73 -37.14
CA TYR B 177 3.22 -10.53 -38.07
C TYR B 177 1.72 -10.31 -37.84
N TYR B 178 1.37 -9.99 -36.60
CA TYR B 178 -0.02 -9.81 -36.21
C TYR B 178 -0.42 -8.38 -35.86
N GLN B 179 0.56 -7.58 -35.45
CA GLN B 179 0.27 -6.23 -34.97
C GLN B 179 1.41 -5.25 -35.24
N ASN B 180 1.07 -4.09 -35.79
CA ASN B 180 2.04 -3.03 -36.09
C ASN B 180 1.67 -1.70 -35.39
N PRO B 181 2.08 -1.56 -34.11
CA PRO B 181 1.79 -0.37 -33.31
C PRO B 181 2.14 0.97 -33.97
N LEU B 182 3.19 1.01 -34.78
CA LEU B 182 3.60 2.26 -35.45
C LEU B 182 2.54 2.72 -36.45
N LEU B 183 1.82 1.77 -37.04
CA LEU B 183 0.70 2.08 -37.95
C LEU B 183 -0.57 2.42 -37.19
N LEU B 184 -0.49 2.46 -35.86
CA LEU B 184 -1.63 2.78 -35.00
C LEU B 184 -1.30 3.90 -34.02
N GLY B 185 -0.25 4.65 -34.34
CA GLY B 185 0.05 5.89 -33.62
C GLY B 185 1.24 5.84 -32.68
N ALA B 186 1.87 4.67 -32.57
CA ALA B 186 3.03 4.54 -31.67
C ALA B 186 4.27 5.22 -32.24
N ASP B 187 5.14 5.67 -31.35
CA ASP B 187 6.38 6.31 -31.76
C ASP B 187 7.54 5.30 -31.73
N ILE B 188 7.56 4.44 -30.73
CA ILE B 188 8.64 3.48 -30.52
C ILE B 188 8.06 2.10 -30.23
N VAL B 189 8.58 1.08 -30.92
CA VAL B 189 8.19 -0.32 -30.66
C VAL B 189 9.38 -1.11 -30.14
N ALA B 190 9.16 -1.89 -29.08
CA ALA B 190 10.21 -2.76 -28.55
C ALA B 190 9.76 -4.22 -28.46
N HIS B 191 10.65 -5.14 -28.84
CA HIS B 191 10.41 -6.58 -28.67
C HIS B 191 11.49 -7.24 -27.87
N SER B 192 11.13 -8.38 -27.30
CA SER B 192 12.11 -9.35 -26.87
C SER B 192 12.27 -10.29 -28.05
N GLY B 193 13.44 -10.24 -28.68
CA GLY B 193 13.75 -11.14 -29.80
C GLY B 193 13.98 -12.53 -29.26
N THR B 194 14.40 -12.57 -28.00
CA THR B 194 14.53 -13.78 -27.20
C THR B 194 13.32 -14.70 -27.32
N LYS B 195 12.18 -14.14 -27.67
CA LYS B 195 10.95 -14.92 -27.74
C LYS B 195 10.63 -15.39 -29.15
N TYR B 196 9.45 -14.98 -29.63
CA TYR B 196 8.89 -15.42 -30.90
C TYR B 196 9.75 -15.12 -32.13
N LEU B 197 10.25 -13.89 -32.22
CA LEU B 197 11.07 -13.48 -33.36
C LEU B 197 12.20 -14.48 -33.61
N GLY B 198 13.00 -14.73 -32.58
CA GLY B 198 14.01 -15.80 -32.61
C GLY B 198 13.32 -17.14 -32.76
N GLY B 199 12.42 -17.43 -31.81
CA GLY B 199 11.51 -18.55 -31.91
C GLY B 199 12.08 -19.95 -31.77
N HIS B 200 13.35 -20.06 -31.38
CA HIS B 200 13.93 -21.39 -31.19
C HIS B 200 14.54 -21.52 -29.82
N SER B 201 14.14 -20.63 -28.90
CA SER B 201 14.67 -20.59 -27.55
C SER B 201 16.21 -20.73 -27.50
N ASP B 202 16.89 -20.02 -28.40
CA ASP B 202 18.35 -20.17 -28.52
C ASP B 202 19.10 -18.85 -28.72
N VAL B 203 18.41 -17.73 -28.49
CA VAL B 203 18.98 -16.39 -28.64
C VAL B 203 18.39 -15.49 -27.56
N VAL B 204 19.22 -14.61 -27.00
CA VAL B 204 18.76 -13.58 -26.07
C VAL B 204 18.98 -12.24 -26.77
N ALA B 205 17.90 -11.50 -27.01
CA ALA B 205 17.97 -10.31 -27.86
C ALA B 205 16.78 -9.39 -27.66
N GLY B 206 17.04 -8.09 -27.80
CA GLY B 206 15.97 -7.10 -27.92
C GLY B 206 16.07 -6.33 -29.21
N LEU B 207 14.92 -6.02 -29.80
CA LEU B 207 14.85 -5.15 -30.97
C LEU B 207 13.97 -3.95 -30.68
N VAL B 208 14.45 -2.77 -31.03
CA VAL B 208 13.66 -1.55 -30.95
C VAL B 208 13.60 -0.92 -32.34
N THR B 209 12.44 -0.37 -32.70
CA THR B 209 12.35 0.47 -33.90
C THR B 209 11.43 1.67 -33.69
N THR B 210 11.59 2.67 -34.57
CA THR B 210 10.85 3.92 -34.46
C THR B 210 10.38 4.51 -35.79
N ASN B 211 9.31 5.30 -35.71
CA ASN B 211 8.73 6.04 -36.84
C ASN B 211 9.43 7.38 -37.11
N ASN B 212 10.21 7.84 -36.14
CA ASN B 212 10.67 9.20 -36.11
C ASN B 212 12.20 9.31 -36.22
N GLU B 213 12.65 10.08 -37.20
CA GLU B 213 14.08 10.28 -37.48
C GLU B 213 14.83 10.86 -36.28
N ALA B 214 14.23 11.84 -35.61
CA ALA B 214 14.82 12.45 -34.42
C ALA B 214 14.90 11.46 -33.26
N LEU B 215 13.84 10.66 -33.09
CA LEU B 215 13.84 9.59 -32.10
C LEU B 215 14.94 8.58 -32.36
N ALA B 216 15.06 8.19 -33.64
CA ALA B 216 16.12 7.28 -34.10
C ALA B 216 17.54 7.80 -33.84
N GLN B 217 17.76 9.10 -34.02
CA GLN B 217 19.06 9.70 -33.71
C GLN B 217 19.38 9.49 -32.23
N GLU B 218 18.36 9.72 -31.40
CA GLU B 218 18.48 9.58 -29.96
C GLU B 218 18.75 8.13 -29.56
N ILE B 219 17.95 7.20 -30.05
CA ILE B 219 18.12 5.79 -29.70
C ILE B 219 19.50 5.27 -30.12
N ALA B 220 19.89 5.58 -31.36
CA ALA B 220 21.24 5.28 -31.85
C ALA B 220 22.28 5.74 -30.84
N PHE B 221 22.23 7.03 -30.51
CA PHE B 221 23.20 7.60 -29.58
C PHE B 221 23.38 6.75 -28.32
N PHE B 222 22.27 6.32 -27.70
CA PHE B 222 22.34 5.60 -26.43
C PHE B 222 22.68 4.12 -26.58
N GLN B 223 22.38 3.55 -27.74
CA GLN B 223 22.84 2.21 -28.08
C GLN B 223 24.36 2.21 -28.12
N ASN B 224 24.92 3.25 -28.75
CA ASN B 224 26.36 3.40 -28.85
C ASN B 224 27.00 3.87 -27.54
N ALA B 225 26.31 4.74 -26.81
CA ALA B 225 26.85 5.34 -25.58
C ALA B 225 26.84 4.40 -24.38
N ILE B 226 25.80 3.56 -24.29
CA ILE B 226 25.70 2.56 -23.22
C ILE B 226 26.31 1.23 -23.66
N GLY B 227 26.09 0.86 -24.93
CA GLY B 227 26.76 -0.30 -25.52
C GLY B 227 26.18 -1.66 -25.19
N GLY B 228 24.87 -1.73 -24.99
CA GLY B 228 24.21 -3.01 -24.79
C GLY B 228 23.81 -3.66 -26.10
N VAL B 229 24.74 -3.68 -27.06
CA VAL B 229 24.49 -4.15 -28.43
C VAL B 229 24.34 -5.68 -28.55
N LEU B 230 23.60 -6.10 -29.57
CA LEU B 230 23.55 -7.51 -29.93
C LEU B 230 24.80 -7.87 -30.73
N GLY B 231 25.42 -9.00 -30.36
CA GLY B 231 26.56 -9.52 -31.11
C GLY B 231 26.15 -10.01 -32.49
N PRO B 232 27.12 -10.14 -33.42
CA PRO B 232 26.82 -10.52 -34.80
C PRO B 232 26.27 -11.94 -34.99
N GLN B 233 26.78 -12.92 -34.24
CA GLN B 233 26.27 -14.29 -34.34
C GLN B 233 24.81 -14.37 -33.88
N ASP B 234 24.50 -13.76 -32.75
CA ASP B 234 23.12 -13.67 -32.26
C ASP B 234 22.22 -12.94 -33.26
N SER B 235 22.70 -11.81 -33.78
CA SER B 235 22.00 -11.05 -34.80
C SER B 235 21.61 -11.94 -35.97
N TRP B 236 22.61 -12.67 -36.47
CA TRP B 236 22.44 -13.58 -37.59
C TRP B 236 21.43 -14.67 -37.29
N LEU B 237 21.52 -15.26 -36.09
CA LEU B 237 20.58 -16.32 -35.68
C LEU B 237 19.17 -15.81 -35.44
N LEU B 238 19.07 -14.58 -34.92
CA LEU B 238 17.80 -13.90 -34.78
C LEU B 238 17.20 -13.78 -36.18
N GLN B 239 17.93 -13.16 -37.10
CA GLN B 239 17.42 -12.97 -38.46
C GLN B 239 16.98 -14.30 -39.08
N ARG B 240 17.77 -15.35 -38.85
CA ARG B 240 17.46 -16.68 -39.40
C ARG B 240 16.13 -17.15 -38.84
N GLY B 241 15.99 -17.05 -37.52
CA GLY B 241 14.75 -17.38 -36.84
C GLY B 241 13.56 -16.57 -37.36
N ILE B 242 13.78 -15.27 -37.56
CA ILE B 242 12.73 -14.40 -38.09
C ILE B 242 12.20 -14.91 -39.44
N LYS B 243 13.07 -15.46 -40.27
CA LYS B 243 12.62 -15.96 -41.59
C LYS B 243 11.37 -16.86 -41.52
N THR B 244 11.27 -17.69 -40.48
CA THR B 244 10.13 -18.62 -40.33
C THR B 244 8.94 -18.09 -39.51
N LEU B 245 9.06 -16.89 -38.93
CA LEU B 245 8.03 -16.29 -38.06
C LEU B 245 6.59 -16.54 -38.51
N GLY B 246 6.26 -16.13 -39.74
CA GLY B 246 4.93 -16.32 -40.32
C GLY B 246 4.36 -17.72 -40.12
N LEU B 247 5.09 -18.72 -40.58
CA LEU B 247 4.68 -20.12 -40.46
C LEU B 247 4.56 -20.56 -39.00
N ARG B 248 5.48 -20.08 -38.17
CA ARG B 248 5.50 -20.42 -36.75
C ARG B 248 4.31 -19.78 -36.02
N MET B 249 4.12 -18.48 -36.25
CA MET B 249 2.97 -17.76 -35.69
C MET B 249 1.63 -18.37 -36.09
N GLU B 250 1.51 -18.79 -37.36
CA GLU B 250 0.32 -19.48 -37.83
C GLU B 250 0.11 -20.72 -36.96
N ALA B 251 1.13 -21.55 -36.87
CA ALA B 251 1.09 -22.80 -36.10
C ALA B 251 0.85 -22.54 -34.62
N HIS B 252 1.47 -21.49 -34.08
CA HIS B 252 1.24 -21.07 -32.69
C HIS B 252 -0.21 -20.76 -32.43
N GLN B 253 -0.80 -19.93 -33.30
CA GLN B 253 -2.20 -19.54 -33.21
C GLN B 253 -3.12 -20.76 -33.29
N LYS B 254 -2.92 -21.58 -34.33
CA LYS B 254 -3.75 -22.75 -34.57
C LYS B 254 -3.79 -23.68 -33.35
N ASN B 255 -2.62 -23.92 -32.75
CA ASN B 255 -2.51 -24.80 -31.59
C ASN B 255 -3.14 -24.21 -30.34
N ALA B 256 -2.78 -22.94 -30.05
CA ALA B 256 -3.29 -22.25 -28.86
C ALA B 256 -4.81 -22.09 -28.84
N LEU B 257 -5.43 -22.08 -30.03
CA LEU B 257 -6.89 -22.08 -30.13
C LEU B 257 -7.45 -23.40 -29.62
N CYS B 258 -7.05 -24.50 -30.27
CA CYS B 258 -7.39 -25.85 -29.83
C CYS B 258 -7.19 -26.04 -28.32
N VAL B 259 -6.08 -25.50 -27.81
CA VAL B 259 -5.75 -25.59 -26.40
C VAL B 259 -6.73 -24.76 -25.56
N ALA B 260 -6.99 -23.53 -25.97
CA ALA B 260 -7.94 -22.66 -25.26
C ALA B 260 -9.35 -23.28 -25.23
N GLU B 261 -9.83 -23.72 -26.40
CA GLU B 261 -11.16 -24.31 -26.52
C GLU B 261 -11.30 -25.54 -25.62
N PHE B 262 -10.38 -26.51 -25.80
CA PHE B 262 -10.30 -27.70 -24.92
C PHE B 262 -10.29 -27.35 -23.44
N LEU B 263 -9.53 -26.31 -23.07
CA LEU B 263 -9.41 -25.88 -21.67
C LEU B 263 -10.70 -25.28 -21.11
N GLU B 264 -11.41 -24.53 -21.93
CA GLU B 264 -12.64 -23.85 -21.50
C GLU B 264 -13.76 -24.83 -21.21
N LYS B 265 -13.89 -25.85 -22.06
CA LYS B 265 -14.87 -26.91 -21.86
C LYS B 265 -14.34 -28.02 -20.95
N HIS B 266 -13.58 -27.62 -19.92
CA HIS B 266 -13.03 -28.59 -18.97
C HIS B 266 -13.54 -28.36 -17.58
N PRO B 267 -13.87 -29.53 -16.86
CA PRO B 267 -14.41 -29.52 -15.49
C PRO B 267 -13.48 -28.94 -14.43
N LYS B 268 -12.16 -29.14 -14.61
CA LYS B 268 -11.17 -28.71 -13.62
C LYS B 268 -10.85 -27.21 -13.77
N VAL B 269 -11.14 -26.67 -14.96
CA VAL B 269 -10.75 -25.31 -15.31
C VAL B 269 -11.87 -24.30 -15.02
N GLU B 270 -11.50 -23.20 -14.35
CA GLU B 270 -12.42 -22.11 -14.07
C GLU B 270 -12.40 -21.10 -15.22
N ARG B 271 -11.65 -20.01 -15.05
CA ARG B 271 -11.50 -19.00 -16.10
C ARG B 271 -10.36 -19.37 -17.05
N VAL B 272 -10.38 -18.61 -18.25
CA VAL B 272 -9.34 -18.84 -19.25
C VAL B 272 -9.00 -17.52 -19.93
N TYR B 273 -7.72 -17.18 -19.98
CA TYR B 273 -7.26 -15.93 -20.59
C TYR B 273 -6.57 -16.18 -21.92
N TYR B 274 -7.29 -15.92 -23.01
CA TYR B 274 -6.74 -15.98 -24.37
C TYR B 274 -7.51 -15.00 -25.27
N PRO B 275 -6.77 -14.21 -26.09
CA PRO B 275 -7.41 -13.19 -26.94
C PRO B 275 -8.30 -13.75 -28.06
N GLY B 276 -8.01 -14.98 -28.51
CA GLY B 276 -8.79 -15.60 -29.57
C GLY B 276 -10.19 -16.03 -29.19
N LEU B 277 -10.44 -16.14 -27.89
CA LEU B 277 -11.76 -16.51 -27.38
C LEU B 277 -12.72 -15.33 -27.40
N PRO B 278 -13.90 -15.50 -28.05
CA PRO B 278 -14.98 -14.50 -28.02
C PRO B 278 -15.34 -14.09 -26.59
N THR B 279 -14.88 -14.92 -25.65
CA THR B 279 -15.26 -14.85 -24.24
C THR B 279 -14.33 -13.89 -23.48
N HIS B 280 -13.23 -13.53 -24.13
CA HIS B 280 -12.20 -12.70 -23.52
C HIS B 280 -12.58 -11.25 -23.58
N PRO B 281 -12.48 -10.54 -22.45
CA PRO B 281 -12.79 -9.11 -22.43
C PRO B 281 -12.06 -8.37 -23.55
N ASN B 282 -12.77 -7.46 -24.22
CA ASN B 282 -12.24 -6.70 -25.36
C ASN B 282 -11.91 -7.55 -26.59
N TYR B 283 -12.52 -8.72 -26.70
CA TYR B 283 -12.33 -9.58 -27.88
C TYR B 283 -12.44 -8.79 -29.19
N GLU B 284 -13.39 -7.86 -29.24
CA GLU B 284 -13.66 -7.07 -30.45
C GLU B 284 -12.50 -6.14 -30.79
N LEU B 285 -12.04 -5.40 -29.77
CA LEU B 285 -10.86 -4.54 -29.88
C LEU B 285 -9.69 -5.26 -30.53
N ALA B 286 -9.48 -6.52 -30.11
CA ALA B 286 -8.39 -7.35 -30.60
C ALA B 286 -8.46 -7.60 -32.11
N LYS B 287 -9.59 -8.14 -32.57
CA LYS B 287 -9.81 -8.38 -34.00
C LYS B 287 -9.67 -7.09 -34.83
N LYS B 288 -9.89 -5.96 -34.18
CA LYS B 288 -9.72 -4.67 -34.81
C LYS B 288 -8.23 -4.36 -35.04
N GLN B 289 -7.40 -4.53 -34.01
CA GLN B 289 -6.00 -4.12 -34.07
C GLN B 289 -4.97 -5.26 -34.25
N MET B 290 -5.44 -6.50 -34.24
CA MET B 290 -4.58 -7.67 -34.46
C MET B 290 -5.08 -8.49 -35.64
N ARG B 291 -4.15 -8.94 -36.48
CA ARG B 291 -4.47 -9.83 -37.60
C ARG B 291 -4.49 -11.27 -37.12
N GLY B 292 -4.09 -11.48 -35.88
CA GLY B 292 -4.13 -12.79 -35.26
C GLY B 292 -3.76 -12.74 -33.79
N PHE B 293 -3.88 -13.90 -33.15
CA PHE B 293 -3.59 -14.06 -31.73
C PHE B 293 -2.44 -15.05 -31.65
N SER B 294 -1.50 -14.82 -30.74
CA SER B 294 -0.29 -15.65 -30.69
C SER B 294 -0.54 -17.03 -30.07
N GLY B 295 0.40 -17.52 -29.27
CA GLY B 295 0.29 -18.84 -28.64
C GLY B 295 0.31 -18.77 -27.13
N MET B 296 0.17 -17.56 -26.60
CA MET B 296 0.17 -17.35 -25.15
C MET B 296 -1.23 -17.44 -24.59
N LEU B 297 -1.35 -18.14 -23.44
CA LEU B 297 -2.61 -18.20 -22.72
C LEU B 297 -2.42 -18.58 -21.25
N SER B 298 -2.84 -17.67 -20.36
CA SER B 298 -2.92 -18.01 -18.93
C SER B 298 -4.26 -18.67 -18.69
N PHE B 299 -4.38 -19.38 -17.55
CA PHE B 299 -5.67 -19.96 -17.16
C PHE B 299 -5.66 -20.43 -15.72
N THR B 300 -6.85 -20.62 -15.14
CA THR B 300 -6.94 -21.05 -13.76
C THR B 300 -7.86 -22.25 -13.59
N LEU B 301 -7.56 -23.06 -12.58
CA LEU B 301 -8.34 -24.25 -12.30
C LEU B 301 -9.20 -24.05 -11.06
N LYS B 302 -10.37 -24.70 -11.05
CA LYS B 302 -11.32 -24.59 -9.95
C LYS B 302 -10.65 -24.89 -8.62
N ASN B 303 -9.84 -25.96 -8.58
CA ASN B 303 -9.06 -26.30 -7.40
C ASN B 303 -7.68 -25.61 -7.46
N ASP B 304 -7.58 -24.50 -6.72
CA ASP B 304 -6.44 -23.59 -6.82
C ASP B 304 -5.14 -24.15 -6.22
N SER B 305 -5.24 -25.23 -5.47
CA SER B 305 -4.10 -25.83 -4.76
C SER B 305 -3.29 -26.80 -5.63
N GLU B 306 -3.97 -27.42 -6.59
CA GLU B 306 -3.36 -28.45 -7.45
C GLU B 306 -2.44 -27.87 -8.54
N ALA B 307 -2.53 -26.56 -8.76
CA ALA B 307 -1.78 -25.86 -9.82
C ALA B 307 -0.34 -26.37 -10.04
N VAL B 308 0.37 -26.65 -8.95
CA VAL B 308 1.78 -27.06 -9.02
C VAL B 308 1.95 -28.55 -9.34
N ALA B 309 0.97 -29.36 -8.89
CA ALA B 309 0.99 -30.80 -9.21
C ALA B 309 0.66 -31.04 -10.69
N PHE B 310 -0.17 -30.17 -11.26
CA PHE B 310 -0.58 -30.29 -12.65
C PHE B 310 0.58 -29.96 -13.59
N VAL B 311 1.20 -28.82 -13.36
CA VAL B 311 2.34 -28.35 -14.14
C VAL B 311 3.49 -29.36 -14.13
N GLU B 312 3.79 -29.90 -12.95
CA GLU B 312 4.91 -30.83 -12.77
C GLU B 312 4.66 -32.26 -13.28
N SER B 313 3.41 -32.58 -13.61
CA SER B 313 3.11 -33.93 -14.14
C SER B 313 2.96 -33.98 -15.66
N LEU B 314 3.11 -32.81 -16.30
CA LEU B 314 3.12 -32.70 -17.76
C LEU B 314 4.44 -33.24 -18.31
N LYS B 315 4.38 -33.92 -19.47
CA LYS B 315 5.55 -34.60 -20.03
C LYS B 315 5.92 -34.14 -21.43
N LEU B 316 5.21 -33.15 -21.97
CA LEU B 316 5.51 -32.61 -23.29
C LEU B 316 5.76 -31.09 -23.27
N PHE B 317 4.95 -30.35 -22.52
CA PHE B 317 5.26 -28.97 -22.19
C PHE B 317 6.49 -28.99 -21.30
N ILE B 318 7.43 -28.10 -21.58
CA ILE B 318 8.63 -28.00 -20.76
C ILE B 318 8.39 -26.97 -19.66
N LEU B 319 8.54 -27.41 -18.42
CA LEU B 319 8.47 -26.52 -17.27
C LEU B 319 9.73 -25.65 -17.24
N GLY B 320 9.58 -24.39 -17.66
CA GLY B 320 10.71 -23.48 -17.81
C GLY B 320 10.25 -22.01 -17.71
N GLU B 321 11.19 -21.10 -17.94
CA GLU B 321 10.99 -19.70 -17.57
C GLU B 321 10.78 -18.72 -18.74
N SER B 322 10.79 -19.21 -19.97
CA SER B 322 10.55 -18.30 -21.12
C SER B 322 9.25 -18.61 -21.84
N LEU B 323 9.17 -18.18 -23.10
CA LEU B 323 7.99 -18.37 -23.95
C LEU B 323 8.37 -18.06 -25.39
N GLY B 324 7.46 -18.35 -26.32
CA GLY B 324 7.62 -17.96 -27.72
C GLY B 324 8.50 -18.87 -28.56
N GLY B 325 8.91 -19.99 -27.97
CA GLY B 325 9.74 -20.98 -28.67
C GLY B 325 8.89 -22.02 -29.37
N VAL B 326 9.52 -22.83 -30.21
CA VAL B 326 8.85 -23.89 -30.96
C VAL B 326 8.42 -25.04 -30.04
N GLU B 327 9.12 -25.18 -28.92
CA GLU B 327 8.70 -26.11 -27.87
C GLU B 327 7.71 -25.43 -26.93
N SER B 328 6.69 -26.17 -26.54
CA SER B 328 5.68 -25.69 -25.61
C SER B 328 6.28 -25.50 -24.23
N LEU B 329 5.96 -24.38 -23.60
CA LEU B 329 6.45 -24.08 -22.26
C LEU B 329 5.30 -23.87 -21.27
N VAL B 330 5.62 -24.01 -19.99
CA VAL B 330 4.63 -23.87 -18.92
C VAL B 330 5.25 -23.17 -17.71
N GLY B 331 4.48 -22.29 -17.10
CA GLY B 331 4.92 -21.61 -15.89
C GLY B 331 3.77 -21.37 -14.93
N ILE B 332 4.13 -20.77 -13.78
CA ILE B 332 3.17 -20.30 -12.79
C ILE B 332 3.78 -18.99 -12.30
N PRO B 333 3.28 -17.85 -12.81
CA PRO B 333 3.89 -16.53 -12.59
C PRO B 333 4.01 -16.10 -11.12
N ALA B 334 3.34 -16.83 -10.23
CA ALA B 334 3.45 -16.58 -8.79
C ALA B 334 4.91 -16.70 -8.27
N PHE B 335 5.61 -17.73 -8.73
CA PHE B 335 6.97 -18.00 -8.26
C PHE B 335 8.01 -17.82 -9.37
N MET B 336 7.61 -17.18 -10.46
CA MET B 336 8.45 -17.07 -11.65
C MET B 336 8.53 -15.64 -12.19
N THR B 337 7.39 -14.97 -12.30
CA THR B 337 7.37 -13.54 -12.70
C THR B 337 6.73 -12.67 -11.57
N GLY B 354 -2.36 -19.62 -8.13
CA GLY B 354 -2.98 -20.77 -8.86
C GLY B 354 -3.21 -20.52 -10.34
N LEU B 355 -2.50 -19.53 -10.89
CA LEU B 355 -2.59 -19.20 -12.32
C LEU B 355 -1.48 -19.90 -13.11
N VAL B 356 -1.89 -20.57 -14.19
CA VAL B 356 -0.95 -21.32 -15.04
C VAL B 356 -0.83 -20.70 -16.44
N ARG B 357 0.39 -20.33 -16.82
CA ARG B 357 0.65 -19.78 -18.14
C ARG B 357 1.18 -20.83 -19.09
N LEU B 358 0.60 -20.87 -20.30
CA LEU B 358 1.05 -21.77 -21.34
C LEU B 358 1.61 -20.99 -22.53
N SER B 359 2.78 -21.42 -22.96
CA SER B 359 3.35 -20.99 -24.22
C SER B 359 3.17 -22.14 -25.19
N VAL B 360 2.06 -22.14 -25.92
CA VAL B 360 1.77 -23.23 -26.85
C VAL B 360 2.74 -23.19 -28.03
N GLY B 361 3.46 -24.31 -28.20
CA GLY B 361 4.47 -24.45 -29.24
C GLY B 361 3.88 -24.95 -30.53
N ILE B 362 4.73 -25.50 -31.39
CA ILE B 362 4.30 -25.94 -32.72
C ILE B 362 4.37 -27.46 -32.89
N GLU B 363 4.36 -28.18 -31.77
CA GLU B 363 4.22 -29.64 -31.79
C GLU B 363 2.82 -30.00 -32.31
N HIS B 364 2.61 -31.27 -32.63
CA HIS B 364 1.30 -31.74 -33.11
C HIS B 364 0.24 -31.48 -32.06
N GLU B 365 -0.86 -30.89 -32.50
CA GLU B 365 -1.93 -30.42 -31.59
C GLU B 365 -2.46 -31.53 -30.69
N GLN B 366 -2.65 -32.72 -31.27
CA GLN B 366 -3.16 -33.89 -30.56
C GLN B 366 -2.26 -34.29 -29.39
N ASP B 367 -0.95 -34.32 -29.63
CA ASP B 367 0.04 -34.64 -28.60
C ASP B 367 0.03 -33.64 -27.44
N LEU B 368 -0.29 -32.38 -27.75
CA LEU B 368 -0.42 -31.35 -26.74
C LEU B 368 -1.67 -31.54 -25.88
N LEU B 369 -2.77 -31.90 -26.53
CA LEU B 369 -4.03 -32.18 -25.83
C LEU B 369 -3.90 -33.44 -25.00
N GLU B 370 -3.38 -34.51 -25.61
CA GLU B 370 -3.11 -35.76 -24.90
C GLU B 370 -2.17 -35.55 -23.71
N ASP B 371 -1.25 -34.61 -23.81
CA ASP B 371 -0.36 -34.30 -22.68
C ASP B 371 -1.10 -33.58 -21.55
N LEU B 372 -1.95 -32.61 -21.91
CA LEU B 372 -2.79 -31.92 -20.93
C LEU B 372 -3.80 -32.88 -20.28
N GLU B 373 -4.42 -33.72 -21.12
CA GLU B 373 -5.33 -34.76 -20.63
C GLU B 373 -4.72 -35.58 -19.50
N GLN B 374 -3.61 -36.25 -19.80
CA GLN B 374 -2.97 -37.15 -18.83
C GLN B 374 -2.59 -36.44 -17.53
N ALA B 375 -2.31 -35.14 -17.61
CA ALA B 375 -1.95 -34.35 -16.43
C ALA B 375 -3.18 -33.92 -15.62
N PHE B 376 -4.34 -33.86 -16.28
CA PHE B 376 -5.60 -33.60 -15.59
C PHE B 376 -6.09 -34.86 -14.87
N ALA B 377 -6.02 -36.01 -15.57
CA ALA B 377 -6.36 -37.31 -14.98
C ALA B 377 -5.65 -37.55 -13.65
N LYS B 378 -4.58 -36.79 -13.42
CA LYS B 378 -3.72 -36.94 -12.23
C LYS B 378 -4.08 -36.00 -11.06
N ILE B 379 -5.16 -35.23 -11.19
CA ILE B 379 -5.60 -34.32 -10.11
C ILE B 379 -7.11 -34.32 -9.90
N MET C 1 49.24 -23.44 -9.89
CA MET C 1 48.97 -22.72 -11.18
C MET C 1 49.49 -21.30 -11.22
N ARG C 2 50.48 -21.07 -12.06
CA ARG C 2 50.96 -19.71 -12.30
C ARG C 2 50.14 -19.03 -13.39
N MET C 3 50.29 -17.71 -13.47
CA MET C 3 49.54 -16.92 -14.44
C MET C 3 49.43 -17.61 -15.80
N GLN C 4 50.57 -18.02 -16.35
CA GLN C 4 50.63 -18.64 -17.68
C GLN C 4 49.94 -20.01 -17.76
N THR C 5 49.75 -20.66 -16.61
CA THR C 5 49.03 -21.93 -16.56
C THR C 5 47.55 -21.65 -16.30
N LYS C 6 47.29 -20.61 -15.52
CA LYS C 6 45.94 -20.21 -15.16
C LYS C 6 45.16 -19.75 -16.39
N LEU C 7 45.81 -19.03 -17.29
CA LEU C 7 45.19 -18.58 -18.54
C LEU C 7 44.58 -19.72 -19.35
N ILE C 8 45.09 -20.93 -19.14
CA ILE C 8 44.70 -22.10 -19.93
C ILE C 8 43.76 -23.02 -19.15
N HIS C 9 43.93 -23.07 -17.84
CA HIS C 9 43.17 -23.99 -16.98
C HIS C 9 42.36 -23.32 -15.90
N GLY C 10 42.36 -21.99 -15.89
CA GLY C 10 41.66 -21.21 -14.85
C GLY C 10 40.15 -21.21 -14.99
N GLY C 11 39.48 -20.51 -14.07
CA GLY C 11 38.01 -20.53 -14.00
C GLY C 11 37.46 -21.90 -14.29
N ILE C 12 36.59 -21.98 -15.30
CA ILE C 12 36.10 -23.25 -15.82
C ILE C 12 36.60 -23.31 -17.27
N SER C 13 37.56 -24.19 -17.52
CA SER C 13 38.16 -24.31 -18.85
C SER C 13 37.82 -25.65 -19.49
N GLU C 14 37.15 -26.50 -18.72
CA GLU C 14 36.81 -27.85 -19.12
C GLU C 14 35.31 -28.10 -18.95
N ASP C 15 34.76 -29.00 -19.78
CA ASP C 15 33.40 -29.50 -19.59
C ASP C 15 33.41 -30.71 -18.65
N ALA C 16 32.70 -30.58 -17.53
CA ALA C 16 32.78 -31.58 -16.44
C ALA C 16 32.11 -32.92 -16.76
N THR C 17 30.99 -32.90 -17.48
CA THR C 17 30.24 -34.13 -17.72
C THR C 17 30.86 -34.97 -18.84
N THR C 18 31.25 -34.28 -19.91
CA THR C 18 31.75 -34.90 -21.13
C THR C 18 33.29 -35.08 -21.14
N GLY C 19 33.98 -34.19 -20.43
CA GLY C 19 35.44 -34.21 -20.39
C GLY C 19 36.09 -33.24 -21.38
N ALA C 20 35.27 -32.71 -22.30
CA ALA C 20 35.73 -31.82 -23.37
C ALA C 20 36.63 -30.71 -22.86
N VAL C 21 37.73 -30.51 -23.56
CA VAL C 21 38.79 -29.59 -23.12
C VAL C 21 38.42 -28.13 -23.38
N SER C 22 37.40 -27.93 -24.20
CA SER C 22 36.79 -26.63 -24.37
C SER C 22 35.41 -26.64 -23.72
N VAL C 23 34.99 -25.49 -23.17
CA VAL C 23 33.62 -25.34 -22.68
C VAL C 23 32.68 -25.34 -23.90
N PRO C 24 31.56 -26.09 -23.82
CA PRO C 24 30.59 -26.07 -24.93
C PRO C 24 29.92 -24.71 -25.04
N ILE C 25 29.43 -24.38 -26.22
CA ILE C 25 28.71 -23.13 -26.43
C ILE C 25 27.21 -23.38 -26.18
N TYR C 26 26.63 -22.63 -25.26
CA TYR C 26 25.21 -22.78 -24.95
C TYR C 26 24.35 -21.72 -25.65
N GLN C 27 24.10 -21.92 -26.94
CA GLN C 27 23.16 -21.09 -27.70
C GLN C 27 21.75 -21.46 -27.28
N THR C 28 21.36 -20.97 -26.11
CA THR C 28 20.10 -21.34 -25.47
C THR C 28 19.56 -20.15 -24.67
N SER C 29 18.25 -19.97 -24.67
CA SER C 29 17.64 -18.86 -23.91
C SER C 29 17.09 -19.35 -22.57
N THR C 30 16.58 -20.58 -22.55
CA THR C 30 15.93 -21.13 -21.36
C THR C 30 16.29 -22.61 -21.09
N TYR C 31 16.06 -23.04 -19.84
CA TYR C 31 16.44 -24.37 -19.37
C TYR C 31 15.25 -25.06 -18.69
N ARG C 32 15.07 -26.34 -19.00
CA ARG C 32 14.08 -27.18 -18.30
C ARG C 32 14.33 -27.19 -16.81
N GLN C 33 13.25 -27.14 -16.03
CA GLN C 33 13.35 -27.28 -14.59
C GLN C 33 12.70 -28.58 -14.14
N ASP C 34 13.24 -29.14 -13.05
CA ASP C 34 12.57 -30.22 -12.33
C ASP C 34 11.87 -29.58 -11.13
N ALA C 35 11.74 -28.25 -11.21
CA ALA C 35 11.23 -27.38 -10.14
C ALA C 35 9.74 -27.64 -9.82
N ILE C 36 8.92 -26.65 -9.41
CA ILE C 36 9.22 -25.22 -9.24
C ILE C 36 9.97 -24.93 -7.94
N GLY C 37 10.99 -24.06 -8.02
CA GLY C 37 11.81 -23.70 -6.87
C GLY C 37 13.16 -24.40 -6.87
N GLY C 41 20.34 -24.45 -10.93
CA GLY C 41 21.64 -24.15 -11.55
C GLY C 41 21.54 -23.06 -12.61
N TYR C 42 20.65 -23.28 -13.58
CA TYR C 42 20.40 -22.32 -14.65
C TYR C 42 18.91 -22.27 -14.95
N GLU C 43 18.39 -21.04 -15.07
CA GLU C 43 16.95 -20.82 -15.26
C GLU C 43 16.65 -20.03 -16.54
N TYR C 44 17.49 -19.03 -16.83
CA TYR C 44 17.29 -18.12 -17.95
C TYR C 44 18.61 -17.45 -18.32
N SER C 45 18.93 -17.44 -19.62
CA SER C 45 20.28 -17.03 -20.09
C SER C 45 20.72 -15.60 -19.78
N ARG C 46 19.77 -14.68 -19.61
CA ARG C 46 20.12 -13.31 -19.21
C ARG C 46 20.62 -13.26 -17.76
N SER C 47 20.12 -14.17 -16.93
CA SER C 47 20.48 -14.25 -15.51
C SER C 47 21.76 -15.05 -15.29
N GLY C 48 22.01 -15.99 -16.19
CA GLY C 48 23.16 -16.88 -16.10
C GLY C 48 23.16 -17.85 -17.27
N ASN C 49 24.37 -18.16 -17.74
CA ASN C 49 24.58 -19.07 -18.87
C ASN C 49 25.93 -19.77 -18.68
N PRO C 50 25.98 -21.10 -18.90
CA PRO C 50 27.21 -21.87 -18.61
C PRO C 50 28.45 -21.37 -19.37
N THR C 51 28.31 -21.10 -20.67
CA THR C 51 29.42 -20.55 -21.45
C THR C 51 29.89 -19.24 -20.85
N ARG C 52 28.95 -18.29 -20.67
CA ARG C 52 29.29 -17.01 -20.08
C ARG C 52 29.90 -17.18 -18.69
N PHE C 53 29.32 -18.07 -17.89
CA PHE C 53 29.77 -18.30 -16.52
C PHE C 53 31.23 -18.74 -16.43
N ALA C 54 31.62 -19.61 -17.36
CA ALA C 54 32.98 -20.17 -17.41
C ALA C 54 34.01 -19.06 -17.64
N LEU C 55 33.65 -18.10 -18.48
CA LEU C 55 34.49 -16.94 -18.75
C LEU C 55 34.51 -15.99 -17.56
N GLU C 56 33.35 -15.82 -16.94
CA GLU C 56 33.23 -14.98 -15.76
C GLU C 56 34.12 -15.50 -14.64
N GLU C 57 34.06 -16.81 -14.40
CA GLU C 57 34.93 -17.48 -13.41
C GLU C 57 36.40 -17.35 -13.81
N LEU C 58 36.67 -17.43 -15.11
CA LEU C 58 38.03 -17.25 -15.60
C LEU C 58 38.59 -15.87 -15.23
N ILE C 59 37.88 -14.81 -15.60
CA ILE C 59 38.40 -13.45 -15.35
C ILE C 59 38.48 -13.14 -13.85
N ALA C 60 37.48 -13.59 -13.08
CA ALA C 60 37.55 -13.52 -11.62
C ALA C 60 38.83 -14.17 -11.11
N ASP C 61 39.06 -15.40 -11.56
CA ASP C 61 40.25 -16.17 -11.23
C ASP C 61 41.56 -15.43 -11.58
N LEU C 62 41.59 -14.75 -12.73
CA LEU C 62 42.79 -14.05 -13.17
C LEU C 62 43.09 -12.78 -12.39
N GLU C 63 42.06 -12.07 -11.95
CA GLU C 63 42.25 -10.81 -11.22
C GLU C 63 42.18 -10.98 -9.71
N GLY C 64 41.84 -12.18 -9.25
CA GLY C 64 41.69 -12.45 -7.82
C GLY C 64 40.42 -11.86 -7.24
N GLY C 65 39.34 -11.89 -8.03
CA GLY C 65 38.04 -11.44 -7.58
C GLY C 65 37.19 -12.63 -7.15
N VAL C 66 36.04 -12.33 -6.54
CA VAL C 66 35.13 -13.36 -6.04
C VAL C 66 34.07 -13.74 -7.08
N LYS C 67 33.83 -12.83 -8.02
CA LYS C 67 32.91 -13.07 -9.13
C LYS C 67 33.34 -12.30 -10.37
N GLY C 68 32.91 -12.79 -11.53
CA GLY C 68 33.18 -12.12 -12.79
C GLY C 68 31.88 -11.81 -13.49
N PHE C 69 31.89 -10.78 -14.33
CA PHE C 69 30.68 -10.37 -15.05
C PHE C 69 31.02 -9.99 -16.49
N ALA C 70 30.33 -10.63 -17.44
CA ALA C 70 30.58 -10.41 -18.86
C ALA C 70 29.48 -9.57 -19.49
N PHE C 71 29.89 -8.49 -20.15
CA PHE C 71 28.95 -7.54 -20.72
C PHE C 71 29.11 -7.43 -22.23
N ALA C 72 28.04 -7.00 -22.89
CA ALA C 72 27.99 -6.81 -24.35
C ALA C 72 29.08 -5.90 -24.90
N SER C 73 29.71 -5.12 -24.03
CA SER C 73 30.80 -4.23 -24.44
C SER C 73 31.49 -3.67 -23.20
N GLY C 74 32.70 -3.14 -23.39
CA GLY C 74 33.40 -2.48 -22.30
C GLY C 74 32.48 -1.49 -21.62
N LEU C 75 31.88 -0.60 -22.41
CA LEU C 75 30.97 0.43 -21.92
C LEU C 75 29.74 -0.11 -21.19
N ALA C 76 29.17 -1.20 -21.70
CA ALA C 76 28.07 -1.88 -21.01
C ALA C 76 28.50 -2.25 -19.59
N GLY C 77 29.78 -2.57 -19.42
CA GLY C 77 30.31 -2.96 -18.13
C GLY C 77 30.49 -1.81 -17.18
N ILE C 78 31.13 -0.75 -17.66
CA ILE C 78 31.32 0.50 -16.90
C ILE C 78 29.97 1.08 -16.48
N HIS C 79 29.01 1.08 -17.41
CA HIS C 79 27.68 1.63 -17.16
C HIS C 79 26.98 0.96 -16.00
N ALA C 80 26.98 -0.37 -16.01
CA ALA C 80 26.35 -1.17 -14.95
C ALA C 80 27.07 -1.00 -13.62
N VAL C 81 28.36 -0.68 -13.70
CA VAL C 81 29.16 -0.43 -12.50
C VAL C 81 28.73 0.87 -11.83
N PHE C 82 28.38 1.86 -12.65
CA PHE C 82 27.94 3.16 -12.11
C PHE C 82 26.46 3.17 -11.77
N SER C 83 25.76 2.10 -12.16
CA SER C 83 24.37 1.92 -11.77
C SER C 83 24.28 1.56 -10.28
N LEU C 84 25.44 1.33 -9.66
CA LEU C 84 25.51 1.09 -8.22
C LEU C 84 25.14 2.34 -7.43
N LEU C 85 25.19 3.48 -8.10
CA LEU C 85 25.05 4.77 -7.42
C LEU C 85 23.68 5.40 -7.59
N GLN C 86 23.30 6.17 -6.56
CA GLN C 86 22.02 6.89 -6.55
C GLN C 86 22.23 8.27 -7.16
N SER C 87 21.16 8.86 -7.65
CA SER C 87 21.17 10.28 -8.05
C SER C 87 21.51 11.14 -6.84
N GLY C 88 22.38 12.14 -7.05
CA GLY C 88 22.85 13.00 -5.96
C GLY C 88 24.25 12.63 -5.52
N ASP C 89 24.78 11.54 -6.08
CA ASP C 89 26.12 11.07 -5.75
C ASP C 89 27.20 11.74 -6.59
N HIS C 90 28.43 11.67 -6.12
CA HIS C 90 29.55 12.35 -6.75
C HIS C 90 30.67 11.41 -7.09
N VAL C 91 31.27 11.63 -8.25
CA VAL C 91 32.35 10.79 -8.76
C VAL C 91 33.58 11.63 -9.14
N LEU C 92 34.76 11.12 -8.80
CA LEU C 92 36.02 11.76 -9.18
C LEU C 92 36.67 11.05 -10.37
N LEU C 93 36.96 11.81 -11.43
CA LEU C 93 37.47 11.26 -12.68
C LEU C 93 38.89 11.68 -13.06
N GLY C 94 39.56 10.85 -13.85
CA GLY C 94 40.84 11.20 -14.43
C GLY C 94 40.66 12.19 -15.55
N ASP C 95 41.67 13.04 -15.77
CA ASP C 95 41.58 14.10 -16.79
C ASP C 95 41.89 13.61 -18.21
N ASP C 96 42.17 12.32 -18.33
CA ASP C 96 42.41 11.69 -19.63
C ASP C 96 41.89 10.25 -19.65
N VAL C 97 40.72 10.06 -19.05
CA VAL C 97 40.03 8.77 -19.12
C VAL C 97 39.53 8.54 -20.55
N TYR C 98 39.46 7.27 -20.95
CA TYR C 98 38.96 6.88 -22.27
C TYR C 98 37.75 7.73 -22.72
N GLY C 99 37.80 8.18 -23.97
CA GLY C 99 36.80 9.11 -24.52
C GLY C 99 35.36 8.73 -24.26
N GLY C 100 35.04 7.45 -24.43
CA GLY C 100 33.68 6.93 -24.22
C GLY C 100 33.22 6.94 -22.77
N THR C 101 34.18 6.80 -21.84
CA THR C 101 33.87 6.86 -20.40
C THR C 101 33.47 8.28 -20.02
N PHE C 102 34.21 9.27 -20.52
CA PHE C 102 33.85 10.68 -20.33
C PHE C 102 32.46 10.97 -20.91
N ARG C 103 32.17 10.40 -22.09
CA ARG C 103 30.87 10.56 -22.73
C ARG C 103 29.72 9.93 -21.93
N LEU C 104 30.01 8.78 -21.28
CA LEU C 104 29.03 8.17 -20.39
C LEU C 104 28.53 9.15 -19.32
N PHE C 105 29.47 9.80 -18.65
CA PHE C 105 29.12 10.78 -17.63
C PHE C 105 28.43 12.00 -18.21
N ASN C 106 29.11 12.65 -19.15
CA ASN C 106 28.60 13.87 -19.78
C ASN C 106 27.17 13.73 -20.35
N GLN C 107 26.93 12.61 -21.04
CA GLN C 107 25.70 12.47 -21.85
C GLN C 107 24.62 11.57 -21.28
N VAL C 108 25.00 10.64 -20.40
CA VAL C 108 24.06 9.63 -19.91
C VAL C 108 23.85 9.71 -18.39
N LEU C 109 24.95 9.85 -17.65
CA LEU C 109 24.90 9.71 -16.19
C LEU C 109 24.61 11.00 -15.44
N VAL C 110 25.08 12.13 -15.97
CA VAL C 110 24.77 13.43 -15.39
C VAL C 110 23.27 13.71 -15.46
N LYS C 111 22.67 13.43 -16.61
CA LYS C 111 21.23 13.62 -16.79
C LYS C 111 20.41 12.57 -16.01
N ASN C 112 21.12 11.59 -15.47
CA ASN C 112 20.52 10.65 -14.51
C ASN C 112 20.93 10.97 -13.07
N GLY C 113 21.36 12.21 -12.86
CA GLY C 113 21.54 12.78 -11.52
C GLY C 113 22.86 12.57 -10.82
N LEU C 114 23.90 12.16 -11.55
CA LEU C 114 25.23 12.01 -10.95
C LEU C 114 26.13 13.18 -11.36
N SER C 115 27.00 13.60 -10.45
CA SER C 115 27.94 14.67 -10.73
C SER C 115 29.37 14.16 -10.70
N CYS C 116 30.22 14.74 -11.53
CA CYS C 116 31.61 14.33 -11.63
C CYS C 116 32.55 15.52 -11.49
N THR C 117 33.82 15.23 -11.21
CA THR C 117 34.85 16.25 -11.17
C THR C 117 36.17 15.68 -11.71
N ILE C 118 36.72 16.38 -12.70
CA ILE C 118 37.90 15.94 -13.41
C ILE C 118 39.16 16.45 -12.71
N ILE C 119 39.99 15.52 -12.25
CA ILE C 119 41.27 15.86 -11.63
C ILE C 119 42.39 15.01 -12.22
N ASP C 120 43.62 15.53 -12.12
CA ASP C 120 44.80 14.75 -12.49
C ASP C 120 45.06 13.71 -11.40
N THR C 121 44.79 12.45 -11.72
CA THR C 121 44.92 11.35 -10.74
C THR C 121 46.36 11.00 -10.38
N SER C 122 47.32 11.45 -11.19
CA SER C 122 48.74 11.29 -10.84
C SER C 122 49.15 12.32 -9.79
N ASP C 123 48.30 13.33 -9.58
CA ASP C 123 48.49 14.34 -8.55
C ASP C 123 47.64 13.99 -7.32
N ILE C 124 48.28 13.32 -6.36
CA ILE C 124 47.57 12.74 -5.21
C ILE C 124 46.83 13.78 -4.37
N SER C 125 47.44 14.95 -4.20
CA SER C 125 46.82 16.05 -3.47
C SER C 125 45.62 16.65 -4.19
N GLN C 126 45.60 16.56 -5.53
CA GLN C 126 44.44 17.01 -6.30
C GLN C 126 43.19 16.19 -5.99
N ILE C 127 43.37 14.90 -5.70
CA ILE C 127 42.23 14.05 -5.34
C ILE C 127 41.73 14.40 -3.94
N LYS C 128 42.66 14.68 -3.03
CA LYS C 128 42.32 15.09 -1.67
C LYS C 128 41.43 16.33 -1.70
N LYS C 129 41.94 17.37 -2.37
CA LYS C 129 41.26 18.67 -2.45
C LYS C 129 39.88 18.60 -3.10
N ALA C 130 39.66 17.62 -3.97
CA ALA C 130 38.42 17.56 -4.76
C ALA C 130 37.28 16.76 -4.12
N ILE C 131 37.54 16.14 -2.96
CA ILE C 131 36.54 15.31 -2.28
C ILE C 131 35.44 16.16 -1.63
N LYS C 132 34.19 15.79 -1.90
CA LYS C 132 33.02 16.42 -1.30
C LYS C 132 32.35 15.43 -0.33
N PRO C 133 31.24 15.90 0.37
CA PRO C 133 30.49 14.97 1.24
C PRO C 133 29.71 13.90 0.47
N ASN C 134 29.36 14.19 -0.77
CA ASN C 134 28.61 13.25 -1.60
C ASN C 134 29.48 12.44 -2.57
N THR C 135 30.79 12.65 -2.53
CA THR C 135 31.74 11.87 -3.31
C THR C 135 31.73 10.41 -2.85
N LYS C 136 31.25 9.53 -3.72
CA LYS C 136 31.12 8.11 -3.40
C LYS C 136 32.12 7.19 -4.10
N ALA C 137 32.82 7.70 -5.11
CA ALA C 137 33.77 6.88 -5.87
C ALA C 137 34.83 7.65 -6.65
N LEU C 138 36.01 7.04 -6.73
CA LEU C 138 37.12 7.51 -7.55
C LEU C 138 37.34 6.55 -8.73
N TYR C 139 37.43 7.09 -9.94
CA TYR C 139 37.59 6.28 -11.16
C TYR C 139 38.98 6.43 -11.76
N LEU C 140 39.68 5.30 -11.86
CA LEU C 140 41.07 5.28 -12.30
C LEU C 140 41.28 4.47 -13.58
N GLU C 141 42.16 4.99 -14.43
CA GLU C 141 42.59 4.33 -15.66
C GLU C 141 44.10 4.51 -15.75
N THR C 142 44.84 3.41 -15.61
CA THR C 142 46.30 3.44 -15.70
C THR C 142 46.89 2.15 -16.32
N PRO C 143 47.83 2.31 -17.28
CA PRO C 143 48.24 3.58 -17.89
C PRO C 143 47.10 4.22 -18.69
N SER C 144 47.21 5.53 -18.90
CA SER C 144 46.15 6.33 -19.50
C SER C 144 46.04 6.20 -21.03
N ASN C 145 44.81 6.31 -21.53
CA ASN C 145 44.56 6.46 -22.96
C ASN C 145 44.33 7.95 -23.24
N PRO C 146 45.10 8.55 -24.18
CA PRO C 146 46.14 8.05 -25.08
C PRO C 146 47.58 8.43 -24.68
N LEU C 147 47.73 9.11 -23.55
CA LEU C 147 49.03 9.65 -23.15
C LEU C 147 49.81 8.72 -22.22
N LEU C 148 49.17 7.61 -21.85
CA LEU C 148 49.80 6.54 -21.04
C LEU C 148 50.38 7.04 -19.74
N LYS C 149 49.61 7.88 -19.07
CA LYS C 149 50.02 8.54 -17.84
C LYS C 149 49.81 7.54 -16.70
N ILE C 150 50.75 7.52 -15.75
CA ILE C 150 50.70 6.51 -14.71
C ILE C 150 50.17 7.08 -13.39
N THR C 151 49.37 6.27 -12.69
CA THR C 151 48.71 6.68 -11.46
C THR C 151 48.97 5.66 -10.35
N ASP C 152 49.40 6.15 -9.18
CA ASP C 152 49.70 5.26 -8.06
C ASP C 152 48.45 4.63 -7.46
N LEU C 153 48.24 3.36 -7.79
CA LEU C 153 47.03 2.64 -7.42
C LEU C 153 46.92 2.35 -5.93
N ALA C 154 48.04 2.03 -5.28
CA ALA C 154 48.04 1.79 -3.84
C ALA C 154 47.71 3.06 -3.07
N GLN C 155 48.43 4.14 -3.39
CA GLN C 155 48.20 5.46 -2.80
C GLN C 155 46.75 5.94 -2.99
N CYS C 156 46.28 5.88 -4.23
CA CYS C 156 44.95 6.38 -4.56
C CYS C 156 43.85 5.61 -3.82
N ALA C 157 43.97 4.28 -3.83
CA ALA C 157 43.03 3.42 -3.09
C ALA C 157 43.15 3.60 -1.58
N SER C 158 44.35 3.94 -1.11
CA SER C 158 44.60 4.22 0.31
C SER C 158 43.81 5.44 0.77
N VAL C 159 43.99 6.57 0.06
CA VAL C 159 43.23 7.80 0.29
C VAL C 159 41.73 7.56 0.09
N ALA C 160 41.40 6.74 -0.91
CA ALA C 160 40.00 6.41 -1.20
C ALA C 160 39.36 5.61 -0.07
N LYS C 161 40.08 4.62 0.43
CA LYS C 161 39.57 3.70 1.47
C LYS C 161 39.28 4.42 2.79
N ASP C 162 40.12 5.39 3.16
CA ASP C 162 39.91 6.11 4.42
C ASP C 162 39.01 7.35 4.31
N HIS C 163 38.31 7.46 3.17
CA HIS C 163 37.06 8.21 3.08
C HIS C 163 36.01 7.19 2.81
N GLY C 164 34.80 7.60 2.43
CA GLY C 164 33.74 6.62 2.14
C GLY C 164 33.70 6.14 0.69
N LEU C 165 34.88 6.04 0.07
CA LEU C 165 34.99 5.99 -1.40
C LEU C 165 35.26 4.62 -2.02
N LEU C 166 34.63 4.39 -3.18
CA LEU C 166 34.91 3.21 -4.00
C LEU C 166 36.01 3.47 -5.01
N THR C 167 36.99 2.56 -5.06
CA THR C 167 38.10 2.67 -6.00
C THR C 167 37.84 1.76 -7.20
N ILE C 168 37.48 2.37 -8.33
CA ILE C 168 37.20 1.64 -9.56
C ILE C 168 38.32 1.86 -10.56
N VAL C 169 38.83 0.75 -11.12
CA VAL C 169 39.95 0.85 -12.06
C VAL C 169 39.65 0.15 -13.38
N ASP C 170 39.87 0.90 -14.47
CA ASP C 170 39.87 0.33 -15.81
C ASP C 170 41.27 -0.21 -16.03
N ASN C 171 41.36 -1.52 -16.21
CA ASN C 171 42.65 -2.18 -16.35
C ASN C 171 42.83 -2.73 -17.77
N THR C 172 42.18 -2.09 -18.73
CA THR C 172 42.17 -2.53 -20.10
C THR C 172 43.55 -2.59 -20.72
N PHE C 173 44.33 -1.53 -20.57
CA PHE C 173 45.67 -1.48 -21.16
C PHE C 173 46.68 -2.46 -20.63
N ALA C 174 46.68 -2.71 -19.33
CA ALA C 174 47.64 -3.60 -18.76
C ALA C 174 47.17 -5.01 -18.59
N THR C 175 45.89 -5.27 -18.74
CA THR C 175 45.38 -6.63 -18.66
C THR C 175 45.73 -7.20 -17.35
N PRO C 176 45.31 -8.42 -17.10
CA PRO C 176 45.57 -9.04 -15.82
C PRO C 176 46.94 -9.67 -15.80
N TYR C 177 47.63 -9.64 -16.92
CA TYR C 177 48.87 -10.31 -17.06
C TYR C 177 49.94 -9.41 -16.54
N TYR C 178 49.69 -8.13 -16.53
CA TYR C 178 50.71 -7.15 -16.17
C TYR C 178 50.35 -6.28 -14.97
N GLN C 179 49.08 -6.29 -14.57
CA GLN C 179 48.62 -5.47 -13.46
C GLN C 179 47.35 -6.05 -12.82
N ASN C 180 47.32 -6.03 -11.50
CA ASN C 180 46.19 -6.53 -10.75
C ASN C 180 45.75 -5.53 -9.69
N PRO C 181 44.92 -4.54 -10.10
CA PRO C 181 44.49 -3.45 -9.21
C PRO C 181 43.83 -3.91 -7.92
N LEU C 182 43.09 -5.02 -7.96
CA LEU C 182 42.48 -5.59 -6.75
C LEU C 182 43.53 -5.88 -5.68
N LEU C 183 44.63 -6.52 -6.07
CA LEU C 183 45.73 -6.77 -5.14
C LEU C 183 46.45 -5.49 -4.70
N LEU C 184 46.00 -4.34 -5.23
CA LEU C 184 46.61 -3.06 -4.89
C LEU C 184 45.66 -2.09 -4.17
N GLY C 185 44.48 -2.59 -3.81
CA GLY C 185 43.52 -1.81 -3.02
C GLY C 185 42.22 -1.42 -3.71
N ALA C 186 42.13 -1.67 -5.02
CA ALA C 186 40.91 -1.37 -5.77
C ALA C 186 39.74 -2.25 -5.33
N ASP C 187 38.52 -1.78 -5.57
CA ASP C 187 37.29 -2.49 -5.20
C ASP C 187 36.68 -3.17 -6.42
N ILE C 188 36.69 -2.45 -7.54
CA ILE C 188 36.11 -2.93 -8.78
C ILE C 188 37.14 -2.76 -9.90
N VAL C 189 37.16 -3.73 -10.80
CA VAL C 189 38.07 -3.73 -11.92
C VAL C 189 37.26 -3.98 -13.18
N ALA C 190 37.49 -3.13 -14.20
CA ALA C 190 36.77 -3.22 -15.46
C ALA C 190 37.73 -3.32 -16.64
N HIS C 191 37.38 -4.16 -17.61
CA HIS C 191 38.12 -4.27 -18.86
C HIS C 191 37.22 -4.07 -20.04
N SER C 192 37.79 -3.58 -21.12
CA SER C 192 37.22 -3.82 -22.44
C SER C 192 37.83 -5.12 -22.95
N GLY C 193 37.00 -6.15 -23.07
CA GLY C 193 37.44 -7.46 -23.56
C GLY C 193 37.64 -7.44 -25.06
N THR C 194 37.18 -6.35 -25.68
CA THR C 194 37.31 -6.10 -27.11
C THR C 194 38.78 -5.95 -27.50
N LYS C 195 39.59 -5.55 -26.51
CA LYS C 195 40.99 -5.17 -26.70
C LYS C 195 41.95 -6.35 -26.62
N TYR C 196 42.75 -6.38 -25.56
CA TYR C 196 43.80 -7.39 -25.39
C TYR C 196 43.28 -8.78 -25.02
N LEU C 197 42.19 -8.85 -24.26
CA LEU C 197 41.71 -10.13 -23.79
C LEU C 197 41.22 -11.02 -24.93
N GLY C 198 40.43 -10.45 -25.82
CA GLY C 198 40.04 -11.11 -27.06
C GLY C 198 41.26 -11.23 -27.96
N GLY C 199 41.94 -10.12 -28.16
CA GLY C 199 43.24 -10.08 -28.84
C GLY C 199 43.24 -10.27 -30.35
N HIS C 200 42.10 -10.68 -30.91
CA HIS C 200 42.04 -10.96 -32.34
C HIS C 200 41.10 -10.03 -33.07
N SER C 201 40.93 -8.84 -32.52
CA SER C 201 40.01 -7.82 -33.05
C SER C 201 38.71 -8.36 -33.65
N ASP C 202 38.12 -9.37 -33.02
CA ASP C 202 36.93 -10.02 -33.56
C ASP C 202 35.74 -10.13 -32.58
N VAL C 203 35.91 -9.63 -31.37
CA VAL C 203 34.88 -9.70 -30.33
C VAL C 203 34.69 -8.32 -29.72
N VAL C 204 33.44 -7.93 -29.49
CA VAL C 204 33.15 -6.75 -28.66
C VAL C 204 32.61 -7.27 -27.32
N ALA C 205 33.20 -6.82 -26.22
CA ALA C 205 32.93 -7.46 -24.94
C ALA C 205 33.44 -6.63 -23.77
N GLY C 206 32.72 -6.72 -22.65
CA GLY C 206 33.18 -6.11 -21.40
C GLY C 206 33.38 -7.17 -20.36
N LEU C 207 34.28 -6.91 -19.42
CA LEU C 207 34.47 -7.77 -18.26
C LEU C 207 34.67 -6.93 -17.02
N VAL C 208 33.93 -7.27 -15.98
CA VAL C 208 34.07 -6.64 -14.68
C VAL C 208 34.22 -7.75 -13.64
N THR C 209 34.99 -7.45 -12.59
CA THR C 209 35.17 -8.36 -11.46
C THR C 209 35.39 -7.56 -10.19
N THR C 210 35.19 -8.18 -9.02
CA THR C 210 35.36 -7.48 -7.75
C THR C 210 35.86 -8.33 -6.57
N ASN C 211 36.60 -7.65 -5.70
CA ASN C 211 37.04 -8.14 -4.38
C ASN C 211 35.92 -8.51 -3.44
N ASN C 212 34.78 -7.84 -3.61
CA ASN C 212 33.79 -7.72 -2.55
C ASN C 212 32.50 -8.49 -2.83
N GLU C 213 32.12 -9.34 -1.87
CA GLU C 213 30.94 -10.20 -2.01
C GLU C 213 29.64 -9.41 -2.21
N ALA C 214 29.44 -8.35 -1.42
CA ALA C 214 28.25 -7.51 -1.51
C ALA C 214 28.22 -6.67 -2.80
N LEU C 215 29.34 -6.01 -3.11
CA LEU C 215 29.53 -5.35 -4.41
C LEU C 215 29.23 -6.29 -5.59
N ALA C 216 29.60 -7.57 -5.43
CA ALA C 216 29.31 -8.59 -6.45
C ALA C 216 27.82 -8.77 -6.69
N GLN C 217 27.02 -8.72 -5.61
CA GLN C 217 25.57 -8.86 -5.70
C GLN C 217 24.93 -7.70 -6.46
N GLU C 218 25.42 -6.49 -6.18
CA GLU C 218 24.93 -5.29 -6.86
C GLU C 218 25.18 -5.35 -8.37
N ILE C 219 26.43 -5.55 -8.78
CA ILE C 219 26.77 -5.72 -10.20
C ILE C 219 25.96 -6.86 -10.81
N ALA C 220 25.87 -7.99 -10.11
CA ALA C 220 25.04 -9.11 -10.53
C ALA C 220 23.59 -8.67 -10.75
N PHE C 221 23.10 -7.79 -9.88
CA PHE C 221 21.74 -7.27 -9.99
C PHE C 221 21.55 -6.46 -11.27
N PHE C 222 22.46 -5.51 -11.52
CA PHE C 222 22.34 -4.61 -12.66
C PHE C 222 22.77 -5.24 -13.99
N GLN C 223 23.59 -6.29 -13.93
CA GLN C 223 23.88 -7.09 -15.12
C GLN C 223 22.58 -7.73 -15.59
N ASN C 224 21.89 -8.39 -14.67
CA ASN C 224 20.62 -9.06 -14.97
C ASN C 224 19.46 -8.09 -15.22
N ALA C 225 19.44 -6.97 -14.48
CA ALA C 225 18.31 -6.03 -14.53
C ALA C 225 18.34 -5.10 -15.72
N ILE C 226 19.53 -4.64 -16.11
CA ILE C 226 19.69 -3.80 -17.29
C ILE C 226 19.85 -4.67 -18.55
N GLY C 227 20.37 -5.88 -18.38
CA GLY C 227 20.39 -6.88 -19.46
C GLY C 227 21.38 -6.70 -20.60
N GLY C 228 22.49 -6.00 -20.34
CA GLY C 228 23.54 -5.85 -21.36
C GLY C 228 24.59 -6.94 -21.26
N VAL C 229 24.16 -8.19 -21.47
CA VAL C 229 25.00 -9.38 -21.27
C VAL C 229 25.72 -9.85 -22.54
N LEU C 230 26.92 -10.39 -22.35
CA LEU C 230 27.65 -11.00 -23.43
C LEU C 230 26.96 -12.30 -23.81
N GLY C 231 26.87 -12.57 -25.11
CA GLY C 231 26.28 -13.80 -25.61
C GLY C 231 27.24 -14.96 -25.45
N PRO C 232 26.73 -16.21 -25.52
CA PRO C 232 27.56 -17.41 -25.33
C PRO C 232 28.69 -17.55 -26.36
N GLN C 233 28.38 -17.28 -27.63
CA GLN C 233 29.39 -17.31 -28.70
C GLN C 233 30.54 -16.31 -28.45
N ASP C 234 30.20 -15.05 -28.15
CA ASP C 234 31.22 -14.04 -27.84
C ASP C 234 31.97 -14.37 -26.56
N SER C 235 31.27 -14.87 -25.55
CA SER C 235 31.91 -15.35 -24.32
C SER C 235 32.96 -16.42 -24.65
N TRP C 236 32.55 -17.44 -25.41
CA TRP C 236 33.41 -18.54 -25.79
C TRP C 236 34.64 -18.08 -26.52
N LEU C 237 34.46 -17.22 -27.51
CA LEU C 237 35.56 -16.68 -28.32
C LEU C 237 36.49 -15.81 -27.50
N LEU C 238 35.94 -15.05 -26.58
CA LEU C 238 36.72 -14.20 -25.69
C LEU C 238 37.58 -15.10 -24.79
N GLN C 239 36.98 -16.17 -24.27
CA GLN C 239 37.73 -17.15 -23.48
C GLN C 239 38.90 -17.73 -24.29
N ARG C 240 38.61 -18.18 -25.51
CA ARG C 240 39.63 -18.71 -26.42
C ARG C 240 40.79 -17.71 -26.64
N GLY C 241 40.44 -16.46 -26.88
CA GLY C 241 41.44 -15.39 -26.98
C GLY C 241 42.34 -15.30 -25.77
N ILE C 242 41.73 -15.36 -24.58
CA ILE C 242 42.45 -15.24 -23.32
C ILE C 242 43.54 -16.31 -23.14
N LYS C 243 43.32 -17.50 -23.67
CA LYS C 243 44.31 -18.58 -23.61
C LYS C 243 45.72 -18.18 -24.10
N THR C 244 45.77 -17.36 -25.15
CA THR C 244 47.05 -16.86 -25.66
C THR C 244 47.45 -15.49 -25.11
N LEU C 245 46.64 -14.94 -24.21
CA LEU C 245 46.93 -13.64 -23.60
C LEU C 245 48.39 -13.48 -23.17
N GLY C 246 48.90 -14.48 -22.45
CA GLY C 246 50.26 -14.44 -21.92
C GLY C 246 51.29 -14.26 -23.00
N LEU C 247 51.27 -15.16 -23.98
CA LEU C 247 52.22 -15.14 -25.08
C LEU C 247 52.11 -13.84 -25.87
N ARG C 248 50.88 -13.45 -26.18
CA ARG C 248 50.60 -12.21 -26.92
C ARG C 248 51.17 -10.98 -26.22
N MET C 249 50.88 -10.82 -24.93
CA MET C 249 51.36 -9.64 -24.18
C MET C 249 52.88 -9.53 -24.21
N GLU C 250 53.59 -10.66 -24.17
CA GLU C 250 55.05 -10.67 -24.28
C GLU C 250 55.51 -10.14 -25.64
N ALA C 251 54.89 -10.64 -26.71
CA ALA C 251 55.18 -10.16 -28.05
C ALA C 251 54.85 -8.68 -28.18
N HIS C 252 53.66 -8.32 -27.68
CA HIS C 252 53.24 -6.91 -27.62
C HIS C 252 54.27 -6.05 -26.96
N GLN C 253 54.76 -6.47 -25.80
CA GLN C 253 55.78 -5.71 -25.05
C GLN C 253 57.12 -5.68 -25.76
N LYS C 254 57.52 -6.80 -26.34
CA LYS C 254 58.81 -6.89 -27.03
C LYS C 254 58.83 -5.93 -28.22
N ASN C 255 57.77 -5.97 -29.02
CA ASN C 255 57.61 -5.10 -30.17
C ASN C 255 57.49 -3.62 -29.79
N ALA C 256 56.60 -3.33 -28.84
CA ALA C 256 56.37 -1.96 -28.38
C ALA C 256 57.65 -1.31 -27.84
N LEU C 257 58.37 -2.04 -27.00
CA LEU C 257 59.70 -1.61 -26.56
C LEU C 257 60.58 -1.22 -27.73
N CYS C 258 60.65 -2.10 -28.73
CA CYS C 258 61.50 -1.92 -29.90
C CYS C 258 61.09 -0.66 -30.67
N VAL C 259 59.79 -0.53 -30.92
CA VAL C 259 59.21 0.62 -31.63
C VAL C 259 59.44 1.95 -30.88
N ALA C 260 59.22 1.93 -29.56
CA ALA C 260 59.41 3.13 -28.74
C ALA C 260 60.85 3.61 -28.82
N GLU C 261 61.80 2.68 -28.73
CA GLU C 261 63.23 3.00 -28.84
C GLU C 261 63.61 3.46 -30.26
N PHE C 262 62.80 3.12 -31.25
CA PHE C 262 63.02 3.59 -32.61
C PHE C 262 62.49 5.01 -32.81
N LEU C 263 61.25 5.23 -32.35
CA LEU C 263 60.58 6.51 -32.48
C LEU C 263 61.26 7.60 -31.67
N GLU C 264 61.76 7.25 -30.49
CA GLU C 264 62.46 8.22 -29.64
C GLU C 264 63.75 8.69 -30.29
N LYS C 265 64.46 7.78 -30.95
CA LYS C 265 65.72 8.13 -31.60
C LYS C 265 65.53 8.74 -32.99
N HIS C 266 64.27 8.92 -33.39
CA HIS C 266 63.95 9.40 -34.73
C HIS C 266 63.96 10.90 -34.85
N PRO C 267 64.61 11.43 -35.91
CA PRO C 267 64.73 12.88 -36.15
C PRO C 267 63.40 13.64 -36.14
N LYS C 268 62.37 13.08 -36.79
CA LYS C 268 61.11 13.81 -36.96
C LYS C 268 60.16 13.72 -35.73
N VAL C 269 60.58 13.00 -34.70
CA VAL C 269 59.75 12.76 -33.51
C VAL C 269 60.15 13.63 -32.29
N GLU C 270 59.14 14.14 -31.58
CA GLU C 270 59.34 15.05 -30.43
C GLU C 270 59.33 14.33 -29.07
N ARG C 271 58.21 13.68 -28.75
CA ARG C 271 58.06 12.93 -27.50
C ARG C 271 57.45 11.57 -27.79
N VAL C 272 57.86 10.57 -27.02
CA VAL C 272 57.20 9.26 -27.07
C VAL C 272 56.59 8.96 -25.71
N TYR C 273 55.30 8.64 -25.72
CA TYR C 273 54.61 8.22 -24.51
C TYR C 273 54.54 6.71 -24.50
N TYR C 274 55.36 6.10 -23.65
CA TYR C 274 55.34 4.66 -23.42
C TYR C 274 55.90 4.34 -22.02
N PRO C 275 55.11 3.65 -21.19
CA PRO C 275 55.49 3.39 -19.79
C PRO C 275 56.84 2.69 -19.62
N GLY C 276 57.24 1.91 -20.63
CA GLY C 276 58.50 1.16 -20.58
C GLY C 276 59.77 1.94 -20.89
N LEU C 277 59.61 3.18 -21.34
CA LEU C 277 60.75 4.04 -21.60
C LEU C 277 61.26 4.66 -20.31
N PRO C 278 62.56 4.45 -19.97
CA PRO C 278 63.16 4.98 -18.75
C PRO C 278 62.85 6.46 -18.49
N THR C 279 62.73 7.23 -19.56
CA THR C 279 62.50 8.68 -19.49
C THR C 279 61.03 9.04 -19.29
N HIS C 280 60.21 8.04 -18.93
CA HIS C 280 58.78 8.28 -18.77
C HIS C 280 58.47 8.83 -17.41
N PRO C 281 57.59 9.85 -17.34
CA PRO C 281 57.13 10.32 -16.04
C PRO C 281 56.57 9.15 -15.25
N ASN C 282 57.10 8.94 -14.05
CA ASN C 282 56.73 7.81 -13.18
C ASN C 282 57.18 6.43 -13.69
N TYR C 283 58.30 6.41 -14.42
CA TYR C 283 58.85 5.16 -14.93
C TYR C 283 59.08 4.11 -13.85
N GLU C 284 59.65 4.55 -12.72
CA GLU C 284 59.90 3.68 -11.57
C GLU C 284 58.59 3.16 -10.95
N LEU C 285 57.57 4.02 -10.95
CA LEU C 285 56.26 3.66 -10.42
C LEU C 285 55.59 2.58 -11.26
N ALA C 286 55.81 2.65 -12.58
CA ALA C 286 55.34 1.64 -13.52
C ALA C 286 55.94 0.28 -13.17
N LYS C 287 57.28 0.22 -13.12
CA LYS C 287 58.00 -0.98 -12.69
C LYS C 287 57.48 -1.51 -11.35
N LYS C 288 57.07 -0.59 -10.47
CA LYS C 288 56.59 -0.97 -9.15
C LYS C 288 55.24 -1.71 -9.20
N GLN C 289 54.25 -1.11 -9.86
CA GLN C 289 52.89 -1.68 -9.85
C GLN C 289 52.52 -2.56 -11.06
N MET C 290 53.44 -2.67 -12.02
CA MET C 290 53.21 -3.47 -13.22
C MET C 290 54.32 -4.48 -13.49
N ARG C 291 53.96 -5.68 -13.93
CA ARG C 291 54.92 -6.72 -14.27
C ARG C 291 55.43 -6.58 -15.69
N GLY C 292 55.07 -5.47 -16.33
CA GLY C 292 55.42 -5.20 -17.70
C GLY C 292 54.53 -4.12 -18.29
N PHE C 293 54.88 -3.68 -19.48
CA PHE C 293 54.16 -2.64 -20.18
C PHE C 293 53.54 -3.30 -21.40
N SER C 294 52.39 -2.82 -21.85
CA SER C 294 51.69 -3.47 -22.96
C SER C 294 52.29 -3.09 -24.31
N GLY C 295 51.43 -2.96 -25.33
CA GLY C 295 51.88 -2.60 -26.66
C GLY C 295 51.39 -1.23 -27.07
N MET C 296 50.80 -0.50 -26.12
CA MET C 296 50.24 0.83 -26.36
C MET C 296 51.25 1.95 -26.17
N LEU C 297 51.36 2.79 -27.19
CA LEU C 297 52.22 3.96 -27.11
C LEU C 297 51.65 5.00 -28.04
N SER C 298 51.96 6.26 -27.75
CA SER C 298 51.65 7.33 -28.68
C SER C 298 52.85 8.25 -28.73
N PHE C 299 52.93 9.03 -29.79
CA PHE C 299 54.05 9.93 -29.98
C PHE C 299 53.58 11.17 -30.71
N THR C 300 54.29 12.27 -30.45
CA THR C 300 53.98 13.55 -31.05
C THR C 300 55.12 13.87 -32.00
N LEU C 301 54.80 14.23 -33.25
CA LEU C 301 55.89 14.49 -34.19
C LEU C 301 56.16 15.97 -34.38
N LYS C 302 57.43 16.35 -34.21
CA LYS C 302 57.90 17.74 -34.23
C LYS C 302 57.06 18.73 -35.04
N ASN C 303 56.71 18.37 -36.28
CA ASN C 303 55.81 19.21 -37.09
C ASN C 303 54.38 18.64 -37.14
N ASP C 304 53.48 19.27 -36.38
CA ASP C 304 52.11 18.78 -36.20
C ASP C 304 51.27 18.58 -37.46
N SER C 305 51.48 19.43 -38.47
CA SER C 305 50.66 19.42 -39.68
C SER C 305 50.87 18.17 -40.55
N GLU C 306 51.88 17.37 -40.23
CA GLU C 306 52.25 16.21 -41.03
C GLU C 306 51.69 14.89 -40.50
N ALA C 307 50.92 14.97 -39.41
CA ALA C 307 50.42 13.78 -38.72
C ALA C 307 49.47 12.92 -39.56
N VAL C 308 48.57 13.57 -40.29
CA VAL C 308 47.61 12.87 -41.15
C VAL C 308 48.34 12.12 -42.27
N ALA C 309 49.18 12.84 -43.01
CA ALA C 309 49.99 12.25 -44.09
C ALA C 309 50.84 11.08 -43.62
N PHE C 310 51.39 11.18 -42.40
CA PHE C 310 52.16 10.08 -41.83
C PHE C 310 51.27 8.86 -41.65
N VAL C 311 50.13 9.07 -41.00
CA VAL C 311 49.22 7.98 -40.67
C VAL C 311 48.66 7.32 -41.94
N GLU C 312 48.39 8.13 -42.95
CA GLU C 312 47.77 7.67 -44.20
C GLU C 312 48.73 6.99 -45.17
N SER C 313 50.02 6.99 -44.85
CA SER C 313 51.00 6.35 -45.72
C SER C 313 51.65 5.11 -45.10
N LEU C 314 51.20 4.74 -43.91
CA LEU C 314 51.59 3.46 -43.31
C LEU C 314 50.91 2.33 -44.08
N LYS C 315 51.66 1.27 -44.35
CA LYS C 315 51.17 0.15 -45.15
C LYS C 315 50.92 -1.12 -44.34
N LEU C 316 51.64 -1.26 -43.23
CA LEU C 316 51.42 -2.40 -42.34
C LEU C 316 50.38 -2.08 -41.25
N PHE C 317 50.68 -1.11 -40.38
CA PHE C 317 49.70 -0.65 -39.38
C PHE C 317 48.37 -0.35 -40.07
N ILE C 318 47.29 -0.91 -39.53
CA ILE C 318 45.97 -0.65 -40.08
C ILE C 318 45.39 0.60 -39.44
N LEU C 319 45.10 1.59 -40.28
CA LEU C 319 44.42 2.80 -39.84
C LEU C 319 43.00 2.42 -39.45
N GLY C 320 42.68 2.56 -38.17
CA GLY C 320 41.41 2.07 -37.67
C GLY C 320 41.12 2.48 -36.23
N GLU C 321 39.95 2.11 -35.74
CA GLU C 321 39.39 2.72 -34.54
C GLU C 321 39.84 2.08 -33.23
N SER C 322 40.13 0.79 -33.24
CA SER C 322 40.32 0.08 -31.97
C SER C 322 41.79 -0.10 -31.54
N LEU C 323 42.03 -1.08 -30.66
CA LEU C 323 43.37 -1.39 -30.16
C LEU C 323 43.44 -2.79 -29.55
N GLY C 324 44.65 -3.28 -29.34
CA GLY C 324 44.89 -4.49 -28.56
C GLY C 324 44.86 -5.80 -29.33
N GLY C 325 44.77 -5.71 -30.65
CA GLY C 325 44.71 -6.89 -31.50
C GLY C 325 46.07 -7.41 -31.92
N VAL C 326 46.07 -8.60 -32.53
CA VAL C 326 47.31 -9.18 -33.06
C VAL C 326 47.86 -8.33 -34.20
N GLU C 327 46.95 -7.70 -34.95
CA GLU C 327 47.33 -6.74 -35.99
C GLU C 327 47.59 -5.36 -35.41
N SER C 328 48.63 -4.71 -35.91
CA SER C 328 49.02 -3.38 -35.48
C SER C 328 48.03 -2.34 -35.97
N LEU C 329 47.61 -1.46 -35.06
CA LEU C 329 46.65 -0.42 -35.39
C LEU C 329 47.24 0.96 -35.15
N VAL C 330 46.77 1.93 -35.92
CA VAL C 330 47.18 3.32 -35.75
C VAL C 330 45.97 4.25 -35.79
N GLY C 331 45.98 5.28 -34.94
CA GLY C 331 44.96 6.31 -34.98
C GLY C 331 45.51 7.68 -34.61
N ILE C 332 44.76 8.72 -34.97
CA ILE C 332 45.01 10.06 -34.44
C ILE C 332 43.88 10.37 -33.47
N PRO C 333 44.15 10.27 -32.15
CA PRO C 333 43.15 10.47 -31.10
C PRO C 333 42.27 11.70 -31.31
N ALA C 334 42.88 12.84 -31.64
CA ALA C 334 42.16 14.08 -31.90
C ALA C 334 40.95 13.89 -32.83
N PHE C 335 41.13 13.09 -33.89
CA PHE C 335 40.09 12.92 -34.90
C PHE C 335 39.28 11.63 -34.77
N MET C 336 39.61 10.79 -33.81
CA MET C 336 38.88 9.53 -33.64
C MET C 336 38.27 9.44 -32.24
N THR C 337 38.95 8.69 -31.35
CA THR C 337 38.46 8.45 -29.98
C THR C 337 38.12 9.72 -29.16
N HIS C 338 38.43 10.90 -29.72
CA HIS C 338 38.18 12.18 -29.05
C HIS C 338 37.73 13.23 -30.04
N ALA C 349 45.33 19.69 -21.74
CA ALA C 349 45.20 18.29 -21.32
C ALA C 349 46.38 17.43 -21.80
N GLY C 350 47.06 17.89 -22.85
CA GLY C 350 48.23 17.20 -23.39
C GLY C 350 48.00 16.50 -24.72
N ILE C 351 46.79 16.65 -25.28
CA ILE C 351 46.46 16.00 -26.54
C ILE C 351 46.42 17.02 -27.70
N ARG C 352 47.44 16.94 -28.55
CA ARG C 352 47.56 17.84 -29.69
C ARG C 352 47.20 17.11 -30.96
N ASP C 353 46.44 17.83 -31.85
CA ASP C 353 46.07 17.24 -33.15
C ASP C 353 47.15 16.32 -33.76
N GLY C 354 48.42 16.70 -33.60
CA GLY C 354 49.54 15.91 -34.12
C GLY C 354 49.85 14.59 -33.43
N LEU C 355 49.22 14.33 -32.28
CA LEU C 355 49.48 13.11 -31.53
C LEU C 355 49.03 11.86 -32.28
N VAL C 356 49.92 10.87 -32.33
CA VAL C 356 49.67 9.63 -33.06
C VAL C 356 49.71 8.47 -32.08
N ARG C 357 48.68 7.63 -32.08
CA ARG C 357 48.65 6.49 -31.18
C ARG C 357 48.84 5.17 -31.91
N LEU C 358 49.82 4.40 -31.45
CA LEU C 358 50.11 3.10 -32.04
C LEU C 358 49.67 1.98 -31.12
N SER C 359 48.97 1.02 -31.72
CA SER C 359 48.73 -0.26 -31.09
C SER C 359 49.62 -1.26 -31.78
N VAL C 360 50.80 -1.47 -31.21
CA VAL C 360 51.79 -2.39 -31.77
C VAL C 360 51.28 -3.83 -31.62
N GLY C 361 51.02 -4.48 -32.77
CA GLY C 361 50.56 -5.87 -32.78
C GLY C 361 51.69 -6.86 -32.56
N ILE C 362 51.53 -8.08 -33.07
CA ILE C 362 52.54 -9.13 -32.87
C ILE C 362 53.31 -9.53 -34.13
N GLU C 363 53.33 -8.66 -35.14
CA GLU C 363 54.09 -8.91 -36.36
C GLU C 363 55.59 -8.85 -36.07
N HIS C 364 56.41 -9.09 -37.10
CA HIS C 364 57.86 -9.08 -36.95
C HIS C 364 58.36 -7.68 -36.70
N GLU C 365 59.12 -7.51 -35.63
CA GLU C 365 59.66 -6.19 -35.25
C GLU C 365 60.16 -5.39 -36.46
N GLN C 366 60.89 -6.08 -37.34
CA GLN C 366 61.50 -5.48 -38.53
C GLN C 366 60.45 -5.02 -39.54
N ASP C 367 59.36 -5.79 -39.68
CA ASP C 367 58.27 -5.40 -40.55
C ASP C 367 57.59 -4.11 -40.06
N LEU C 368 57.49 -3.97 -38.73
CA LEU C 368 56.91 -2.77 -38.12
C LEU C 368 57.82 -1.54 -38.24
N LEU C 369 59.12 -1.74 -38.00
CA LEU C 369 60.09 -0.64 -38.15
C LEU C 369 60.21 -0.17 -39.59
N GLU C 370 60.29 -1.11 -40.53
CA GLU C 370 60.41 -0.77 -41.95
C GLU C 370 59.19 0.02 -42.42
N ASP C 371 58.02 -0.30 -41.85
CA ASP C 371 56.79 0.42 -42.15
C ASP C 371 56.84 1.88 -41.69
N LEU C 372 57.31 2.10 -40.47
CA LEU C 372 57.44 3.45 -39.95
C LEU C 372 58.55 4.21 -40.70
N GLU C 373 59.66 3.53 -40.98
CA GLU C 373 60.77 4.10 -41.76
C GLU C 373 60.26 4.70 -43.06
N GLN C 374 59.49 3.92 -43.82
CA GLN C 374 59.00 4.36 -45.13
C GLN C 374 57.99 5.51 -45.05
N ALA C 375 57.21 5.52 -43.96
CA ALA C 375 56.19 6.56 -43.74
C ALA C 375 56.78 7.92 -43.36
N PHE C 376 57.90 7.90 -42.63
CA PHE C 376 58.62 9.12 -42.27
C PHE C 376 59.30 9.74 -43.49
N ALA C 377 59.71 8.87 -44.41
CA ALA C 377 60.35 9.32 -45.66
C ALA C 377 59.37 10.08 -46.55
N LYS C 378 58.09 10.05 -46.21
CA LYS C 378 57.06 10.72 -47.00
C LYS C 378 56.58 12.05 -46.40
N ILE C 379 57.25 12.52 -45.34
CA ILE C 379 56.92 13.81 -44.71
C ILE C 379 58.15 14.68 -44.47
N MET D 1 -50.41 38.33 11.23
CA MET D 1 -49.53 38.72 10.15
C MET D 1 -49.71 37.87 8.88
N ARG D 2 -50.34 38.46 7.88
CA ARG D 2 -50.49 37.85 6.56
C ARG D 2 -49.22 38.06 5.74
N MET D 3 -49.07 37.27 4.67
CA MET D 3 -47.87 37.30 3.82
C MET D 3 -47.39 38.68 3.39
N GLN D 4 -48.33 39.59 3.13
CA GLN D 4 -47.96 40.92 2.67
C GLN D 4 -47.40 41.76 3.82
N THR D 5 -47.76 41.39 5.04
CA THR D 5 -47.23 42.04 6.22
C THR D 5 -45.88 41.40 6.58
N LYS D 6 -45.80 40.09 6.40
CA LYS D 6 -44.59 39.32 6.70
C LYS D 6 -43.38 39.73 5.84
N LEU D 7 -43.64 40.11 4.59
CA LEU D 7 -42.59 40.57 3.68
C LEU D 7 -41.88 41.83 4.16
N ILE D 8 -42.46 42.47 5.17
CA ILE D 8 -42.04 43.79 5.60
C ILE D 8 -41.55 43.77 7.05
N HIS D 9 -41.98 42.77 7.81
CA HIS D 9 -41.70 42.69 9.25
C HIS D 9 -41.20 41.32 9.66
N GLY D 10 -41.08 40.42 8.68
CA GLY D 10 -40.68 39.04 8.95
C GLY D 10 -39.20 38.88 9.23
N GLY D 11 -38.83 37.69 9.70
CA GLY D 11 -37.47 37.42 10.13
C GLY D 11 -37.06 38.51 11.11
N ILE D 12 -35.99 39.21 10.77
CA ILE D 12 -35.56 40.38 11.53
C ILE D 12 -35.60 41.58 10.59
N SER D 13 -36.40 42.58 10.95
CA SER D 13 -36.59 43.76 10.09
C SER D 13 -36.17 45.06 10.79
N GLU D 14 -35.73 44.93 12.04
CA GLU D 14 -35.50 46.09 12.89
C GLU D 14 -34.31 45.89 13.82
N ASP D 15 -33.46 46.91 13.92
CA ASP D 15 -32.39 46.92 14.90
C ASP D 15 -33.01 47.10 16.28
N ALA D 16 -32.92 46.05 17.11
CA ALA D 16 -33.46 46.07 18.47
C ALA D 16 -32.90 47.24 19.28
N THR D 17 -31.59 47.24 19.46
CA THR D 17 -30.93 48.22 20.33
C THR D 17 -31.23 49.68 19.94
N THR D 18 -31.21 49.98 18.65
CA THR D 18 -31.46 51.34 18.15
C THR D 18 -32.93 51.62 17.79
N GLY D 19 -33.65 50.61 17.30
CA GLY D 19 -35.02 50.78 16.84
C GLY D 19 -35.12 51.16 15.37
N ALA D 20 -33.99 51.26 14.70
CA ALA D 20 -33.97 51.67 13.29
C ALA D 20 -34.77 50.69 12.44
N VAL D 21 -35.53 51.24 11.49
CA VAL D 21 -36.49 50.44 10.73
C VAL D 21 -35.84 49.53 9.68
N SER D 22 -34.56 49.77 9.42
CA SER D 22 -33.77 48.91 8.56
C SER D 22 -32.68 48.24 9.38
N VAL D 23 -32.37 46.99 9.06
CA VAL D 23 -31.25 46.26 9.68
C VAL D 23 -29.95 46.95 9.28
N PRO D 24 -29.09 47.29 10.27
CA PRO D 24 -27.81 47.94 10.00
C PRO D 24 -26.90 47.04 9.17
N ILE D 25 -26.10 47.63 8.29
CA ILE D 25 -25.14 46.86 7.50
C ILE D 25 -23.83 46.64 8.27
N TYR D 26 -23.57 45.39 8.64
CA TYR D 26 -22.39 45.03 9.39
C TYR D 26 -21.22 44.68 8.50
N GLN D 27 -20.47 45.70 8.06
CA GLN D 27 -19.21 45.48 7.40
C GLN D 27 -18.13 45.21 8.45
N THR D 28 -18.07 43.96 8.90
CA THR D 28 -17.09 43.59 9.91
C THR D 28 -16.69 42.13 9.74
N SER D 29 -15.39 41.87 9.84
CA SER D 29 -14.90 40.51 9.71
C SER D 29 -14.82 39.81 11.06
N THR D 30 -14.84 40.59 12.14
CA THR D 30 -14.58 40.03 13.46
C THR D 30 -15.23 40.81 14.63
N TYR D 31 -15.50 40.10 15.72
CA TYR D 31 -16.18 40.65 16.88
C TYR D 31 -15.33 40.46 18.13
N ARG D 32 -15.22 41.53 18.92
CA ARG D 32 -14.64 41.44 20.25
C ARG D 32 -15.36 40.34 21.04
N GLN D 33 -14.61 39.55 21.79
CA GLN D 33 -15.22 38.60 22.71
C GLN D 33 -15.08 39.03 24.17
N ASP D 34 -16.01 38.57 25.01
CA ASP D 34 -16.07 39.01 26.41
C ASP D 34 -15.37 38.08 27.39
N ALA D 35 -15.14 36.83 26.95
CA ALA D 35 -14.45 35.85 27.79
C ALA D 35 -13.68 34.86 26.92
N ILE D 36 -12.78 34.12 27.55
CA ILE D 36 -11.93 33.16 26.83
C ILE D 36 -12.71 31.87 26.51
N GLY D 37 -13.74 31.58 27.30
CA GLY D 37 -14.66 30.48 27.00
C GLY D 37 -15.30 30.64 25.60
N TYR D 42 -21.80 35.43 17.26
CA TYR D 42 -20.96 36.14 16.31
C TYR D 42 -19.54 36.00 16.76
N GLU D 43 -18.80 35.19 16.03
CA GLU D 43 -17.36 34.95 16.23
C GLU D 43 -16.54 35.52 15.06
N TYR D 44 -17.02 35.26 13.85
CA TYR D 44 -16.34 35.66 12.60
C TYR D 44 -17.43 35.67 11.51
N SER D 45 -17.44 36.72 10.68
CA SER D 45 -18.56 36.96 9.75
C SER D 45 -18.88 35.86 8.73
N ARG D 46 -17.86 35.05 8.37
CA ARG D 46 -18.11 33.89 7.50
C ARG D 46 -18.83 32.79 8.28
N SER D 47 -18.66 32.81 9.60
CA SER D 47 -19.39 31.91 10.50
C SER D 47 -20.75 32.51 10.88
N GLY D 48 -20.80 33.83 11.07
CA GLY D 48 -22.04 34.52 11.45
C GLY D 48 -21.97 36.04 11.33
N ASN D 49 -23.00 36.62 10.71
CA ASN D 49 -23.07 38.07 10.47
C ASN D 49 -24.52 38.55 10.63
N PRO D 50 -24.75 39.57 11.48
CA PRO D 50 -26.13 40.00 11.79
C PRO D 50 -26.96 40.47 10.59
N THR D 51 -26.36 41.20 9.64
CA THR D 51 -27.10 41.62 8.45
C THR D 51 -27.56 40.41 7.65
N ARG D 52 -26.63 39.49 7.37
CA ARG D 52 -26.95 38.28 6.63
C ARG D 52 -27.98 37.43 7.36
N PHE D 53 -27.84 37.33 8.68
CA PHE D 53 -28.74 36.55 9.52
C PHE D 53 -30.17 37.08 9.48
N ALA D 54 -30.31 38.41 9.37
CA ALA D 54 -31.63 39.02 9.19
C ALA D 54 -32.30 38.42 7.96
N LEU D 55 -31.57 38.42 6.84
CA LEU D 55 -32.06 37.86 5.58
C LEU D 55 -32.37 36.37 5.67
N GLU D 56 -31.48 35.62 6.30
CA GLU D 56 -31.68 34.19 6.49
C GLU D 56 -32.94 33.89 7.28
N GLU D 57 -33.20 34.69 8.31
CA GLU D 57 -34.42 34.53 9.10
C GLU D 57 -35.67 34.93 8.31
N LEU D 58 -35.53 35.96 7.48
CA LEU D 58 -36.62 36.42 6.62
C LEU D 58 -37.07 35.34 5.64
N ILE D 59 -36.10 34.76 4.92
CA ILE D 59 -36.40 33.71 3.96
C ILE D 59 -36.94 32.44 4.62
N ALA D 60 -36.36 32.03 5.76
CA ALA D 60 -36.91 30.92 6.55
C ALA D 60 -38.37 31.18 6.94
N ASP D 61 -38.67 32.45 7.23
CA ASP D 61 -40.00 32.91 7.60
C ASP D 61 -40.98 32.81 6.42
N LEU D 62 -40.54 33.23 5.24
CA LEU D 62 -41.40 33.21 4.06
C LEU D 62 -41.68 31.80 3.52
N GLU D 63 -40.68 30.92 3.61
CA GLU D 63 -40.84 29.57 3.09
C GLU D 63 -41.30 28.60 4.16
N GLY D 64 -41.48 29.09 5.38
CA GLY D 64 -41.87 28.25 6.50
C GLY D 64 -40.81 27.24 6.91
N GLY D 65 -39.55 27.60 6.72
CA GLY D 65 -38.44 26.75 7.14
C GLY D 65 -37.97 27.07 8.55
N VAL D 66 -37.11 26.21 9.09
CA VAL D 66 -36.59 26.39 10.46
C VAL D 66 -35.32 27.24 10.50
N LYS D 67 -34.69 27.41 9.34
CA LYS D 67 -33.46 28.19 9.19
C LYS D 67 -33.26 28.60 7.74
N GLY D 68 -32.51 29.67 7.53
CA GLY D 68 -32.19 30.15 6.19
C GLY D 68 -30.69 30.23 6.02
N PHE D 69 -30.24 30.24 4.77
CA PHE D 69 -28.82 30.30 4.45
C PHE D 69 -28.64 31.11 3.18
N ALA D 70 -27.81 32.14 3.25
CA ALA D 70 -27.56 33.01 2.12
C ALA D 70 -26.17 32.75 1.56
N PHE D 71 -26.08 32.69 0.24
CA PHE D 71 -24.84 32.33 -0.45
C PHE D 71 -24.44 33.41 -1.45
N ALA D 72 -23.18 33.35 -1.86
CA ALA D 72 -22.61 34.27 -2.83
C ALA D 72 -23.34 34.27 -4.18
N SER D 73 -24.08 33.19 -4.44
CA SER D 73 -24.79 32.98 -5.69
C SER D 73 -25.76 31.81 -5.53
N GLY D 74 -26.69 31.68 -6.47
CA GLY D 74 -27.63 30.56 -6.50
C GLY D 74 -26.93 29.21 -6.60
N LEU D 75 -25.91 29.13 -7.46
CA LEU D 75 -25.11 27.91 -7.62
C LEU D 75 -24.40 27.52 -6.33
N ALA D 76 -23.70 28.49 -5.73
CA ALA D 76 -23.04 28.30 -4.43
C ALA D 76 -23.92 27.56 -3.43
N GLY D 77 -25.20 27.90 -3.41
CA GLY D 77 -26.17 27.29 -2.50
C GLY D 77 -26.63 25.92 -2.95
N ILE D 78 -26.84 25.75 -4.25
CA ILE D 78 -27.17 24.45 -4.82
C ILE D 78 -25.97 23.49 -4.67
N HIS D 79 -24.76 24.03 -4.84
CA HIS D 79 -23.55 23.27 -4.59
C HIS D 79 -23.43 22.82 -3.16
N ALA D 80 -23.75 23.72 -2.22
CA ALA D 80 -23.66 23.41 -0.79
C ALA D 80 -24.71 22.40 -0.34
N VAL D 81 -25.89 22.45 -0.97
CA VAL D 81 -26.96 21.49 -0.68
C VAL D 81 -26.57 20.09 -1.12
N PHE D 82 -25.95 19.99 -2.30
CA PHE D 82 -25.52 18.69 -2.84
C PHE D 82 -24.29 18.10 -2.15
N SER D 83 -23.52 18.95 -1.48
CA SER D 83 -22.40 18.50 -0.66
C SER D 83 -22.84 17.66 0.54
N LEU D 84 -24.15 17.46 0.69
CA LEU D 84 -24.70 16.59 1.74
C LEU D 84 -24.52 15.11 1.43
N LEU D 85 -24.16 14.79 0.19
CA LEU D 85 -24.08 13.41 -0.28
C LEU D 85 -22.62 12.96 -0.47
N GLN D 86 -22.37 11.67 -0.24
CA GLN D 86 -21.05 11.07 -0.41
C GLN D 86 -20.91 10.47 -1.82
N SER D 87 -19.66 10.26 -2.25
CA SER D 87 -19.39 9.64 -3.55
C SER D 87 -20.00 8.23 -3.59
N GLY D 88 -20.74 7.94 -4.65
CA GLY D 88 -21.48 6.70 -4.74
C GLY D 88 -22.98 6.96 -4.77
N ASP D 89 -23.40 8.05 -4.14
CA ASP D 89 -24.82 8.47 -4.11
C ASP D 89 -25.32 8.82 -5.50
N HIS D 90 -26.61 8.59 -5.73
CA HIS D 90 -27.22 8.78 -7.05
C HIS D 90 -28.37 9.74 -6.97
N VAL D 91 -28.52 10.59 -7.98
CA VAL D 91 -29.51 11.67 -7.94
C VAL D 91 -30.42 11.69 -9.19
N LEU D 92 -31.72 11.73 -8.95
CA LEU D 92 -32.69 11.92 -10.02
C LEU D 92 -32.84 13.41 -10.32
N LEU D 93 -32.44 13.80 -11.53
CA LEU D 93 -32.46 15.20 -11.92
C LEU D 93 -33.64 15.48 -12.86
N GLY D 94 -34.01 16.76 -12.97
CA GLY D 94 -35.13 17.16 -13.83
C GLY D 94 -34.77 17.21 -15.31
N ASP D 95 -35.80 17.20 -16.16
CA ASP D 95 -35.61 17.21 -17.61
C ASP D 95 -35.07 18.53 -18.14
N ASP D 96 -35.65 19.64 -17.69
CA ASP D 96 -35.28 20.98 -18.18
C ASP D 96 -34.69 21.86 -17.07
N VAL D 97 -33.74 21.32 -16.32
CA VAL D 97 -33.06 22.05 -15.25
C VAL D 97 -32.13 23.13 -15.82
N TYR D 98 -31.90 24.18 -15.03
CA TYR D 98 -31.02 25.29 -15.41
C TYR D 98 -29.66 24.81 -15.90
N GLY D 99 -29.12 25.48 -16.91
CA GLY D 99 -27.80 25.16 -17.46
C GLY D 99 -26.77 24.86 -16.38
N GLY D 100 -26.53 25.88 -15.55
CA GLY D 100 -25.58 25.79 -14.44
C GLY D 100 -25.78 24.65 -13.44
N THR D 101 -27.04 24.29 -13.18
CA THR D 101 -27.33 23.13 -12.30
C THR D 101 -26.89 21.83 -12.96
N PHE D 102 -27.15 21.74 -14.26
CA PHE D 102 -26.64 20.66 -15.10
C PHE D 102 -25.12 20.66 -15.03
N ARG D 103 -24.50 21.70 -15.59
CA ARG D 103 -23.04 21.86 -15.57
C ARG D 103 -22.40 21.57 -14.20
N LEU D 104 -23.11 21.89 -13.12
CA LEU D 104 -22.64 21.63 -11.77
C LEU D 104 -22.46 20.13 -11.54
N PHE D 105 -23.48 19.34 -11.90
CA PHE D 105 -23.37 17.89 -11.89
C PHE D 105 -22.41 17.43 -12.97
N ASN D 106 -22.75 17.78 -14.22
CA ASN D 106 -21.94 17.50 -15.39
C ASN D 106 -20.43 17.54 -15.18
N GLN D 107 -19.94 18.54 -14.43
CA GLN D 107 -18.49 18.78 -14.39
C GLN D 107 -17.90 19.10 -13.01
N VAL D 108 -18.68 18.92 -11.95
CA VAL D 108 -18.16 19.08 -10.58
C VAL D 108 -18.63 17.93 -9.70
N LEU D 109 -19.91 17.62 -9.77
CA LEU D 109 -20.50 16.59 -8.91
C LEU D 109 -20.22 15.17 -9.43
N VAL D 110 -19.99 15.07 -10.74
CA VAL D 110 -19.57 13.80 -11.35
C VAL D 110 -18.15 13.44 -10.89
N LYS D 111 -17.30 14.46 -10.83
CA LYS D 111 -15.93 14.31 -10.31
C LYS D 111 -15.92 14.09 -8.79
N ASN D 112 -16.95 14.63 -8.12
CA ASN D 112 -17.10 14.46 -6.67
C ASN D 112 -17.65 13.08 -6.28
N GLY D 113 -17.98 12.27 -7.30
CA GLY D 113 -18.42 10.89 -7.08
C GLY D 113 -19.93 10.68 -7.09
N LEU D 114 -20.70 11.74 -7.37
CA LEU D 114 -22.14 11.61 -7.51
C LEU D 114 -22.50 11.23 -8.94
N SER D 115 -23.59 10.48 -9.10
CA SER D 115 -24.12 10.13 -10.41
C SER D 115 -25.53 10.69 -10.56
N CYS D 116 -25.90 11.03 -11.79
CA CYS D 116 -27.21 11.60 -12.06
C CYS D 116 -27.97 10.85 -13.16
N THR D 117 -29.29 10.98 -13.14
CA THR D 117 -30.14 10.41 -14.17
C THR D 117 -31.30 11.36 -14.47
N ILE D 118 -31.23 11.95 -15.66
CA ILE D 118 -32.25 12.87 -16.15
C ILE D 118 -33.54 12.10 -16.45
N ILE D 119 -34.68 12.70 -16.05
CA ILE D 119 -36.01 12.17 -16.30
C ILE D 119 -36.96 13.35 -16.48
N ASP D 120 -38.14 13.08 -17.05
CA ASP D 120 -39.19 14.08 -17.12
C ASP D 120 -39.96 14.05 -15.81
N THR D 121 -39.86 15.15 -15.05
CA THR D 121 -40.43 15.22 -13.70
C THR D 121 -41.96 15.33 -13.68
N SER D 122 -42.55 15.81 -14.78
CA SER D 122 -44.02 15.86 -14.89
C SER D 122 -44.59 14.46 -15.06
N ASP D 123 -43.76 13.53 -15.53
CA ASP D 123 -44.12 12.12 -15.64
C ASP D 123 -43.76 11.43 -14.32
N ILE D 124 -44.77 11.22 -13.48
CA ILE D 124 -44.59 10.66 -12.14
C ILE D 124 -44.14 9.20 -12.16
N SER D 125 -44.39 8.52 -13.28
CA SER D 125 -43.95 7.13 -13.45
C SER D 125 -42.52 7.04 -13.96
N GLN D 126 -42.04 8.11 -14.59
CA GLN D 126 -40.66 8.18 -15.09
C GLN D 126 -39.63 8.25 -13.98
N ILE D 127 -40.00 8.86 -12.86
CA ILE D 127 -39.13 8.91 -11.68
C ILE D 127 -39.11 7.54 -10.98
N LYS D 128 -40.30 6.95 -10.79
CA LYS D 128 -40.45 5.63 -10.16
C LYS D 128 -39.63 4.55 -10.86
N LYS D 129 -39.68 4.55 -12.19
CA LYS D 129 -38.93 3.59 -13.01
C LYS D 129 -37.41 3.78 -12.87
N ALA D 130 -36.99 4.91 -12.30
CA ALA D 130 -35.58 5.32 -12.33
C ALA D 130 -34.82 5.26 -11.00
N ILE D 131 -35.47 4.82 -9.92
CA ILE D 131 -34.79 4.70 -8.63
C ILE D 131 -33.85 3.49 -8.59
N LYS D 132 -32.55 3.77 -8.45
CA LYS D 132 -31.57 2.75 -8.12
C LYS D 132 -31.58 2.54 -6.60
N PRO D 133 -30.97 1.43 -6.11
CA PRO D 133 -30.95 1.25 -4.65
C PRO D 133 -30.00 2.24 -3.95
N ASN D 134 -29.29 3.05 -4.73
CA ASN D 134 -28.38 4.05 -4.18
C ASN D 134 -28.80 5.49 -4.51
N THR D 135 -30.04 5.64 -4.96
CA THR D 135 -30.63 6.95 -5.21
C THR D 135 -30.95 7.60 -3.87
N LYS D 136 -30.43 8.80 -3.66
CA LYS D 136 -30.58 9.48 -2.37
C LYS D 136 -31.35 10.79 -2.45
N ALA D 137 -31.49 11.35 -3.64
CA ALA D 137 -32.16 12.64 -3.80
C ALA D 137 -32.94 12.80 -5.10
N LEU D 138 -34.03 13.56 -5.00
CA LEU D 138 -34.83 13.97 -6.15
C LEU D 138 -34.79 15.50 -6.23
N TYR D 139 -34.39 16.03 -7.39
CA TYR D 139 -34.23 17.48 -7.56
C TYR D 139 -35.21 18.03 -8.60
N LEU D 140 -36.21 18.78 -8.12
CA LEU D 140 -37.26 19.32 -8.98
C LEU D 140 -37.12 20.83 -9.21
N GLU D 141 -37.67 21.33 -10.31
CA GLU D 141 -37.68 22.76 -10.62
C GLU D 141 -38.99 23.13 -11.32
N THR D 142 -39.92 23.71 -10.57
CA THR D 142 -41.26 24.00 -11.10
C THR D 142 -41.78 25.41 -10.76
N PRO D 143 -42.28 26.15 -11.77
CA PRO D 143 -42.22 25.89 -13.21
C PRO D 143 -40.79 25.89 -13.74
N SER D 144 -40.58 25.26 -14.89
CA SER D 144 -39.23 25.04 -15.41
C SER D 144 -38.77 26.09 -16.42
N ASN D 145 -37.47 26.09 -16.66
CA ASN D 145 -36.84 27.02 -17.59
C ASN D 145 -36.31 26.30 -18.84
N PRO D 146 -36.71 26.76 -20.03
CA PRO D 146 -37.88 27.60 -20.36
C PRO D 146 -39.04 26.63 -20.53
N LEU D 147 -40.06 26.97 -21.31
CA LEU D 147 -41.20 26.03 -21.48
C LEU D 147 -42.06 25.84 -20.23
N LEU D 148 -41.52 26.25 -19.08
CA LEU D 148 -42.31 26.38 -17.85
C LEU D 148 -43.20 25.16 -17.60
N LYS D 149 -42.54 23.99 -17.56
CA LYS D 149 -43.22 22.72 -17.34
C LYS D 149 -43.51 22.52 -15.85
N ILE D 150 -44.75 22.12 -15.54
CA ILE D 150 -45.20 22.00 -14.15
C ILE D 150 -45.08 20.57 -13.64
N THR D 151 -44.51 20.44 -12.43
CA THR D 151 -44.31 19.17 -11.77
C THR D 151 -45.25 19.06 -10.56
N ASP D 152 -45.55 17.84 -10.13
CA ASP D 152 -46.39 17.64 -8.96
C ASP D 152 -45.55 17.46 -7.70
N LEU D 153 -45.32 18.57 -7.01
CA LEU D 153 -44.49 18.59 -5.80
C LEU D 153 -44.98 17.60 -4.75
N ALA D 154 -46.29 17.58 -4.52
CA ALA D 154 -46.89 16.71 -3.50
C ALA D 154 -46.67 15.24 -3.82
N GLN D 155 -47.01 14.85 -5.05
CA GLN D 155 -46.85 13.47 -5.51
C GLN D 155 -45.38 13.07 -5.57
N CYS D 156 -44.54 13.99 -6.06
CA CYS D 156 -43.10 13.75 -6.12
C CYS D 156 -42.50 13.51 -4.74
N ALA D 157 -42.76 14.43 -3.81
CA ALA D 157 -42.34 14.28 -2.42
C ALA D 157 -42.86 12.98 -1.83
N SER D 158 -44.10 12.63 -2.18
CA SER D 158 -44.73 11.39 -1.72
C SER D 158 -43.93 10.17 -2.14
N VAL D 159 -43.71 10.02 -3.45
CA VAL D 159 -42.87 8.94 -3.98
C VAL D 159 -41.50 9.00 -3.32
N ALA D 160 -40.88 10.17 -3.38
CA ALA D 160 -39.59 10.40 -2.73
C ALA D 160 -39.57 9.94 -1.27
N LYS D 161 -40.67 10.18 -0.55
CA LYS D 161 -40.72 9.90 0.89
C LYS D 161 -40.74 8.43 1.28
N ASP D 162 -41.53 7.60 0.59
CA ASP D 162 -41.59 6.17 0.93
C ASP D 162 -40.36 5.36 0.48
N HIS D 163 -39.51 6.01 -0.31
CA HIS D 163 -38.12 5.59 -0.47
C HIS D 163 -37.33 6.56 0.36
N GLY D 164 -36.14 6.17 0.85
CA GLY D 164 -35.33 7.09 1.69
C GLY D 164 -34.76 8.27 0.91
N LEU D 165 -35.63 9.03 0.23
CA LEU D 165 -35.21 10.08 -0.70
C LEU D 165 -35.45 11.50 -0.19
N LEU D 166 -34.47 12.36 -0.45
CA LEU D 166 -34.57 13.78 -0.13
C LEU D 166 -35.17 14.57 -1.30
N THR D 167 -36.22 15.33 -1.01
CA THR D 167 -36.85 16.18 -2.02
C THR D 167 -36.26 17.58 -1.97
N ILE D 168 -35.64 18.00 -3.07
CA ILE D 168 -35.00 19.32 -3.15
C ILE D 168 -35.64 20.10 -4.28
N VAL D 169 -36.18 21.27 -3.97
CA VAL D 169 -36.93 22.05 -4.95
C VAL D 169 -36.32 23.42 -5.19
N ASP D 170 -36.09 23.72 -6.46
CA ASP D 170 -35.70 25.06 -6.87
C ASP D 170 -36.97 25.86 -7.08
N ASN D 171 -37.22 26.81 -6.19
CA ASN D 171 -38.45 27.59 -6.28
C ASN D 171 -38.22 29.03 -6.72
N THR D 172 -37.32 29.23 -7.68
CA THR D 172 -36.94 30.57 -8.13
C THR D 172 -38.03 31.29 -8.93
N PHE D 173 -38.61 30.61 -9.92
CA PHE D 173 -39.58 31.22 -10.83
C PHE D 173 -40.87 31.64 -10.12
N ALA D 174 -41.49 30.67 -9.42
CA ALA D 174 -42.53 31.01 -8.47
C ALA D 174 -41.77 31.42 -7.23
N THR D 175 -42.11 32.55 -6.64
CA THR D 175 -41.36 32.97 -5.45
C THR D 175 -42.00 32.33 -4.22
N PRO D 176 -41.47 32.59 -3.01
CA PRO D 176 -42.19 32.10 -1.83
C PRO D 176 -43.58 32.71 -1.77
N TYR D 177 -43.79 33.77 -2.56
CA TYR D 177 -45.06 34.47 -2.61
C TYR D 177 -46.15 33.69 -3.34
N TYR D 178 -45.75 32.75 -4.20
CA TYR D 178 -46.71 31.98 -5.00
C TYR D 178 -46.67 30.48 -4.76
N GLN D 179 -45.53 29.98 -4.30
CA GLN D 179 -45.33 28.56 -4.09
C GLN D 179 -44.50 28.33 -2.84
N ASN D 180 -44.86 27.30 -2.07
CA ASN D 180 -44.17 26.98 -0.84
C ASN D 180 -44.01 25.46 -0.74
N PRO D 181 -43.00 24.92 -1.45
CA PRO D 181 -42.70 23.49 -1.55
C PRO D 181 -42.54 22.76 -0.22
N LEU D 182 -42.15 23.51 0.84
CA LEU D 182 -41.98 22.86 2.15
C LEU D 182 -43.34 22.45 2.73
N LEU D 183 -44.38 23.24 2.39
CA LEU D 183 -45.76 22.84 2.88
C LEU D 183 -46.39 21.73 2.06
N LEU D 184 -45.64 21.20 1.09
CA LEU D 184 -46.14 20.14 0.22
C LEU D 184 -45.41 18.84 0.44
N GLY D 185 -44.32 18.91 1.21
CA GLY D 185 -43.55 17.71 1.55
C GLY D 185 -42.10 17.75 1.12
N ALA D 186 -41.67 18.82 0.44
CA ALA D 186 -40.26 18.99 0.10
C ALA D 186 -39.44 19.20 1.37
N ASP D 187 -38.15 18.88 1.30
CA ASP D 187 -37.27 18.97 2.46
C ASP D 187 -36.32 20.17 2.40
N ILE D 188 -36.07 20.65 1.18
CA ILE D 188 -35.15 21.77 0.97
C ILE D 188 -35.63 22.58 -0.22
N VAL D 189 -35.61 23.90 -0.05
CA VAL D 189 -35.96 24.84 -1.12
C VAL D 189 -34.74 25.71 -1.40
N ALA D 190 -34.49 25.96 -2.69
CA ALA D 190 -33.37 26.79 -3.09
C ALA D 190 -33.87 27.88 -4.04
N HIS D 191 -33.30 29.07 -3.87
CA HIS D 191 -33.63 30.19 -4.74
C HIS D 191 -32.36 30.77 -5.26
N SER D 192 -32.39 31.22 -6.50
CA SER D 192 -31.40 32.15 -6.98
C SER D 192 -31.93 33.51 -6.58
N GLY D 193 -31.38 34.08 -5.50
CA GLY D 193 -31.77 35.41 -5.01
C GLY D 193 -31.53 36.50 -6.05
N THR D 194 -30.72 36.16 -7.06
CA THR D 194 -30.32 37.06 -8.15
C THR D 194 -31.51 37.51 -9.01
N LYS D 195 -32.60 36.74 -8.93
CA LYS D 195 -33.75 36.92 -9.81
C LYS D 195 -34.86 37.78 -9.21
N TYR D 196 -35.96 37.13 -8.85
CA TYR D 196 -37.16 37.80 -8.36
C TYR D 196 -37.04 38.39 -6.96
N LEU D 197 -36.42 37.63 -6.05
CA LEU D 197 -36.35 38.02 -4.65
C LEU D 197 -35.71 39.40 -4.46
N GLY D 198 -34.51 39.57 -5.01
CA GLY D 198 -33.87 40.88 -5.07
C GLY D 198 -34.60 41.78 -6.05
N GLY D 199 -35.06 41.20 -7.15
CA GLY D 199 -35.94 41.88 -8.11
C GLY D 199 -35.45 43.13 -8.83
N HIS D 200 -34.22 43.58 -8.57
CA HIS D 200 -33.76 44.80 -9.26
C HIS D 200 -32.56 44.59 -10.13
N SER D 201 -32.28 43.33 -10.44
CA SER D 201 -31.13 42.93 -11.25
C SER D 201 -29.83 43.59 -10.79
N ASP D 202 -29.66 43.72 -9.47
CA ASP D 202 -28.48 44.40 -8.93
C ASP D 202 -27.74 43.63 -7.85
N VAL D 203 -28.25 42.46 -7.49
CA VAL D 203 -27.64 41.58 -6.51
C VAL D 203 -27.48 40.21 -7.13
N VAL D 204 -26.30 39.61 -6.96
CA VAL D 204 -26.11 38.18 -7.20
C VAL D 204 -26.10 37.50 -5.84
N ALA D 205 -26.96 36.49 -5.66
CA ALA D 205 -27.07 35.79 -4.39
C ALA D 205 -27.88 34.52 -4.49
N GLY D 206 -27.69 33.63 -3.51
CA GLY D 206 -28.49 32.42 -3.38
C GLY D 206 -29.06 32.30 -1.99
N LEU D 207 -30.23 31.68 -1.89
CA LEU D 207 -30.89 31.43 -0.60
C LEU D 207 -31.37 30.00 -0.50
N VAL D 208 -31.14 29.39 0.65
CA VAL D 208 -31.53 28.00 0.89
C VAL D 208 -32.21 27.88 2.26
N THR D 209 -33.29 27.12 2.32
CA THR D 209 -34.01 26.91 3.57
C THR D 209 -34.53 25.48 3.69
N THR D 210 -34.81 25.05 4.92
CA THR D 210 -35.28 23.68 5.14
C THR D 210 -36.34 23.54 6.23
N ASN D 211 -36.87 22.32 6.29
CA ASN D 211 -38.01 21.93 7.08
C ASN D 211 -37.50 21.20 8.31
N ASN D 212 -36.20 20.89 8.27
CA ASN D 212 -35.64 19.84 9.09
C ASN D 212 -34.38 20.28 9.83
N GLU D 213 -34.34 19.99 11.13
CA GLU D 213 -33.29 20.46 12.01
C GLU D 213 -31.93 19.80 11.74
N ALA D 214 -31.93 18.52 11.38
CA ALA D 214 -30.70 17.80 11.03
C ALA D 214 -30.12 18.31 9.71
N LEU D 215 -31.00 18.49 8.72
CA LEU D 215 -30.64 19.06 7.42
C LEU D 215 -30.13 20.49 7.54
N ALA D 216 -30.71 21.25 8.47
CA ALA D 216 -30.30 22.62 8.74
C ALA D 216 -28.82 22.74 9.11
N GLN D 217 -28.36 21.87 9.99
CA GLN D 217 -26.97 21.94 10.45
C GLN D 217 -25.99 21.31 9.47
N GLU D 218 -26.50 20.45 8.59
CA GLU D 218 -25.69 19.93 7.49
C GLU D 218 -25.41 21.05 6.50
N ILE D 219 -26.43 21.84 6.19
CA ILE D 219 -26.28 22.99 5.29
C ILE D 219 -25.49 24.13 5.96
N ALA D 220 -25.70 24.31 7.26
CA ALA D 220 -24.92 25.28 8.02
C ALA D 220 -23.43 24.95 7.94
N PHE D 221 -23.10 23.68 8.20
CA PHE D 221 -21.73 23.20 8.09
C PHE D 221 -21.07 23.48 6.73
N PHE D 222 -21.74 23.10 5.63
CA PHE D 222 -21.14 23.25 4.31
C PHE D 222 -21.13 24.69 3.78
N GLN D 223 -22.03 25.52 4.29
CA GLN D 223 -21.98 26.95 3.99
C GLN D 223 -20.73 27.57 4.61
N ASN D 224 -20.45 27.20 5.86
CA ASN D 224 -19.28 27.71 6.57
C ASN D 224 -17.98 27.04 6.13
N ALA D 225 -18.03 25.73 5.88
CA ALA D 225 -16.84 24.95 5.52
C ALA D 225 -16.30 25.28 4.13
N ILE D 226 -17.20 25.50 3.19
CA ILE D 226 -16.85 25.86 1.81
C ILE D 226 -16.78 27.37 1.63
N GLY D 227 -17.48 28.10 2.49
CA GLY D 227 -17.37 29.55 2.57
C GLY D 227 -17.92 30.34 1.41
N GLY D 228 -18.90 29.78 0.68
CA GLY D 228 -19.60 30.52 -0.37
C GLY D 228 -20.69 31.40 0.22
N VAL D 229 -20.30 32.30 1.11
CA VAL D 229 -21.26 33.15 1.83
C VAL D 229 -21.54 34.49 1.14
N LEU D 230 -22.79 34.92 1.27
CA LEU D 230 -23.22 36.23 0.78
C LEU D 230 -22.70 37.31 1.70
N GLY D 231 -22.18 38.39 1.12
CA GLY D 231 -21.70 39.53 1.88
C GLY D 231 -22.85 40.33 2.48
N PRO D 232 -22.56 41.18 3.50
CA PRO D 232 -23.60 41.93 4.21
C PRO D 232 -24.32 42.97 3.35
N GLN D 233 -23.57 43.74 2.55
CA GLN D 233 -24.18 44.72 1.66
C GLN D 233 -25.19 44.07 0.73
N ASP D 234 -24.77 43.01 0.02
CA ASP D 234 -25.68 42.25 -0.83
C ASP D 234 -26.85 41.66 -0.04
N SER D 235 -26.57 41.09 1.13
CA SER D 235 -27.62 40.56 2.02
C SER D 235 -28.68 41.60 2.31
N TRP D 236 -28.22 42.81 2.60
CA TRP D 236 -29.07 43.93 2.92
C TRP D 236 -29.93 44.35 1.75
N LEU D 237 -29.32 44.48 0.58
CA LEU D 237 -30.02 44.85 -0.64
C LEU D 237 -31.07 43.82 -1.02
N LEU D 238 -30.75 42.55 -0.77
CA LEU D 238 -31.66 41.46 -1.08
C LEU D 238 -32.91 41.58 -0.20
N GLN D 239 -32.70 41.83 1.10
CA GLN D 239 -33.82 42.04 2.02
C GLN D 239 -34.63 43.26 1.59
N ARG D 240 -33.93 44.32 1.17
CA ARG D 240 -34.59 45.51 0.66
C ARG D 240 -35.48 45.14 -0.52
N GLY D 241 -34.94 44.38 -1.47
CA GLY D 241 -35.71 43.88 -2.62
C GLY D 241 -36.94 43.13 -2.16
N ILE D 242 -36.74 42.14 -1.30
CA ILE D 242 -37.84 41.30 -0.79
C ILE D 242 -39.03 42.09 -0.23
N LYS D 243 -38.76 43.27 0.34
CA LYS D 243 -39.85 44.12 0.87
C LYS D 243 -40.96 44.40 -0.14
N THR D 244 -40.59 44.58 -1.42
CA THR D 244 -41.58 44.82 -2.49
C THR D 244 -41.97 43.57 -3.28
N LEU D 245 -41.62 42.39 -2.78
CA LEU D 245 -41.86 41.14 -3.52
C LEU D 245 -43.31 40.96 -3.93
N GLY D 246 -44.21 41.00 -2.95
CA GLY D 246 -45.64 40.78 -3.16
C GLY D 246 -46.19 41.69 -4.22
N LEU D 247 -45.89 42.98 -4.09
CA LEU D 247 -46.25 43.98 -5.09
C LEU D 247 -45.70 43.62 -6.45
N ARG D 248 -44.39 43.36 -6.51
CA ARG D 248 -43.72 43.08 -7.78
C ARG D 248 -44.28 41.84 -8.46
N MET D 249 -44.59 40.80 -7.67
CA MET D 249 -45.14 39.55 -8.18
C MET D 249 -46.53 39.66 -8.81
N GLU D 250 -47.39 40.49 -8.21
CA GLU D 250 -48.71 40.78 -8.76
C GLU D 250 -48.58 41.52 -10.09
N ALA D 251 -47.69 42.53 -10.12
CA ALA D 251 -47.45 43.30 -11.33
C ALA D 251 -46.83 42.45 -12.43
N HIS D 252 -45.95 41.54 -12.03
CA HIS D 252 -45.36 40.56 -12.93
C HIS D 252 -46.41 39.65 -13.52
N GLN D 253 -47.37 39.23 -12.69
CA GLN D 253 -48.44 38.35 -13.14
C GLN D 253 -49.41 39.02 -14.09
N LYS D 254 -49.84 40.24 -13.76
CA LYS D 254 -50.75 40.99 -14.60
C LYS D 254 -50.14 41.19 -15.99
N ASN D 255 -48.90 41.66 -16.02
CA ASN D 255 -48.20 41.90 -17.27
C ASN D 255 -47.99 40.63 -18.10
N ALA D 256 -47.54 39.56 -17.44
CA ALA D 256 -47.31 38.29 -18.12
C ALA D 256 -48.58 37.74 -18.72
N LEU D 257 -49.65 37.68 -17.93
CA LEU D 257 -50.97 37.32 -18.45
C LEU D 257 -51.29 38.11 -19.70
N CYS D 258 -51.33 39.43 -19.56
CA CYS D 258 -51.65 40.32 -20.67
C CYS D 258 -50.86 39.95 -21.92
N VAL D 259 -49.55 39.78 -21.77
CA VAL D 259 -48.65 39.43 -22.86
C VAL D 259 -48.94 38.03 -23.43
N ALA D 260 -49.15 37.06 -22.53
CA ALA D 260 -49.38 35.67 -22.91
C ALA D 260 -50.64 35.51 -23.76
N GLU D 261 -51.66 36.30 -23.44
CA GLU D 261 -52.92 36.25 -24.17
C GLU D 261 -52.77 36.90 -25.54
N PHE D 262 -52.02 38.01 -25.58
CA PHE D 262 -51.70 38.70 -26.84
C PHE D 262 -50.91 37.82 -27.81
N LEU D 263 -49.93 37.08 -27.29
CA LEU D 263 -49.07 36.23 -28.15
C LEU D 263 -49.82 35.02 -28.69
N GLU D 264 -50.73 34.50 -27.87
CA GLU D 264 -51.51 33.31 -28.18
C GLU D 264 -52.53 33.53 -29.31
N LYS D 265 -52.91 34.79 -29.54
CA LYS D 265 -53.86 35.15 -30.58
C LYS D 265 -53.17 35.84 -31.75
N HIS D 266 -51.84 35.79 -31.77
CA HIS D 266 -51.07 36.52 -32.78
C HIS D 266 -50.66 35.62 -33.91
N PRO D 267 -51.15 35.93 -35.13
CA PRO D 267 -50.85 35.17 -36.35
C PRO D 267 -49.42 34.59 -36.38
N LYS D 268 -48.43 35.44 -36.16
CA LYS D 268 -47.02 35.05 -36.32
C LYS D 268 -46.45 34.13 -35.22
N VAL D 269 -47.25 33.85 -34.18
CA VAL D 269 -46.83 32.98 -33.07
C VAL D 269 -47.49 31.60 -33.11
N GLU D 270 -46.66 30.55 -33.02
CA GLU D 270 -47.14 29.17 -32.99
C GLU D 270 -47.67 28.81 -31.60
N ARG D 271 -46.75 28.53 -30.66
CA ARG D 271 -47.09 28.14 -29.30
C ARG D 271 -46.69 29.18 -28.25
N VAL D 272 -47.42 29.18 -27.13
CA VAL D 272 -47.09 30.03 -25.99
C VAL D 272 -47.01 29.19 -24.71
N TYR D 273 -45.85 29.24 -24.05
CA TYR D 273 -45.66 28.55 -22.77
C TYR D 273 -45.78 29.54 -21.62
N TYR D 274 -46.83 29.38 -20.82
CA TYR D 274 -47.08 30.22 -19.66
C TYR D 274 -48.14 29.58 -18.76
N PRO D 275 -47.77 29.24 -17.51
CA PRO D 275 -48.66 28.46 -16.64
C PRO D 275 -49.94 29.20 -16.20
N GLY D 276 -50.08 30.47 -16.57
CA GLY D 276 -51.28 31.25 -16.25
C GLY D 276 -52.35 31.13 -17.31
N LEU D 277 -51.98 30.56 -18.45
CA LEU D 277 -52.94 30.30 -19.51
C LEU D 277 -53.73 29.03 -19.21
N PRO D 278 -55.05 29.06 -19.45
CA PRO D 278 -55.92 27.87 -19.28
C PRO D 278 -55.52 26.71 -20.22
N THR D 279 -54.86 27.06 -21.33
CA THR D 279 -54.43 26.07 -22.33
C THR D 279 -53.03 25.52 -22.07
N HIS D 280 -52.57 25.60 -20.81
CA HIS D 280 -51.26 25.09 -20.46
C HIS D 280 -51.35 23.65 -20.05
N PRO D 281 -50.36 22.83 -20.47
CA PRO D 281 -50.25 21.48 -19.90
C PRO D 281 -50.13 21.57 -18.37
N ASN D 282 -50.88 20.73 -17.66
CA ASN D 282 -50.88 20.70 -16.20
C ASN D 282 -51.44 21.96 -15.53
N TYR D 283 -52.04 22.86 -16.33
CA TYR D 283 -52.65 24.09 -15.79
C TYR D 283 -53.45 23.89 -14.50
N GLU D 284 -54.19 22.77 -14.41
CA GLU D 284 -54.99 22.50 -13.22
C GLU D 284 -54.17 22.19 -11.97
N LEU D 285 -52.98 21.63 -12.19
CA LEU D 285 -52.03 21.39 -11.11
C LEU D 285 -51.40 22.70 -10.65
N ALA D 286 -51.17 23.61 -11.60
CA ALA D 286 -50.65 24.95 -11.30
C ALA D 286 -51.55 25.69 -10.32
N LYS D 287 -52.82 25.84 -10.68
CA LYS D 287 -53.82 26.47 -9.81
C LYS D 287 -53.87 25.82 -8.43
N LYS D 288 -53.54 24.53 -8.38
CA LYS D 288 -53.64 23.77 -7.14
C LYS D 288 -52.45 23.99 -6.19
N GLN D 289 -51.24 24.01 -6.74
CA GLN D 289 -50.03 24.14 -5.92
C GLN D 289 -49.41 25.54 -5.91
N MET D 290 -49.84 26.38 -6.85
CA MET D 290 -49.40 27.79 -6.87
C MET D 290 -50.58 28.70 -6.51
N ARG D 291 -50.26 29.88 -6.01
CA ARG D 291 -51.28 30.91 -5.75
C ARG D 291 -51.14 32.02 -6.78
N GLY D 292 -50.34 31.76 -7.81
CA GLY D 292 -50.13 32.70 -8.89
C GLY D 292 -49.11 32.20 -9.88
N PHE D 293 -48.85 33.03 -10.89
CA PHE D 293 -47.96 32.70 -11.99
C PHE D 293 -47.07 33.92 -12.15
N SER D 294 -45.79 33.72 -12.46
CA SER D 294 -44.84 34.83 -12.41
C SER D 294 -44.88 35.70 -13.65
N GLY D 295 -43.70 36.16 -14.08
CA GLY D 295 -43.58 36.95 -15.30
C GLY D 295 -42.75 36.21 -16.31
N MET D 296 -42.50 34.94 -16.02
CA MET D 296 -41.69 34.08 -16.87
C MET D 296 -42.52 33.39 -17.95
N LEU D 297 -42.13 33.60 -19.21
CA LEU D 297 -42.76 32.89 -20.31
C LEU D 297 -41.85 32.75 -21.52
N SER D 298 -42.03 31.66 -22.25
CA SER D 298 -41.40 31.48 -23.54
C SER D 298 -42.47 31.23 -24.60
N PHE D 299 -42.23 31.72 -25.80
CA PHE D 299 -43.10 31.42 -26.92
C PHE D 299 -42.24 30.98 -28.11
N THR D 300 -42.83 30.18 -28.98
CA THR D 300 -42.20 29.83 -30.24
C THR D 300 -42.97 30.47 -31.38
N LEU D 301 -42.25 30.94 -32.40
CA LEU D 301 -42.89 31.61 -33.53
C LEU D 301 -42.83 30.78 -34.81
N LYS D 302 -43.90 30.85 -35.59
CA LYS D 302 -44.10 29.99 -36.78
C LYS D 302 -42.91 29.82 -37.74
N ASN D 303 -42.06 30.85 -37.84
CA ASN D 303 -40.83 30.73 -38.64
C ASN D 303 -39.56 30.97 -37.80
N ASP D 304 -38.88 29.87 -37.47
CA ASP D 304 -37.65 29.90 -36.66
C ASP D 304 -36.59 30.90 -37.09
N SER D 305 -36.31 30.96 -38.39
CA SER D 305 -35.21 31.78 -38.93
C SER D 305 -35.31 33.27 -38.60
N GLU D 306 -36.50 33.73 -38.20
CA GLU D 306 -36.75 35.14 -37.95
C GLU D 306 -36.60 35.55 -36.48
N ALA D 307 -36.38 34.57 -35.61
CA ALA D 307 -36.30 34.79 -34.16
C ALA D 307 -35.22 35.80 -33.74
N VAL D 308 -34.03 35.67 -34.31
CA VAL D 308 -32.92 36.59 -34.04
C VAL D 308 -33.28 38.01 -34.46
N ALA D 309 -33.88 38.13 -35.64
CA ALA D 309 -34.30 39.43 -36.17
C ALA D 309 -35.36 40.08 -35.29
N PHE D 310 -36.32 39.26 -34.81
CA PHE D 310 -37.39 39.73 -33.94
C PHE D 310 -36.86 40.26 -32.61
N VAL D 311 -36.02 39.45 -31.95
CA VAL D 311 -35.40 39.79 -30.67
C VAL D 311 -34.54 41.05 -30.75
N GLU D 312 -33.66 41.11 -31.76
CA GLU D 312 -32.77 42.27 -31.96
C GLU D 312 -33.51 43.55 -32.32
N SER D 313 -34.79 43.43 -32.67
CA SER D 313 -35.62 44.60 -32.96
C SER D 313 -36.58 44.99 -31.83
N LEU D 314 -36.56 44.24 -30.73
CA LEU D 314 -37.29 44.62 -29.52
C LEU D 314 -36.60 45.82 -28.87
N LYS D 315 -37.37 46.86 -28.54
CA LYS D 315 -36.80 48.15 -28.13
C LYS D 315 -37.03 48.54 -26.67
N LEU D 316 -37.96 47.86 -26.01
CA LEU D 316 -38.19 48.08 -24.59
C LEU D 316 -37.73 46.87 -23.79
N PHE D 317 -37.99 45.67 -24.31
CA PHE D 317 -37.38 44.46 -23.78
C PHE D 317 -35.89 44.54 -23.99
N ILE D 318 -35.15 44.17 -22.95
CA ILE D 318 -33.70 44.25 -22.97
C ILE D 318 -33.10 42.90 -23.34
N LEU D 319 -32.19 42.92 -24.33
CA LEU D 319 -31.48 41.72 -24.71
C LEU D 319 -30.37 41.43 -23.70
N GLY D 320 -30.65 40.51 -22.79
CA GLY D 320 -29.71 40.18 -21.73
C GLY D 320 -29.93 38.75 -21.28
N GLU D 321 -29.23 38.35 -20.23
CA GLU D 321 -29.16 36.94 -19.89
C GLU D 321 -29.95 36.51 -18.67
N SER D 322 -30.13 37.43 -17.71
CA SER D 322 -30.81 37.08 -16.47
C SER D 322 -32.33 37.08 -16.60
N LEU D 323 -33.01 37.13 -15.45
CA LEU D 323 -34.47 37.19 -15.41
C LEU D 323 -34.96 37.73 -14.06
N GLY D 324 -36.26 38.05 -13.98
CA GLY D 324 -36.89 38.41 -12.71
C GLY D 324 -36.60 39.80 -12.15
N GLY D 325 -36.19 40.72 -13.00
CA GLY D 325 -36.00 42.11 -12.60
C GLY D 325 -37.24 42.93 -12.89
N VAL D 326 -37.24 44.18 -12.42
CA VAL D 326 -38.34 45.10 -12.70
C VAL D 326 -38.37 45.47 -14.19
N GLU D 327 -37.18 45.53 -14.78
CA GLU D 327 -37.05 45.73 -16.22
C GLU D 327 -37.26 44.40 -16.95
N SER D 328 -37.89 44.49 -18.13
CA SER D 328 -38.21 43.31 -18.93
C SER D 328 -36.99 42.78 -19.67
N LEU D 329 -36.88 41.46 -19.73
CA LEU D 329 -35.74 40.81 -20.38
C LEU D 329 -36.15 39.85 -21.47
N VAL D 330 -35.33 39.76 -22.51
CA VAL D 330 -35.54 38.84 -23.63
C VAL D 330 -34.26 38.08 -23.97
N GLY D 331 -34.41 36.78 -24.22
CA GLY D 331 -33.31 35.94 -24.65
C GLY D 331 -33.77 34.84 -25.60
N ILE D 332 -32.84 34.32 -26.39
CA ILE D 332 -33.06 33.07 -27.11
C ILE D 332 -32.24 32.00 -26.40
N PRO D 333 -32.89 31.13 -25.63
CA PRO D 333 -32.23 30.06 -24.85
C PRO D 333 -31.20 29.27 -25.67
N ALA D 334 -31.55 28.90 -26.91
CA ALA D 334 -30.65 28.16 -27.80
C ALA D 334 -29.26 28.79 -27.87
N PHE D 335 -29.22 30.07 -28.27
CA PHE D 335 -27.97 30.82 -28.41
C PHE D 335 -27.43 31.32 -27.07
N MET D 336 -28.28 31.32 -26.04
CA MET D 336 -27.88 31.78 -24.70
C MET D 336 -28.13 30.72 -23.59
N ALA D 348 -32.42 19.74 -29.35
CA ALA D 348 -33.36 19.96 -30.45
C ALA D 348 -34.75 19.37 -30.13
N ALA D 349 -34.79 18.50 -29.11
CA ALA D 349 -36.04 17.91 -28.64
C ALA D 349 -36.51 18.59 -27.35
N GLY D 350 -37.49 19.49 -27.51
CA GLY D 350 -38.00 20.31 -26.42
C GLY D 350 -37.91 21.79 -26.75
N ILE D 351 -36.68 22.32 -26.79
CA ILE D 351 -36.43 23.72 -27.09
C ILE D 351 -35.81 23.89 -28.48
N ARG D 352 -36.64 24.28 -29.45
CA ARG D 352 -36.17 24.54 -30.82
C ARG D 352 -35.29 25.79 -30.86
N ASP D 353 -34.33 25.81 -31.78
CA ASP D 353 -33.46 26.98 -31.99
C ASP D 353 -34.25 28.08 -32.69
N GLY D 354 -35.10 28.74 -31.91
CA GLY D 354 -36.05 29.74 -32.40
C GLY D 354 -37.15 30.00 -31.37
N LEU D 355 -36.89 29.54 -30.13
CA LEU D 355 -37.78 29.77 -29.00
C LEU D 355 -37.31 31.04 -28.29
N VAL D 356 -38.28 31.92 -27.98
CA VAL D 356 -37.93 33.22 -27.39
C VAL D 356 -38.47 33.27 -25.96
N ARG D 357 -37.58 33.59 -25.02
CA ARG D 357 -37.95 33.66 -23.61
C ARG D 357 -38.11 35.10 -23.13
N LEU D 358 -39.16 35.34 -22.36
CA LEU D 358 -39.43 36.67 -21.81
C LEU D 358 -39.58 36.67 -20.29
N SER D 359 -38.73 37.42 -19.61
CA SER D 359 -39.04 37.84 -18.26
C SER D 359 -39.84 39.13 -18.38
N VAL D 360 -41.15 39.03 -18.21
CA VAL D 360 -42.01 40.21 -18.28
C VAL D 360 -41.83 41.05 -17.02
N GLY D 361 -41.39 42.29 -17.18
CA GLY D 361 -41.13 43.18 -16.05
C GLY D 361 -42.36 43.85 -15.47
N ILE D 362 -42.17 45.01 -14.85
CA ILE D 362 -43.28 45.73 -14.22
C ILE D 362 -43.50 47.12 -14.84
N GLU D 363 -43.07 47.29 -16.09
CA GLU D 363 -43.39 48.46 -16.89
C GLU D 363 -44.88 48.43 -17.23
N HIS D 364 -45.39 49.53 -17.79
CA HIS D 364 -46.78 49.59 -18.25
C HIS D 364 -47.02 48.60 -19.35
N GLU D 365 -48.09 47.80 -19.18
CA GLU D 365 -48.45 46.74 -20.14
C GLU D 365 -48.55 47.22 -21.58
N GLN D 366 -49.14 48.41 -21.77
CA GLN D 366 -49.35 48.98 -23.09
C GLN D 366 -48.03 49.18 -23.84
N ASP D 367 -46.99 49.58 -23.11
CA ASP D 367 -45.68 49.81 -23.71
C ASP D 367 -44.99 48.49 -24.05
N LEU D 368 -45.26 47.47 -23.25
CA LEU D 368 -44.73 46.14 -23.50
C LEU D 368 -45.39 45.50 -24.72
N LEU D 369 -46.72 45.53 -24.76
CA LEU D 369 -47.48 45.01 -25.89
C LEU D 369 -47.13 45.72 -27.19
N GLU D 370 -46.91 47.03 -27.11
CA GLU D 370 -46.56 47.82 -28.29
C GLU D 370 -45.16 47.52 -28.79
N ASP D 371 -44.27 47.11 -27.88
CA ASP D 371 -42.90 46.76 -28.27
C ASP D 371 -42.87 45.45 -29.03
N LEU D 372 -43.66 44.49 -28.57
CA LEU D 372 -43.83 43.23 -29.30
C LEU D 372 -44.41 43.54 -30.69
N GLU D 373 -45.47 44.34 -30.72
CA GLU D 373 -46.12 44.79 -31.97
C GLU D 373 -45.17 45.32 -33.05
N GLN D 374 -44.31 46.26 -32.68
CA GLN D 374 -43.38 46.84 -33.66
C GLN D 374 -42.38 45.81 -34.17
N ALA D 375 -42.08 44.81 -33.34
CA ALA D 375 -41.07 43.81 -33.67
C ALA D 375 -41.65 42.71 -34.54
N PHE D 376 -42.89 42.31 -34.26
CA PHE D 376 -43.60 41.36 -35.12
C PHE D 376 -43.78 41.95 -36.51
N ALA D 377 -44.22 43.22 -36.55
CA ALA D 377 -44.38 43.94 -37.83
C ALA D 377 -43.10 43.97 -38.66
N LYS D 378 -41.96 44.10 -37.99
CA LYS D 378 -40.66 44.09 -38.67
C LYS D 378 -40.22 42.70 -39.18
N ILE D 379 -41.09 41.68 -39.00
CA ILE D 379 -40.81 40.34 -39.57
C ILE D 379 -41.98 39.76 -40.37
N MET E 1 -14.90 39.06 30.77
CA MET E 1 -15.17 38.61 32.16
C MET E 1 -14.49 37.29 32.48
N ARG E 2 -14.29 37.07 33.78
CA ARG E 2 -13.61 35.88 34.28
C ARG E 2 -14.64 34.92 34.86
N MET E 3 -14.18 33.72 35.23
CA MET E 3 -15.05 32.64 35.71
C MET E 3 -16.14 33.07 36.72
N GLN E 4 -15.73 33.80 37.76
CA GLN E 4 -16.62 34.16 38.84
C GLN E 4 -17.62 35.26 38.46
N THR E 5 -17.26 36.08 37.49
CA THR E 5 -18.18 37.05 36.92
C THR E 5 -19.14 36.33 35.98
N LYS E 6 -18.62 35.33 35.28
CA LYS E 6 -19.41 34.54 34.34
C LYS E 6 -20.51 33.78 35.07
N LEU E 7 -20.19 33.18 36.21
CA LEU E 7 -21.19 32.50 37.05
C LEU E 7 -22.41 33.40 37.32
N ILE E 8 -22.22 34.70 37.19
CA ILE E 8 -23.24 35.68 37.56
C ILE E 8 -23.84 36.39 36.35
N HIS E 9 -23.02 36.69 35.36
CA HIS E 9 -23.50 37.40 34.17
C HIS E 9 -23.43 36.57 32.92
N GLY E 10 -23.12 35.28 33.08
CA GLY E 10 -22.96 34.37 31.95
C GLY E 10 -24.29 33.86 31.43
N GLY E 11 -24.24 33.02 30.40
CA GLY E 11 -25.44 32.56 29.69
C GLY E 11 -26.38 33.71 29.45
N ILE E 12 -27.64 33.54 29.85
CA ILE E 12 -28.60 34.64 29.91
C ILE E 12 -28.95 34.86 31.38
N SER E 13 -28.69 36.08 31.86
CA SER E 13 -28.78 36.36 33.29
C SER E 13 -29.75 37.49 33.61
N GLU E 14 -30.28 38.10 32.55
CA GLU E 14 -31.12 39.28 32.68
C GLU E 14 -32.30 39.10 31.73
N ASP E 15 -33.42 39.76 32.02
CA ASP E 15 -34.51 39.82 31.04
C ASP E 15 -34.35 41.05 30.17
N ALA E 16 -34.14 40.83 28.87
CA ALA E 16 -33.93 41.93 27.91
C ALA E 16 -34.99 43.03 27.98
N THR E 17 -36.26 42.62 27.96
CA THR E 17 -37.37 43.56 27.81
C THR E 17 -37.67 44.40 29.07
N THR E 18 -37.43 43.82 30.24
CA THR E 18 -37.88 44.44 31.49
C THR E 18 -36.71 45.03 32.31
N GLY E 19 -35.51 44.53 32.06
CA GLY E 19 -34.33 44.89 32.85
C GLY E 19 -34.17 44.02 34.09
N ALA E 20 -35.14 43.12 34.30
CA ALA E 20 -35.13 42.27 35.50
C ALA E 20 -33.82 41.56 35.60
N VAL E 21 -33.18 41.69 36.76
CA VAL E 21 -31.85 41.14 36.99
C VAL E 21 -31.86 39.62 37.18
N SER E 22 -33.04 39.02 37.06
CA SER E 22 -33.16 37.56 37.05
C SER E 22 -34.01 37.15 35.86
N VAL E 23 -33.83 35.93 35.39
CA VAL E 23 -34.65 35.43 34.28
C VAL E 23 -36.05 35.12 34.81
N PRO E 24 -37.09 35.63 34.14
CA PRO E 24 -38.46 35.32 34.58
C PRO E 24 -38.75 33.83 34.50
N ILE E 25 -39.48 33.31 35.48
CA ILE E 25 -39.89 31.91 35.47
C ILE E 25 -41.09 31.74 34.53
N TYR E 26 -40.86 31.04 33.42
CA TYR E 26 -41.88 30.85 32.38
C TYR E 26 -42.70 29.59 32.59
N GLN E 27 -43.71 29.67 33.45
CA GLN E 27 -44.66 28.59 33.64
C GLN E 27 -45.69 28.58 32.50
N THR E 28 -45.25 28.21 31.31
CA THR E 28 -46.12 28.14 30.15
C THR E 28 -45.88 26.83 29.40
N SER E 29 -46.85 26.44 28.59
CA SER E 29 -46.71 25.23 27.79
C SER E 29 -46.82 25.59 26.31
N THR E 30 -47.30 26.80 26.04
CA THR E 30 -47.54 27.22 24.65
C THR E 30 -47.48 28.73 24.46
N TYR E 31 -47.14 29.13 23.24
CA TYR E 31 -46.89 30.53 22.89
C TYR E 31 -47.74 30.91 21.69
N ARG E 32 -48.33 32.07 21.72
CA ARG E 32 -49.09 32.54 20.60
C ARG E 32 -48.21 32.66 19.40
N GLN E 33 -48.75 32.46 18.22
CA GLN E 33 -48.02 32.64 16.99
C GLN E 33 -48.61 33.75 16.17
N ASP E 34 -47.85 34.24 15.21
CA ASP E 34 -48.17 35.50 14.57
C ASP E 34 -48.28 35.38 13.11
N ALA E 35 -48.06 34.18 12.63
CA ALA E 35 -48.30 33.83 11.25
C ALA E 35 -48.32 32.36 11.22
N ILE E 36 -48.91 31.79 10.20
CA ILE E 36 -49.02 30.34 10.11
C ILE E 36 -47.71 29.87 9.57
N GLY E 37 -47.13 28.87 10.21
CA GLY E 37 -45.82 28.40 9.83
C GLY E 37 -44.79 28.60 10.92
N TYR E 42 -40.28 30.58 20.06
CA TYR E 42 -40.80 29.56 20.97
C TYR E 42 -42.17 29.06 20.51
N GLU E 43 -42.33 27.74 20.46
CA GLU E 43 -43.56 27.12 19.95
C GLU E 43 -44.20 26.19 21.00
N TYR E 44 -43.37 25.49 21.76
CA TYR E 44 -43.82 24.49 22.73
C TYR E 44 -42.72 24.21 23.75
N SER E 45 -43.07 24.28 25.05
CA SER E 45 -42.09 24.25 26.15
C SER E 45 -41.34 22.92 26.36
N ARG E 46 -41.72 21.90 25.57
CA ARG E 46 -40.96 20.65 25.54
C ARG E 46 -39.75 20.83 24.62
N SER E 47 -39.91 21.70 23.62
CA SER E 47 -38.84 22.00 22.66
C SER E 47 -38.13 23.33 22.93
N GLY E 48 -38.78 24.23 23.67
CA GLY E 48 -38.21 25.56 23.95
C GLY E 48 -38.90 26.32 25.06
N ASN E 49 -38.11 26.76 26.06
CA ASN E 49 -38.61 27.52 27.19
C ASN E 49 -37.55 28.54 27.64
N PRO E 50 -37.87 29.84 27.62
CA PRO E 50 -36.87 30.87 27.92
C PRO E 50 -36.15 30.68 29.26
N THR E 51 -36.84 30.12 30.26
CA THR E 51 -36.19 29.93 31.56
C THR E 51 -35.17 28.80 31.50
N ARG E 52 -35.52 27.72 30.80
CA ARG E 52 -34.59 26.61 30.60
C ARG E 52 -33.44 27.03 29.68
N PHE E 53 -33.77 27.75 28.62
CA PHE E 53 -32.76 28.22 27.67
C PHE E 53 -31.68 29.08 28.30
N ALA E 54 -32.08 29.92 29.25
CA ALA E 54 -31.14 30.76 29.99
C ALA E 54 -30.15 29.86 30.73
N LEU E 55 -30.68 28.87 31.45
CA LEU E 55 -29.85 27.90 32.16
C LEU E 55 -28.92 27.16 31.20
N GLU E 56 -29.45 26.76 30.06
CA GLU E 56 -28.67 25.99 29.08
C GLU E 56 -27.55 26.82 28.47
N GLU E 57 -27.85 28.07 28.15
CA GLU E 57 -26.81 28.98 27.66
C GLU E 57 -25.71 29.16 28.70
N LEU E 58 -26.07 29.12 29.99
CA LEU E 58 -25.11 29.30 31.08
C LEU E 58 -24.14 28.14 31.25
N ILE E 59 -24.62 26.89 31.18
CA ILE E 59 -23.71 25.75 31.29
C ILE E 59 -22.78 25.63 30.07
N ALA E 60 -23.33 25.82 28.88
CA ALA E 60 -22.53 25.94 27.64
C ALA E 60 -21.41 26.95 27.87
N ASP E 61 -21.79 28.12 28.38
CA ASP E 61 -20.86 29.21 28.66
C ASP E 61 -19.74 28.81 29.64
N LEU E 62 -20.07 28.01 30.65
CA LEU E 62 -19.12 27.63 31.68
C LEU E 62 -18.18 26.51 31.25
N GLU E 63 -18.67 25.60 30.43
CA GLU E 63 -17.85 24.48 29.95
C GLU E 63 -17.15 24.78 28.62
N GLY E 64 -17.47 25.92 28.02
CA GLY E 64 -16.96 26.27 26.70
C GLY E 64 -17.63 25.46 25.60
N GLY E 65 -18.94 25.24 25.72
CA GLY E 65 -19.71 24.51 24.71
C GLY E 65 -20.43 25.44 23.73
N VAL E 66 -21.01 24.84 22.68
CA VAL E 66 -21.78 25.59 21.67
C VAL E 66 -23.28 25.59 21.98
N LYS E 67 -23.70 24.68 22.85
CA LYS E 67 -25.07 24.57 23.32
C LYS E 67 -25.12 23.79 24.61
N GLY E 68 -26.11 24.13 25.45
CA GLY E 68 -26.41 23.38 26.67
C GLY E 68 -27.75 22.66 26.53
N PHE E 69 -27.98 21.70 27.42
CA PHE E 69 -29.20 20.91 27.41
C PHE E 69 -29.56 20.53 28.83
N ALA E 70 -30.81 20.80 29.21
CA ALA E 70 -31.26 20.60 30.58
C ALA E 70 -32.26 19.46 30.65
N PHE E 71 -32.05 18.56 31.61
CA PHE E 71 -32.85 17.34 31.70
C PHE E 71 -33.51 17.17 33.06
N ALA E 72 -34.54 16.33 33.09
CA ALA E 72 -35.31 16.07 34.31
C ALA E 72 -34.46 15.53 35.44
N SER E 73 -33.29 15.01 35.09
CA SER E 73 -32.35 14.41 36.04
C SER E 73 -31.04 14.16 35.31
N GLY E 74 -29.98 13.90 36.08
CA GLY E 74 -28.69 13.53 35.52
C GLY E 74 -28.81 12.38 34.55
N LEU E 75 -29.55 11.35 34.96
CA LEU E 75 -29.74 10.13 34.18
C LEU E 75 -30.49 10.35 32.87
N ALA E 76 -31.49 11.24 32.89
CA ALA E 76 -32.21 11.60 31.67
C ALA E 76 -31.24 12.19 30.65
N GLY E 77 -30.23 12.90 31.15
CA GLY E 77 -29.19 13.49 30.32
C GLY E 77 -28.29 12.44 29.70
N ILE E 78 -27.68 11.62 30.57
CA ILE E 78 -26.81 10.52 30.17
C ILE E 78 -27.52 9.59 29.18
N HIS E 79 -28.77 9.23 29.49
CA HIS E 79 -29.60 8.45 28.58
C HIS E 79 -29.73 9.11 27.24
N ALA E 80 -30.05 10.40 27.23
CA ALA E 80 -30.23 11.14 25.98
C ALA E 80 -28.96 11.16 25.14
N VAL E 81 -27.81 11.20 25.82
CA VAL E 81 -26.51 11.16 25.15
C VAL E 81 -26.35 9.82 24.43
N PHE E 82 -26.39 8.72 25.19
CA PHE E 82 -26.23 7.37 24.61
C PHE E 82 -27.29 7.01 23.58
N SER E 83 -28.31 7.84 23.46
CA SER E 83 -29.34 7.64 22.45
C SER E 83 -28.82 8.01 21.05
N LEU E 84 -27.63 8.62 21.01
CA LEU E 84 -26.98 8.97 19.73
C LEU E 84 -26.49 7.73 18.98
N LEU E 85 -26.42 6.60 19.68
CA LEU E 85 -25.86 5.36 19.15
C LEU E 85 -26.95 4.39 18.63
N GLN E 86 -26.57 3.58 17.64
CA GLN E 86 -27.46 2.55 17.08
C GLN E 86 -27.18 1.19 17.72
N SER E 87 -28.04 0.20 17.44
CA SER E 87 -27.83 -1.14 17.95
C SER E 87 -26.58 -1.76 17.33
N GLY E 88 -25.94 -2.66 18.08
CA GLY E 88 -24.66 -3.25 17.66
C GLY E 88 -23.48 -2.36 17.99
N ASP E 89 -23.74 -1.21 18.59
CA ASP E 89 -22.68 -0.27 18.96
C ASP E 89 -22.04 -0.65 20.29
N HIS E 90 -20.76 -0.35 20.40
CA HIS E 90 -19.97 -0.72 21.58
C HIS E 90 -19.42 0.49 22.29
N VAL E 91 -19.41 0.43 23.62
CA VAL E 91 -19.03 1.56 24.46
C VAL E 91 -18.06 1.11 25.55
N LEU E 92 -17.02 1.90 25.77
CA LEU E 92 -16.07 1.63 26.85
C LEU E 92 -16.41 2.44 28.09
N LEU E 93 -16.34 1.77 29.25
CA LEU E 93 -16.80 2.32 30.52
C LEU E 93 -15.79 2.17 31.64
N GLY E 94 -15.73 3.18 32.51
CA GLY E 94 -14.91 3.13 33.73
C GLY E 94 -15.41 2.04 34.67
N ASP E 95 -14.49 1.42 35.40
CA ASP E 95 -14.84 0.24 36.23
C ASP E 95 -15.56 0.58 37.54
N ASP E 96 -15.54 1.86 37.92
CA ASP E 96 -16.26 2.31 39.10
C ASP E 96 -17.12 3.54 38.79
N VAL E 97 -17.85 3.47 37.68
CA VAL E 97 -18.81 4.51 37.32
C VAL E 97 -19.96 4.55 38.32
N TYR E 98 -20.61 5.71 38.43
CA TYR E 98 -21.80 5.87 39.26
C TYR E 98 -22.77 4.71 39.01
N GLY E 99 -23.21 4.07 40.09
CA GLY E 99 -24.06 2.88 40.04
C GLY E 99 -25.23 2.93 39.08
N GLY E 100 -25.89 4.09 39.00
CA GLY E 100 -27.04 4.29 38.12
C GLY E 100 -26.70 4.35 36.64
N THR E 101 -25.48 4.77 36.32
CA THR E 101 -25.02 4.83 34.92
C THR E 101 -24.76 3.42 34.41
N PHE E 102 -24.12 2.60 35.25
CA PHE E 102 -23.91 1.18 34.95
C PHE E 102 -25.23 0.44 34.82
N ARG E 103 -26.15 0.68 35.77
CA ARG E 103 -27.48 0.09 35.73
C ARG E 103 -28.21 0.47 34.44
N LEU E 104 -28.09 1.73 34.05
CA LEU E 104 -28.67 2.25 32.81
C LEU E 104 -28.26 1.37 31.63
N PHE E 105 -26.94 1.21 31.47
CA PHE E 105 -26.38 0.35 30.42
C PHE E 105 -26.85 -1.09 30.52
N ASN E 106 -26.67 -1.66 31.70
CA ASN E 106 -27.03 -3.04 31.98
C ASN E 106 -28.47 -3.38 31.60
N GLN E 107 -29.42 -2.56 32.06
CA GLN E 107 -30.83 -2.93 32.00
C GLN E 107 -31.69 -2.13 31.02
N VAL E 108 -31.12 -1.10 30.39
CA VAL E 108 -31.89 -0.30 29.43
C VAL E 108 -31.27 -0.30 28.04
N LEU E 109 -30.02 0.14 27.95
CA LEU E 109 -29.35 0.31 26.66
C LEU E 109 -28.97 -1.03 26.02
N VAL E 110 -28.69 -2.03 26.86
CA VAL E 110 -28.42 -3.38 26.39
C VAL E 110 -29.64 -3.99 25.68
N LYS E 111 -30.78 -3.96 26.37
CA LYS E 111 -32.04 -4.51 25.84
C LYS E 111 -32.40 -3.88 24.49
N ASN E 112 -31.67 -2.82 24.13
CA ASN E 112 -31.92 -2.08 22.89
C ASN E 112 -30.71 -2.07 21.92
N GLY E 113 -29.79 -3.02 22.15
CA GLY E 113 -28.72 -3.31 21.19
C GLY E 113 -27.32 -2.76 21.43
N LEU E 114 -27.10 -2.10 22.58
CA LEU E 114 -25.75 -1.60 22.90
C LEU E 114 -25.00 -2.58 23.81
N SER E 115 -23.69 -2.64 23.63
CA SER E 115 -22.82 -3.44 24.46
C SER E 115 -21.74 -2.56 25.08
N CYS E 116 -21.10 -3.06 26.13
CA CYS E 116 -20.10 -2.30 26.85
C CYS E 116 -18.91 -3.17 27.27
N THR E 117 -17.86 -2.52 27.77
CA THR E 117 -16.74 -3.20 28.39
C THR E 117 -16.24 -2.35 29.55
N ILE E 118 -16.23 -2.95 30.73
CA ILE E 118 -15.76 -2.29 31.94
C ILE E 118 -14.24 -2.37 31.97
N ILE E 119 -13.59 -1.22 31.87
CA ILE E 119 -12.12 -1.13 31.87
C ILE E 119 -11.64 -0.20 32.97
N ASP E 120 -10.34 -0.24 33.26
CA ASP E 120 -9.73 0.73 34.17
C ASP E 120 -9.22 1.92 33.36
N THR E 121 -9.90 3.05 33.52
CA THR E 121 -9.65 4.25 32.72
C THR E 121 -8.34 4.97 33.05
N SER E 122 -7.80 4.74 34.25
CA SER E 122 -6.47 5.25 34.59
C SER E 122 -5.37 4.40 33.93
N ASP E 123 -5.72 3.18 33.52
CA ASP E 123 -4.84 2.34 32.72
C ASP E 123 -5.13 2.58 31.24
N ILE E 124 -4.41 3.53 30.65
CA ILE E 124 -4.65 3.96 29.26
C ILE E 124 -4.45 2.81 28.27
N SER E 125 -3.61 1.84 28.64
CA SER E 125 -3.36 0.66 27.81
C SER E 125 -4.57 -0.29 27.80
N GLN E 126 -5.25 -0.41 28.95
CA GLN E 126 -6.48 -1.19 29.05
C GLN E 126 -7.56 -0.73 28.07
N ILE E 127 -7.66 0.59 27.88
CA ILE E 127 -8.64 1.13 26.93
C ILE E 127 -8.26 0.71 25.50
N LYS E 128 -6.96 0.83 25.16
CA LYS E 128 -6.44 0.38 23.87
C LYS E 128 -6.75 -1.10 23.64
N LYS E 129 -6.48 -1.92 24.66
CA LYS E 129 -6.69 -3.37 24.61
C LYS E 129 -8.14 -3.74 24.32
N ALA E 130 -9.07 -2.83 24.63
CA ALA E 130 -10.50 -3.15 24.59
C ALA E 130 -11.29 -2.58 23.39
N ILE E 131 -10.70 -1.67 22.62
CA ILE E 131 -11.41 -1.11 21.45
C ILE E 131 -11.74 -2.22 20.43
N LYS E 132 -13.03 -2.44 20.26
CA LYS E 132 -13.58 -3.34 19.24
C LYS E 132 -13.77 -2.57 17.93
N PRO E 133 -14.02 -3.29 16.81
CA PRO E 133 -14.26 -2.59 15.54
C PRO E 133 -15.56 -1.80 15.49
N ASN E 134 -16.52 -2.18 16.34
CA ASN E 134 -17.82 -1.49 16.40
C ASN E 134 -17.93 -0.50 17.56
N THR E 135 -16.82 -0.32 18.30
CA THR E 135 -16.74 0.69 19.36
C THR E 135 -16.97 2.08 18.80
N LYS E 136 -17.82 2.87 19.47
CA LYS E 136 -18.10 4.22 19.01
C LYS E 136 -17.91 5.31 20.07
N ALA E 137 -17.82 4.91 21.34
CA ALA E 137 -17.72 5.89 22.42
C ALA E 137 -16.93 5.44 23.64
N LEU E 138 -16.31 6.42 24.30
CA LEU E 138 -15.57 6.21 25.54
C LEU E 138 -16.17 7.09 26.63
N TYR E 139 -16.61 6.47 27.73
CA TYR E 139 -17.26 7.19 28.82
C TYR E 139 -16.37 7.29 30.05
N LEU E 140 -15.98 8.52 30.38
CA LEU E 140 -15.05 8.78 31.48
C LEU E 140 -15.71 9.52 32.64
N GLU E 141 -15.29 9.19 33.86
CA GLU E 141 -15.79 9.83 35.06
C GLU E 141 -14.64 10.09 36.03
N THR E 142 -14.13 11.32 36.07
CA THR E 142 -13.03 11.68 36.97
C THR E 142 -13.23 13.04 37.65
N PRO E 143 -12.98 13.11 38.98
CA PRO E 143 -12.70 11.99 39.89
C PRO E 143 -13.87 11.02 40.02
N SER E 144 -13.58 9.82 40.49
CA SER E 144 -14.58 8.75 40.46
C SER E 144 -15.31 8.55 41.78
N ASN E 145 -16.52 8.02 41.69
CA ASN E 145 -17.31 7.64 42.84
C ASN E 145 -17.23 6.13 43.00
N PRO E 146 -16.83 5.64 44.19
CA PRO E 146 -16.51 6.40 45.39
C PRO E 146 -15.03 6.41 45.79
N LEU E 147 -14.14 5.96 44.92
CA LEU E 147 -12.72 5.85 45.28
C LEU E 147 -11.90 7.07 44.88
N LEU E 148 -12.50 7.91 44.03
CA LEU E 148 -11.91 9.19 43.59
C LEU E 148 -10.65 8.95 42.78
N LYS E 149 -10.75 7.96 41.90
CA LYS E 149 -9.70 7.55 40.99
C LYS E 149 -9.61 8.57 39.88
N ILE E 150 -8.40 8.98 39.55
CA ILE E 150 -8.19 10.03 38.56
C ILE E 150 -7.88 9.43 37.19
N THR E 151 -8.51 9.97 36.16
CA THR E 151 -8.32 9.49 34.80
C THR E 151 -7.77 10.62 33.93
N ASP E 152 -6.74 10.32 33.15
CA ASP E 152 -6.12 11.31 32.27
C ASP E 152 -7.01 11.62 31.07
N LEU E 153 -7.74 12.73 31.18
CA LEU E 153 -8.72 13.13 30.17
C LEU E 153 -8.10 13.43 28.81
N ALA E 154 -7.08 14.30 28.80
CA ALA E 154 -6.41 14.68 27.56
C ALA E 154 -5.94 13.45 26.78
N GLN E 155 -5.26 12.54 27.49
CA GLN E 155 -4.74 11.32 26.88
C GLN E 155 -5.83 10.35 26.41
N CYS E 156 -6.86 10.15 27.23
CA CYS E 156 -8.00 9.32 26.82
C CYS E 156 -8.66 9.92 25.56
N ALA E 157 -8.91 11.22 25.59
CA ALA E 157 -9.51 11.94 24.47
C ALA E 157 -8.62 11.92 23.22
N SER E 158 -7.32 11.73 23.43
CA SER E 158 -6.38 11.61 22.33
C SER E 158 -6.47 10.22 21.69
N VAL E 159 -6.33 9.19 22.53
CA VAL E 159 -6.55 7.81 22.10
C VAL E 159 -7.91 7.72 21.40
N ALA E 160 -8.92 8.33 22.02
CA ALA E 160 -10.28 8.30 21.49
C ALA E 160 -10.43 9.00 20.15
N LYS E 161 -9.78 10.16 19.97
CA LYS E 161 -9.95 10.95 18.73
C LYS E 161 -9.30 10.31 17.50
N ASP E 162 -8.13 9.69 17.67
CA ASP E 162 -7.47 9.06 16.51
C ASP E 162 -8.10 7.73 16.08
N HIS E 163 -8.81 7.06 17.01
CA HIS E 163 -9.86 6.11 16.61
C HIS E 163 -11.08 6.98 16.40
N GLY E 164 -12.10 6.48 15.71
CA GLY E 164 -13.29 7.32 15.41
C GLY E 164 -14.21 7.63 16.58
N LEU E 165 -13.68 7.52 17.80
CA LEU E 165 -14.48 7.49 19.02
C LEU E 165 -15.00 8.83 19.57
N LEU E 166 -15.99 8.73 20.45
CA LEU E 166 -16.58 9.86 21.15
C LEU E 166 -16.11 9.90 22.60
N THR E 167 -15.61 11.05 23.04
CA THR E 167 -15.26 11.23 24.46
C THR E 167 -16.42 11.86 25.22
N ILE E 168 -16.99 11.09 26.13
CA ILE E 168 -18.10 11.53 26.98
C ILE E 168 -17.63 11.56 28.43
N VAL E 169 -17.72 12.73 29.06
CA VAL E 169 -17.18 12.92 30.40
C VAL E 169 -18.24 13.38 31.39
N ASP E 170 -18.55 12.53 32.37
CA ASP E 170 -19.37 12.94 33.50
C ASP E 170 -18.51 13.80 34.41
N ASN E 171 -18.78 15.10 34.40
CA ASN E 171 -17.98 16.08 35.13
C ASN E 171 -18.60 16.54 36.45
N THR E 172 -19.43 15.70 37.06
CA THR E 172 -20.18 16.10 38.26
C THR E 172 -19.32 16.52 39.47
N PHE E 173 -18.40 15.66 39.89
CA PHE E 173 -17.61 15.89 41.12
C PHE E 173 -16.76 17.16 41.08
N ALA E 174 -15.87 17.24 40.09
CA ALA E 174 -15.16 18.49 39.82
C ALA E 174 -16.12 19.28 38.94
N THR E 175 -16.46 20.49 39.35
CA THR E 175 -17.46 21.24 38.60
C THR E 175 -16.82 21.97 37.42
N PRO E 176 -17.62 22.62 36.55
CA PRO E 176 -16.95 23.40 35.50
C PRO E 176 -15.98 24.43 36.09
N TYR E 177 -16.12 24.68 37.39
CA TYR E 177 -15.26 25.62 38.12
C TYR E 177 -13.85 25.06 38.35
N TYR E 178 -13.72 23.74 38.32
CA TYR E 178 -12.44 23.07 38.61
C TYR E 178 -11.86 22.24 37.44
N GLN E 179 -12.73 21.78 36.54
CA GLN E 179 -12.32 20.96 35.41
C GLN E 179 -13.16 21.31 34.18
N ASN E 180 -12.53 21.33 33.01
CA ASN E 180 -13.23 21.65 31.76
C ASN E 180 -12.88 20.66 30.64
N PRO E 181 -13.46 19.43 30.71
CA PRO E 181 -13.24 18.38 29.73
C PRO E 181 -13.20 18.86 28.26
N LEU E 182 -14.11 19.74 27.87
CA LEU E 182 -14.17 20.24 26.49
C LEU E 182 -12.88 20.92 26.01
N LEU E 183 -12.16 21.52 26.95
CA LEU E 183 -10.90 22.20 26.64
C LEU E 183 -9.69 21.25 26.72
N LEU E 184 -9.96 19.95 26.86
CA LEU E 184 -8.90 18.94 26.93
C LEU E 184 -9.02 17.94 25.80
N GLY E 185 -10.09 18.05 25.01
CA GLY E 185 -10.32 17.17 23.87
C GLY E 185 -11.61 16.37 23.90
N ALA E 186 -12.32 16.41 25.04
CA ALA E 186 -13.62 15.73 25.15
C ALA E 186 -14.67 16.33 24.22
N ASP E 187 -15.66 15.50 23.84
CA ASP E 187 -16.72 15.94 22.93
C ASP E 187 -18.00 16.33 23.64
N ILE E 188 -18.35 15.59 24.69
CA ILE E 188 -19.60 15.80 25.41
C ILE E 188 -19.34 15.79 26.92
N VAL E 189 -19.90 16.78 27.61
CA VAL E 189 -19.85 16.84 29.08
C VAL E 189 -21.23 16.68 29.68
N ALA E 190 -21.33 15.84 30.71
CA ALA E 190 -22.59 15.59 31.39
C ALA E 190 -22.47 15.86 32.88
N HIS E 191 -23.52 16.46 33.43
CA HIS E 191 -23.57 16.78 34.86
C HIS E 191 -24.84 16.29 35.45
N SER E 192 -24.76 15.93 36.71
CA SER E 192 -25.90 15.86 37.57
C SER E 192 -26.00 17.20 38.19
N GLY E 193 -27.10 17.88 37.97
CA GLY E 193 -27.23 19.21 38.48
C GLY E 193 -27.81 19.13 39.84
N THR E 194 -28.22 17.94 40.21
CA THR E 194 -28.74 17.63 41.50
C THR E 194 -27.69 17.86 42.55
N LYS E 195 -26.46 17.86 42.16
CA LYS E 195 -25.44 17.88 43.15
C LYS E 195 -24.72 19.20 43.36
N TYR E 196 -23.55 19.38 42.83
CA TYR E 196 -22.82 20.60 43.12
C TYR E 196 -23.37 21.79 42.39
N LEU E 197 -23.99 21.58 41.27
CA LEU E 197 -24.34 22.71 40.47
C LEU E 197 -25.37 23.63 41.05
N GLY E 198 -26.45 23.08 41.59
CA GLY E 198 -27.45 23.87 42.25
C GLY E 198 -27.07 24.05 43.69
N GLY E 199 -26.60 23.01 44.30
CA GLY E 199 -25.81 23.17 45.51
C GLY E 199 -26.56 23.17 46.82
N HIS E 200 -27.88 23.05 46.75
CA HIS E 200 -28.69 23.19 47.95
C HIS E 200 -29.55 21.99 48.25
N SER E 201 -29.23 20.86 47.62
CA SER E 201 -29.97 19.61 47.86
C SER E 201 -31.48 19.80 47.70
N ASP E 202 -31.89 20.64 46.75
CA ASP E 202 -33.30 20.96 46.62
C ASP E 202 -33.82 20.90 45.19
N VAL E 203 -32.97 20.48 44.26
CA VAL E 203 -33.34 20.41 42.85
C VAL E 203 -32.78 19.13 42.23
N VAL E 204 -33.60 18.46 41.41
CA VAL E 204 -33.13 17.29 40.66
C VAL E 204 -33.05 17.70 39.19
N ALA E 205 -31.84 17.67 38.64
CA ALA E 205 -31.61 18.16 37.29
C ALA E 205 -30.41 17.48 36.65
N GLY E 206 -30.38 17.51 35.32
CA GLY E 206 -29.23 17.06 34.55
C GLY E 206 -28.84 18.09 33.52
N LEU E 207 -27.53 18.24 33.30
CA LEU E 207 -27.04 19.19 32.30
C LEU E 207 -26.00 18.55 31.38
N VAL E 208 -26.18 18.77 30.07
CA VAL E 208 -25.27 18.28 29.05
C VAL E 208 -24.87 19.43 28.13
N THR E 209 -23.60 19.46 27.73
CA THR E 209 -23.09 20.44 26.77
C THR E 209 -22.01 19.82 25.88
N THR E 210 -21.71 20.48 24.76
CA THR E 210 -20.81 19.89 23.77
C THR E 210 -20.05 20.91 22.90
N ASN E 211 -18.84 20.52 22.52
CA ASN E 211 -17.97 21.22 21.57
C ASN E 211 -18.56 21.40 20.17
N ASN E 212 -19.37 20.43 19.79
CA ASN E 212 -19.62 20.11 18.39
C ASN E 212 -21.03 20.42 17.90
N GLU E 213 -21.07 21.24 16.86
CA GLU E 213 -22.31 21.62 16.16
C GLU E 213 -23.24 20.43 15.82
N ALA E 214 -22.67 19.37 15.22
CA ALA E 214 -23.45 18.20 14.80
C ALA E 214 -24.02 17.42 15.97
N LEU E 215 -23.16 17.11 16.94
CA LEU E 215 -23.56 16.49 18.21
C LEU E 215 -24.67 17.29 18.91
N ALA E 216 -24.61 18.61 18.79
CA ALA E 216 -25.61 19.52 19.37
C ALA E 216 -27.04 19.29 18.86
N GLN E 217 -27.22 19.09 17.55
CA GLN E 217 -28.55 18.76 17.04
C GLN E 217 -28.96 17.36 17.46
N GLU E 218 -28.00 16.44 17.42
CA GLU E 218 -28.20 15.07 17.89
C GLU E 218 -28.77 15.06 19.32
N ILE E 219 -28.09 15.74 20.25
CA ILE E 219 -28.59 15.84 21.62
C ILE E 219 -29.93 16.61 21.66
N ALA E 220 -29.99 17.77 21.02
CA ALA E 220 -31.24 18.55 20.92
C ALA E 220 -32.41 17.66 20.54
N PHE E 221 -32.27 16.93 19.45
CA PHE E 221 -33.29 16.02 18.94
C PHE E 221 -33.82 15.08 20.04
N PHE E 222 -32.93 14.35 20.69
CA PHE E 222 -33.32 13.35 21.69
C PHE E 222 -33.77 13.91 23.02
N GLN E 223 -33.37 15.14 23.33
CA GLN E 223 -33.88 15.84 24.49
C GLN E 223 -35.37 16.06 24.29
N ASN E 224 -35.72 16.49 23.08
CA ASN E 224 -37.10 16.83 22.74
C ASN E 224 -37.95 15.62 22.37
N ALA E 225 -37.36 14.66 21.64
CA ALA E 225 -38.08 13.47 21.18
C ALA E 225 -38.37 12.46 22.29
N ILE E 226 -37.41 12.26 23.20
CA ILE E 226 -37.63 11.41 24.37
C ILE E 226 -38.36 12.18 25.48
N GLY E 227 -38.22 13.52 25.47
CA GLY E 227 -38.99 14.40 26.36
C GLY E 227 -38.59 14.50 27.82
N GLY E 228 -37.36 14.08 28.16
CA GLY E 228 -36.87 14.14 29.54
C GLY E 228 -36.41 15.53 29.98
N VAL E 229 -37.20 16.56 29.68
CA VAL E 229 -36.79 17.95 29.90
C VAL E 229 -37.00 18.48 31.32
N LEU E 230 -36.11 19.37 31.73
CA LEU E 230 -36.21 20.04 33.03
C LEU E 230 -37.28 21.13 32.99
N GLY E 231 -38.05 21.25 34.06
CA GLY E 231 -39.07 22.29 34.20
C GLY E 231 -38.49 23.68 34.44
N PRO E 232 -39.27 24.74 34.15
CA PRO E 232 -38.78 26.12 34.32
C PRO E 232 -38.43 26.46 35.76
N GLN E 233 -39.29 26.08 36.70
CA GLN E 233 -39.02 26.30 38.12
C GLN E 233 -37.67 25.70 38.52
N ASP E 234 -37.46 24.43 38.19
CA ASP E 234 -36.18 23.77 38.45
C ASP E 234 -35.01 24.45 37.74
N SER E 235 -35.17 24.73 36.44
CA SER E 235 -34.17 25.47 35.68
C SER E 235 -33.73 26.74 36.40
N TRP E 236 -34.71 27.54 36.79
CA TRP E 236 -34.46 28.82 37.46
C TRP E 236 -33.75 28.62 38.78
N LEU E 237 -34.16 27.61 39.53
CA LEU E 237 -33.54 27.31 40.82
C LEU E 237 -32.09 26.86 40.67
N LEU E 238 -31.83 26.11 39.61
CA LEU E 238 -30.50 25.59 39.31
C LEU E 238 -29.57 26.74 38.94
N GLN E 239 -30.04 27.62 38.05
CA GLN E 239 -29.26 28.79 37.67
C GLN E 239 -28.99 29.68 38.88
N ARG E 240 -30.02 29.91 39.69
CA ARG E 240 -29.85 30.67 40.93
C ARG E 240 -28.72 30.05 41.73
N GLY E 241 -28.82 28.74 41.98
CA GLY E 241 -27.77 27.99 42.65
C GLY E 241 -26.38 28.12 42.03
N ILE E 242 -26.31 28.15 40.69
CA ILE E 242 -25.01 28.26 40.02
C ILE E 242 -24.27 29.57 40.36
N LYS E 243 -25.02 30.62 40.67
CA LYS E 243 -24.42 31.91 40.97
C LYS E 243 -23.40 31.89 42.13
N THR E 244 -23.58 30.96 43.08
CA THR E 244 -22.69 30.85 44.23
C THR E 244 -21.68 29.69 44.14
N LEU E 245 -21.64 29.06 42.96
CA LEU E 245 -20.77 27.91 42.72
C LEU E 245 -19.30 28.15 43.10
N GLY E 246 -18.72 29.23 42.62
CA GLY E 246 -17.35 29.58 42.94
C GLY E 246 -17.08 29.62 44.44
N LEU E 247 -17.94 30.35 45.16
CA LEU E 247 -17.81 30.51 46.61
C LEU E 247 -17.98 29.17 47.33
N ARG E 248 -18.95 28.39 46.88
CA ARG E 248 -19.23 27.09 47.47
C ARG E 248 -18.12 26.08 47.21
N MET E 249 -17.56 26.08 46.01
CA MET E 249 -16.49 25.13 45.70
C MET E 249 -15.21 25.43 46.50
N GLU E 250 -14.86 26.72 46.62
CA GLU E 250 -13.71 27.14 47.45
C GLU E 250 -13.83 26.58 48.86
N ALA E 251 -14.99 26.81 49.48
CA ALA E 251 -15.29 26.34 50.83
C ALA E 251 -15.38 24.82 50.93
N HIS E 252 -15.97 24.17 49.92
CA HIS E 252 -16.00 22.72 49.86
C HIS E 252 -14.60 22.18 49.93
N GLN E 253 -13.73 22.73 49.10
CA GLN E 253 -12.34 22.29 49.00
C GLN E 253 -11.54 22.57 50.27
N LYS E 254 -11.74 23.75 50.86
CA LYS E 254 -11.08 24.11 52.10
C LYS E 254 -11.43 23.10 53.18
N ASN E 255 -12.73 22.88 53.37
CA ASN E 255 -13.21 21.91 54.35
C ASN E 255 -12.78 20.47 54.07
N ALA E 256 -12.82 20.06 52.80
CA ALA E 256 -12.43 18.70 52.42
C ALA E 256 -10.95 18.43 52.70
N LEU E 257 -10.10 19.41 52.40
CA LEU E 257 -8.66 19.32 52.68
C LEU E 257 -8.40 19.17 54.17
N CYS E 258 -9.14 19.93 54.98
CA CYS E 258 -9.05 19.84 56.44
C CYS E 258 -9.47 18.48 56.97
N VAL E 259 -10.55 17.93 56.43
CA VAL E 259 -11.05 16.62 56.85
C VAL E 259 -10.12 15.51 56.39
N ALA E 260 -9.68 15.57 55.13
CA ALA E 260 -8.76 14.59 54.57
C ALA E 260 -7.49 14.46 55.42
N GLU E 261 -6.91 15.60 55.79
CA GLU E 261 -5.69 15.61 56.59
C GLU E 261 -5.93 15.24 58.05
N PHE E 262 -7.18 15.33 58.49
CA PHE E 262 -7.56 14.90 59.83
C PHE E 262 -7.64 13.38 59.89
N LEU E 263 -8.26 12.79 58.86
CA LEU E 263 -8.46 11.34 58.81
C LEU E 263 -7.16 10.57 58.52
N GLU E 264 -6.26 11.21 57.78
CA GLU E 264 -5.00 10.59 57.37
C GLU E 264 -4.04 10.42 58.56
N LYS E 265 -4.15 11.32 59.54
CA LYS E 265 -3.29 11.33 60.73
C LYS E 265 -3.98 10.67 61.92
N HIS E 266 -5.07 9.95 61.66
CA HIS E 266 -5.93 9.41 62.72
C HIS E 266 -5.75 7.92 62.89
N PRO E 267 -5.46 7.47 64.13
CA PRO E 267 -5.22 6.06 64.47
C PRO E 267 -6.30 5.07 63.99
N LYS E 268 -7.57 5.43 64.15
CA LYS E 268 -8.67 4.51 63.82
C LYS E 268 -8.91 4.38 62.31
N VAL E 269 -8.16 5.12 61.51
CA VAL E 269 -8.39 5.20 60.06
C VAL E 269 -7.23 4.59 59.27
N GLU E 270 -7.57 3.77 58.27
CA GLU E 270 -6.56 3.10 57.44
C GLU E 270 -6.22 3.90 56.18
N ARG E 271 -7.14 3.93 55.21
CA ARG E 271 -6.94 4.66 53.97
C ARG E 271 -7.91 5.83 53.81
N VAL E 272 -7.39 6.94 53.31
CA VAL E 272 -8.20 8.09 52.91
C VAL E 272 -8.16 8.21 51.39
N TYR E 273 -9.31 8.49 50.79
CA TYR E 273 -9.40 8.67 49.34
C TYR E 273 -9.83 10.11 49.03
N TYR E 274 -8.88 10.94 48.60
CA TYR E 274 -9.16 12.33 48.24
C TYR E 274 -8.08 12.90 47.29
N PRO E 275 -8.52 13.47 46.15
CA PRO E 275 -7.61 14.00 45.11
C PRO E 275 -6.62 15.08 45.58
N GLY E 276 -6.90 15.70 46.73
CA GLY E 276 -6.06 16.79 47.22
C GLY E 276 -4.92 16.41 48.16
N LEU E 277 -4.79 15.11 48.44
CA LEU E 277 -3.66 14.62 49.21
C LEU E 277 -2.52 14.29 48.26
N PRO E 278 -1.30 14.74 48.59
CA PRO E 278 -0.13 14.42 47.75
C PRO E 278 0.16 12.93 47.66
N THR E 279 -0.22 12.17 48.69
CA THR E 279 -0.06 10.72 48.67
C THR E 279 -1.19 10.01 47.92
N HIS E 280 -2.00 10.76 47.18
CA HIS E 280 -3.07 10.16 46.39
C HIS E 280 -2.51 9.69 45.08
N PRO E 281 -2.80 8.44 44.69
CA PRO E 281 -2.36 8.00 43.37
C PRO E 281 -2.75 9.04 42.33
N ASN E 282 -1.78 9.43 41.50
CA ASN E 282 -2.04 10.36 40.38
C ASN E 282 -2.33 11.80 40.80
N TYR E 283 -1.86 12.16 42.00
CA TYR E 283 -1.93 13.54 42.49
C TYR E 283 -1.39 14.56 41.48
N GLU E 284 -0.32 14.21 40.77
CA GLU E 284 0.32 15.10 39.79
C GLU E 284 -0.59 15.37 38.60
N LEU E 285 -1.23 14.31 38.10
CA LEU E 285 -2.20 14.42 37.02
C LEU E 285 -3.40 15.27 37.42
N ALA E 286 -3.87 15.08 38.65
CA ALA E 286 -4.98 15.85 39.19
C ALA E 286 -4.69 17.35 39.13
N LYS E 287 -3.54 17.75 39.68
CA LYS E 287 -3.11 19.16 39.69
C LYS E 287 -2.99 19.76 38.29
N LYS E 288 -2.76 18.90 37.30
CA LYS E 288 -2.49 19.34 35.94
C LYS E 288 -3.76 19.55 35.13
N GLN E 289 -4.83 18.82 35.46
CA GLN E 289 -6.09 18.94 34.73
C GLN E 289 -7.25 19.56 35.54
N MET E 290 -7.07 19.66 36.86
CA MET E 290 -8.04 20.31 37.75
C MET E 290 -7.42 21.54 38.40
N ARG E 291 -8.23 22.58 38.59
CA ARG E 291 -7.79 23.77 39.29
C ARG E 291 -8.10 23.67 40.78
N GLY E 292 -8.81 22.60 41.14
CA GLY E 292 -9.14 22.32 42.53
C GLY E 292 -9.76 20.94 42.69
N PHE E 293 -9.69 20.44 43.92
CA PHE E 293 -10.29 19.17 44.28
C PHE E 293 -11.57 19.55 45.00
N SER E 294 -12.61 18.74 44.92
CA SER E 294 -13.92 19.19 45.41
C SER E 294 -14.16 18.95 46.90
N GLY E 295 -15.34 18.45 47.25
CA GLY E 295 -15.69 18.17 48.63
C GLY E 295 -15.80 16.68 48.93
N MET E 296 -15.66 15.87 47.89
CA MET E 296 -15.82 14.42 47.98
C MET E 296 -14.59 13.67 48.46
N LEU E 297 -14.76 12.95 49.56
CA LEU E 297 -13.74 12.01 50.02
C LEU E 297 -14.41 10.78 50.60
N SER E 298 -13.81 9.63 50.37
CA SER E 298 -14.17 8.44 51.13
C SER E 298 -12.98 8.04 51.98
N PHE E 299 -13.23 7.29 53.03
CA PHE E 299 -12.17 6.77 53.86
C PHE E 299 -12.54 5.40 54.38
N THR E 300 -11.53 4.62 54.75
CA THR E 300 -11.77 3.30 55.30
C THR E 300 -11.04 3.18 56.63
N LEU E 301 -11.76 2.71 57.64
CA LEU E 301 -11.21 2.60 58.98
C LEU E 301 -10.64 1.20 59.22
N LYS E 302 -9.67 1.12 60.14
CA LYS E 302 -8.98 -0.14 60.45
C LYS E 302 -9.94 -1.25 60.89
N ASN E 303 -10.72 -1.00 61.95
CA ASN E 303 -11.78 -1.93 62.35
C ASN E 303 -12.98 -1.77 61.41
N ASP E 304 -13.14 -2.74 60.50
CA ASP E 304 -14.09 -2.62 59.40
C ASP E 304 -15.56 -2.81 59.78
N SER E 305 -15.80 -3.53 60.87
CA SER E 305 -17.18 -3.78 61.34
C SER E 305 -17.81 -2.53 61.97
N GLU E 306 -16.95 -1.63 62.48
CA GLU E 306 -17.39 -0.44 63.21
C GLU E 306 -17.89 0.71 62.33
N ALA E 307 -18.03 0.46 61.02
CA ALA E 307 -18.44 1.50 60.06
C ALA E 307 -19.84 2.05 60.35
N VAL E 308 -20.83 1.15 60.35
CA VAL E 308 -22.23 1.53 60.57
C VAL E 308 -22.38 2.35 61.87
N ALA E 309 -21.73 1.89 62.94
CA ALA E 309 -21.71 2.61 64.20
C ALA E 309 -21.20 4.05 64.02
N PHE E 310 -20.05 4.21 63.38
CA PHE E 310 -19.42 5.52 63.17
C PHE E 310 -20.36 6.49 62.45
N VAL E 311 -20.87 6.06 61.30
CA VAL E 311 -21.80 6.85 60.49
C VAL E 311 -23.06 7.22 61.28
N GLU E 312 -23.57 6.27 62.07
CA GLU E 312 -24.80 6.49 62.83
C GLU E 312 -24.63 7.39 64.05
N SER E 313 -23.40 7.57 64.53
CA SER E 313 -23.17 8.45 65.68
C SER E 313 -22.78 9.87 65.28
N LEU E 314 -22.76 10.13 63.98
CA LEU E 314 -22.53 11.48 63.46
C LEU E 314 -23.78 12.33 63.65
N LYS E 315 -23.60 13.52 64.23
CA LYS E 315 -24.72 14.42 64.49
C LYS E 315 -24.85 15.49 63.40
N LEU E 316 -23.77 16.23 63.15
CA LEU E 316 -23.77 17.28 62.14
C LEU E 316 -23.89 16.71 60.73
N PHE E 317 -22.99 15.77 60.39
CA PHE E 317 -23.07 15.04 59.13
C PHE E 317 -24.42 14.34 59.01
N ILE E 318 -25.03 14.46 57.83
CA ILE E 318 -26.37 13.90 57.59
C ILE E 318 -26.30 12.57 56.84
N LEU E 319 -26.84 11.53 57.46
CA LEU E 319 -26.93 10.23 56.82
C LEU E 319 -28.03 10.26 55.75
N GLY E 320 -27.60 10.45 54.52
CA GLY E 320 -28.51 10.63 53.39
C GLY E 320 -27.95 10.06 52.08
N GLU E 321 -28.77 10.16 51.04
CA GLU E 321 -28.59 9.39 49.82
C GLU E 321 -27.96 10.16 48.64
N SER E 322 -27.51 11.39 48.87
CA SER E 322 -26.91 12.16 47.76
C SER E 322 -25.59 12.82 48.13
N LEU E 323 -25.22 13.87 47.39
CA LEU E 323 -23.94 14.56 47.60
C LEU E 323 -23.92 15.96 47.00
N GLY E 324 -22.95 16.76 47.41
CA GLY E 324 -22.67 18.05 46.77
C GLY E 324 -23.61 19.18 47.12
N GLY E 325 -24.15 19.17 48.33
CA GLY E 325 -24.96 20.28 48.82
C GLY E 325 -24.20 21.09 49.85
N VAL E 326 -24.79 22.20 50.27
CA VAL E 326 -24.21 23.05 51.31
C VAL E 326 -24.10 22.33 52.66
N GLU E 327 -24.97 21.33 52.84
CA GLU E 327 -24.97 20.50 54.04
C GLU E 327 -24.16 19.23 53.81
N SER E 328 -23.36 18.87 54.81
CA SER E 328 -22.54 17.66 54.75
C SER E 328 -23.38 16.41 54.74
N LEU E 329 -23.03 15.48 53.86
CA LEU E 329 -23.69 14.18 53.81
C LEU E 329 -22.71 13.06 54.08
N VAL E 330 -23.22 12.00 54.73
CA VAL E 330 -22.40 10.83 55.05
C VAL E 330 -23.05 9.59 54.43
N GLY E 331 -22.21 8.67 53.97
CA GLY E 331 -22.71 7.47 53.31
C GLY E 331 -21.76 6.29 53.29
N ILE E 332 -22.35 5.10 53.11
CA ILE E 332 -21.58 3.86 52.97
C ILE E 332 -22.02 3.19 51.67
N PRO E 333 -21.24 3.35 50.59
CA PRO E 333 -21.59 2.84 49.26
C PRO E 333 -22.08 1.38 49.25
N ALA E 334 -21.45 0.54 50.07
CA ALA E 334 -21.81 -0.89 50.20
C ALA E 334 -23.31 -1.11 50.45
N PHE E 335 -23.88 -0.31 51.35
CA PHE E 335 -25.30 -0.46 51.72
C PHE E 335 -26.17 0.59 51.02
N MET E 336 -25.55 1.37 50.14
CA MET E 336 -26.24 2.41 49.37
C MET E 336 -25.81 2.22 47.90
N THR E 337 -25.45 3.45 47.27
CA THR E 337 -25.00 3.39 45.85
C THR E 337 -23.89 2.32 45.60
N ALA E 348 -14.78 -5.85 47.15
CA ALA E 348 -15.14 -6.08 45.72
C ALA E 348 -14.08 -5.46 44.80
N ALA E 349 -14.22 -4.16 44.58
CA ALA E 349 -13.27 -3.38 43.80
C ALA E 349 -12.82 -2.15 44.57
N GLY E 350 -12.24 -2.34 45.75
CA GLY E 350 -11.75 -1.25 46.54
C GLY E 350 -12.83 -0.87 47.49
N ILE E 351 -14.02 -1.27 47.14
CA ILE E 351 -15.20 -0.90 47.87
C ILE E 351 -15.43 -1.84 49.04
N ARG E 352 -14.46 -1.91 49.92
CA ARG E 352 -14.65 -2.70 51.09
C ARG E 352 -15.99 -2.29 51.55
N ASP E 353 -16.60 -3.04 52.45
CA ASP E 353 -17.90 -2.66 52.94
C ASP E 353 -17.69 -1.68 54.07
N GLY E 354 -16.47 -1.44 54.46
CA GLY E 354 -16.23 -0.55 55.58
C GLY E 354 -15.78 0.79 55.08
N LEU E 355 -16.26 1.12 53.89
CA LEU E 355 -15.85 2.35 53.22
C LEU E 355 -16.90 3.43 53.44
N VAL E 356 -16.51 4.49 54.15
CA VAL E 356 -17.42 5.61 54.41
C VAL E 356 -17.11 6.76 53.47
N ARG E 357 -18.15 7.24 52.78
CA ARG E 357 -18.00 8.35 51.85
C ARG E 357 -18.63 9.62 52.41
N LEU E 358 -17.80 10.61 52.70
CA LEU E 358 -18.31 11.92 53.11
C LEU E 358 -18.46 12.84 51.90
N SER E 359 -19.58 13.56 51.86
CA SER E 359 -19.69 14.75 51.05
C SER E 359 -19.51 15.92 52.00
N VAL E 360 -18.34 16.54 51.99
CA VAL E 360 -18.05 17.63 52.92
C VAL E 360 -18.70 18.92 52.42
N GLY E 361 -19.56 19.49 53.28
CA GLY E 361 -20.35 20.69 52.93
C GLY E 361 -19.65 21.98 53.30
N ILE E 362 -20.42 23.06 53.45
CA ILE E 362 -19.85 24.38 53.68
C ILE E 362 -20.00 24.94 55.10
N GLU E 363 -20.18 24.06 56.07
CA GLU E 363 -20.24 24.45 57.49
C GLU E 363 -18.86 24.89 57.99
N HIS E 364 -18.78 25.27 59.26
CA HIS E 364 -17.51 25.62 59.89
C HIS E 364 -16.71 24.37 60.10
N GLU E 365 -15.45 24.41 59.65
CA GLU E 365 -14.54 23.24 59.69
C GLU E 365 -14.31 22.66 61.08
N GLN E 366 -14.35 23.54 62.09
CA GLN E 366 -14.20 23.15 63.48
C GLN E 366 -15.34 22.24 63.94
N ASP E 367 -16.55 22.58 63.51
CA ASP E 367 -17.74 21.80 63.83
C ASP E 367 -17.75 20.47 63.07
N LEU E 368 -17.22 20.49 61.85
CA LEU E 368 -17.10 19.28 61.04
C LEU E 368 -16.06 18.33 61.62
N LEU E 369 -14.96 18.89 62.12
CA LEU E 369 -13.92 18.12 62.80
C LEU E 369 -14.40 17.61 64.16
N GLU E 370 -15.15 18.45 64.88
CA GLU E 370 -15.72 18.06 66.16
C GLU E 370 -16.76 16.93 66.03
N ASP E 371 -17.56 16.94 64.97
CA ASP E 371 -18.52 15.84 64.74
C ASP E 371 -17.82 14.52 64.43
N LEU E 372 -16.64 14.60 63.81
CA LEU E 372 -15.84 13.40 63.52
C LEU E 372 -15.15 12.88 64.77
N GLU E 373 -14.59 13.79 65.58
CA GLU E 373 -14.01 13.43 66.88
C GLU E 373 -15.01 12.60 67.68
N GLN E 374 -16.11 13.25 68.06
CA GLN E 374 -17.13 12.63 68.91
C GLN E 374 -17.61 11.27 68.39
N ALA E 375 -17.49 11.04 67.08
CA ALA E 375 -17.94 9.78 66.47
C ALA E 375 -16.89 8.67 66.59
N PHE E 376 -15.62 9.01 66.35
CA PHE E 376 -14.51 8.09 66.59
C PHE E 376 -14.44 7.72 68.07
N ALA E 377 -14.67 8.71 68.93
CA ALA E 377 -14.65 8.53 70.38
C ALA E 377 -15.76 7.60 70.88
N LYS E 378 -16.51 7.03 69.95
CA LYS E 378 -17.57 6.07 70.27
C LYS E 378 -17.29 4.67 69.73
N ILE E 379 -16.12 4.51 69.11
CA ILE E 379 -15.71 3.21 68.53
C ILE E 379 -14.27 2.81 68.89
N MET F 1 -19.87 -42.38 -26.34
CA MET F 1 -20.87 -41.81 -27.31
C MET F 1 -21.02 -40.31 -27.10
N ARG F 2 -20.48 -39.53 -28.04
CA ARG F 2 -20.66 -38.07 -28.03
C ARG F 2 -22.12 -37.70 -28.25
N MET F 3 -22.49 -36.47 -27.88
CA MET F 3 -23.89 -36.03 -27.99
C MET F 3 -24.44 -36.15 -29.40
N GLN F 4 -23.64 -35.76 -30.39
CA GLN F 4 -24.07 -35.83 -31.78
C GLN F 4 -24.42 -37.26 -32.16
N THR F 5 -23.76 -38.23 -31.53
CA THR F 5 -24.04 -39.64 -31.80
C THR F 5 -25.26 -40.09 -30.99
N LYS F 6 -25.38 -39.58 -29.77
CA LYS F 6 -26.50 -39.91 -28.89
C LYS F 6 -27.85 -39.60 -29.53
N LEU F 7 -27.95 -38.43 -30.18
CA LEU F 7 -29.18 -38.03 -30.89
C LEU F 7 -29.65 -39.03 -31.94
N ILE F 8 -28.73 -39.82 -32.46
CA ILE F 8 -29.02 -40.80 -33.51
C ILE F 8 -29.17 -42.21 -32.95
N HIS F 9 -28.50 -42.52 -31.85
CA HIS F 9 -28.46 -43.88 -31.33
C HIS F 9 -28.87 -44.01 -29.89
N GLY F 10 -29.09 -42.87 -29.22
CA GLY F 10 -29.45 -42.85 -27.80
C GLY F 10 -30.77 -43.53 -27.46
N GLY F 11 -31.05 -43.63 -26.15
CA GLY F 11 -32.25 -44.30 -25.65
C GLY F 11 -32.50 -45.61 -26.35
N ILE F 12 -33.74 -45.84 -26.75
CA ILE F 12 -34.04 -46.89 -27.73
C ILE F 12 -34.18 -46.19 -29.08
N SER F 13 -33.40 -46.66 -30.06
CA SER F 13 -33.40 -46.07 -31.40
C SER F 13 -33.52 -47.15 -32.47
N GLU F 14 -33.75 -48.38 -32.01
CA GLU F 14 -33.78 -49.54 -32.88
C GLU F 14 -34.86 -50.49 -32.37
N ASP F 15 -35.49 -51.21 -33.29
CA ASP F 15 -36.34 -52.32 -32.89
C ASP F 15 -35.47 -53.55 -32.72
N ALA F 16 -35.38 -54.05 -31.49
CA ALA F 16 -34.51 -55.17 -31.15
C ALA F 16 -34.89 -56.48 -31.85
N THR F 17 -36.17 -56.65 -32.11
CA THR F 17 -36.69 -57.91 -32.62
C THR F 17 -36.72 -58.05 -34.14
N THR F 18 -36.87 -56.94 -34.86
CA THR F 18 -36.95 -57.03 -36.33
C THR F 18 -35.68 -56.55 -37.01
N GLY F 19 -34.96 -55.64 -36.36
CA GLY F 19 -33.77 -55.01 -36.92
C GLY F 19 -33.98 -53.54 -37.24
N ALA F 20 -35.23 -53.16 -37.47
CA ALA F 20 -35.61 -51.81 -37.91
C ALA F 20 -34.85 -50.67 -37.25
N VAL F 21 -34.27 -49.82 -38.10
CA VAL F 21 -33.45 -48.69 -37.67
C VAL F 21 -34.34 -47.51 -37.28
N SER F 22 -35.63 -47.77 -37.23
CA SER F 22 -36.58 -46.80 -36.70
C SER F 22 -37.51 -47.56 -35.75
N VAL F 23 -37.75 -46.97 -34.58
CA VAL F 23 -38.70 -47.52 -33.62
C VAL F 23 -40.10 -47.55 -34.28
N PRO F 24 -40.77 -48.71 -34.24
CA PRO F 24 -42.08 -48.84 -34.88
C PRO F 24 -43.15 -48.00 -34.17
N ILE F 25 -44.09 -47.47 -34.94
CA ILE F 25 -45.19 -46.71 -34.37
C ILE F 25 -46.24 -47.69 -33.84
N TYR F 26 -46.47 -47.62 -32.53
CA TYR F 26 -47.39 -48.53 -31.88
C TYR F 26 -48.77 -47.90 -31.71
N GLN F 27 -49.59 -47.98 -32.77
CA GLN F 27 -50.96 -47.49 -32.70
C GLN F 27 -51.84 -48.56 -32.07
N THR F 28 -51.74 -48.67 -30.75
CA THR F 28 -52.45 -49.71 -30.02
C THR F 28 -52.88 -49.16 -28.67
N SER F 29 -54.08 -49.52 -28.24
CA SER F 29 -54.52 -49.11 -26.92
C SER F 29 -54.19 -50.19 -25.89
N THR F 30 -54.10 -51.43 -26.33
CA THR F 30 -53.89 -52.55 -25.40
C THR F 30 -53.01 -53.70 -25.90
N TYR F 31 -52.68 -54.59 -24.96
CA TYR F 31 -51.74 -55.71 -25.19
C TYR F 31 -52.25 -57.00 -24.59
N ARG F 32 -52.18 -58.08 -25.37
CA ARG F 32 -52.47 -59.42 -24.86
C ARG F 32 -51.47 -59.77 -23.76
N GLN F 33 -51.96 -60.41 -22.73
CA GLN F 33 -51.10 -60.81 -21.66
C GLN F 33 -50.98 -62.30 -21.66
N ASP F 34 -49.96 -62.80 -20.98
CA ASP F 34 -49.60 -64.19 -21.05
C ASP F 34 -50.42 -65.00 -20.09
N ALA F 35 -50.53 -64.47 -18.88
CA ALA F 35 -51.33 -65.07 -17.86
C ALA F 35 -51.68 -63.94 -16.94
N ILE F 36 -52.55 -64.19 -15.96
CA ILE F 36 -52.88 -63.19 -14.98
C ILE F 36 -51.68 -62.93 -14.10
N GLY F 37 -51.50 -61.68 -13.70
CA GLY F 37 -50.30 -61.20 -13.00
C GLY F 37 -49.01 -61.19 -13.80
N ARG F 38 -49.06 -61.60 -15.06
CA ARG F 38 -47.84 -61.71 -15.89
C ARG F 38 -48.01 -61.09 -17.29
N HIS F 39 -47.74 -59.76 -17.34
CA HIS F 39 -47.59 -59.00 -18.59
C HIS F 39 -46.88 -59.78 -19.68
N GLY F 41 -44.26 -56.86 -21.57
CA GLY F 41 -44.18 -55.90 -20.47
C GLY F 41 -45.03 -54.65 -20.65
N TYR F 42 -46.11 -54.77 -21.42
CA TYR F 42 -47.01 -53.65 -21.62
C TYR F 42 -48.43 -54.08 -21.34
N GLU F 43 -49.22 -53.17 -20.80
CA GLU F 43 -50.58 -53.47 -20.39
C GLU F 43 -51.59 -52.56 -21.02
N TYR F 44 -51.38 -51.26 -20.93
CA TYR F 44 -52.29 -50.28 -21.46
C TYR F 44 -51.43 -49.12 -21.88
N SER F 45 -51.81 -48.40 -22.90
CA SER F 45 -50.93 -47.44 -23.53
C SER F 45 -50.92 -46.09 -22.88
N ARG F 46 -51.83 -45.87 -21.96
CA ARG F 46 -51.79 -44.64 -21.13
C ARG F 46 -50.71 -44.78 -20.06
N SER F 47 -50.51 -46.01 -19.57
CA SER F 47 -49.41 -46.32 -18.67
C SER F 47 -48.12 -46.49 -19.46
N GLY F 48 -48.13 -47.43 -20.41
CA GLY F 48 -46.93 -47.79 -21.15
C GLY F 48 -47.21 -48.11 -22.61
N ASN F 49 -46.35 -47.56 -23.46
CA ASN F 49 -46.41 -47.78 -24.91
C ASN F 49 -44.98 -47.69 -25.43
N PRO F 50 -44.53 -48.70 -26.19
CA PRO F 50 -43.12 -48.81 -26.58
C PRO F 50 -42.61 -47.62 -27.40
N THR F 51 -43.44 -47.11 -28.32
CA THR F 51 -43.06 -45.93 -29.10
C THR F 51 -42.75 -44.74 -28.20
N ARG F 52 -43.65 -44.42 -27.27
CA ARG F 52 -43.44 -43.30 -26.36
C ARG F 52 -42.27 -43.55 -25.42
N PHE F 53 -42.14 -44.79 -24.96
CA PHE F 53 -41.09 -45.17 -24.02
C PHE F 53 -39.71 -45.02 -24.65
N ALA F 54 -39.60 -45.43 -25.92
CA ALA F 54 -38.39 -45.22 -26.71
C ALA F 54 -37.95 -43.76 -26.70
N LEU F 55 -38.87 -42.85 -27.03
CA LEU F 55 -38.59 -41.41 -27.02
C LEU F 55 -38.28 -40.94 -25.61
N GLU F 56 -39.01 -41.49 -24.63
CA GLU F 56 -38.79 -41.17 -23.22
C GLU F 56 -37.37 -41.52 -22.78
N GLU F 57 -36.92 -42.72 -23.14
CA GLU F 57 -35.54 -43.15 -22.86
C GLU F 57 -34.54 -42.16 -23.46
N LEU F 58 -34.77 -41.76 -24.70
CA LEU F 58 -33.90 -40.85 -25.42
C LEU F 58 -33.69 -39.53 -24.67
N ILE F 59 -34.77 -38.95 -24.16
CA ILE F 59 -34.67 -37.67 -23.46
C ILE F 59 -34.00 -37.80 -22.08
N ALA F 60 -34.17 -38.95 -21.44
CA ALA F 60 -33.46 -39.26 -20.20
C ALA F 60 -31.96 -39.39 -20.52
N ASP F 61 -31.67 -40.24 -21.50
CA ASP F 61 -30.32 -40.47 -21.99
C ASP F 61 -29.62 -39.15 -22.35
N LEU F 62 -30.28 -38.34 -23.18
CA LEU F 62 -29.75 -37.04 -23.60
C LEU F 62 -29.53 -36.04 -22.47
N GLU F 63 -30.37 -36.08 -21.44
CA GLU F 63 -30.31 -35.10 -20.35
C GLU F 63 -29.63 -35.64 -19.08
N GLY F 64 -29.24 -36.91 -19.11
CA GLY F 64 -28.62 -37.57 -17.96
C GLY F 64 -29.60 -37.77 -16.81
N GLY F 65 -30.81 -38.23 -17.14
CA GLY F 65 -31.83 -38.52 -16.14
C GLY F 65 -32.12 -40.00 -16.07
N VAL F 66 -32.80 -40.44 -15.01
CA VAL F 66 -33.08 -41.87 -14.83
C VAL F 66 -34.32 -42.33 -15.61
N LYS F 67 -35.24 -41.40 -15.86
CA LYS F 67 -36.45 -41.67 -16.61
C LYS F 67 -36.93 -40.45 -17.39
N GLY F 68 -37.54 -40.69 -18.55
CA GLY F 68 -38.14 -39.63 -19.35
C GLY F 68 -39.66 -39.70 -19.33
N PHE F 69 -40.29 -38.56 -19.62
CA PHE F 69 -41.75 -38.49 -19.65
C PHE F 69 -42.23 -37.64 -20.81
N ALA F 70 -43.07 -38.23 -21.66
CA ALA F 70 -43.63 -37.55 -22.82
C ALA F 70 -45.10 -37.22 -22.59
N PHE F 71 -45.42 -35.95 -22.79
CA PHE F 71 -46.76 -35.44 -22.54
C PHE F 71 -47.37 -34.83 -23.79
N ALA F 72 -48.70 -34.80 -23.82
CA ALA F 72 -49.47 -34.20 -24.91
C ALA F 72 -49.05 -32.78 -25.31
N SER F 73 -48.40 -32.06 -24.39
CA SER F 73 -47.92 -30.70 -24.66
C SER F 73 -46.97 -30.26 -23.57
N GLY F 74 -46.24 -29.18 -23.85
CA GLY F 74 -45.36 -28.56 -22.86
C GLY F 74 -46.05 -28.33 -21.52
N LEU F 75 -47.27 -27.78 -21.58
CA LEU F 75 -48.06 -27.50 -20.40
C LEU F 75 -48.42 -28.75 -19.60
N ALA F 76 -49.10 -29.69 -20.25
CA ALA F 76 -49.41 -30.98 -19.63
C ALA F 76 -48.23 -31.48 -18.79
N GLY F 77 -47.02 -31.37 -19.35
CA GLY F 77 -45.80 -31.82 -18.69
C GLY F 77 -45.44 -31.00 -17.47
N ILE F 78 -45.48 -29.68 -17.62
CA ILE F 78 -45.26 -28.77 -16.51
C ILE F 78 -46.29 -29.03 -15.41
N HIS F 79 -47.56 -29.07 -15.81
CA HIS F 79 -48.66 -29.36 -14.90
C HIS F 79 -48.46 -30.63 -14.12
N ALA F 80 -48.08 -31.70 -14.79
CA ALA F 80 -47.84 -32.99 -14.14
C ALA F 80 -46.74 -32.89 -13.08
N VAL F 81 -45.76 -32.02 -13.32
CA VAL F 81 -44.67 -31.77 -12.38
C VAL F 81 -45.19 -31.09 -11.11
N PHE F 82 -45.93 -29.99 -11.28
CA PHE F 82 -46.47 -29.28 -10.12
C PHE F 82 -47.53 -30.06 -9.35
N SER F 83 -48.03 -31.14 -9.96
CA SER F 83 -48.98 -32.03 -9.29
C SER F 83 -48.31 -32.87 -8.19
N LEU F 84 -47.03 -32.59 -7.92
CA LEU F 84 -46.29 -33.26 -6.84
C LEU F 84 -46.59 -32.61 -5.49
N LEU F 85 -46.58 -31.27 -5.49
CA LEU F 85 -46.77 -30.46 -4.27
C LEU F 85 -48.20 -30.52 -3.72
N GLN F 86 -48.31 -30.57 -2.40
CA GLN F 86 -49.60 -30.58 -1.69
C GLN F 86 -50.21 -29.18 -1.58
N SER F 87 -51.52 -29.12 -1.34
CA SER F 87 -52.18 -27.87 -1.00
C SER F 87 -51.50 -27.25 0.21
N GLY F 88 -51.17 -25.97 0.10
CA GLY F 88 -50.41 -25.27 1.14
C GLY F 88 -49.02 -24.88 0.71
N ASP F 89 -48.48 -25.59 -0.28
CA ASP F 89 -47.09 -25.38 -0.74
C ASP F 89 -46.87 -24.03 -1.43
N HIS F 90 -45.60 -23.64 -1.52
CA HIS F 90 -45.20 -22.35 -2.07
C HIS F 90 -44.10 -22.51 -3.09
N VAL F 91 -44.13 -21.69 -4.14
CA VAL F 91 -43.18 -21.80 -5.24
C VAL F 91 -42.55 -20.46 -5.61
N LEU F 92 -41.22 -20.48 -5.76
CA LEU F 92 -40.51 -19.31 -6.28
C LEU F 92 -40.49 -19.40 -7.80
N LEU F 93 -40.93 -18.33 -8.45
CA LEU F 93 -41.15 -18.32 -9.89
C LEU F 93 -40.40 -17.17 -10.55
N GLY F 94 -39.87 -17.42 -11.75
CA GLY F 94 -39.21 -16.38 -12.54
C GLY F 94 -40.18 -15.34 -13.05
N ASP F 95 -39.77 -14.07 -13.02
CA ASP F 95 -40.63 -12.96 -13.45
C ASP F 95 -40.81 -12.90 -14.97
N ASP F 96 -39.80 -13.40 -15.69
CA ASP F 96 -39.83 -13.43 -17.15
C ASP F 96 -40.45 -14.73 -17.68
N VAL F 97 -40.98 -15.56 -16.77
CA VAL F 97 -41.60 -16.84 -17.12
C VAL F 97 -42.66 -16.68 -18.21
N TYR F 98 -42.61 -17.68 -19.16
CA TYR F 98 -43.50 -17.60 -20.33
C TYR F 98 -44.99 -17.70 -19.91
N GLY F 99 -45.81 -16.85 -20.57
CA GLY F 99 -47.26 -16.81 -20.33
C GLY F 99 -47.87 -18.05 -19.68
N GLY F 100 -47.98 -19.11 -20.52
CA GLY F 100 -48.55 -20.39 -20.08
C GLY F 100 -48.24 -20.85 -18.67
N THR F 101 -46.97 -20.74 -18.27
CA THR F 101 -46.51 -21.19 -16.95
C THR F 101 -47.01 -20.26 -15.82
N PHE F 102 -46.95 -18.95 -16.07
CA PHE F 102 -47.55 -17.97 -15.16
C PHE F 102 -49.03 -18.27 -15.00
N ARG F 103 -49.74 -18.38 -16.13
CA ARG F 103 -51.18 -18.68 -16.14
C ARG F 103 -51.51 -20.01 -15.47
N LEU F 104 -50.66 -21.02 -15.70
CA LEU F 104 -50.83 -22.33 -15.09
C LEU F 104 -50.98 -22.21 -13.57
N PHE F 105 -50.11 -21.39 -12.97
CA PHE F 105 -50.20 -21.08 -11.56
C PHE F 105 -51.40 -20.21 -11.24
N ASN F 106 -51.46 -19.06 -11.90
CA ASN F 106 -52.44 -18.02 -11.63
C ASN F 106 -53.88 -18.53 -11.68
N GLN F 107 -54.19 -19.26 -12.75
CA GLN F 107 -55.58 -19.64 -13.02
C GLN F 107 -55.87 -21.14 -12.83
N VAL F 108 -54.85 -21.92 -12.47
CA VAL F 108 -55.07 -23.35 -12.23
C VAL F 108 -54.54 -23.80 -10.87
N LEU F 109 -53.28 -23.48 -10.58
CA LEU F 109 -52.63 -23.98 -9.37
C LEU F 109 -52.97 -23.20 -8.11
N VAL F 110 -53.20 -21.88 -8.25
CA VAL F 110 -53.55 -21.03 -7.11
C VAL F 110 -54.87 -21.47 -6.44
N LYS F 111 -55.88 -21.76 -7.28
CA LYS F 111 -57.18 -22.19 -6.76
C LYS F 111 -57.12 -23.64 -6.24
N ASN F 112 -55.98 -24.30 -6.46
CA ASN F 112 -55.77 -25.68 -6.01
C ASN F 112 -54.84 -25.82 -4.80
N GLY F 113 -54.64 -24.71 -4.07
CA GLY F 113 -53.87 -24.75 -2.83
C GLY F 113 -52.52 -24.05 -2.87
N LEU F 114 -51.78 -24.26 -3.96
CA LEU F 114 -50.45 -23.69 -4.14
C LEU F 114 -50.48 -22.16 -4.27
N SER F 115 -49.32 -21.54 -4.05
CA SER F 115 -49.17 -20.08 -4.11
C SER F 115 -47.73 -19.74 -4.50
N CYS F 116 -47.55 -18.61 -5.17
CA CYS F 116 -46.24 -18.27 -5.74
C CYS F 116 -45.72 -16.88 -5.34
N THR F 117 -44.44 -16.63 -5.65
CA THR F 117 -43.90 -15.27 -5.64
C THR F 117 -42.99 -15.08 -6.84
N ILE F 118 -43.29 -14.06 -7.64
CA ILE F 118 -42.46 -13.69 -8.78
C ILE F 118 -41.19 -12.98 -8.31
N ILE F 119 -40.05 -13.53 -8.69
CA ILE F 119 -38.73 -12.98 -8.33
C ILE F 119 -37.79 -13.02 -9.53
N ASP F 120 -36.89 -12.03 -9.62
CA ASP F 120 -35.81 -12.09 -10.61
C ASP F 120 -34.80 -13.13 -10.17
N THR F 121 -34.40 -14.01 -11.09
CA THR F 121 -33.59 -15.16 -10.75
C THR F 121 -32.10 -15.00 -11.05
N SER F 122 -31.77 -13.97 -11.83
CA SER F 122 -30.37 -13.58 -12.05
C SER F 122 -29.83 -12.92 -10.78
N ASP F 123 -30.69 -12.13 -10.14
CA ASP F 123 -30.43 -11.56 -8.82
C ASP F 123 -30.66 -12.64 -7.76
N ILE F 124 -29.58 -13.32 -7.37
CA ILE F 124 -29.68 -14.50 -6.49
C ILE F 124 -30.13 -14.17 -5.06
N SER F 125 -29.82 -12.96 -4.59
CA SER F 125 -30.23 -12.53 -3.24
C SER F 125 -31.76 -12.44 -3.13
N GLN F 126 -32.42 -12.07 -4.23
CA GLN F 126 -33.88 -11.97 -4.28
C GLN F 126 -34.59 -13.28 -3.97
N ILE F 127 -33.97 -14.40 -4.35
CA ILE F 127 -34.52 -15.72 -4.02
C ILE F 127 -34.37 -15.97 -2.52
N LYS F 128 -33.14 -15.78 -2.01
CA LYS F 128 -32.83 -15.92 -0.58
C LYS F 128 -33.80 -15.12 0.29
N LYS F 129 -34.02 -13.86 -0.12
CA LYS F 129 -34.94 -12.96 0.58
C LYS F 129 -36.40 -13.43 0.53
N ALA F 130 -36.72 -14.31 -0.41
CA ALA F 130 -38.11 -14.71 -0.64
C ALA F 130 -38.49 -16.13 -0.17
N ILE F 131 -37.50 -16.92 0.27
CA ILE F 131 -37.79 -18.28 0.76
C ILE F 131 -38.67 -18.26 2.01
N LYS F 132 -39.87 -18.83 1.89
CA LYS F 132 -40.81 -19.00 2.98
C LYS F 132 -40.56 -20.34 3.68
N PRO F 133 -41.20 -20.58 4.85
CA PRO F 133 -41.07 -21.89 5.51
C PRO F 133 -41.78 -23.04 4.78
N ASN F 134 -42.83 -22.72 4.02
CA ASN F 134 -43.60 -23.73 3.27
C ASN F 134 -43.22 -23.82 1.80
N THR F 135 -42.25 -22.98 1.39
CA THR F 135 -41.68 -23.04 0.04
C THR F 135 -41.06 -24.41 -0.20
N LYS F 136 -41.47 -25.06 -1.29
CA LYS F 136 -40.95 -26.39 -1.61
C LYS F 136 -40.27 -26.52 -2.99
N ALA F 137 -40.41 -25.49 -3.84
CA ALA F 137 -39.83 -25.56 -5.20
C ALA F 137 -39.44 -24.21 -5.81
N LEU F 138 -38.44 -24.27 -6.69
CA LEU F 138 -37.94 -23.12 -7.46
C LEU F 138 -37.94 -23.43 -8.96
N TYR F 139 -38.66 -22.61 -9.73
CA TYR F 139 -38.80 -22.82 -11.17
C TYR F 139 -38.00 -21.81 -11.99
N LEU F 140 -36.99 -22.30 -12.71
CA LEU F 140 -36.08 -21.44 -13.49
C LEU F 140 -36.26 -21.62 -14.99
N GLU F 141 -36.07 -20.53 -15.73
CA GLU F 141 -36.08 -20.55 -17.19
C GLU F 141 -34.89 -19.74 -17.72
N THR F 142 -33.93 -20.43 -18.32
CA THR F 142 -32.74 -19.78 -18.87
C THR F 142 -32.21 -20.45 -20.15
N PRO F 143 -31.94 -19.64 -21.20
CA PRO F 143 -32.25 -18.20 -21.26
C PRO F 143 -33.75 -17.95 -21.29
N SER F 144 -34.16 -16.77 -20.86
CA SER F 144 -35.57 -16.46 -20.67
C SER F 144 -36.26 -15.97 -21.94
N ASN F 145 -37.59 -15.86 -21.86
CA ASN F 145 -38.41 -15.34 -22.94
C ASN F 145 -39.12 -14.07 -22.46
N PRO F 146 -39.13 -13.01 -23.30
CA PRO F 146 -38.48 -12.83 -24.60
C PRO F 146 -37.13 -12.09 -24.55
N LEU F 147 -36.65 -11.77 -23.34
CA LEU F 147 -35.47 -10.92 -23.17
C LEU F 147 -34.15 -11.68 -23.09
N LEU F 148 -34.25 -13.00 -22.93
CA LEU F 148 -33.08 -13.89 -22.92
C LEU F 148 -32.13 -13.66 -21.73
N LYS F 149 -32.69 -13.32 -20.58
CA LYS F 149 -31.94 -13.20 -19.33
C LYS F 149 -31.30 -14.54 -18.95
N ILE F 150 -30.06 -14.48 -18.48
CA ILE F 150 -29.35 -15.69 -18.05
C ILE F 150 -29.46 -15.83 -16.53
N THR F 151 -29.47 -17.09 -16.07
CA THR F 151 -29.64 -17.40 -14.65
C THR F 151 -28.65 -18.49 -14.24
N ASP F 152 -27.94 -18.26 -13.13
CA ASP F 152 -26.97 -19.23 -12.64
C ASP F 152 -27.65 -20.48 -12.10
N LEU F 153 -27.59 -21.54 -12.90
CA LEU F 153 -28.22 -22.83 -12.58
C LEU F 153 -27.56 -23.52 -11.39
N ALA F 154 -26.23 -23.53 -11.38
CA ALA F 154 -25.46 -24.14 -10.30
C ALA F 154 -25.75 -23.49 -8.94
N GLN F 155 -25.58 -22.17 -8.85
CA GLN F 155 -25.77 -21.45 -7.59
C GLN F 155 -27.23 -21.36 -7.16
N CYS F 156 -28.14 -21.15 -8.11
CA CYS F 156 -29.58 -21.16 -7.81
C CYS F 156 -30.02 -22.56 -7.33
N ALA F 157 -29.44 -23.60 -7.93
CA ALA F 157 -29.72 -24.97 -7.50
C ALA F 157 -29.09 -25.27 -6.14
N SER F 158 -27.97 -24.63 -5.85
CA SER F 158 -27.25 -24.84 -4.59
C SER F 158 -27.99 -24.17 -3.43
N VAL F 159 -28.36 -22.89 -3.62
CA VAL F 159 -29.14 -22.13 -2.63
C VAL F 159 -30.49 -22.81 -2.32
N ALA F 160 -31.07 -23.45 -3.34
CA ALA F 160 -32.34 -24.14 -3.16
C ALA F 160 -32.16 -25.46 -2.40
N LYS F 161 -31.06 -26.15 -2.70
CA LYS F 161 -30.75 -27.42 -2.04
C LYS F 161 -30.35 -27.22 -0.57
N ASP F 162 -29.73 -26.07 -0.28
CA ASP F 162 -29.33 -25.77 1.11
C ASP F 162 -30.56 -25.52 1.99
N HIS F 163 -31.66 -25.11 1.37
CA HIS F 163 -32.97 -25.10 2.02
C HIS F 163 -33.63 -26.43 1.78
N GLY F 164 -34.96 -26.47 1.77
CA GLY F 164 -35.66 -27.76 1.60
C GLY F 164 -36.13 -28.07 0.16
N LEU F 165 -35.63 -27.29 -0.80
CA LEU F 165 -36.29 -27.10 -2.10
C LEU F 165 -35.91 -28.05 -3.25
N LEU F 166 -36.84 -28.12 -4.21
CA LEU F 166 -36.62 -28.81 -5.49
C LEU F 166 -36.34 -27.77 -6.57
N THR F 167 -35.45 -28.12 -7.49
CA THR F 167 -35.14 -27.22 -8.61
C THR F 167 -35.73 -27.76 -9.92
N ILE F 168 -36.63 -26.96 -10.48
CA ILE F 168 -37.29 -27.30 -11.75
C ILE F 168 -36.84 -26.28 -12.78
N VAL F 169 -36.21 -26.76 -13.85
CA VAL F 169 -35.71 -25.86 -14.89
C VAL F 169 -36.40 -26.11 -16.21
N ASP F 170 -36.78 -25.01 -16.85
CA ASP F 170 -37.28 -25.08 -18.21
C ASP F 170 -36.14 -24.89 -19.20
N ASN F 171 -35.71 -26.02 -19.78
CA ASN F 171 -34.58 -26.05 -20.67
C ASN F 171 -34.97 -26.05 -22.15
N THR F 172 -36.07 -25.36 -22.48
CA THR F 172 -36.61 -25.37 -23.84
C THR F 172 -35.74 -24.61 -24.85
N PHE F 173 -35.38 -23.38 -24.52
CA PHE F 173 -34.61 -22.51 -25.43
C PHE F 173 -33.25 -23.10 -25.79
N ALA F 174 -32.31 -23.12 -24.84
CA ALA F 174 -31.12 -23.95 -24.99
C ALA F 174 -31.59 -25.39 -24.88
N THR F 175 -31.23 -26.20 -25.86
CA THR F 175 -31.75 -27.59 -25.89
C THR F 175 -30.91 -28.50 -24.97
N PRO F 176 -31.19 -29.82 -24.95
CA PRO F 176 -30.23 -30.63 -24.20
C PRO F 176 -28.86 -30.65 -24.89
N TYR F 177 -28.79 -30.02 -26.05
CA TYR F 177 -27.57 -29.93 -26.85
C TYR F 177 -26.65 -28.78 -26.41
N TYR F 178 -27.22 -27.75 -25.78
CA TYR F 178 -26.43 -26.61 -25.32
C TYR F 178 -26.45 -26.40 -23.81
N GLN F 179 -27.32 -27.14 -23.11
CA GLN F 179 -27.48 -26.97 -21.67
C GLN F 179 -28.02 -28.25 -21.04
N ASN F 180 -27.49 -28.58 -19.87
CA ASN F 180 -27.90 -29.77 -19.13
C ASN F 180 -28.01 -29.50 -17.63
N PRO F 181 -29.16 -28.93 -17.19
CA PRO F 181 -29.39 -28.50 -15.80
C PRO F 181 -29.32 -29.60 -14.74
N LEU F 182 -29.69 -30.83 -15.09
CA LEU F 182 -29.54 -31.97 -14.17
C LEU F 182 -28.08 -32.15 -13.78
N LEU F 183 -27.18 -31.78 -14.68
CA LEU F 183 -25.74 -31.83 -14.44
C LEU F 183 -25.21 -30.57 -13.74
N LEU F 184 -26.12 -29.66 -13.40
CA LEU F 184 -25.79 -28.48 -12.60
C LEU F 184 -26.65 -28.38 -11.34
N GLY F 185 -27.13 -29.53 -10.87
CA GLY F 185 -27.81 -29.61 -9.58
C GLY F 185 -29.33 -29.46 -9.60
N ALA F 186 -29.91 -29.34 -10.79
CA ALA F 186 -31.38 -29.30 -10.91
C ALA F 186 -31.94 -30.71 -10.76
N ASP F 187 -33.19 -30.80 -10.29
CA ASP F 187 -33.82 -32.09 -10.03
C ASP F 187 -34.77 -32.52 -11.15
N ILE F 188 -35.48 -31.57 -11.74
CA ILE F 188 -36.41 -31.85 -12.83
C ILE F 188 -36.18 -30.89 -13.99
N VAL F 189 -36.16 -31.43 -15.21
CA VAL F 189 -36.07 -30.63 -16.43
C VAL F 189 -37.36 -30.76 -17.26
N ALA F 190 -37.90 -29.62 -17.68
CA ALA F 190 -39.09 -29.60 -18.55
C ALA F 190 -38.77 -28.98 -19.90
N HIS F 191 -39.31 -29.59 -20.96
CA HIS F 191 -39.19 -29.04 -22.32
C HIS F 191 -40.53 -28.89 -22.97
N SER F 192 -40.62 -27.92 -23.88
CA SER F 192 -41.66 -27.95 -24.89
C SER F 192 -41.07 -28.65 -26.10
N GLY F 193 -41.48 -29.90 -26.32
CA GLY F 193 -41.02 -30.68 -27.47
C GLY F 193 -41.50 -30.04 -28.75
N THR F 194 -42.61 -29.31 -28.63
CA THR F 194 -43.25 -28.57 -29.72
C THR F 194 -42.26 -27.67 -30.44
N LYS F 195 -41.20 -27.27 -29.79
CA LYS F 195 -40.33 -26.26 -30.29
C LYS F 195 -39.09 -26.78 -30.99
N TYR F 196 -37.92 -26.58 -30.42
CA TYR F 196 -36.68 -27.06 -31.04
C TYR F 196 -36.54 -28.58 -31.12
N LEU F 197 -36.99 -29.31 -30.10
CA LEU F 197 -36.81 -30.76 -30.10
C LEU F 197 -37.46 -31.43 -31.30
N GLY F 198 -38.71 -31.04 -31.60
CA GLY F 198 -39.38 -31.49 -32.82
C GLY F 198 -38.75 -30.85 -34.04
N GLY F 199 -38.57 -29.53 -33.98
CA GLY F 199 -37.80 -28.79 -34.98
C GLY F 199 -38.53 -28.38 -36.24
N HIS F 200 -39.60 -29.08 -36.58
CA HIS F 200 -40.29 -28.89 -37.86
C HIS F 200 -41.68 -28.31 -37.73
N SER F 201 -41.95 -27.62 -36.61
CA SER F 201 -43.23 -26.94 -36.36
C SER F 201 -44.46 -27.79 -36.71
N ASP F 202 -44.39 -29.08 -36.40
CA ASP F 202 -45.40 -30.04 -36.79
C ASP F 202 -45.83 -31.00 -35.68
N VAL F 203 -45.34 -30.76 -34.47
CA VAL F 203 -45.71 -31.59 -33.33
C VAL F 203 -45.88 -30.70 -32.11
N VAL F 204 -46.91 -31.01 -31.34
CA VAL F 204 -47.13 -30.43 -30.02
C VAL F 204 -46.83 -31.53 -29.01
N ALA F 205 -45.96 -31.23 -28.04
CA ALA F 205 -45.44 -32.25 -27.13
C ALA F 205 -44.69 -31.63 -25.96
N GLY F 206 -44.69 -32.34 -24.84
CA GLY F 206 -43.94 -31.92 -23.67
C GLY F 206 -43.01 -33.04 -23.28
N LEU F 207 -41.84 -32.67 -22.75
CA LEU F 207 -40.92 -33.66 -22.20
C LEU F 207 -40.43 -33.26 -20.83
N VAL F 208 -40.39 -34.23 -19.93
CA VAL F 208 -39.90 -34.05 -18.58
C VAL F 208 -39.00 -35.22 -18.22
N THR F 209 -37.86 -34.92 -17.59
CA THR F 209 -36.95 -35.96 -17.09
C THR F 209 -36.40 -35.58 -15.71
N THR F 210 -35.80 -36.55 -15.02
CA THR F 210 -35.29 -36.31 -13.66
C THR F 210 -34.06 -37.14 -13.25
N ASN F 211 -33.27 -36.54 -12.36
CA ASN F 211 -32.18 -37.19 -11.63
C ASN F 211 -32.66 -38.28 -10.68
N ASN F 212 -33.77 -37.98 -10.03
CA ASN F 212 -34.16 -38.66 -8.81
C ASN F 212 -35.07 -39.87 -9.00
N GLU F 213 -34.67 -40.99 -8.41
CA GLU F 213 -35.44 -42.23 -8.48
C GLU F 213 -36.86 -42.06 -7.93
N ALA F 214 -36.97 -41.36 -6.80
CA ALA F 214 -38.27 -41.18 -6.13
C ALA F 214 -39.15 -40.15 -6.85
N LEU F 215 -38.52 -39.12 -7.41
CA LEU F 215 -39.23 -38.13 -8.23
C LEU F 215 -39.71 -38.76 -9.53
N ALA F 216 -38.90 -39.68 -10.07
CA ALA F 216 -39.28 -40.46 -11.27
C ALA F 216 -40.57 -41.23 -11.02
N GLN F 217 -40.65 -41.87 -9.85
CA GLN F 217 -41.85 -42.60 -9.41
C GLN F 217 -43.06 -41.66 -9.32
N GLU F 218 -42.84 -40.49 -8.71
CA GLU F 218 -43.91 -39.51 -8.53
C GLU F 218 -44.44 -38.98 -9.85
N ILE F 219 -43.54 -38.62 -10.77
CA ILE F 219 -43.95 -38.09 -12.08
C ILE F 219 -44.64 -39.16 -12.92
N ALA F 220 -44.14 -40.39 -12.86
CA ALA F 220 -44.79 -41.51 -13.54
C ALA F 220 -46.24 -41.69 -13.09
N PHE F 221 -46.48 -41.46 -11.79
CA PHE F 221 -47.81 -41.64 -11.22
C PHE F 221 -48.82 -40.66 -11.81
N PHE F 222 -48.51 -39.37 -11.77
CA PHE F 222 -49.42 -38.34 -12.25
C PHE F 222 -49.55 -38.32 -13.78
N GLN F 223 -48.49 -38.72 -14.48
CA GLN F 223 -48.59 -38.91 -15.92
C GLN F 223 -49.73 -39.89 -16.19
N ASN F 224 -49.66 -41.06 -15.57
CA ASN F 224 -50.67 -42.10 -15.73
C ASN F 224 -52.04 -41.77 -15.11
N ALA F 225 -52.04 -41.04 -13.99
CA ALA F 225 -53.29 -40.74 -13.28
C ALA F 225 -54.10 -39.62 -13.95
N ILE F 226 -53.40 -38.63 -14.50
CA ILE F 226 -54.07 -37.50 -15.15
C ILE F 226 -54.21 -37.75 -16.66
N GLY F 227 -53.33 -38.59 -17.21
CA GLY F 227 -53.45 -39.04 -18.60
C GLY F 227 -53.12 -38.01 -19.67
N GLY F 228 -52.36 -36.98 -19.32
CA GLY F 228 -51.90 -36.00 -20.30
C GLY F 228 -50.76 -36.52 -21.17
N VAL F 229 -50.86 -37.79 -21.55
CA VAL F 229 -49.81 -38.51 -22.27
C VAL F 229 -49.71 -38.15 -23.76
N LEU F 230 -48.48 -38.17 -24.28
CA LEU F 230 -48.26 -38.01 -25.73
C LEU F 230 -48.56 -39.32 -26.45
N GLY F 231 -49.20 -39.19 -27.62
CA GLY F 231 -49.56 -40.33 -28.45
C GLY F 231 -48.39 -40.88 -29.25
N PRO F 232 -48.50 -42.14 -29.70
CA PRO F 232 -47.38 -42.82 -30.34
C PRO F 232 -46.91 -42.18 -31.67
N GLN F 233 -47.83 -41.73 -32.51
CA GLN F 233 -47.43 -41.06 -33.76
C GLN F 233 -46.62 -39.79 -33.48
N ASP F 234 -47.05 -39.00 -32.51
CA ASP F 234 -46.33 -37.76 -32.19
C ASP F 234 -45.01 -38.01 -31.45
N SER F 235 -44.93 -39.12 -30.72
CA SER F 235 -43.71 -39.55 -30.05
C SER F 235 -42.63 -39.82 -31.08
N TRP F 236 -43.01 -40.64 -32.05
CA TRP F 236 -42.17 -40.99 -33.18
C TRP F 236 -41.66 -39.81 -33.96
N LEU F 237 -42.54 -38.84 -34.23
CA LEU F 237 -42.17 -37.64 -34.97
C LEU F 237 -41.25 -36.74 -34.15
N LEU F 238 -41.48 -36.68 -32.84
CA LEU F 238 -40.58 -35.97 -31.94
C LEU F 238 -39.19 -36.61 -31.96
N GLN F 239 -39.14 -37.94 -31.89
CA GLN F 239 -37.86 -38.65 -31.97
C GLN F 239 -37.18 -38.38 -33.32
N ARG F 240 -37.95 -38.49 -34.41
CA ARG F 240 -37.42 -38.22 -35.75
C ARG F 240 -36.76 -36.85 -35.84
N GLY F 241 -37.46 -35.83 -35.35
CA GLY F 241 -36.94 -34.45 -35.35
C GLY F 241 -35.69 -34.33 -34.49
N ILE F 242 -35.65 -35.08 -33.39
CA ILE F 242 -34.51 -35.03 -32.46
C ILE F 242 -33.22 -35.52 -33.12
N LYS F 243 -33.33 -36.51 -34.00
CA LYS F 243 -32.19 -37.05 -34.74
C LYS F 243 -31.33 -35.98 -35.44
N THR F 244 -31.95 -34.86 -35.82
CA THR F 244 -31.22 -33.77 -36.48
C THR F 244 -31.09 -32.51 -35.61
N LEU F 245 -31.27 -32.66 -34.30
CA LEU F 245 -31.20 -31.53 -33.38
C LEU F 245 -29.84 -30.84 -33.43
N GLY F 246 -28.78 -31.64 -33.28
CA GLY F 246 -27.42 -31.14 -33.33
C GLY F 246 -27.19 -30.19 -34.50
N LEU F 247 -27.46 -30.70 -35.70
CA LEU F 247 -27.28 -29.94 -36.94
C LEU F 247 -28.13 -28.67 -36.96
N ARG F 248 -29.41 -28.82 -36.66
CA ARG F 248 -30.34 -27.70 -36.67
C ARG F 248 -29.89 -26.59 -35.72
N MET F 249 -29.46 -26.97 -34.52
CA MET F 249 -28.96 -26.01 -33.54
C MET F 249 -27.68 -25.30 -33.97
N GLU F 250 -26.79 -26.03 -34.65
CA GLU F 250 -25.58 -25.41 -35.21
C GLU F 250 -25.96 -24.29 -36.19
N ALA F 251 -26.90 -24.61 -37.11
CA ALA F 251 -27.38 -23.66 -38.10
C ALA F 251 -28.14 -22.46 -37.48
N HIS F 252 -29.04 -22.76 -36.55
CA HIS F 252 -29.74 -21.72 -35.79
C HIS F 252 -28.79 -20.75 -35.17
N GLN F 253 -27.79 -21.27 -34.45
CA GLN F 253 -26.82 -20.43 -33.74
C GLN F 253 -26.07 -19.51 -34.70
N LYS F 254 -25.57 -20.10 -35.79
CA LYS F 254 -24.77 -19.37 -36.79
C LYS F 254 -25.62 -18.28 -37.43
N ASN F 255 -26.82 -18.67 -37.89
CA ASN F 255 -27.77 -17.72 -38.47
C ASN F 255 -28.19 -16.64 -37.48
N ALA F 256 -28.45 -17.03 -36.23
CA ALA F 256 -28.86 -16.09 -35.19
C ALA F 256 -27.76 -15.08 -34.90
N LEU F 257 -26.51 -15.53 -34.97
CA LEU F 257 -25.36 -14.66 -34.70
C LEU F 257 -25.10 -13.66 -35.82
N CYS F 258 -25.23 -14.11 -37.07
CA CYS F 258 -25.15 -13.21 -38.24
C CYS F 258 -26.18 -12.09 -38.11
N VAL F 259 -27.40 -12.47 -37.76
CA VAL F 259 -28.53 -11.54 -37.60
C VAL F 259 -28.31 -10.63 -36.39
N ALA F 260 -27.89 -11.23 -35.26
CA ALA F 260 -27.53 -10.48 -34.06
C ALA F 260 -26.55 -9.36 -34.37
N GLU F 261 -25.44 -9.71 -35.04
CA GLU F 261 -24.38 -8.76 -35.36
C GLU F 261 -24.83 -7.72 -36.37
N PHE F 262 -25.67 -8.14 -37.32
CA PHE F 262 -26.28 -7.23 -38.29
C PHE F 262 -27.13 -6.18 -37.58
N LEU F 263 -27.99 -6.64 -36.66
CA LEU F 263 -28.96 -5.77 -36.01
C LEU F 263 -28.33 -4.70 -35.14
N GLU F 264 -27.28 -5.05 -34.40
CA GLU F 264 -26.66 -4.09 -33.49
C GLU F 264 -25.73 -3.09 -34.20
N LYS F 265 -25.27 -3.47 -35.40
CA LYS F 265 -24.54 -2.53 -36.26
C LYS F 265 -25.52 -1.59 -36.98
N HIS F 266 -26.83 -1.81 -36.77
CA HIS F 266 -27.85 -1.05 -37.48
C HIS F 266 -28.22 0.24 -36.79
N PRO F 267 -28.29 1.34 -37.58
CA PRO F 267 -28.63 2.68 -37.08
C PRO F 267 -30.04 2.79 -36.50
N LYS F 268 -30.96 1.95 -36.95
CA LYS F 268 -32.37 2.05 -36.55
C LYS F 268 -32.73 1.21 -35.31
N VAL F 269 -31.73 0.51 -34.77
CA VAL F 269 -31.92 -0.40 -33.61
C VAL F 269 -31.29 0.16 -32.34
N GLU F 270 -31.90 -0.14 -31.19
CA GLU F 270 -31.34 0.24 -29.90
C GLU F 270 -30.66 -0.96 -29.23
N ARG F 271 -31.36 -1.64 -28.32
CA ARG F 271 -30.82 -2.85 -27.70
C ARG F 271 -31.07 -4.08 -28.56
N VAL F 272 -30.11 -5.02 -28.53
CA VAL F 272 -30.29 -6.34 -29.10
C VAL F 272 -30.13 -7.35 -27.97
N TYR F 273 -31.15 -8.19 -27.79
CA TYR F 273 -31.12 -9.19 -26.73
C TYR F 273 -30.77 -10.54 -27.34
N TYR F 274 -29.54 -10.98 -27.10
CA TYR F 274 -29.06 -12.26 -27.57
C TYR F 274 -27.88 -12.73 -26.72
N PRO F 275 -27.98 -13.94 -26.13
CA PRO F 275 -26.95 -14.47 -25.22
C PRO F 275 -25.59 -14.67 -25.89
N GLY F 276 -25.59 -14.84 -27.21
CA GLY F 276 -24.34 -15.04 -27.96
C GLY F 276 -23.56 -13.78 -28.29
N LEU F 277 -24.07 -12.62 -27.86
CA LEU F 277 -23.32 -11.37 -27.97
C LEU F 277 -22.47 -11.14 -26.73
N PRO F 278 -21.18 -10.84 -26.91
CA PRO F 278 -20.31 -10.50 -25.77
C PRO F 278 -20.80 -9.29 -24.98
N THR F 279 -21.54 -8.39 -25.64
CA THR F 279 -22.08 -7.20 -25.00
C THR F 279 -23.29 -7.50 -24.11
N HIS F 280 -23.79 -8.74 -24.16
CA HIS F 280 -24.97 -9.15 -23.41
C HIS F 280 -24.70 -9.35 -21.94
N PRO F 281 -25.65 -8.90 -21.08
CA PRO F 281 -25.61 -9.15 -19.64
C PRO F 281 -25.35 -10.63 -19.30
N ASN F 282 -24.48 -10.86 -18.33
CA ASN F 282 -24.08 -12.22 -17.92
C ASN F 282 -23.53 -13.10 -19.04
N TYR F 283 -23.04 -12.47 -20.11
CA TYR F 283 -22.40 -13.19 -21.20
C TYR F 283 -21.34 -14.16 -20.64
N GLU F 284 -20.68 -13.71 -19.58
CA GLU F 284 -19.65 -14.50 -18.88
C GLU F 284 -20.23 -15.82 -18.39
N LEU F 285 -21.21 -15.71 -17.49
CA LEU F 285 -21.94 -16.86 -16.96
C LEU F 285 -22.56 -17.70 -18.08
N ALA F 286 -23.13 -17.02 -19.05
CA ALA F 286 -23.78 -17.67 -20.19
C ALA F 286 -22.86 -18.71 -20.85
N LYS F 287 -21.61 -18.33 -21.06
CA LYS F 287 -20.63 -19.22 -21.70
C LYS F 287 -20.27 -20.41 -20.82
N LYS F 288 -20.30 -20.21 -19.50
CA LYS F 288 -19.89 -21.26 -18.57
C LYS F 288 -20.88 -22.41 -18.52
N GLN F 289 -22.18 -22.09 -18.45
CA GLN F 289 -23.21 -23.12 -18.36
C GLN F 289 -23.75 -23.59 -19.71
N MET F 290 -23.65 -22.74 -20.74
CA MET F 290 -24.13 -23.09 -22.08
C MET F 290 -22.98 -23.49 -23.01
N ARG F 291 -23.25 -24.44 -23.90
CA ARG F 291 -22.27 -24.87 -24.90
C ARG F 291 -22.51 -24.17 -26.23
N GLY F 292 -23.50 -23.30 -26.24
CA GLY F 292 -23.91 -22.59 -27.45
C GLY F 292 -25.19 -21.84 -27.20
N PHE F 293 -25.49 -20.93 -28.12
CA PHE F 293 -26.63 -20.04 -27.97
C PHE F 293 -27.63 -20.38 -29.06
N SER F 294 -28.92 -20.29 -28.76
CA SER F 294 -29.92 -20.81 -29.71
C SER F 294 -30.22 -19.83 -30.85
N GLY F 295 -31.37 -19.99 -31.48
CA GLY F 295 -31.79 -19.11 -32.59
C GLY F 295 -32.69 -17.97 -32.14
N MET F 296 -32.89 -17.86 -30.84
CA MET F 296 -33.79 -16.86 -30.27
C MET F 296 -33.09 -15.56 -29.98
N LEU F 297 -33.54 -14.50 -30.64
CA LEU F 297 -33.13 -13.15 -30.30
C LEU F 297 -34.36 -12.25 -30.33
N SER F 298 -34.29 -11.17 -29.57
CA SER F 298 -35.27 -10.10 -29.64
C SER F 298 -34.52 -8.79 -29.70
N PHE F 299 -35.10 -7.81 -30.37
CA PHE F 299 -34.47 -6.50 -30.47
C PHE F 299 -35.49 -5.40 -30.39
N THR F 300 -35.06 -4.25 -29.88
CA THR F 300 -35.91 -3.07 -29.87
C THR F 300 -35.38 -2.05 -30.87
N LEU F 301 -36.29 -1.50 -31.66
CA LEU F 301 -35.94 -0.38 -32.53
C LEU F 301 -36.21 0.95 -31.82
N LYS F 302 -35.47 1.98 -32.26
CA LYS F 302 -35.48 3.28 -31.59
C LYS F 302 -36.85 3.94 -31.55
N ASN F 303 -37.47 4.12 -32.73
CA ASN F 303 -38.84 4.59 -32.80
C ASN F 303 -39.80 3.45 -32.46
N ASP F 304 -40.31 3.50 -31.22
CA ASP F 304 -41.18 2.45 -30.65
C ASP F 304 -42.32 2.00 -31.57
N SER F 305 -42.98 2.96 -32.22
CA SER F 305 -44.17 2.72 -33.04
C SER F 305 -43.91 1.98 -34.36
N GLU F 306 -42.65 1.97 -34.80
CA GLU F 306 -42.31 1.45 -36.13
C GLU F 306 -42.17 -0.08 -36.23
N ALA F 307 -42.13 -0.75 -35.07
CA ALA F 307 -42.05 -2.22 -35.02
C ALA F 307 -43.12 -2.87 -35.89
N VAL F 308 -44.33 -2.31 -35.84
CA VAL F 308 -45.47 -2.76 -36.63
C VAL F 308 -45.19 -2.70 -38.14
N ALA F 309 -44.81 -1.52 -38.63
CA ALA F 309 -44.53 -1.33 -40.05
C ALA F 309 -43.37 -2.22 -40.54
N PHE F 310 -42.39 -2.41 -39.65
CA PHE F 310 -41.25 -3.30 -39.92
C PHE F 310 -41.67 -4.75 -40.18
N VAL F 311 -42.47 -5.31 -39.28
CA VAL F 311 -42.88 -6.71 -39.35
C VAL F 311 -43.77 -6.99 -40.56
N GLU F 312 -44.63 -6.03 -40.90
CA GLU F 312 -45.57 -6.17 -42.02
C GLU F 312 -44.90 -6.25 -43.39
N SER F 313 -43.66 -5.79 -43.50
CA SER F 313 -42.92 -5.84 -44.76
C SER F 313 -42.05 -7.08 -44.91
N LEU F 314 -41.75 -7.76 -43.80
CA LEU F 314 -41.02 -9.03 -43.82
C LEU F 314 -41.74 -10.07 -44.69
N LYS F 315 -40.97 -10.74 -45.55
CA LYS F 315 -41.53 -11.64 -46.56
C LYS F 315 -40.94 -13.04 -46.48
N LEU F 316 -40.01 -13.24 -45.55
CA LEU F 316 -39.40 -14.54 -45.36
C LEU F 316 -39.62 -15.02 -43.94
N PHE F 317 -39.41 -14.13 -42.98
CA PHE F 317 -39.84 -14.38 -41.61
C PHE F 317 -41.36 -14.50 -41.62
N ILE F 318 -41.86 -15.64 -41.14
CA ILE F 318 -43.29 -15.86 -41.06
C ILE F 318 -43.83 -15.29 -39.75
N LEU F 319 -44.81 -14.41 -39.88
CA LEU F 319 -45.49 -13.84 -38.73
C LEU F 319 -46.34 -14.93 -38.10
N GLY F 320 -45.98 -15.32 -36.89
CA GLY F 320 -46.59 -16.48 -36.25
C GLY F 320 -46.25 -16.59 -34.78
N GLU F 321 -47.07 -17.36 -34.07
CA GLU F 321 -47.04 -17.43 -32.62
C GLU F 321 -45.86 -18.24 -32.07
N SER F 322 -45.57 -19.38 -32.71
CA SER F 322 -44.61 -20.34 -32.14
C SER F 322 -43.14 -19.97 -32.35
N LEU F 323 -42.25 -20.95 -32.11
CA LEU F 323 -40.81 -20.75 -32.22
C LEU F 323 -40.07 -22.09 -32.30
N GLY F 324 -38.78 -22.01 -32.63
CA GLY F 324 -37.90 -23.18 -32.57
C GLY F 324 -38.04 -24.13 -33.75
N GLY F 325 -38.56 -23.62 -34.86
CA GLY F 325 -38.71 -24.41 -36.07
C GLY F 325 -37.69 -24.05 -37.14
N VAL F 326 -37.55 -24.94 -38.11
CA VAL F 326 -36.64 -24.75 -39.25
C VAL F 326 -36.94 -23.47 -40.04
N GLU F 327 -38.20 -23.03 -40.00
CA GLU F 327 -38.60 -21.77 -40.62
C GLU F 327 -38.43 -20.62 -39.64
N SER F 328 -38.05 -19.46 -40.17
CA SER F 328 -37.85 -18.26 -39.35
C SER F 328 -39.18 -17.59 -39.02
N LEU F 329 -39.38 -17.30 -37.73
CA LEU F 329 -40.64 -16.73 -37.25
C LEU F 329 -40.41 -15.37 -36.58
N VAL F 330 -41.40 -14.48 -36.71
CA VAL F 330 -41.35 -13.15 -36.11
C VAL F 330 -42.64 -12.85 -35.36
N GLY F 331 -42.51 -12.11 -34.25
CA GLY F 331 -43.67 -11.64 -33.49
C GLY F 331 -43.33 -10.37 -32.72
N ILE F 332 -44.38 -9.65 -32.31
CA ILE F 332 -44.23 -8.53 -31.40
C ILE F 332 -44.88 -8.94 -30.07
N PRO F 333 -44.07 -9.42 -29.10
CA PRO F 333 -44.56 -9.87 -27.81
C PRO F 333 -45.65 -8.98 -27.21
N ALA F 334 -45.48 -7.66 -27.37
CA ALA F 334 -46.44 -6.67 -26.86
C ALA F 334 -47.85 -6.89 -27.38
N PHE F 335 -47.96 -7.47 -28.58
CA PHE F 335 -49.27 -7.71 -29.20
C PHE F 335 -49.62 -9.19 -29.38
N MET F 336 -48.62 -10.01 -29.70
CA MET F 336 -48.88 -11.43 -29.99
C MET F 336 -49.11 -12.25 -28.72
N THR F 337 -48.37 -11.94 -27.65
CA THR F 337 -48.44 -12.75 -26.43
C THR F 337 -48.72 -11.97 -25.14
N HIS F 338 -48.46 -10.66 -25.15
CA HIS F 338 -48.57 -9.83 -23.94
C HIS F 338 -49.48 -8.64 -24.10
N ALA F 339 -50.54 -8.80 -24.89
CA ALA F 339 -51.52 -7.71 -25.09
C ALA F 339 -52.47 -7.56 -23.91
N CYS F 340 -52.66 -8.66 -23.17
CA CYS F 340 -53.52 -8.70 -21.99
C CYS F 340 -52.93 -7.95 -20.80
N ILE F 341 -51.61 -7.79 -20.79
CA ILE F 341 -50.90 -7.09 -19.72
C ILE F 341 -50.83 -5.59 -20.06
N PRO F 342 -51.22 -4.72 -19.09
CA PRO F 342 -51.21 -3.27 -19.32
C PRO F 342 -49.82 -2.73 -19.71
N LYS F 343 -49.81 -2.02 -20.86
CA LYS F 343 -48.58 -1.44 -21.44
C LYS F 343 -47.49 -0.94 -20.46
N THR F 344 -47.92 -0.37 -19.34
CA THR F 344 -46.95 0.15 -18.34
C THR F 344 -46.26 -0.96 -17.55
N GLN F 345 -47.02 -2.03 -17.26
CA GLN F 345 -46.47 -3.24 -16.64
C GLN F 345 -45.56 -3.96 -17.63
N ARG F 346 -45.93 -3.89 -18.91
CA ARG F 346 -45.10 -4.45 -19.99
C ARG F 346 -43.73 -3.79 -19.99
N GLU F 347 -43.74 -2.45 -19.96
CA GLU F 347 -42.50 -1.66 -19.99
C GLU F 347 -41.66 -1.85 -18.73
N ALA F 348 -42.33 -2.01 -17.59
CA ALA F 348 -41.66 -2.39 -16.35
C ALA F 348 -40.86 -3.68 -16.61
N ALA F 349 -41.63 -4.74 -16.98
CA ALA F 349 -41.04 -6.05 -17.31
C ALA F 349 -39.98 -6.03 -18.42
N GLY F 350 -39.75 -4.85 -19.01
CA GLY F 350 -38.71 -4.68 -20.03
C GLY F 350 -39.22 -4.94 -21.46
N ILE F 351 -40.55 -4.98 -21.61
CA ILE F 351 -41.18 -5.26 -22.90
C ILE F 351 -41.86 -4.01 -23.49
N ARG F 352 -41.12 -3.33 -24.36
CA ARG F 352 -41.63 -2.16 -25.06
C ARG F 352 -42.46 -2.57 -26.28
N ASP F 353 -43.26 -1.63 -26.78
CA ASP F 353 -44.04 -1.84 -28.00
C ASP F 353 -43.16 -1.89 -29.25
N GLY F 354 -41.87 -1.62 -29.06
CA GLY F 354 -40.89 -1.68 -30.13
C GLY F 354 -40.04 -2.94 -30.06
N LEU F 355 -40.35 -3.82 -29.10
CA LEU F 355 -39.65 -5.08 -28.99
C LEU F 355 -40.18 -6.09 -30.00
N VAL F 356 -39.29 -6.51 -30.89
CA VAL F 356 -39.60 -7.53 -31.89
C VAL F 356 -38.81 -8.78 -31.52
N ARG F 357 -39.43 -9.94 -31.72
CA ARG F 357 -38.80 -11.20 -31.40
C ARG F 357 -38.60 -12.02 -32.67
N LEU F 358 -37.43 -12.62 -32.80
CA LEU F 358 -37.15 -13.47 -33.94
C LEU F 358 -36.80 -14.87 -33.49
N SER F 359 -37.43 -15.85 -34.12
CA SER F 359 -37.02 -17.24 -34.04
C SER F 359 -36.28 -17.52 -35.33
N VAL F 360 -34.97 -17.31 -35.32
CA VAL F 360 -34.18 -17.44 -36.55
C VAL F 360 -34.10 -18.91 -36.96
N GLY F 361 -34.57 -19.20 -38.16
CA GLY F 361 -34.59 -20.55 -38.69
C GLY F 361 -33.29 -20.97 -39.34
N ILE F 362 -33.37 -21.91 -40.27
CA ILE F 362 -32.18 -22.51 -40.87
C ILE F 362 -32.13 -22.26 -42.37
N GLU F 363 -32.79 -21.20 -42.81
CA GLU F 363 -32.67 -20.72 -44.19
C GLU F 363 -31.28 -20.11 -44.39
N HIS F 364 -30.94 -19.82 -45.66
CA HIS F 364 -29.65 -19.22 -45.98
C HIS F 364 -29.53 -17.87 -45.30
N GLU F 365 -28.48 -17.72 -44.49
CA GLU F 365 -28.29 -16.52 -43.67
C GLU F 365 -28.39 -15.23 -44.49
N GLN F 366 -27.98 -15.32 -45.75
CA GLN F 366 -27.99 -14.16 -46.64
C GLN F 366 -29.40 -13.72 -46.97
N ASP F 367 -30.27 -14.69 -47.31
CA ASP F 367 -31.69 -14.42 -47.63
C ASP F 367 -32.42 -13.78 -46.45
N LEU F 368 -32.15 -14.30 -45.24
CA LEU F 368 -32.72 -13.74 -44.02
C LEU F 368 -32.25 -12.30 -43.81
N LEU F 369 -30.99 -12.04 -44.15
CA LEU F 369 -30.42 -10.71 -44.00
C LEU F 369 -31.01 -9.74 -45.03
N GLU F 370 -31.19 -10.22 -46.26
CA GLU F 370 -31.81 -9.41 -47.31
C GLU F 370 -33.23 -9.06 -46.91
N ASP F 371 -33.91 -10.02 -46.28
CA ASP F 371 -35.27 -9.83 -45.79
C ASP F 371 -35.33 -8.70 -44.78
N LEU F 372 -34.45 -8.75 -43.78
CA LEU F 372 -34.40 -7.69 -42.77
C LEU F 372 -33.98 -6.35 -43.38
N GLU F 373 -33.01 -6.39 -44.29
CA GLU F 373 -32.53 -5.19 -45.00
C GLU F 373 -33.66 -4.41 -45.67
N GLN F 374 -34.50 -5.11 -46.44
CA GLN F 374 -35.59 -4.45 -47.17
C GLN F 374 -36.69 -3.92 -46.24
N ALA F 375 -36.99 -4.68 -45.19
CA ALA F 375 -38.00 -4.30 -44.21
C ALA F 375 -37.61 -3.02 -43.47
N PHE F 376 -36.34 -2.95 -43.03
CA PHE F 376 -35.77 -1.73 -42.46
C PHE F 376 -35.88 -0.54 -43.41
N ALA F 377 -35.64 -0.79 -44.69
CA ALA F 377 -35.62 0.27 -45.71
C ALA F 377 -36.98 0.96 -45.86
N LYS F 378 -38.06 0.22 -45.58
CA LYS F 378 -39.41 0.76 -45.70
C LYS F 378 -39.84 1.64 -44.52
N ILE F 379 -39.00 1.70 -43.48
CA ILE F 379 -39.27 2.59 -42.33
C ILE F 379 -38.11 3.57 -42.05
N MET G 1 7.50 -34.46 -7.45
CA MET G 1 7.77 -34.75 -6.01
C MET G 1 6.72 -34.14 -5.08
N ARG G 2 6.02 -35.00 -4.34
CA ARG G 2 5.07 -34.54 -3.34
C ARG G 2 5.71 -34.51 -1.96
N MET G 3 5.15 -33.69 -1.09
CA MET G 3 5.67 -33.51 0.28
C MET G 3 6.08 -34.81 0.95
N GLN G 4 5.24 -35.85 0.81
CA GLN G 4 5.54 -37.14 1.43
C GLN G 4 6.82 -37.75 0.85
N THR G 5 7.01 -37.56 -0.46
CA THR G 5 8.20 -38.01 -1.15
C THR G 5 9.37 -37.07 -0.84
N LYS G 6 9.09 -35.77 -0.79
CA LYS G 6 10.10 -34.74 -0.62
C LYS G 6 10.86 -34.85 0.68
N LEU G 7 10.19 -35.35 1.71
CA LEU G 7 10.80 -35.59 3.02
C LEU G 7 11.92 -36.63 2.95
N ILE G 8 11.97 -37.38 1.86
CA ILE G 8 12.90 -38.49 1.73
C ILE G 8 13.98 -38.23 0.69
N HIS G 9 13.66 -37.43 -0.34
CA HIS G 9 14.60 -37.15 -1.43
C HIS G 9 14.87 -35.69 -1.66
N GLY G 10 14.30 -34.84 -0.81
CA GLY G 10 14.41 -33.38 -0.95
C GLY G 10 15.78 -32.81 -0.62
N GLY G 11 15.92 -31.50 -0.81
CA GLY G 11 17.21 -30.83 -0.59
C GLY G 11 18.33 -31.67 -1.15
N ILE G 12 19.21 -32.15 -0.26
CA ILE G 12 20.24 -33.11 -0.61
C ILE G 12 20.04 -34.34 0.27
N SER G 13 19.68 -35.45 -0.36
CA SER G 13 19.39 -36.67 0.39
C SER G 13 20.34 -37.81 0.00
N GLU G 14 21.39 -37.46 -0.74
CA GLU G 14 22.32 -38.42 -1.31
C GLU G 14 23.70 -37.80 -1.46
N ASP G 15 24.76 -38.56 -1.16
CA ASP G 15 26.12 -38.14 -1.45
C ASP G 15 26.36 -38.28 -2.95
N ALA G 16 26.73 -37.18 -3.59
CA ALA G 16 26.90 -37.13 -5.04
C ALA G 16 28.05 -37.99 -5.54
N THR G 17 29.19 -37.92 -4.87
CA THR G 17 30.37 -38.65 -5.33
C THR G 17 30.28 -40.17 -5.11
N THR G 18 29.83 -40.56 -3.92
CA THR G 18 29.85 -41.97 -3.55
C THR G 18 28.54 -42.71 -3.88
N GLY G 19 27.44 -41.95 -3.96
CA GLY G 19 26.12 -42.56 -4.16
C GLY G 19 25.40 -42.96 -2.88
N ALA G 20 26.00 -42.66 -1.72
CA ALA G 20 25.42 -43.04 -0.44
C ALA G 20 24.03 -42.45 -0.30
N VAL G 21 23.07 -43.31 0.06
CA VAL G 21 21.67 -42.90 0.24
C VAL G 21 21.49 -42.02 1.47
N SER G 22 22.56 -41.87 2.25
CA SER G 22 22.58 -40.95 3.37
C SER G 22 23.72 -39.96 3.18
N VAL G 23 23.50 -38.73 3.64
CA VAL G 23 24.54 -37.70 3.59
C VAL G 23 25.62 -38.04 4.63
N PRO G 24 26.89 -38.05 4.22
CA PRO G 24 27.93 -38.39 5.20
C PRO G 24 28.08 -37.30 6.24
N ILE G 25 28.50 -37.69 7.44
CA ILE G 25 28.69 -36.75 8.52
C ILE G 25 30.12 -36.18 8.49
N TYR G 26 30.21 -34.90 8.14
CA TYR G 26 31.51 -34.22 8.08
C TYR G 26 31.94 -33.66 9.43
N GLN G 27 32.42 -34.54 10.31
CA GLN G 27 33.05 -34.08 11.55
C GLN G 27 34.40 -33.48 11.20
N THR G 28 34.37 -32.30 10.60
CA THR G 28 35.57 -31.58 10.19
C THR G 28 35.41 -30.12 10.61
N SER G 29 36.52 -29.43 10.83
CA SER G 29 36.46 -28.01 11.16
C SER G 29 36.96 -27.17 9.99
N THR G 30 37.76 -27.79 9.14
CA THR G 30 38.43 -27.07 8.07
C THR G 30 38.67 -27.95 6.84
N TYR G 31 39.02 -27.29 5.73
CA TYR G 31 39.14 -27.95 4.43
C TYR G 31 40.40 -27.49 3.75
N ARG G 32 41.02 -28.40 3.00
CA ARG G 32 42.16 -28.05 2.16
C ARG G 32 41.68 -27.20 1.01
N GLN G 33 42.48 -26.20 0.65
CA GLN G 33 42.21 -25.38 -0.51
C GLN G 33 43.30 -25.56 -1.55
N ASP G 34 42.97 -25.15 -2.79
CA ASP G 34 43.94 -25.03 -3.87
C ASP G 34 43.94 -23.55 -4.22
N ALA G 35 43.67 -22.73 -3.18
CA ALA G 35 43.49 -21.28 -3.29
C ALA G 35 44.81 -20.59 -3.72
N ILE G 36 44.99 -19.27 -3.51
CA ILE G 36 44.01 -18.39 -2.88
C ILE G 36 42.94 -17.94 -3.89
N GLY G 37 41.68 -18.04 -3.48
CA GLY G 37 40.55 -17.71 -4.36
C GLY G 37 39.51 -18.82 -4.40
N GLY G 41 34.51 -24.41 -2.40
CA GLY G 41 33.13 -24.74 -1.88
C GLY G 41 33.06 -24.50 -0.39
N TYR G 42 33.73 -25.37 0.38
CA TYR G 42 33.76 -25.26 1.84
C TYR G 42 35.11 -24.76 2.32
N GLU G 43 35.09 -23.74 3.18
CA GLU G 43 36.30 -23.13 3.71
C GLU G 43 36.48 -23.39 5.20
N TYR G 44 35.39 -23.18 5.96
CA TYR G 44 35.40 -23.30 7.42
C TYR G 44 34.00 -23.70 7.89
N SER G 45 33.94 -24.69 8.78
CA SER G 45 32.67 -25.31 9.20
C SER G 45 31.62 -24.36 9.81
N ARG G 46 32.06 -23.20 10.30
CA ARG G 46 31.13 -22.18 10.80
C ARG G 46 30.45 -21.48 9.61
N SER G 47 31.20 -21.24 8.55
CA SER G 47 30.66 -20.68 7.31
C SER G 47 29.87 -21.71 6.52
N GLY G 48 30.38 -22.95 6.50
CA GLY G 48 29.81 -24.00 5.66
C GLY G 48 30.29 -25.40 5.97
N ASN G 49 29.33 -26.31 6.07
CA ASN G 49 29.60 -27.72 6.30
C ASN G 49 28.65 -28.54 5.44
N PRO G 50 29.18 -29.52 4.68
CA PRO G 50 28.32 -30.22 3.73
C PRO G 50 27.11 -30.89 4.38
N THR G 51 27.29 -31.42 5.59
CA THR G 51 26.19 -32.07 6.31
C THR G 51 25.12 -31.05 6.71
N ARG G 52 25.53 -29.96 7.36
CA ARG G 52 24.59 -28.91 7.76
C ARG G 52 23.82 -28.38 6.55
N PHE G 53 24.55 -28.14 5.46
CA PHE G 53 23.98 -27.59 4.23
C PHE G 53 22.89 -28.47 3.65
N ALA G 54 23.12 -29.79 3.72
CA ALA G 54 22.14 -30.79 3.28
C ALA G 54 20.81 -30.56 3.99
N LEU G 55 20.87 -30.39 5.30
CA LEU G 55 19.68 -30.15 6.12
C LEU G 55 19.02 -28.81 5.80
N GLU G 56 19.86 -27.79 5.56
CA GLU G 56 19.37 -26.46 5.27
C GLU G 56 18.62 -26.45 3.95
N GLU G 57 19.22 -27.07 2.93
CA GLU G 57 18.56 -27.25 1.63
C GLU G 57 17.24 -28.00 1.74
N LEU G 58 17.17 -28.97 2.64
CA LEU G 58 15.97 -29.75 2.84
C LEU G 58 14.83 -28.90 3.37
N ILE G 59 15.13 -28.05 4.36
CA ILE G 59 14.11 -27.19 4.96
C ILE G 59 13.65 -26.10 3.99
N ALA G 60 14.59 -25.46 3.29
CA ALA G 60 14.25 -24.49 2.25
C ALA G 60 13.23 -25.13 1.32
N ASP G 61 13.58 -26.32 0.83
CA ASP G 61 12.76 -27.12 -0.06
C ASP G 61 11.40 -27.47 0.55
N LEU G 62 11.36 -27.74 1.85
CA LEU G 62 10.09 -28.07 2.53
C LEU G 62 9.17 -26.87 2.71
N GLU G 63 9.72 -25.74 3.15
CA GLU G 63 8.90 -24.55 3.40
C GLU G 63 8.71 -23.68 2.15
N GLY G 64 9.40 -24.03 1.07
CA GLY G 64 9.35 -23.25 -0.16
C GLY G 64 10.25 -22.03 -0.07
N GLY G 65 11.42 -22.21 0.54
CA GLY G 65 12.38 -21.13 0.72
C GLY G 65 13.51 -21.18 -0.29
N VAL G 66 14.33 -20.14 -0.33
CA VAL G 66 15.46 -20.06 -1.24
C VAL G 66 16.76 -20.52 -0.58
N LYS G 67 16.81 -20.38 0.74
CA LYS G 67 17.92 -20.85 1.56
C LYS G 67 17.40 -21.31 2.91
N GLY G 68 18.11 -22.28 3.51
CA GLY G 68 17.81 -22.74 4.86
C GLY G 68 18.96 -22.41 5.79
N PHE G 69 18.71 -22.44 7.09
CA PHE G 69 19.70 -22.07 8.08
C PHE G 69 19.52 -22.88 9.36
N ALA G 70 20.54 -23.66 9.72
CA ALA G 70 20.50 -24.51 10.90
C ALA G 70 21.28 -23.90 12.05
N PHE G 71 20.65 -23.84 13.22
CA PHE G 71 21.24 -23.20 14.39
C PHE G 71 21.37 -24.17 15.56
N ALA G 72 22.11 -23.75 16.58
CA ALA G 72 22.32 -24.55 17.79
C ALA G 72 21.02 -24.83 18.55
N SER G 73 20.02 -23.97 18.35
CA SER G 73 18.70 -24.13 18.98
C SER G 73 17.65 -23.29 18.26
N GLY G 74 16.39 -23.57 18.54
CA GLY G 74 15.28 -22.75 18.05
C GLY G 74 15.46 -21.27 18.41
N LEU G 75 15.90 -21.02 19.64
CA LEU G 75 16.12 -19.66 20.13
C LEU G 75 17.24 -18.94 19.38
N ALA G 76 18.38 -19.61 19.22
CA ALA G 76 19.54 -19.05 18.52
C ALA G 76 19.20 -18.60 17.11
N GLY G 77 18.28 -19.31 16.48
CA GLY G 77 17.76 -18.96 15.16
C GLY G 77 16.88 -17.73 15.22
N ILE G 78 15.85 -17.77 16.06
CA ILE G 78 15.00 -16.60 16.32
C ILE G 78 15.85 -15.37 16.65
N HIS G 79 16.86 -15.56 17.51
CA HIS G 79 17.84 -14.51 17.81
C HIS G 79 18.44 -13.93 16.57
N ALA G 80 19.04 -14.80 15.75
CA ALA G 80 19.72 -14.38 14.53
C ALA G 80 18.80 -13.61 13.58
N VAL G 81 17.54 -14.06 13.50
CA VAL G 81 16.53 -13.39 12.69
C VAL G 81 16.40 -11.93 13.12
N PHE G 82 16.16 -11.72 14.42
CA PHE G 82 15.99 -10.37 14.97
C PHE G 82 17.28 -9.56 15.02
N SER G 83 18.40 -10.22 14.76
CA SER G 83 19.69 -9.54 14.71
C SER G 83 19.86 -8.68 13.46
N LEU G 84 18.90 -8.77 12.53
CA LEU G 84 18.91 -7.94 11.32
C LEU G 84 18.63 -6.48 11.64
N LEU G 85 17.90 -6.25 12.74
CA LEU G 85 17.35 -4.93 13.06
C LEU G 85 18.30 -4.02 13.83
N GLN G 86 18.31 -2.75 13.45
CA GLN G 86 19.01 -1.68 14.18
C GLN G 86 18.37 -1.40 15.54
N SER G 87 19.08 -0.66 16.40
CA SER G 87 18.49 -0.16 17.64
C SER G 87 17.50 0.97 17.32
N GLY G 88 16.49 1.12 18.16
CA GLY G 88 15.44 2.10 17.92
C GLY G 88 14.35 1.63 16.96
N ASP G 89 14.40 0.36 16.58
CA ASP G 89 13.35 -0.24 15.74
C ASP G 89 12.24 -0.86 16.61
N HIS G 90 11.08 -1.11 16.00
CA HIS G 90 9.93 -1.63 16.73
C HIS G 90 9.37 -2.92 16.14
N VAL G 91 8.87 -3.79 17.02
CA VAL G 91 8.36 -5.10 16.62
C VAL G 91 7.06 -5.45 17.34
N LEU G 92 6.12 -6.04 16.62
CA LEU G 92 4.88 -6.51 17.22
C LEU G 92 4.98 -8.00 17.59
N LEU G 93 4.53 -8.33 18.80
CA LEU G 93 4.58 -9.70 19.32
C LEU G 93 3.20 -10.23 19.70
N GLY G 94 2.98 -11.51 19.40
CA GLY G 94 1.78 -12.20 19.87
C GLY G 94 1.74 -12.24 21.39
N ASP G 95 0.54 -12.12 21.95
CA ASP G 95 0.34 -12.04 23.40
C ASP G 95 0.68 -13.33 24.13
N ASP G 96 0.78 -14.43 23.39
CA ASP G 96 1.19 -15.71 23.95
C ASP G 96 2.17 -16.46 23.04
N VAL G 97 3.19 -15.73 22.55
CA VAL G 97 4.32 -16.36 21.88
C VAL G 97 5.08 -17.25 22.87
N TYR G 98 6.00 -18.07 22.37
CA TYR G 98 6.73 -19.00 23.21
C TYR G 98 7.42 -18.30 24.38
N GLY G 99 7.31 -18.91 25.57
CA GLY G 99 7.86 -18.34 26.80
C GLY G 99 9.28 -17.79 26.70
N GLY G 100 10.12 -18.52 25.96
CA GLY G 100 11.51 -18.11 25.77
C GLY G 100 11.68 -17.09 24.67
N THR G 101 10.67 -17.00 23.78
CA THR G 101 10.72 -15.97 22.72
C THR G 101 10.47 -14.59 23.32
N PHE G 102 9.59 -14.55 24.33
CA PHE G 102 9.36 -13.33 25.12
C PHE G 102 10.63 -12.98 25.89
N ARG G 103 11.13 -13.95 26.67
CA ARG G 103 12.34 -13.76 27.47
C ARG G 103 13.55 -13.39 26.61
N LEU G 104 13.46 -13.67 25.30
CA LEU G 104 14.50 -13.23 24.36
C LEU G 104 14.38 -11.74 24.13
N PHE G 105 13.16 -11.26 23.88
CA PHE G 105 12.89 -9.83 23.69
C PHE G 105 13.03 -9.08 25.00
N ASN G 106 12.22 -9.46 25.98
CA ASN G 106 12.21 -8.86 27.32
C ASN G 106 13.60 -8.53 27.88
N GLN G 107 14.51 -9.55 27.77
CA GLN G 107 15.79 -9.45 28.51
C GLN G 107 17.05 -9.37 27.65
N VAL G 108 16.93 -9.61 26.35
CA VAL G 108 18.11 -9.63 25.50
C VAL G 108 18.09 -8.54 24.43
N LEU G 109 17.04 -8.52 23.62
CA LEU G 109 17.00 -7.65 22.44
C LEU G 109 16.57 -6.21 22.76
N VAL G 110 15.81 -6.06 23.85
CA VAL G 110 15.36 -4.73 24.30
C VAL G 110 16.54 -3.84 24.70
N LYS G 111 17.35 -4.33 25.64
CA LYS G 111 18.49 -3.59 26.16
C LYS G 111 19.50 -3.27 25.04
N ASN G 112 19.28 -3.89 23.87
CA ASN G 112 20.04 -3.59 22.66
C ASN G 112 19.36 -2.54 21.78
N GLY G 113 18.34 -1.87 22.35
CA GLY G 113 17.66 -0.78 21.64
C GLY G 113 16.43 -1.20 20.84
N LEU G 114 15.86 -2.34 21.18
CA LEU G 114 14.65 -2.82 20.50
C LEU G 114 13.41 -2.56 21.34
N SER G 115 12.28 -2.39 20.67
CA SER G 115 11.01 -2.14 21.35
C SER G 115 9.92 -3.09 20.84
N CYS G 116 9.04 -3.52 21.74
CA CYS G 116 7.99 -4.48 21.42
C CYS G 116 6.61 -4.08 21.96
N THR G 117 5.56 -4.53 21.28
CA THR G 117 4.19 -4.41 21.77
C THR G 117 3.46 -5.74 21.70
N ILE G 118 3.07 -6.24 22.87
CA ILE G 118 2.29 -7.47 23.00
C ILE G 118 0.84 -7.23 22.55
N ILE G 119 0.40 -8.00 21.56
CA ILE G 119 -0.95 -7.90 21.01
C ILE G 119 -1.58 -9.28 20.79
N ASP G 120 -2.91 -9.34 20.77
CA ASP G 120 -3.60 -10.53 20.31
C ASP G 120 -3.66 -10.48 18.79
N THR G 121 -2.93 -11.39 18.15
CA THR G 121 -2.78 -11.38 16.68
C THR G 121 -3.99 -11.97 15.94
N SER G 122 -4.82 -12.72 16.65
CA SER G 122 -6.08 -13.22 16.09
C SER G 122 -7.12 -12.10 15.97
N ASP G 123 -6.75 -10.92 16.50
CA ASP G 123 -7.53 -9.70 16.32
C ASP G 123 -6.77 -8.81 15.35
N ILE G 124 -7.02 -9.02 14.06
CA ILE G 124 -6.31 -8.32 12.97
C ILE G 124 -6.38 -6.79 13.09
N SER G 125 -7.46 -6.28 13.70
CA SER G 125 -7.60 -4.84 13.94
C SER G 125 -6.64 -4.35 15.03
N GLN G 126 -6.32 -5.24 15.98
CA GLN G 126 -5.37 -4.93 17.05
C GLN G 126 -3.96 -4.66 16.54
N ILE G 127 -3.53 -5.39 15.51
CA ILE G 127 -2.20 -5.14 14.93
C ILE G 127 -2.17 -3.78 14.23
N LYS G 128 -3.27 -3.44 13.55
CA LYS G 128 -3.43 -2.14 12.89
C LYS G 128 -3.30 -0.98 13.88
N LYS G 129 -3.89 -1.17 15.07
CA LYS G 129 -3.89 -0.16 16.13
C LYS G 129 -2.51 0.08 16.75
N ALA G 130 -1.57 -0.83 16.52
CA ALA G 130 -0.26 -0.77 17.20
C ALA G 130 0.95 -0.38 16.35
N ILE G 131 0.73 -0.19 15.03
CA ILE G 131 1.82 0.20 14.12
C ILE G 131 2.38 1.58 14.43
N LYS G 132 3.67 1.62 14.74
CA LYS G 132 4.42 2.86 14.95
C LYS G 132 5.22 3.17 13.69
N PRO G 133 5.65 4.44 13.51
CA PRO G 133 6.47 4.78 12.33
C PRO G 133 7.81 4.05 12.28
N ASN G 134 8.30 3.63 13.45
CA ASN G 134 9.59 2.94 13.55
C ASN G 134 9.49 1.41 13.62
N THR G 135 8.27 0.88 13.43
CA THR G 135 8.04 -0.56 13.47
C THR G 135 8.53 -1.22 12.18
N LYS G 136 9.24 -2.33 12.32
CA LYS G 136 9.84 -3.02 11.19
C LYS G 136 9.28 -4.42 10.92
N ALA G 137 8.80 -5.10 11.97
CA ALA G 137 8.36 -6.49 11.81
C ALA G 137 7.25 -6.95 12.75
N LEU G 138 6.42 -7.87 12.24
CA LEU G 138 5.41 -8.56 13.03
C LEU G 138 5.87 -10.02 13.22
N TYR G 139 5.66 -10.56 14.41
CA TYR G 139 6.08 -11.93 14.72
C TYR G 139 4.87 -12.78 15.12
N LEU G 140 4.51 -13.73 14.26
CA LEU G 140 3.35 -14.59 14.50
C LEU G 140 3.76 -16.00 14.93
N GLU G 141 2.83 -16.70 15.57
CA GLU G 141 3.05 -18.06 16.05
C GLU G 141 1.71 -18.80 16.15
N THR G 142 1.36 -19.56 15.11
CA THR G 142 0.05 -20.21 15.03
C THR G 142 0.12 -21.66 14.54
N PRO G 143 -0.56 -22.60 15.24
CA PRO G 143 -1.27 -22.42 16.53
C PRO G 143 -0.32 -21.94 17.62
N SER G 144 -0.87 -21.38 18.70
CA SER G 144 -0.04 -20.70 19.68
C SER G 144 0.22 -21.51 20.95
N ASN G 145 1.42 -21.35 21.50
CA ASN G 145 1.79 -21.98 22.77
C ASN G 145 1.24 -21.16 23.94
N PRO G 146 0.52 -21.80 24.86
CA PRO G 146 0.02 -23.17 24.87
C PRO G 146 -1.50 -23.28 24.67
N LEU G 147 -2.11 -22.23 24.13
CA LEU G 147 -3.56 -22.15 24.04
C LEU G 147 -4.11 -22.57 22.67
N LEU G 148 -3.20 -22.69 21.70
CA LEU G 148 -3.53 -23.07 20.32
C LEU G 148 -4.49 -22.07 19.68
N LYS G 149 -4.28 -20.81 20.03
CA LYS G 149 -4.97 -19.69 19.44
C LYS G 149 -4.45 -19.55 18.00
N ILE G 150 -5.37 -19.38 17.06
CA ILE G 150 -5.02 -19.35 15.64
C ILE G 150 -5.01 -17.93 15.08
N THR G 151 -3.95 -17.63 14.31
CA THR G 151 -3.78 -16.34 13.66
C THR G 151 -3.87 -16.52 12.14
N ASP G 152 -4.54 -15.58 11.47
CA ASP G 152 -4.65 -15.64 10.01
C ASP G 152 -3.39 -15.11 9.34
N LEU G 153 -2.55 -16.04 8.92
CA LEU G 153 -1.27 -15.73 8.27
C LEU G 153 -1.41 -14.89 6.99
N ALA G 154 -2.38 -15.23 6.15
CA ALA G 154 -2.60 -14.54 4.88
C ALA G 154 -2.92 -13.03 5.06
N GLN G 155 -3.80 -12.71 6.00
CA GLN G 155 -4.22 -11.32 6.22
C GLN G 155 -3.17 -10.48 6.93
N CYS G 156 -2.63 -11.00 8.04
CA CYS G 156 -1.56 -10.31 8.78
C CYS G 156 -0.37 -10.00 7.89
N ALA G 157 -0.03 -10.95 7.03
CA ALA G 157 1.01 -10.76 6.01
C ALA G 157 0.66 -9.57 5.12
N SER G 158 -0.56 -9.57 4.59
CA SER G 158 -1.06 -8.48 3.74
C SER G 158 -0.97 -7.13 4.48
N VAL G 159 -1.59 -7.06 5.66
CA VAL G 159 -1.57 -5.86 6.51
C VAL G 159 -0.13 -5.38 6.75
N ALA G 160 0.79 -6.32 6.93
CA ALA G 160 2.19 -6.02 7.11
C ALA G 160 2.88 -5.68 5.79
N LYS G 161 2.36 -6.21 4.68
CA LYS G 161 2.99 -6.03 3.36
C LYS G 161 2.73 -4.65 2.74
N ASP G 162 1.54 -4.10 2.99
CA ASP G 162 1.20 -2.77 2.49
C ASP G 162 1.81 -1.63 3.35
N HIS G 163 2.23 -2.00 4.57
CA HIS G 163 3.20 -1.20 5.32
C HIS G 163 4.57 -1.77 5.00
N GLY G 164 5.62 -1.13 5.52
CA GLY G 164 6.99 -1.58 5.21
C GLY G 164 7.51 -2.71 6.10
N LEU G 165 6.63 -3.63 6.48
CA LEU G 165 6.90 -4.61 7.52
C LEU G 165 7.29 -6.01 7.06
N LEU G 166 8.03 -6.71 7.93
CA LEU G 166 8.44 -8.10 7.71
C LEU G 166 7.57 -9.06 8.50
N THR G 167 7.04 -10.07 7.82
CA THR G 167 6.27 -11.10 8.50
C THR G 167 7.21 -12.24 8.89
N ILE G 168 7.28 -12.50 10.19
CA ILE G 168 8.11 -13.57 10.73
C ILE G 168 7.22 -14.58 11.45
N VAL G 169 7.28 -15.84 11.04
CA VAL G 169 6.41 -16.87 11.61
C VAL G 169 7.21 -18.00 12.26
N ASP G 170 6.83 -18.34 13.49
CA ASP G 170 7.34 -19.51 14.19
C ASP G 170 6.42 -20.68 13.87
N ASN G 171 6.89 -21.55 12.99
CA ASN G 171 6.07 -22.64 12.45
C ASN G 171 6.28 -23.98 13.16
N THR G 172 6.96 -23.94 14.30
CA THR G 172 7.28 -25.16 15.07
C THR G 172 6.10 -26.13 15.30
N PHE G 173 4.96 -25.59 15.71
CA PHE G 173 3.81 -26.41 16.12
C PHE G 173 3.08 -27.13 14.98
N ALA G 174 2.63 -26.37 13.99
CA ALA G 174 2.07 -26.93 12.76
C ALA G 174 3.24 -26.95 11.80
N THR G 175 3.83 -28.13 11.61
CA THR G 175 5.08 -28.25 10.87
C THR G 175 4.95 -27.93 9.36
N PRO G 176 6.07 -27.95 8.60
CA PRO G 176 5.97 -27.71 7.16
C PRO G 176 5.02 -28.68 6.45
N TYR G 177 4.66 -29.76 7.15
CA TYR G 177 3.76 -30.78 6.64
C TYR G 177 2.28 -30.40 6.68
N TYR G 178 1.95 -29.48 7.59
CA TYR G 178 0.57 -29.01 7.74
C TYR G 178 0.36 -27.57 7.35
N GLN G 179 1.39 -26.75 7.52
CA GLN G 179 1.30 -25.31 7.26
C GLN G 179 2.58 -24.83 6.58
N ASN G 180 2.42 -23.99 5.56
CA ASN G 180 3.57 -23.41 4.87
C ASN G 180 3.43 -21.88 4.77
N PRO G 181 3.78 -21.18 5.87
CA PRO G 181 3.64 -19.72 5.96
C PRO G 181 4.21 -18.94 4.78
N LEU G 182 5.33 -19.40 4.21
CA LEU G 182 5.99 -18.69 3.09
C LEU G 182 5.09 -18.51 1.87
N LEU G 183 4.16 -19.43 1.68
CA LEU G 183 3.23 -19.39 0.56
C LEU G 183 2.02 -18.51 0.90
N LEU G 184 1.84 -18.26 2.20
CA LEU G 184 0.74 -17.42 2.70
C LEU G 184 1.18 -15.98 2.97
N GLY G 185 2.25 -15.56 2.29
CA GLY G 185 2.75 -14.19 2.38
C GLY G 185 3.72 -13.88 3.52
N ALA G 186 4.26 -14.92 4.16
CA ALA G 186 5.30 -14.72 5.17
C ALA G 186 6.65 -14.51 4.49
N ASP G 187 7.57 -13.84 5.20
CA ASP G 187 8.91 -13.60 4.69
C ASP G 187 9.93 -14.53 5.34
N ILE G 188 9.77 -14.77 6.64
CA ILE G 188 10.67 -15.65 7.37
C ILE G 188 9.89 -16.65 8.19
N VAL G 189 10.28 -17.92 8.05
CA VAL G 189 9.74 -18.99 8.89
C VAL G 189 10.85 -19.55 9.77
N ALA G 190 10.51 -19.84 11.03
CA ALA G 190 11.46 -20.40 11.98
C ALA G 190 10.89 -21.62 12.70
N HIS G 191 11.73 -22.63 12.88
CA HIS G 191 11.34 -23.82 13.64
C HIS G 191 12.30 -24.10 14.75
N SER G 192 11.76 -24.63 15.83
CA SER G 192 12.55 -25.35 16.80
C SER G 192 12.64 -26.78 16.30
N GLY G 193 13.77 -27.13 15.69
CA GLY G 193 14.02 -28.49 15.22
C GLY G 193 13.93 -29.51 16.36
N THR G 194 14.10 -29.01 17.58
CA THR G 194 14.09 -29.81 18.80
C THR G 194 12.76 -30.55 18.99
N LYS G 195 11.74 -30.08 18.28
CA LYS G 195 10.37 -30.51 18.48
C LYS G 195 9.92 -31.56 17.46
N TYR G 196 9.00 -31.17 16.59
CA TYR G 196 8.40 -32.09 15.62
C TYR G 196 9.33 -32.54 14.48
N LEU G 197 10.26 -31.68 14.10
CA LEU G 197 11.18 -32.00 13.01
C LEU G 197 12.12 -33.14 13.35
N GLY G 198 12.80 -33.06 14.49
CA GLY G 198 13.64 -34.16 14.97
C GLY G 198 12.80 -35.37 15.33
N GLY G 199 11.66 -35.10 15.97
CA GLY G 199 10.66 -36.11 16.28
C GLY G 199 11.03 -37.12 17.34
N HIS G 200 12.29 -37.15 17.73
CA HIS G 200 12.76 -38.23 18.60
C HIS G 200 13.28 -37.79 19.94
N SER G 201 12.99 -36.54 20.28
CA SER G 201 13.37 -35.94 21.56
C SER G 201 14.84 -36.20 21.90
N ASP G 202 15.71 -36.06 20.90
CA ASP G 202 17.13 -36.36 21.09
C ASP G 202 18.09 -35.37 20.44
N VAL G 203 17.54 -34.31 19.87
CA VAL G 203 18.34 -33.28 19.23
C VAL G 203 17.79 -31.90 19.60
N VAL G 204 18.70 -31.00 19.96
CA VAL G 204 18.38 -29.58 20.12
C VAL G 204 18.85 -28.88 18.84
N ALA G 205 17.91 -28.22 18.15
CA ALA G 205 18.20 -27.57 16.88
C ALA G 205 17.19 -26.49 16.57
N GLY G 206 17.58 -25.57 15.69
CA GLY G 206 16.69 -24.55 15.17
C GLY G 206 16.88 -24.41 13.68
N LEU G 207 15.77 -24.27 12.96
CA LEU G 207 15.79 -24.07 11.52
C LEU G 207 15.06 -22.80 11.11
N VAL G 208 15.65 -22.07 10.18
CA VAL G 208 15.13 -20.81 9.68
C VAL G 208 15.27 -20.81 8.16
N THR G 209 14.21 -20.37 7.46
CA THR G 209 14.28 -20.22 6.01
C THR G 209 13.54 -18.96 5.51
N THR G 210 13.82 -18.56 4.27
CA THR G 210 13.21 -17.35 3.71
C THR G 210 12.89 -17.42 2.21
N ASN G 211 11.86 -16.66 1.82
CA ASN G 211 11.45 -16.43 0.44
C ASN G 211 12.43 -15.56 -0.34
N ASN G 212 13.15 -14.72 0.40
CA ASN G 212 13.80 -13.55 -0.16
C ASN G 212 15.32 -13.64 -0.19
N GLU G 213 15.86 -13.46 -1.40
CA GLU G 213 17.31 -13.47 -1.64
C GLU G 213 18.09 -12.55 -0.68
N ALA G 214 17.67 -11.28 -0.60
CA ALA G 214 18.37 -10.28 0.23
C ALA G 214 18.28 -10.59 1.72
N LEU G 215 17.15 -11.13 2.16
CA LEU G 215 16.98 -11.61 3.52
C LEU G 215 17.87 -12.83 3.80
N ALA G 216 18.03 -13.68 2.80
CA ALA G 216 18.93 -14.85 2.89
C ALA G 216 20.38 -14.42 3.11
N GLN G 217 20.85 -13.44 2.34
CA GLN G 217 22.19 -12.88 2.51
C GLN G 217 22.40 -12.44 3.96
N GLU G 218 21.38 -11.76 4.50
CA GLU G 218 21.43 -11.19 5.85
C GLU G 218 21.47 -12.26 6.93
N ILE G 219 20.52 -13.20 6.90
CA ILE G 219 20.48 -14.27 7.88
C ILE G 219 21.78 -15.10 7.85
N ALA G 220 22.29 -15.36 6.65
CA ALA G 220 23.58 -16.03 6.48
C ALA G 220 24.66 -15.28 7.25
N PHE G 221 24.75 -13.97 6.99
CA PHE G 221 25.73 -13.12 7.65
C PHE G 221 25.71 -13.23 9.17
N PHE G 222 24.51 -13.23 9.76
CA PHE G 222 24.36 -13.24 11.22
C PHE G 222 24.51 -14.62 11.86
N GLN G 223 24.19 -15.67 11.10
CA GLN G 223 24.44 -17.05 11.53
C GLN G 223 25.95 -17.26 11.66
N ASN G 224 26.70 -16.70 10.71
CA ASN G 224 28.14 -16.81 10.66
C ASN G 224 28.86 -15.93 11.68
N ALA G 225 28.36 -14.70 11.87
CA ALA G 225 29.03 -13.72 12.73
C ALA G 225 28.81 -13.98 14.22
N ILE G 226 27.61 -14.39 14.58
CA ILE G 226 27.33 -14.79 15.96
C ILE G 226 27.82 -16.22 16.19
N GLY G 227 27.73 -17.04 15.16
CA GLY G 227 28.26 -18.41 15.20
C GLY G 227 27.43 -19.43 15.97
N GLY G 228 26.13 -19.18 16.10
CA GLY G 228 25.24 -20.11 16.80
C GLY G 228 24.83 -21.30 15.95
N VAL G 229 25.78 -21.83 15.17
CA VAL G 229 25.51 -22.89 14.18
C VAL G 229 25.27 -24.26 14.80
N LEU G 230 24.49 -25.07 14.08
CA LEU G 230 24.25 -26.47 14.44
C LEU G 230 25.40 -27.36 13.96
N GLY G 231 25.80 -28.32 14.81
CA GLY G 231 26.87 -29.26 14.49
C GLY G 231 26.47 -30.26 13.41
N PRO G 232 27.47 -30.93 12.79
CA PRO G 232 27.17 -31.87 11.70
C PRO G 232 26.37 -33.10 12.15
N GLN G 233 26.71 -33.66 13.30
CA GLN G 233 26.03 -34.85 13.83
C GLN G 233 24.56 -34.57 14.14
N ASP G 234 24.29 -33.41 14.72
CA ASP G 234 22.92 -32.98 15.03
C ASP G 234 22.11 -32.67 13.77
N SER G 235 22.76 -32.07 12.77
CA SER G 235 22.13 -31.81 11.48
C SER G 235 21.64 -33.13 10.88
N TRP G 236 22.56 -34.08 10.84
CA TRP G 236 22.32 -35.37 10.22
C TRP G 236 21.23 -36.12 10.94
N LEU G 237 21.27 -36.08 12.27
CA LEU G 237 20.21 -36.71 13.05
C LEU G 237 18.88 -36.02 12.79
N LEU G 238 18.91 -34.69 12.64
CA LEU G 238 17.73 -33.89 12.33
C LEU G 238 17.16 -34.30 10.98
N GLN G 239 18.00 -34.27 9.94
CA GLN G 239 17.57 -34.74 8.62
C GLN G 239 16.97 -36.14 8.72
N ARG G 240 17.66 -37.05 9.40
CA ARG G 240 17.17 -38.41 9.59
C ARG G 240 15.76 -38.40 10.18
N GLY G 241 15.59 -37.66 11.28
CA GLY G 241 14.26 -37.46 11.89
C GLY G 241 13.20 -36.98 10.91
N ILE G 242 13.54 -35.95 10.12
CA ILE G 242 12.62 -35.35 9.15
C ILE G 242 12.06 -36.37 8.15
N LYS G 243 12.85 -37.41 7.85
CA LYS G 243 12.41 -38.46 6.92
C LYS G 243 11.12 -39.18 7.34
N THR G 244 10.82 -39.25 8.64
CA THR G 244 9.55 -39.84 9.09
C THR G 244 8.48 -38.79 9.47
N LEU G 245 8.76 -37.50 9.24
CA LEU G 245 7.86 -36.40 9.63
C LEU G 245 6.40 -36.65 9.25
N GLY G 246 6.17 -36.86 7.95
CA GLY G 246 4.83 -37.16 7.43
C GLY G 246 4.12 -38.25 8.20
N LEU G 247 4.80 -39.39 8.39
CA LEU G 247 4.22 -40.51 9.11
C LEU G 247 3.91 -40.19 10.57
N ARG G 248 4.82 -39.45 11.20
CA ARG G 248 4.68 -39.08 12.60
C ARG G 248 3.55 -38.05 12.78
N MET G 249 3.52 -37.02 11.94
CA MET G 249 2.45 -36.01 11.99
C MET G 249 1.04 -36.61 11.84
N GLU G 250 0.89 -37.58 10.93
CA GLU G 250 -0.40 -38.26 10.75
C GLU G 250 -0.85 -39.00 12.02
N ALA G 251 0.08 -39.70 12.66
CA ALA G 251 -0.22 -40.43 13.89
C ALA G 251 -0.49 -39.49 15.07
N HIS G 252 0.29 -38.42 15.12
CA HIS G 252 0.11 -37.37 16.14
C HIS G 252 -1.28 -36.81 16.08
N GLN G 253 -1.71 -36.42 14.87
CA GLN G 253 -3.05 -35.87 14.67
C GLN G 253 -4.15 -36.88 15.01
N LYS G 254 -4.02 -38.08 14.45
CA LYS G 254 -4.98 -39.16 14.71
C LYS G 254 -5.15 -39.40 16.21
N ASN G 255 -4.05 -39.38 16.96
CA ASN G 255 -4.12 -39.49 18.42
C ASN G 255 -4.68 -38.23 19.09
N ALA G 256 -4.23 -37.06 18.66
CA ALA G 256 -4.66 -35.79 19.26
C ALA G 256 -6.16 -35.53 19.11
N LEU G 257 -6.70 -35.80 17.92
CA LEU G 257 -8.14 -35.72 17.70
C LEU G 257 -8.90 -36.70 18.58
N CYS G 258 -8.32 -37.90 18.75
CA CYS G 258 -8.93 -38.94 19.56
C CYS G 258 -8.95 -38.54 21.05
N VAL G 259 -7.95 -37.79 21.48
CA VAL G 259 -7.85 -37.31 22.87
C VAL G 259 -8.74 -36.09 23.11
N ALA G 260 -8.70 -35.15 22.16
CA ALA G 260 -9.54 -33.94 22.22
C ALA G 260 -11.01 -34.30 22.46
N GLU G 261 -11.50 -35.25 21.68
CA GLU G 261 -12.88 -35.73 21.79
C GLU G 261 -13.17 -36.48 23.09
N PHE G 262 -12.14 -37.07 23.69
CA PHE G 262 -12.29 -37.72 24.99
C PHE G 262 -12.42 -36.66 26.09
N LEU G 263 -11.51 -35.68 26.07
CA LEU G 263 -11.48 -34.62 27.07
C LEU G 263 -12.69 -33.70 27.02
N GLU G 264 -13.19 -33.46 25.81
CA GLU G 264 -14.36 -32.59 25.60
C GLU G 264 -15.63 -33.20 26.19
N LYS G 265 -15.84 -34.50 25.97
CA LYS G 265 -17.04 -35.18 26.45
C LYS G 265 -16.91 -35.62 27.92
N HIS G 266 -15.84 -35.19 28.58
CA HIS G 266 -15.53 -35.61 29.94
C HIS G 266 -16.14 -34.69 30.96
N PRO G 267 -16.87 -35.26 31.96
CA PRO G 267 -17.47 -34.45 33.03
C PRO G 267 -16.45 -33.65 33.86
N LYS G 268 -15.30 -34.26 34.14
CA LYS G 268 -14.28 -33.65 35.01
C LYS G 268 -13.49 -32.51 34.38
N VAL G 269 -13.62 -32.33 33.07
CA VAL G 269 -12.88 -31.32 32.32
C VAL G 269 -13.74 -30.09 32.01
N GLU G 270 -13.14 -28.90 32.09
CA GLU G 270 -13.83 -27.64 31.82
C GLU G 270 -13.71 -27.24 30.34
N ARG G 271 -12.60 -26.59 29.97
CA ARG G 271 -12.34 -26.26 28.56
C ARG G 271 -11.25 -27.15 27.94
N VAL G 272 -11.27 -27.24 26.61
CA VAL G 272 -10.27 -27.99 25.84
C VAL G 272 -9.82 -27.17 24.63
N TYR G 273 -8.51 -27.01 24.49
CA TYR G 273 -7.94 -26.24 23.39
C TYR G 273 -7.29 -27.17 22.36
N TYR G 274 -7.88 -27.25 21.17
CA TYR G 274 -7.33 -28.03 20.06
C TYR G 274 -7.94 -27.58 18.74
N PRO G 275 -7.08 -27.13 17.78
CA PRO G 275 -7.58 -26.56 16.52
C PRO G 275 -8.42 -27.56 15.72
N GLY G 276 -8.37 -28.83 16.09
CA GLY G 276 -9.11 -29.88 15.42
C GLY G 276 -10.55 -30.01 15.87
N LEU G 277 -10.87 -29.39 17.01
CA LEU G 277 -12.25 -29.41 17.51
C LEU G 277 -13.10 -28.36 16.80
N PRO G 278 -14.22 -28.79 16.17
CA PRO G 278 -15.19 -27.91 15.49
C PRO G 278 -15.55 -26.68 16.32
N THR G 279 -15.75 -26.89 17.62
CA THR G 279 -16.13 -25.84 18.55
C THR G 279 -14.91 -25.09 19.10
N HIS G 280 -14.02 -24.69 18.21
CA HIS G 280 -12.78 -24.00 18.61
C HIS G 280 -12.67 -22.68 17.90
N PRO G 281 -12.35 -21.60 18.65
CA PRO G 281 -12.17 -20.29 18.05
C PRO G 281 -11.38 -20.38 16.74
N ASN G 282 -11.97 -19.86 15.66
CA ASN G 282 -11.36 -19.88 14.33
C ASN G 282 -11.04 -21.27 13.75
N TYR G 283 -11.89 -22.24 14.09
CA TYR G 283 -11.81 -23.59 13.50
C TYR G 283 -11.86 -23.60 11.97
N GLU G 284 -12.72 -22.75 11.41
CA GLU G 284 -12.82 -22.61 9.96
C GLU G 284 -11.57 -21.97 9.38
N LEU G 285 -10.88 -21.17 10.19
CA LEU G 285 -9.62 -20.57 9.80
C LEU G 285 -8.51 -21.63 9.78
N ALA G 286 -8.49 -22.48 10.81
CA ALA G 286 -7.55 -23.61 10.85
C ALA G 286 -7.63 -24.42 9.56
N LYS G 287 -8.83 -24.94 9.24
CA LYS G 287 -9.08 -25.74 8.04
C LYS G 287 -8.57 -25.10 6.75
N LYS G 288 -8.53 -23.77 6.73
CA LYS G 288 -8.25 -23.03 5.49
C LYS G 288 -6.75 -22.86 5.22
N GLN G 289 -5.97 -22.59 6.26
CA GLN G 289 -4.53 -22.34 6.11
C GLN G 289 -3.66 -23.54 6.50
N MET G 290 -4.28 -24.50 7.19
CA MET G 290 -3.59 -25.71 7.61
C MET G 290 -4.15 -26.94 6.91
N ARG G 291 -3.29 -27.91 6.65
CA ARG G 291 -3.69 -29.17 6.04
C ARG G 291 -3.98 -30.21 7.10
N GLY G 292 -3.69 -29.85 8.35
CA GLY G 292 -3.96 -30.72 9.48
C GLY G 292 -3.64 -30.06 10.79
N PHE G 293 -4.12 -30.69 11.86
CA PHE G 293 -3.90 -30.23 13.22
C PHE G 293 -2.86 -31.19 13.79
N SER G 294 -2.03 -30.74 14.72
CA SER G 294 -0.87 -31.55 15.10
C SER G 294 -1.14 -32.45 16.31
N GLY G 295 -0.16 -32.57 17.20
CA GLY G 295 -0.31 -33.39 18.40
C GLY G 295 -0.40 -32.56 19.66
N MET G 296 -0.41 -31.23 19.48
CA MET G 296 -0.43 -30.29 20.58
C MET G 296 -1.84 -29.89 20.99
N LEU G 297 -2.16 -30.11 22.26
CA LEU G 297 -3.43 -29.69 22.83
C LEU G 297 -3.29 -29.38 24.31
N SER G 298 -4.12 -28.46 24.79
CA SER G 298 -4.20 -28.16 26.22
C SER G 298 -5.64 -28.22 26.70
N PHE G 299 -5.80 -28.36 28.01
CA PHE G 299 -7.11 -28.39 28.62
C PHE G 299 -7.07 -27.92 30.06
N THR G 300 -8.11 -27.19 30.46
CA THR G 300 -8.29 -26.80 31.86
C THR G 300 -9.43 -27.61 32.44
N LEU G 301 -9.22 -28.17 33.63
CA LEU G 301 -10.22 -29.00 34.29
C LEU G 301 -11.06 -28.19 35.28
N LYS G 302 -12.21 -28.74 35.67
CA LYS G 302 -13.16 -28.06 36.55
C LYS G 302 -12.61 -27.76 37.95
N ASN G 303 -11.91 -28.74 38.54
CA ASN G 303 -11.22 -28.52 39.81
C ASN G 303 -9.79 -28.08 39.54
N ASP G 304 -9.58 -26.76 39.58
CA ASP G 304 -8.32 -26.14 39.16
C ASP G 304 -7.12 -26.48 40.04
N SER G 305 -7.36 -26.66 41.34
CA SER G 305 -6.31 -26.98 42.31
C SER G 305 -5.77 -28.41 42.17
N GLU G 306 -6.57 -29.30 41.59
CA GLU G 306 -6.15 -30.68 41.35
C GLU G 306 -5.61 -30.89 39.92
N ALA G 307 -4.67 -30.03 39.53
CA ALA G 307 -4.01 -30.14 38.23
C ALA G 307 -2.71 -30.94 38.38
N VAL G 308 -1.98 -30.67 39.47
CA VAL G 308 -0.72 -31.34 39.76
C VAL G 308 -0.94 -32.82 40.09
N ALA G 309 -1.93 -33.12 40.93
CA ALA G 309 -2.27 -34.50 41.28
C ALA G 309 -2.58 -35.35 40.04
N PHE G 310 -3.29 -34.75 39.08
CA PHE G 310 -3.61 -35.39 37.81
C PHE G 310 -2.31 -35.77 37.08
N VAL G 311 -1.51 -34.75 36.81
CA VAL G 311 -0.25 -34.88 36.07
C VAL G 311 0.70 -35.90 36.72
N GLU G 312 0.81 -35.86 38.04
CA GLU G 312 1.74 -36.73 38.78
C GLU G 312 1.28 -38.19 38.89
N SER G 313 0.09 -38.49 38.37
CA SER G 313 -0.45 -39.84 38.44
C SER G 313 -0.58 -40.50 37.06
N LEU G 314 -0.09 -39.80 36.04
CA LEU G 314 -0.02 -40.35 34.69
C LEU G 314 1.19 -41.29 34.57
N LYS G 315 0.96 -42.47 34.00
CA LYS G 315 1.99 -43.51 33.96
C LYS G 315 2.66 -43.65 32.58
N LEU G 316 1.90 -43.40 31.51
CA LEU G 316 2.45 -43.48 30.15
C LEU G 316 3.07 -42.16 29.70
N PHE G 317 2.24 -41.11 29.66
CA PHE G 317 2.71 -39.74 29.43
C PHE G 317 3.88 -39.44 30.35
N ILE G 318 4.91 -38.79 29.81
CA ILE G 318 6.08 -38.45 30.62
C ILE G 318 6.00 -36.99 31.04
N LEU G 319 6.07 -36.76 32.34
CA LEU G 319 6.17 -35.42 32.87
C LEU G 319 7.57 -34.89 32.56
N GLY G 320 7.63 -34.00 31.57
CA GLY G 320 8.90 -33.50 31.05
C GLY G 320 8.72 -32.13 30.40
N GLU G 321 9.82 -31.62 29.86
CA GLU G 321 9.96 -30.19 29.59
C GLU G 321 9.98 -29.83 28.10
N SER G 322 9.36 -30.66 27.25
CA SER G 322 9.38 -30.38 25.81
C SER G 322 8.11 -30.82 25.09
N LEU G 323 8.21 -31.01 23.78
CA LEU G 323 7.09 -31.44 22.94
C LEU G 323 7.55 -31.95 21.57
N GLY G 324 6.63 -32.56 20.83
CA GLY G 324 6.90 -32.96 19.45
C GLY G 324 7.68 -34.24 19.26
N GLY G 325 7.74 -35.05 20.32
CA GLY G 325 8.45 -36.33 20.29
C GLY G 325 7.52 -37.51 20.10
N VAL G 326 8.10 -38.67 19.79
CA VAL G 326 7.33 -39.90 19.58
C VAL G 326 6.74 -40.42 20.90
N GLU G 327 7.37 -40.08 22.01
CA GLU G 327 6.81 -40.36 23.33
C GLU G 327 5.91 -39.20 23.78
N SER G 328 4.94 -39.53 24.61
CA SER G 328 3.96 -38.55 25.07
C SER G 328 4.51 -37.70 26.21
N LEU G 329 4.35 -36.39 26.06
CA LEU G 329 4.81 -35.44 27.07
C LEU G 329 3.65 -34.68 27.70
N VAL G 330 3.81 -34.34 28.97
CA VAL G 330 2.82 -33.54 29.68
C VAL G 330 3.51 -32.52 30.57
N GLY G 331 2.95 -31.31 30.61
CA GLY G 331 3.46 -30.26 31.46
C GLY G 331 2.40 -29.22 31.78
N ILE G 332 2.55 -28.59 32.94
CA ILE G 332 1.74 -27.44 33.28
C ILE G 332 2.57 -26.22 32.89
N PRO G 333 2.22 -25.60 31.75
CA PRO G 333 3.01 -24.49 31.17
C PRO G 333 3.26 -23.33 32.13
N ALA G 334 2.40 -23.20 33.16
CA ALA G 334 2.57 -22.17 34.19
C ALA G 334 3.77 -22.45 35.11
N PHE G 335 3.92 -23.71 35.52
CA PHE G 335 5.05 -24.14 36.35
C PHE G 335 6.30 -24.40 35.50
N MET G 336 6.10 -24.58 34.20
CA MET G 336 7.19 -24.90 33.28
C MET G 336 7.25 -23.90 32.13
N ALA G 349 -3.55 -14.34 31.18
CA ALA G 349 -3.64 -14.01 29.76
C ALA G 349 -4.12 -15.25 29.00
N GLY G 350 -4.82 -16.12 29.72
CA GLY G 350 -5.26 -17.42 29.21
C GLY G 350 -4.75 -18.56 30.06
N ILE G 351 -3.50 -18.42 30.55
CA ILE G 351 -2.83 -19.48 31.29
C ILE G 351 -3.26 -19.49 32.77
N ARG G 352 -4.21 -20.38 33.10
CA ARG G 352 -4.61 -20.60 34.47
C ARG G 352 -3.66 -21.60 35.13
N ASP G 353 -3.36 -21.37 36.42
CA ASP G 353 -2.45 -22.23 37.18
C ASP G 353 -2.94 -23.68 37.34
N GLY G 354 -3.83 -24.09 36.43
CA GLY G 354 -4.34 -25.45 36.36
C GLY G 354 -4.58 -25.89 34.92
N LEU G 355 -3.90 -25.20 33.99
CA LEU G 355 -3.92 -25.56 32.58
C LEU G 355 -2.87 -26.64 32.30
N VAL G 356 -3.33 -27.78 31.81
CA VAL G 356 -2.45 -28.91 31.54
C VAL G 356 -2.20 -28.98 30.03
N ARG G 357 -0.93 -29.05 29.65
CA ARG G 357 -0.58 -29.12 28.23
C ARG G 357 -0.13 -30.53 27.85
N LEU G 358 -0.72 -31.04 26.78
CA LEU G 358 -0.41 -32.39 26.33
C LEU G 358 0.29 -32.39 24.97
N SER G 359 1.42 -33.07 24.93
CA SER G 359 2.13 -33.38 23.71
C SER G 359 1.81 -34.83 23.37
N VAL G 360 0.81 -35.02 22.51
CA VAL G 360 0.35 -36.36 22.17
C VAL G 360 1.34 -37.08 21.24
N GLY G 361 1.88 -38.20 21.71
CA GLY G 361 2.83 -38.99 20.95
C GLY G 361 2.19 -39.89 19.91
N ILE G 362 2.95 -40.88 19.45
CA ILE G 362 2.49 -41.78 18.40
C ILE G 362 2.25 -43.20 18.94
N GLU G 363 2.16 -43.34 20.25
CA GLU G 363 1.78 -44.61 20.87
C GLU G 363 0.32 -44.90 20.56
N HIS G 364 -0.09 -46.14 20.83
CA HIS G 364 -1.45 -46.62 20.63
C HIS G 364 -2.44 -45.77 21.38
N GLU G 365 -3.46 -45.28 20.68
CA GLU G 365 -4.45 -44.37 21.30
C GLU G 365 -5.17 -44.99 22.50
N GLN G 366 -5.45 -46.29 22.43
CA GLN G 366 -6.09 -47.00 23.54
C GLN G 366 -5.23 -46.93 24.81
N ASP G 367 -3.92 -47.05 24.63
CA ASP G 367 -2.97 -46.93 25.75
C ASP G 367 -2.90 -45.52 26.32
N LEU G 368 -3.06 -44.53 25.44
CA LEU G 368 -3.07 -43.13 25.86
C LEU G 368 -4.35 -42.77 26.62
N LEU G 369 -5.49 -43.21 26.06
CA LEU G 369 -6.79 -42.98 26.69
C LEU G 369 -6.92 -43.72 28.02
N GLU G 370 -6.38 -44.95 28.08
CA GLU G 370 -6.41 -45.73 29.31
C GLU G 370 -5.50 -45.16 30.41
N ASP G 371 -4.53 -44.33 30.01
CA ASP G 371 -3.67 -43.63 30.96
C ASP G 371 -4.41 -42.43 31.54
N LEU G 372 -5.25 -41.81 30.72
CA LEU G 372 -6.04 -40.66 31.14
C LEU G 372 -7.20 -41.08 32.03
N GLU G 373 -7.97 -42.08 31.60
CA GLU G 373 -9.05 -42.64 32.41
C GLU G 373 -8.58 -42.89 33.84
N GLN G 374 -7.48 -43.61 33.99
CA GLN G 374 -6.94 -43.97 35.31
C GLN G 374 -6.48 -42.76 36.13
N ALA G 375 -6.08 -41.69 35.44
CA ALA G 375 -5.64 -40.47 36.10
C ALA G 375 -6.81 -39.62 36.58
N PHE G 376 -7.85 -39.54 35.75
CA PHE G 376 -9.09 -38.86 36.12
C PHE G 376 -9.76 -39.54 37.30
N ALA G 377 -9.67 -40.87 37.34
CA ALA G 377 -10.31 -41.68 38.37
C ALA G 377 -9.55 -41.66 39.70
N LYS G 378 -8.82 -40.57 39.96
CA LYS G 378 -8.12 -40.38 41.23
C LYS G 378 -8.28 -38.96 41.78
N ILE G 379 -9.07 -38.15 41.08
CA ILE G 379 -9.39 -36.79 41.52
C ILE G 379 -10.89 -36.61 41.74
N GLY G 380 -11.23 -35.74 42.69
CA GLY G 380 -12.63 -35.52 43.14
C GLY G 380 -13.64 -35.26 42.02
N MET H 1 46.57 -33.13 41.84
CA MET H 1 46.74 -33.41 40.38
C MET H 1 47.54 -32.32 39.70
N ARG H 2 48.64 -32.70 39.07
CA ARG H 2 49.35 -31.80 38.16
C ARG H 2 48.47 -31.54 36.95
N MET H 3 48.89 -30.59 36.11
CA MET H 3 48.08 -30.22 34.96
C MET H 3 47.82 -31.38 34.00
N GLN H 4 48.88 -32.12 33.67
CA GLN H 4 48.79 -33.21 32.71
C GLN H 4 47.89 -34.36 33.20
N THR H 5 47.81 -34.51 34.53
CA THR H 5 46.88 -35.48 35.11
C THR H 5 45.46 -34.94 35.01
N LYS H 6 45.33 -33.61 35.12
CA LYS H 6 44.03 -32.93 35.16
C LYS H 6 43.30 -33.06 33.82
N LEU H 7 44.05 -32.94 32.73
CA LEU H 7 43.49 -33.10 31.39
C LEU H 7 42.75 -34.42 31.24
N ILE H 8 43.15 -35.41 32.05
CA ILE H 8 42.62 -36.76 31.95
C ILE H 8 41.55 -37.11 32.98
N HIS H 9 41.74 -36.65 34.23
CA HIS H 9 40.81 -36.98 35.31
C HIS H 9 40.02 -35.80 35.84
N GLY H 10 40.27 -34.62 35.28
CA GLY H 10 39.63 -33.38 35.74
C GLY H 10 38.19 -33.23 35.28
N GLY H 11 37.52 -32.19 35.78
CA GLY H 11 36.10 -31.96 35.53
C GLY H 11 35.34 -33.22 35.85
N ILE H 12 34.39 -33.59 34.99
CA ILE H 12 33.84 -34.94 35.04
C ILE H 12 34.46 -35.73 33.88
N SER H 13 35.14 -36.82 34.22
CA SER H 13 35.84 -37.62 33.23
C SER H 13 35.47 -39.09 33.31
N GLU H 14 34.42 -39.37 34.08
CA GLU H 14 33.96 -40.73 34.36
C GLU H 14 32.45 -40.70 34.55
N ASP H 15 31.77 -41.83 34.34
CA ASP H 15 30.35 -41.92 34.64
C ASP H 15 30.12 -42.53 36.01
N ALA H 16 29.63 -41.71 36.94
CA ALA H 16 29.44 -42.11 38.34
C ALA H 16 28.66 -43.42 38.50
N THR H 17 27.55 -43.54 37.77
CA THR H 17 26.64 -44.65 37.98
C THR H 17 27.15 -45.96 37.38
N THR H 18 27.69 -45.88 36.16
CA THR H 18 28.10 -47.09 35.45
C THR H 18 29.57 -47.50 35.68
N GLY H 19 30.43 -46.53 35.97
CA GLY H 19 31.87 -46.78 36.07
C GLY H 19 32.63 -46.54 34.76
N ALA H 20 31.90 -46.20 33.70
CA ALA H 20 32.49 -45.95 32.39
C ALA H 20 33.61 -44.94 32.53
N VAL H 21 34.73 -45.19 31.86
CA VAL H 21 35.88 -44.31 31.93
C VAL H 21 35.78 -43.17 30.91
N SER H 22 34.60 -43.09 30.28
CA SER H 22 34.29 -42.01 29.35
C SER H 22 32.87 -41.55 29.62
N VAL H 23 32.63 -40.25 29.47
CA VAL H 23 31.31 -39.69 29.74
C VAL H 23 30.35 -40.05 28.60
N PRO H 24 29.21 -40.67 28.93
CA PRO H 24 28.27 -41.12 27.89
C PRO H 24 27.75 -39.93 27.11
N ILE H 25 27.49 -40.12 25.83
CA ILE H 25 26.90 -39.05 25.02
C ILE H 25 25.39 -39.04 25.18
N TYR H 26 24.90 -38.02 25.88
CA TYR H 26 23.48 -37.86 26.12
C TYR H 26 22.81 -37.14 24.97
N GLN H 27 22.54 -37.85 23.87
CA GLN H 27 21.71 -37.33 22.79
C GLN H 27 20.25 -37.41 23.23
N THR H 28 19.83 -36.38 23.96
CA THR H 28 18.49 -36.27 24.51
C THR H 28 18.16 -34.77 24.56
N SER H 29 16.91 -34.44 24.32
CA SER H 29 16.52 -33.03 24.39
C SER H 29 15.80 -32.73 25.69
N THR H 30 15.32 -33.77 26.37
CA THR H 30 14.55 -33.61 27.59
C THR H 30 14.71 -34.80 28.55
N TYR H 31 14.12 -34.67 29.74
CA TYR H 31 14.37 -35.59 30.83
C TYR H 31 13.09 -35.78 31.63
N ARG H 32 12.76 -37.03 31.96
CA ARG H 32 11.61 -37.32 32.83
C ARG H 32 11.81 -36.69 34.20
N GLN H 33 10.73 -36.21 34.80
CA GLN H 33 10.78 -35.63 36.13
C GLN H 33 9.82 -36.35 37.10
N ASP H 34 10.18 -36.35 38.38
CA ASP H 34 9.27 -36.78 39.45
C ASP H 34 8.65 -35.54 40.13
N ALA H 35 8.70 -34.43 39.33
CA ALA H 35 8.31 -33.07 39.75
C ALA H 35 6.85 -32.92 40.21
N ILE H 36 6.27 -31.70 40.24
CA ILE H 36 6.91 -30.45 39.77
C ILE H 36 7.77 -29.81 40.86
N GLY H 37 8.83 -29.11 40.43
CA GLY H 37 9.83 -28.57 41.32
C GLY H 37 10.97 -29.57 41.52
N ARG H 38 10.61 -30.85 41.58
CA ARG H 38 11.58 -31.93 41.82
C ARG H 38 11.96 -32.68 40.52
N HIS H 39 13.08 -32.17 39.89
CA HIS H 39 13.60 -32.84 38.69
C HIS H 39 14.85 -33.58 39.06
N LYS H 40 15.35 -34.43 38.16
CA LYS H 40 16.44 -35.34 38.50
C LYS H 40 17.86 -34.81 38.15
N GLY H 41 18.03 -33.50 38.25
CA GLY H 41 19.31 -32.85 37.89
C GLY H 41 19.21 -32.04 36.61
N TYR H 42 18.46 -32.56 35.63
CA TYR H 42 18.38 -31.97 34.29
C TYR H 42 16.92 -31.84 33.83
N GLU H 43 16.66 -30.87 32.96
CA GLU H 43 15.30 -30.58 32.51
C GLU H 43 15.17 -30.44 31.00
N TYR H 44 16.15 -29.78 30.39
CA TYR H 44 16.11 -29.47 28.96
C TYR H 44 17.54 -29.15 28.51
N SER H 45 18.01 -29.90 27.51
CA SER H 45 19.42 -29.82 27.06
C SER H 45 19.94 -28.44 26.64
N ARG H 46 19.05 -27.50 26.27
CA ARG H 46 19.49 -26.13 26.00
C ARG H 46 19.89 -25.42 27.30
N SER H 47 19.20 -25.75 28.38
CA SER H 47 19.54 -25.23 29.71
C SER H 47 20.78 -25.93 30.26
N GLY H 48 20.79 -27.26 30.14
CA GLY H 48 21.87 -28.08 30.69
C GLY H 48 21.79 -29.50 30.18
N ASN H 49 22.96 -30.06 29.87
CA ASN H 49 23.09 -31.40 29.30
C ASN H 49 24.29 -32.07 29.96
N PRO H 50 24.13 -33.32 30.42
CA PRO H 50 25.18 -33.98 31.21
C PRO H 50 26.52 -34.12 30.49
N THR H 51 26.49 -34.34 29.18
CA THR H 51 27.72 -34.45 28.40
C THR H 51 28.39 -33.09 28.28
N ARG H 52 27.59 -32.05 28.05
CA ARG H 52 28.13 -30.70 27.99
C ARG H 52 28.66 -30.24 29.35
N PHE H 53 27.97 -30.63 30.42
CA PHE H 53 28.37 -30.28 31.78
C PHE H 53 29.74 -30.84 32.18
N ALA H 54 30.03 -32.06 31.75
CA ALA H 54 31.32 -32.69 32.03
C ALA H 54 32.47 -31.91 31.41
N LEU H 55 32.29 -31.49 30.15
CA LEU H 55 33.27 -30.69 29.43
C LEU H 55 33.41 -29.32 30.07
N GLU H 56 32.27 -28.72 30.41
CA GLU H 56 32.22 -27.42 31.06
C GLU H 56 32.98 -27.44 32.39
N GLU H 57 32.79 -28.49 33.17
CA GLU H 57 33.54 -28.68 34.39
C GLU H 57 35.03 -28.70 34.10
N LEU H 58 35.44 -29.53 33.14
CA LEU H 58 36.85 -29.74 32.82
C LEU H 58 37.59 -28.45 32.51
N ILE H 59 37.02 -27.61 31.66
CA ILE H 59 37.64 -26.33 31.32
C ILE H 59 37.74 -25.40 32.56
N ALA H 60 36.69 -25.38 33.38
CA ALA H 60 36.70 -24.62 34.64
C ALA H 60 37.78 -25.10 35.59
N ASP H 61 38.02 -26.42 35.61
CA ASP H 61 39.08 -27.02 36.42
C ASP H 61 40.45 -26.67 35.85
N LEU H 62 40.55 -26.54 34.52
CA LEU H 62 41.81 -26.23 33.87
C LEU H 62 42.25 -24.77 34.05
N GLU H 63 41.29 -23.85 33.95
CA GLU H 63 41.57 -22.42 33.95
C GLU H 63 41.45 -21.75 35.32
N GLY H 64 40.95 -22.52 36.29
CA GLY H 64 40.73 -22.01 37.64
C GLY H 64 39.40 -21.29 37.84
N GLY H 65 38.39 -21.69 37.05
CA GLY H 65 37.09 -21.03 37.10
C GLY H 65 36.08 -21.71 38.01
N VAL H 66 35.00 -20.99 38.31
CA VAL H 66 33.91 -21.54 39.12
C VAL H 66 32.90 -22.32 38.28
N LYS H 67 32.79 -21.94 37.00
CA LYS H 67 31.86 -22.58 36.07
C LYS H 67 32.38 -22.57 34.64
N GLY H 68 31.99 -23.58 33.88
CA GLY H 68 32.33 -23.65 32.46
C GLY H 68 31.13 -23.42 31.58
N PHE H 69 31.39 -22.96 30.35
CA PHE H 69 30.34 -22.70 29.39
C PHE H 69 30.81 -23.12 28.01
N ALA H 70 30.16 -24.16 27.47
CA ALA H 70 30.49 -24.68 26.15
C ALA H 70 29.52 -24.13 25.12
N PHE H 71 30.05 -23.65 24.00
CA PHE H 71 29.25 -22.99 22.97
C PHE H 71 29.41 -23.64 21.59
N ALA H 72 28.43 -23.37 20.72
CA ALA H 72 28.45 -23.85 19.34
C ALA H 72 29.66 -23.39 18.51
N SER H 73 30.26 -22.27 18.90
CA SER H 73 31.50 -21.81 18.30
C SER H 73 32.24 -20.87 19.24
N GLY H 74 33.46 -20.49 18.88
CA GLY H 74 34.22 -19.51 19.64
C GLY H 74 33.51 -18.18 19.68
N LEU H 75 33.03 -17.75 18.51
CA LEU H 75 32.29 -16.48 18.38
C LEU H 75 30.99 -16.46 19.14
N ALA H 76 30.31 -17.61 19.23
CA ALA H 76 29.10 -17.73 20.04
C ALA H 76 29.41 -17.54 21.52
N GLY H 77 30.61 -17.96 21.93
CA GLY H 77 31.08 -17.74 23.29
C GLY H 77 31.36 -16.28 23.55
N ILE H 78 32.26 -15.71 22.75
CA ILE H 78 32.58 -14.28 22.79
C ILE H 78 31.32 -13.41 22.75
N HIS H 79 30.39 -13.74 21.88
CA HIS H 79 29.11 -13.04 21.77
C HIS H 79 28.32 -13.12 23.05
N ALA H 80 28.21 -14.32 23.62
CA ALA H 80 27.51 -14.51 24.89
C ALA H 80 28.09 -13.60 25.98
N VAL H 81 29.42 -13.48 25.98
CA VAL H 81 30.13 -12.64 26.94
C VAL H 81 29.72 -11.17 26.80
N PHE H 82 29.78 -10.64 25.58
CA PHE H 82 29.42 -9.24 25.34
C PHE H 82 27.92 -8.94 25.39
N SER H 83 27.12 -9.96 25.72
CA SER H 83 25.69 -9.78 25.94
C SER H 83 25.38 -9.42 27.40
N LEU H 84 26.43 -9.16 28.17
CA LEU H 84 26.30 -8.69 29.54
C LEU H 84 26.14 -7.18 29.59
N LEU H 85 26.46 -6.53 28.47
CA LEU H 85 26.51 -5.07 28.43
C LEU H 85 25.27 -4.47 27.79
N GLN H 86 25.04 -3.17 28.13
CA GLN H 86 23.86 -2.44 27.67
C GLN H 86 24.23 -1.42 26.62
N SER H 87 23.23 -0.90 25.90
CA SER H 87 23.43 0.16 24.91
C SER H 87 24.12 1.36 25.55
N GLY H 88 25.04 1.97 24.80
CA GLY H 88 25.85 3.08 25.33
C GLY H 88 27.23 2.62 25.77
N ASP H 89 27.26 1.43 26.47
CA ASP H 89 28.53 0.86 26.98
C ASP H 89 29.69 0.87 25.99
N HIS H 90 30.89 1.12 26.53
CA HIS H 90 32.10 1.22 25.72
C HIS H 90 33.07 0.11 26.06
N VAL H 91 33.84 -0.33 25.06
CA VAL H 91 34.82 -1.40 25.24
C VAL H 91 36.16 -1.07 24.58
N LEU H 92 37.24 -1.48 25.23
CA LEU H 92 38.58 -1.26 24.72
C LEU H 92 39.12 -2.54 24.08
N LEU H 93 39.58 -2.42 22.83
CA LEU H 93 40.01 -3.56 22.03
C LEU H 93 41.48 -3.49 21.67
N GLY H 94 42.14 -4.65 21.63
CA GLY H 94 43.47 -4.74 21.03
C GLY H 94 43.40 -4.26 19.58
N ASP H 95 44.48 -3.63 19.12
CA ASP H 95 44.57 -3.17 17.73
C ASP H 95 44.80 -4.35 16.78
N ASP H 96 44.84 -5.55 17.36
CA ASP H 96 45.20 -6.78 16.65
C ASP H 96 44.39 -7.99 17.10
N VAL H 97 43.15 -7.76 17.54
CA VAL H 97 42.25 -8.84 17.96
C VAL H 97 41.81 -9.71 16.77
N TYR H 98 41.03 -10.75 17.05
CA TYR H 98 40.56 -11.66 16.01
C TYR H 98 39.58 -10.98 15.05
N GLY H 99 39.70 -11.33 13.76
CA GLY H 99 38.84 -10.79 12.70
C GLY H 99 37.36 -10.85 13.05
N GLY H 100 36.89 -12.07 13.35
CA GLY H 100 35.49 -12.28 13.74
C GLY H 100 35.06 -11.48 14.96
N THR H 101 35.97 -11.33 15.91
CA THR H 101 35.74 -10.53 17.11
C THR H 101 35.60 -9.04 16.76
N PHE H 102 36.48 -8.57 15.88
CA PHE H 102 36.41 -7.19 15.36
C PHE H 102 35.08 -6.99 14.62
N ARG H 103 34.76 -7.92 13.72
CA ARG H 103 33.52 -7.89 12.96
C ARG H 103 32.29 -8.06 13.85
N LEU H 104 32.44 -8.78 14.96
CA LEU H 104 31.35 -8.97 15.93
C LEU H 104 30.93 -7.64 16.52
N PHE H 105 31.90 -6.80 16.88
CA PHE H 105 31.63 -5.45 17.37
C PHE H 105 31.10 -4.58 16.24
N ASN H 106 31.99 -4.27 15.30
CA ASN H 106 31.67 -3.48 14.11
C ASN H 106 30.22 -3.66 13.63
N GLN H 107 29.89 -4.91 13.28
CA GLN H 107 28.68 -5.18 12.51
C GLN H 107 27.51 -5.76 13.31
N VAL H 108 27.77 -6.25 14.52
CA VAL H 108 26.71 -6.84 15.33
C VAL H 108 26.47 -6.09 16.63
N LEU H 109 27.53 -5.90 17.42
CA LEU H 109 27.41 -5.31 18.75
C LEU H 109 27.19 -3.80 18.72
N VAL H 110 27.98 -3.12 17.86
CA VAL H 110 27.91 -1.66 17.73
C VAL H 110 26.48 -1.18 17.52
N LYS H 111 25.93 -1.54 16.31
CA LYS H 111 24.56 -1.13 15.97
C LYS H 111 23.53 -1.46 17.05
N ASN H 112 23.86 -2.43 17.91
CA ASN H 112 22.97 -2.78 19.03
C ASN H 112 23.18 -1.91 20.28
N GLY H 113 24.09 -0.93 20.19
CA GLY H 113 24.28 0.03 21.27
C GLY H 113 25.66 0.02 21.91
N LEU H 114 26.61 -0.76 21.35
CA LEU H 114 27.97 -0.76 21.89
C LEU H 114 28.89 0.15 21.10
N SER H 115 30.03 0.48 21.70
CA SER H 115 31.03 1.32 21.06
C SER H 115 32.40 0.83 21.48
N CYS H 116 33.30 0.72 20.51
CA CYS H 116 34.63 0.22 20.81
C CYS H 116 35.69 1.24 20.42
N THR H 117 36.78 1.25 21.18
CA THR H 117 37.95 2.00 20.79
C THR H 117 39.09 1.01 20.58
N ILE H 118 39.78 1.14 19.45
CA ILE H 118 41.01 0.40 19.22
C ILE H 118 42.04 0.92 20.25
N ILE H 119 43.15 0.05 20.42
CA ILE H 119 44.33 0.46 21.21
C ILE H 119 45.36 -0.66 21.21
N ASP H 120 46.63 -0.30 21.06
CA ASP H 120 47.71 -1.27 21.19
C ASP H 120 47.89 -1.62 22.67
N THR H 121 47.64 -2.91 22.98
CA THR H 121 47.66 -3.34 24.38
C THR H 121 49.05 -3.74 24.91
N SER H 122 50.03 -3.86 24.01
CA SER H 122 51.43 -4.03 24.44
C SER H 122 51.97 -2.70 24.99
N ASP H 123 51.26 -1.61 24.67
CA ASP H 123 51.50 -0.29 25.25
C ASP H 123 50.39 0.03 26.26
N ILE H 124 50.77 0.13 27.54
CA ILE H 124 49.80 0.29 28.62
C ILE H 124 49.24 1.72 28.73
N SER H 125 50.10 2.71 28.47
CA SER H 125 49.68 4.13 28.52
C SER H 125 48.54 4.44 27.54
N GLN H 126 48.55 3.72 26.40
CA GLN H 126 47.51 3.89 25.38
C GLN H 126 46.11 3.56 25.90
N ILE H 127 46.00 2.47 26.66
CA ILE H 127 44.71 2.10 27.27
C ILE H 127 44.32 3.16 28.31
N LYS H 128 45.26 3.46 29.22
CA LYS H 128 45.08 4.50 30.23
C LYS H 128 44.42 5.75 29.64
N LYS H 129 44.94 6.17 28.50
CA LYS H 129 44.48 7.35 27.78
C LYS H 129 43.03 7.23 27.27
N ALA H 130 42.65 6.01 26.85
CA ALA H 130 41.38 5.82 26.10
C ALA H 130 40.18 5.30 26.93
N ILE H 131 40.34 5.20 28.26
CA ILE H 131 39.18 4.94 29.13
C ILE H 131 38.20 6.12 29.03
N LYS H 132 36.96 5.89 29.48
CA LYS H 132 35.92 6.90 29.46
C LYS H 132 34.99 6.62 30.64
N PRO H 133 34.03 7.55 30.90
CA PRO H 133 33.07 7.33 31.99
C PRO H 133 32.14 6.12 31.74
N ASN H 134 31.98 5.72 30.48
CA ASN H 134 31.08 4.62 30.12
C ASN H 134 31.73 3.28 29.81
N THR H 135 33.05 3.29 29.46
CA THR H 135 33.79 2.05 29.18
C THR H 135 33.61 1.06 30.32
N LYS H 136 33.35 -0.20 29.99
CA LYS H 136 32.97 -1.17 31.00
C LYS H 136 33.83 -2.44 31.00
N ALA H 137 34.62 -2.62 29.94
CA ALA H 137 35.43 -3.83 29.77
C ALA H 137 36.66 -3.63 28.86
N LEU H 138 37.68 -4.47 29.07
CA LEU H 138 38.88 -4.50 28.25
C LEU H 138 39.13 -5.91 27.71
N TYR H 139 39.20 -6.03 26.38
CA TYR H 139 39.33 -7.33 25.71
C TYR H 139 40.77 -7.56 25.23
N LEU H 140 41.39 -8.61 25.75
CA LEU H 140 42.80 -8.90 25.48
C LEU H 140 42.98 -10.28 24.83
N GLU H 141 44.07 -10.44 24.09
CA GLU H 141 44.32 -11.64 23.30
C GLU H 141 45.82 -11.81 23.11
N THR H 142 46.42 -12.69 23.91
CA THR H 142 47.88 -12.84 23.93
C THR H 142 48.36 -14.30 23.97
N PRO H 143 49.37 -14.66 23.15
CA PRO H 143 49.98 -13.84 22.10
C PRO H 143 49.00 -13.57 20.97
N SER H 144 49.28 -12.54 20.16
CA SER H 144 48.29 -12.03 19.23
C SER H 144 48.28 -12.74 17.89
N ASN H 145 47.12 -12.74 17.24
CA ASN H 145 47.04 -13.13 15.84
C ASN H 145 47.15 -11.87 14.98
N PRO H 146 47.98 -11.91 13.91
CA PRO H 146 48.87 -13.00 13.52
C PRO H 146 50.36 -12.68 13.73
N LEU H 147 50.66 -11.65 14.52
CA LEU H 147 52.04 -11.21 14.72
C LEU H 147 52.58 -11.60 16.09
N LEU H 148 51.74 -12.27 16.86
CA LEU H 148 52.09 -12.84 18.16
C LEU H 148 52.63 -11.81 19.14
N LYS H 149 52.00 -10.64 19.14
CA LYS H 149 52.33 -9.58 20.08
C LYS H 149 51.84 -9.97 21.47
N ILE H 150 52.80 -10.06 22.40
CA ILE H 150 52.50 -10.39 23.79
C ILE H 150 51.99 -9.15 24.53
N THR H 151 51.04 -9.37 25.45
CA THR H 151 50.42 -8.29 26.21
C THR H 151 50.39 -8.66 27.70
N ASP H 152 50.98 -7.78 28.51
CA ASP H 152 51.15 -8.02 29.95
C ASP H 152 49.82 -8.20 30.67
N LEU H 153 49.50 -9.46 30.97
CA LEU H 153 48.21 -9.80 31.57
C LEU H 153 48.03 -9.28 32.99
N ALA H 154 49.01 -9.53 33.86
CA ALA H 154 48.95 -9.07 35.25
C ALA H 154 48.82 -7.56 35.37
N GLN H 155 49.60 -6.84 34.56
CA GLN H 155 49.54 -5.38 34.53
C GLN H 155 48.20 -4.88 34.00
N CYS H 156 47.84 -5.29 32.78
CA CYS H 156 46.58 -4.86 32.15
C CYS H 156 45.35 -5.07 33.03
N ALA H 157 45.27 -6.25 33.65
CA ALA H 157 44.16 -6.57 34.56
C ALA H 157 44.12 -5.62 35.77
N SER H 158 45.32 -5.34 36.31
CA SER H 158 45.45 -4.41 37.44
C SER H 158 44.93 -3.00 37.10
N VAL H 159 45.26 -2.53 35.90
CA VAL H 159 44.80 -1.23 35.40
C VAL H 159 43.27 -1.23 35.22
N ALA H 160 42.71 -2.40 34.92
CA ALA H 160 41.25 -2.54 34.78
C ALA H 160 40.56 -2.69 36.14
N LYS H 161 41.22 -3.40 37.06
CA LYS H 161 40.66 -3.71 38.38
C LYS H 161 40.43 -2.48 39.26
N ASP H 162 41.40 -1.57 39.27
CA ASP H 162 41.28 -0.33 40.05
C ASP H 162 40.23 0.61 39.43
N HIS H 163 40.12 0.59 38.10
CA HIS H 163 38.99 1.22 37.40
C HIS H 163 37.76 0.35 37.61
N GLY H 164 36.68 0.65 36.88
CA GLY H 164 35.45 -0.18 36.96
C GLY H 164 35.35 -1.15 35.80
N LEU H 165 36.49 -1.67 35.36
CA LEU H 165 36.58 -2.40 34.08
C LEU H 165 36.67 -3.92 34.21
N LEU H 166 36.12 -4.61 33.21
CA LEU H 166 36.17 -6.07 33.13
C LEU H 166 37.34 -6.54 32.27
N THR H 167 38.06 -7.55 32.75
CA THR H 167 39.19 -8.10 32.03
C THR H 167 38.81 -9.44 31.38
N ILE H 168 38.67 -9.41 30.06
CA ILE H 168 38.33 -10.59 29.26
C ILE H 168 39.50 -10.94 28.34
N VAL H 169 39.99 -12.18 28.44
CA VAL H 169 41.09 -12.63 27.61
C VAL H 169 40.71 -13.82 26.72
N ASP H 170 41.08 -13.73 25.45
CA ASP H 170 40.96 -14.83 24.51
C ASP H 170 42.27 -15.63 24.56
N ASN H 171 42.23 -16.74 25.28
CA ASN H 171 43.42 -17.56 25.54
C ASN H 171 43.60 -18.73 24.56
N THR H 172 43.00 -18.60 23.38
CA THR H 172 43.04 -19.63 22.35
C THR H 172 44.45 -20.08 21.97
N PHE H 173 45.27 -19.13 21.52
CA PHE H 173 46.63 -19.42 21.04
C PHE H 173 47.51 -20.12 22.07
N ALA H 174 47.51 -19.60 23.31
CA ALA H 174 48.33 -20.20 24.37
C ALA H 174 47.39 -20.87 25.37
N THR H 175 47.15 -22.14 25.13
CA THR H 175 46.08 -22.91 25.80
C THR H 175 46.17 -22.84 27.33
N PRO H 176 45.13 -23.32 28.03
CA PRO H 176 45.21 -23.39 29.49
C PRO H 176 46.46 -24.12 29.97
N TYR H 177 47.08 -24.89 29.08
CA TYR H 177 48.28 -25.64 29.37
C TYR H 177 49.54 -24.76 29.46
N TYR H 178 49.50 -23.60 28.83
CA TYR H 178 50.65 -22.67 28.84
C TYR H 178 50.40 -21.32 29.54
N GLN H 179 49.13 -20.93 29.69
CA GLN H 179 48.77 -19.60 30.18
C GLN H 179 47.41 -19.69 30.87
N ASN H 180 47.30 -19.07 32.05
CA ASN H 180 46.05 -19.09 32.81
C ASN H 180 45.67 -17.69 33.30
N PRO H 181 45.07 -16.87 32.40
CA PRO H 181 44.72 -15.47 32.68
C PRO H 181 43.91 -15.21 33.96
N LEU H 182 43.05 -16.15 34.36
CA LEU H 182 42.27 -15.98 35.59
C LEU H 182 43.14 -15.82 36.84
N LEU H 183 44.26 -16.53 36.88
CA LEU H 183 45.21 -16.42 38.00
C LEU H 183 46.01 -15.11 37.91
N LEU H 184 45.95 -14.47 36.74
CA LEU H 184 46.65 -13.21 36.52
C LEU H 184 45.69 -12.02 36.51
N GLY H 185 44.58 -12.15 37.24
CA GLY H 185 43.65 -11.04 37.44
C GLY H 185 42.43 -10.97 36.55
N ALA H 186 42.48 -11.62 35.38
CA ALA H 186 41.36 -11.63 34.43
C ALA H 186 40.10 -12.20 35.08
N ASP H 187 38.95 -11.76 34.57
CA ASP H 187 37.65 -12.20 35.11
C ASP H 187 37.01 -13.25 34.22
N ILE H 188 37.21 -13.11 32.91
CA ILE H 188 36.64 -14.01 31.92
C ILE H 188 37.68 -14.43 30.88
N VAL H 189 37.80 -15.75 30.69
CA VAL H 189 38.64 -16.32 29.65
C VAL H 189 37.74 -16.93 28.58
N ALA H 190 38.10 -16.71 27.32
CA ALA H 190 37.38 -17.34 26.21
C ALA H 190 38.33 -18.14 25.30
N HIS H 191 37.83 -19.25 24.78
CA HIS H 191 38.57 -20.05 23.79
C HIS H 191 37.74 -20.37 22.60
N SER H 192 38.41 -20.47 21.46
CA SER H 192 37.93 -21.27 20.34
C SER H 192 38.39 -22.70 20.57
N GLY H 193 37.45 -23.58 20.91
CA GLY H 193 37.74 -25.00 21.13
C GLY H 193 38.07 -25.68 19.82
N THR H 194 37.65 -25.03 18.72
CA THR H 194 37.89 -25.46 17.35
C THR H 194 39.38 -25.71 17.08
N LYS H 195 40.23 -25.14 17.93
CA LYS H 195 41.66 -25.11 17.69
C LYS H 195 42.44 -26.13 18.52
N TYR H 196 43.40 -25.66 19.29
CA TYR H 196 44.32 -26.51 20.04
C TYR H 196 43.61 -27.47 21.01
N LEU H 197 42.52 -27.00 21.63
CA LEU H 197 41.80 -27.79 22.64
C LEU H 197 41.18 -29.06 22.04
N GLY H 198 40.49 -28.92 20.92
CA GLY H 198 39.98 -30.07 20.17
C GLY H 198 41.15 -30.83 19.54
N GLY H 199 42.01 -30.08 18.85
CA GLY H 199 43.30 -30.59 18.39
C GLY H 199 43.29 -31.36 17.09
N HIS H 200 42.11 -31.81 16.65
CA HIS H 200 42.05 -32.73 15.51
C HIS H 200 41.28 -32.17 14.32
N SER H 201 41.25 -30.84 14.21
CA SER H 201 40.57 -30.11 13.13
C SER H 201 39.21 -30.68 12.70
N ASP H 202 38.41 -31.08 13.68
CA ASP H 202 37.19 -31.79 13.40
C ASP H 202 35.99 -31.44 14.29
N VAL H 203 36.14 -30.39 15.09
CA VAL H 203 35.07 -29.93 15.97
C VAL H 203 35.06 -28.41 15.95
N VAL H 204 33.86 -27.82 15.94
CA VAL H 204 33.70 -26.38 16.07
C VAL H 204 33.01 -26.07 17.39
N ALA H 205 33.72 -25.34 18.25
CA ALA H 205 33.25 -25.12 19.62
C ALA H 205 33.83 -23.86 20.24
N GLY H 206 33.07 -23.31 21.20
CA GLY H 206 33.60 -22.27 22.07
C GLY H 206 33.50 -22.70 23.53
N LEU H 207 34.50 -22.30 24.31
CA LEU H 207 34.45 -22.46 25.75
C LEU H 207 34.78 -21.14 26.42
N VAL H 208 34.01 -20.82 27.46
CA VAL H 208 34.23 -19.63 28.27
C VAL H 208 34.17 -20.07 29.74
N THR H 209 34.98 -19.44 30.58
CA THR H 209 34.89 -19.65 32.02
C THR H 209 35.24 -18.40 32.85
N THR H 210 34.91 -18.42 34.13
CA THR H 210 35.03 -17.22 34.97
C THR H 210 35.38 -17.46 36.44
N ASN H 211 36.12 -16.49 37.00
CA ASN H 211 36.41 -16.39 38.44
C ASN H 211 35.18 -16.13 39.29
N ASN H 212 34.23 -15.40 38.71
CA ASN H 212 33.18 -14.75 39.46
C ASN H 212 31.86 -15.50 39.48
N GLU H 213 31.38 -15.77 40.69
CA GLU H 213 30.12 -16.47 40.91
C GLU H 213 28.93 -15.70 40.32
N ALA H 214 29.03 -14.37 40.31
CA ALA H 214 27.97 -13.52 39.75
C ALA H 214 28.00 -13.45 38.22
N LEU H 215 29.22 -13.34 37.67
CA LEU H 215 29.41 -13.33 36.21
C LEU H 215 29.01 -14.65 35.57
N ALA H 216 29.16 -15.74 36.33
CA ALA H 216 28.70 -17.06 35.90
C ALA H 216 27.20 -17.03 35.60
N GLN H 217 26.41 -16.67 36.61
CA GLN H 217 24.95 -16.57 36.47
C GLN H 217 24.56 -15.69 35.28
N GLU H 218 25.36 -14.66 35.04
CA GLU H 218 25.14 -13.78 33.90
C GLU H 218 25.32 -14.52 32.58
N ILE H 219 26.49 -15.15 32.40
CA ILE H 219 26.78 -15.90 31.17
C ILE H 219 25.83 -17.11 31.03
N ALA H 220 25.66 -17.88 32.09
CA ALA H 220 24.71 -18.99 32.12
C ALA H 220 23.36 -18.57 31.54
N PHE H 221 22.85 -17.45 32.04
CA PHE H 221 21.57 -16.92 31.58
C PHE H 221 21.54 -16.62 30.07
N PHE H 222 22.60 -15.99 29.57
CA PHE H 222 22.64 -15.64 28.15
C PHE H 222 23.00 -16.82 27.23
N GLN H 223 23.67 -17.82 27.81
CA GLN H 223 23.92 -19.08 27.11
C GLN H 223 22.58 -19.76 26.81
N ASN H 224 21.68 -19.73 27.78
CA ASN H 224 20.37 -20.35 27.62
C ASN H 224 19.39 -19.49 26.82
N ALA H 225 19.46 -18.21 27.02
CA ALA H 225 18.52 -17.29 26.47
C ALA H 225 18.73 -17.15 25.02
N ILE H 226 19.98 -17.23 24.61
CA ILE H 226 20.29 -17.08 23.22
C ILE H 226 20.65 -18.39 22.61
N GLY H 227 20.94 -19.36 23.44
CA GLY H 227 21.19 -20.73 23.07
C GLY H 227 22.05 -21.04 21.89
N GLY H 228 23.28 -20.58 21.90
CA GLY H 228 24.26 -20.98 20.93
C GLY H 228 25.13 -21.98 21.59
N VAL H 229 24.50 -23.00 22.13
CA VAL H 229 25.16 -24.03 22.89
C VAL H 229 25.78 -25.12 22.06
N LEU H 230 26.72 -25.82 22.65
CA LEU H 230 27.42 -26.89 21.95
C LEU H 230 26.65 -28.19 22.10
N GLY H 231 26.55 -28.92 20.99
CA GLY H 231 25.90 -30.22 20.97
C GLY H 231 26.67 -31.25 21.81
N PRO H 232 25.96 -32.28 22.29
CA PRO H 232 26.56 -33.34 23.12
C PRO H 232 27.67 -34.12 22.42
N GLN H 233 27.50 -34.40 21.13
CA GLN H 233 28.51 -35.12 20.36
C GLN H 233 29.82 -34.35 20.31
N ASP H 234 29.75 -33.08 19.88
CA ASP H 234 30.91 -32.20 19.84
C ASP H 234 31.49 -31.95 21.23
N SER H 235 30.62 -31.84 22.23
CA SER H 235 31.04 -31.71 23.63
C SER H 235 31.96 -32.85 24.00
N TRP H 236 31.52 -34.07 23.70
CA TRP H 236 32.29 -35.28 23.95
C TRP H 236 33.58 -35.33 23.19
N LEU H 237 33.56 -34.90 21.92
CA LEU H 237 34.76 -34.90 21.07
C LEU H 237 35.79 -33.86 21.48
N LEU H 238 35.33 -32.75 22.05
CA LEU H 238 36.22 -31.71 22.56
C LEU H 238 36.97 -32.23 23.78
N GLN H 239 36.23 -32.85 24.71
CA GLN H 239 36.83 -33.45 25.90
C GLN H 239 37.82 -34.53 25.48
N ARG H 240 37.45 -35.35 24.51
CA ARG H 240 38.35 -36.41 24.04
C ARG H 240 39.67 -35.81 23.56
N GLY H 241 39.58 -34.74 22.76
CA GLY H 241 40.77 -34.04 22.27
C GLY H 241 41.57 -33.36 23.36
N ILE H 242 40.87 -32.82 24.37
CA ILE H 242 41.55 -32.14 25.47
C ILE H 242 42.42 -33.12 26.26
N LYS H 243 41.98 -34.38 26.32
CA LYS H 243 42.77 -35.43 26.98
C LYS H 243 44.24 -35.48 26.52
N THR H 244 44.49 -35.11 25.26
CA THR H 244 45.83 -35.14 24.68
C THR H 244 46.51 -33.77 24.57
N LEU H 245 45.84 -32.73 25.08
CA LEU H 245 46.34 -31.35 24.97
C LEU H 245 47.81 -31.18 25.39
N GLY H 246 48.17 -31.76 26.54
CA GLY H 246 49.52 -31.65 27.07
C GLY H 246 50.55 -32.18 26.11
N LEU H 247 50.38 -33.45 25.72
CA LEU H 247 51.29 -34.10 24.78
C LEU H 247 51.39 -33.33 23.46
N ARG H 248 50.25 -32.82 22.99
CA ARG H 248 50.20 -32.10 21.72
C ARG H 248 50.88 -30.74 21.77
N MET H 249 50.65 -29.98 22.85
CA MET H 249 51.28 -28.67 23.01
C MET H 249 52.81 -28.75 23.15
N GLU H 250 53.30 -29.82 23.78
CA GLU H 250 54.74 -30.09 23.83
C GLU H 250 55.29 -30.33 22.43
N ALA H 251 54.64 -31.21 21.69
CA ALA H 251 55.03 -31.50 20.30
C ALA H 251 54.96 -30.23 19.46
N HIS H 252 53.85 -29.50 19.59
CA HIS H 252 53.65 -28.24 18.88
C HIS H 252 54.78 -27.28 19.16
N GLN H 253 55.09 -27.07 20.44
CA GLN H 253 56.17 -26.16 20.85
C GLN H 253 57.54 -26.56 20.29
N LYS H 254 57.88 -27.85 20.42
CA LYS H 254 59.18 -28.32 19.91
C LYS H 254 59.29 -28.07 18.40
N ASN H 255 58.34 -28.62 17.63
CA ASN H 255 58.31 -28.40 16.19
C ASN H 255 58.37 -26.91 15.80
N ALA H 256 57.57 -26.09 16.48
CA ALA H 256 57.56 -24.66 16.23
C ALA H 256 58.96 -24.06 16.40
N LEU H 257 59.66 -24.46 17.47
CA LEU H 257 61.00 -23.97 17.77
C LEU H 257 62.01 -24.26 16.66
N CYS H 258 62.05 -25.51 16.21
CA CYS H 258 62.96 -25.92 15.13
C CYS H 258 62.70 -25.12 13.86
N VAL H 259 61.41 -24.96 13.54
CA VAL H 259 60.99 -24.23 12.35
C VAL H 259 61.35 -22.74 12.48
N ALA H 260 61.00 -22.15 13.64
CA ALA H 260 61.36 -20.76 13.92
C ALA H 260 62.86 -20.49 13.78
N GLU H 261 63.68 -21.41 14.30
CA GLU H 261 65.13 -21.29 14.23
C GLU H 261 65.65 -21.47 12.80
N PHE H 262 64.97 -22.32 12.03
CA PHE H 262 65.28 -22.53 10.62
C PHE H 262 65.00 -21.27 9.80
N LEU H 263 63.82 -20.69 10.01
CA LEU H 263 63.39 -19.51 9.26
C LEU H 263 64.25 -18.29 9.57
N GLU H 264 64.61 -18.14 10.84
CA GLU H 264 65.40 -17.00 11.33
C GLU H 264 66.77 -16.96 10.65
N LYS H 265 67.33 -18.14 10.36
CA LYS H 265 68.63 -18.24 9.72
C LYS H 265 68.53 -18.54 8.22
N HIS H 266 67.33 -18.39 7.65
CA HIS H 266 67.11 -18.65 6.23
C HIS H 266 67.29 -17.42 5.39
N PRO H 267 68.11 -17.53 4.33
CA PRO H 267 68.42 -16.45 3.37
C PRO H 267 67.20 -15.67 2.85
N LYS H 268 66.12 -16.37 2.52
CA LYS H 268 64.95 -15.73 1.91
C LYS H 268 63.95 -15.13 2.93
N VAL H 269 64.20 -15.35 4.21
CA VAL H 269 63.30 -14.85 5.25
C VAL H 269 63.82 -13.54 5.87
N GLU H 270 62.97 -12.52 5.84
CA GLU H 270 63.30 -11.19 6.36
C GLU H 270 63.13 -11.13 7.88
N ARG H 271 61.89 -11.37 8.35
CA ARG H 271 61.63 -11.39 9.80
C ARG H 271 60.76 -12.59 10.22
N VAL H 272 60.95 -13.01 11.47
CA VAL H 272 60.18 -14.13 12.04
C VAL H 272 59.47 -13.67 13.31
N TYR H 273 58.20 -14.06 13.45
CA TYR H 273 57.43 -13.72 14.64
C TYR H 273 57.09 -14.98 15.44
N TYR H 274 57.94 -15.30 16.41
CA TYR H 274 57.65 -16.40 17.32
C TYR H 274 58.04 -16.09 18.75
N PRO H 275 57.05 -16.13 19.67
CA PRO H 275 57.20 -15.86 21.11
C PRO H 275 58.39 -16.58 21.77
N GLY H 276 58.80 -17.71 21.20
CA GLY H 276 59.90 -18.51 21.74
C GLY H 276 61.28 -18.11 21.25
N LEU H 277 61.33 -17.18 20.31
CA LEU H 277 62.60 -16.67 19.81
C LEU H 277 63.12 -15.55 20.71
N PRO H 278 64.33 -15.71 21.28
CA PRO H 278 64.96 -14.73 22.15
C PRO H 278 64.88 -13.29 21.65
N THR H 279 64.86 -13.11 20.33
CA THR H 279 64.87 -11.78 19.69
C THR H 279 63.48 -11.14 19.56
N HIS H 280 62.44 -11.85 20.00
CA HIS H 280 61.06 -11.38 19.85
C HIS H 280 60.73 -10.27 20.82
N PRO H 281 60.06 -9.20 20.35
CA PRO H 281 59.65 -8.11 21.26
C PRO H 281 58.84 -8.64 22.43
N ASN H 282 59.23 -8.23 23.64
CA ASN H 282 58.63 -8.70 24.90
C ASN H 282 58.82 -10.20 25.17
N TYR H 283 59.94 -10.74 24.66
CA TYR H 283 60.31 -12.14 24.92
C TYR H 283 60.39 -12.46 26.41
N GLU H 284 60.97 -11.53 27.19
CA GLU H 284 61.09 -11.70 28.63
C GLU H 284 59.72 -11.71 29.33
N LEU H 285 58.88 -10.73 28.98
CA LEU H 285 57.51 -10.67 29.47
C LEU H 285 56.75 -11.97 29.20
N ALA H 286 57.03 -12.59 28.08
CA ALA H 286 56.42 -13.85 27.74
C ALA H 286 56.91 -14.93 28.67
N LYS H 287 58.19 -15.21 28.69
CA LYS H 287 58.61 -16.31 29.51
C LYS H 287 58.06 -16.08 30.86
N LYS H 288 57.53 -14.90 31.07
CA LYS H 288 57.11 -14.63 32.39
C LYS H 288 55.76 -15.15 32.67
N GLN H 289 54.81 -14.88 31.79
CA GLN H 289 53.42 -15.22 32.04
C GLN H 289 52.97 -16.49 31.37
N MET H 290 53.88 -17.10 30.67
CA MET H 290 53.63 -18.36 29.96
C MET H 290 54.58 -19.46 30.41
N ARG H 291 54.14 -20.71 30.27
CA ARG H 291 54.98 -21.86 30.59
C ARG H 291 55.48 -22.49 29.29
N GLY H 292 55.01 -21.92 28.19
CA GLY H 292 55.40 -22.37 26.87
C GLY H 292 54.87 -21.44 25.79
N PHE H 293 55.55 -21.50 24.66
CA PHE H 293 55.16 -20.83 23.44
C PHE H 293 54.46 -21.90 22.62
N SER H 294 53.42 -21.53 21.87
CA SER H 294 52.61 -22.54 21.20
C SER H 294 53.24 -23.06 19.90
N GLY H 295 52.40 -23.37 18.92
CA GLY H 295 52.88 -23.78 17.61
C GLY H 295 52.64 -22.70 16.58
N MET H 296 52.02 -21.61 17.02
CA MET H 296 51.69 -20.49 16.13
C MET H 296 52.88 -19.58 15.86
N LEU H 297 53.21 -19.43 14.58
CA LEU H 297 54.22 -18.46 14.15
C LEU H 297 53.85 -17.87 12.80
N SER H 298 54.27 -16.62 12.59
CA SER H 298 54.17 -16.00 11.28
C SER H 298 55.52 -15.44 10.86
N PHE H 299 55.72 -15.28 9.56
CA PHE H 299 56.95 -14.69 9.04
C PHE H 299 56.73 -14.00 7.70
N THR H 300 57.39 -12.86 7.53
CA THR H 300 57.49 -12.22 6.23
C THR H 300 58.72 -12.79 5.52
N LEU H 301 58.65 -12.85 4.18
CA LEU H 301 59.81 -13.31 3.41
C LEU H 301 60.30 -12.21 2.47
N LYS H 302 61.62 -12.02 2.46
CA LYS H 302 62.31 -10.94 1.73
C LYS H 302 61.61 -10.41 0.49
N ASN H 303 61.41 -11.29 -0.49
CA ASN H 303 60.73 -10.92 -1.73
C ASN H 303 59.21 -11.08 -1.58
N ASP H 304 58.55 -9.94 -1.37
CA ASP H 304 57.14 -9.89 -1.00
C ASP H 304 56.18 -10.68 -1.91
N SER H 305 56.46 -10.62 -3.22
CA SER H 305 55.59 -11.27 -4.21
C SER H 305 55.66 -12.80 -4.25
N GLU H 306 56.75 -13.36 -3.71
CA GLU H 306 56.98 -14.82 -3.73
C GLU H 306 56.01 -15.63 -2.86
N ALA H 307 55.31 -14.95 -1.95
CA ALA H 307 54.48 -15.58 -0.92
C ALA H 307 53.44 -16.59 -1.40
N VAL H 308 52.59 -16.17 -2.35
CA VAL H 308 51.53 -17.04 -2.87
C VAL H 308 52.11 -18.31 -3.47
N ALA H 309 53.09 -18.14 -4.38
CA ALA H 309 53.79 -19.27 -4.97
C ALA H 309 54.35 -20.21 -3.90
N PHE H 310 54.96 -19.62 -2.88
CA PHE H 310 55.57 -20.36 -1.78
C PHE H 310 54.55 -21.22 -1.02
N VAL H 311 53.50 -20.56 -0.52
CA VAL H 311 52.43 -21.23 0.20
C VAL H 311 51.78 -22.35 -0.62
N GLU H 312 51.65 -22.13 -1.92
CA GLU H 312 50.99 -23.10 -2.81
C GLU H 312 51.88 -24.26 -3.27
N SER H 313 53.19 -24.17 -3.03
CA SER H 313 54.10 -25.25 -3.41
C SER H 313 54.45 -26.18 -2.24
N LEU H 314 54.12 -25.75 -1.02
CA LEU H 314 54.24 -26.61 0.17
C LEU H 314 53.44 -27.90 -0.03
N LYS H 315 54.08 -29.03 0.26
CA LYS H 315 53.50 -30.35 -0.03
C LYS H 315 52.92 -31.07 1.19
N LEU H 316 53.26 -30.59 2.39
CA LEU H 316 52.86 -31.26 3.62
C LEU H 316 51.99 -30.38 4.52
N PHE H 317 52.38 -29.12 4.64
CA PHE H 317 51.52 -28.09 5.19
C PHE H 317 50.28 -28.03 4.31
N ILE H 318 49.11 -27.94 4.94
CA ILE H 318 47.88 -27.82 4.21
C ILE H 318 47.48 -26.35 4.15
N LEU H 319 47.28 -25.84 2.94
CA LEU H 319 46.78 -24.49 2.73
C LEU H 319 45.32 -24.48 3.19
N GLY H 320 45.04 -23.77 4.29
CA GLY H 320 43.73 -23.85 4.90
C GLY H 320 43.38 -22.77 5.93
N GLU H 321 42.11 -22.77 6.33
CA GLU H 321 41.48 -21.63 6.98
C GLU H 321 41.55 -21.62 8.50
N SER H 322 42.08 -22.70 9.10
CA SER H 322 42.09 -22.79 10.56
C SER H 322 43.50 -22.94 11.15
N LEU H 323 43.57 -23.39 12.40
CA LEU H 323 44.84 -23.56 13.12
C LEU H 323 44.70 -24.47 14.32
N GLY H 324 45.83 -24.96 14.83
CA GLY H 324 45.86 -25.68 16.10
C GLY H 324 45.43 -27.13 16.05
N GLY H 325 45.51 -27.74 14.87
CA GLY H 325 45.24 -29.18 14.73
C GLY H 325 46.54 -29.94 14.64
N VAL H 326 46.45 -31.27 14.72
CA VAL H 326 47.64 -32.13 14.63
C VAL H 326 48.37 -32.00 13.29
N GLU H 327 47.62 -31.72 12.23
CA GLU H 327 48.24 -31.41 10.93
C GLU H 327 48.72 -29.97 10.89
N SER H 328 49.80 -29.75 10.15
CA SER H 328 50.31 -28.41 9.90
C SER H 328 49.39 -27.67 8.94
N LEU H 329 49.06 -26.43 9.27
CA LEU H 329 48.26 -25.58 8.40
C LEU H 329 49.02 -24.31 8.00
N VAL H 330 48.77 -23.83 6.80
CA VAL H 330 49.44 -22.62 6.28
C VAL H 330 48.41 -21.66 5.66
N GLY H 331 48.61 -20.36 5.90
CA GLY H 331 47.74 -19.33 5.36
C GLY H 331 48.40 -17.98 5.21
N ILE H 332 47.83 -17.14 4.34
CA ILE H 332 48.24 -15.74 4.20
C ILE H 332 47.12 -14.87 4.75
N PRO H 333 47.29 -14.35 5.99
CA PRO H 333 46.26 -13.55 6.68
C PRO H 333 45.72 -12.40 5.84
N ALA H 334 46.56 -11.87 4.95
CA ALA H 334 46.17 -10.79 4.03
C ALA H 334 45.03 -11.22 3.09
N PHE H 335 45.13 -12.43 2.54
CA PHE H 335 44.18 -12.89 1.53
C PHE H 335 43.08 -13.80 2.10
N MET H 336 43.23 -14.21 3.36
CA MET H 336 42.27 -15.11 4.02
C MET H 336 41.76 -14.51 5.32
N ALA H 349 49.59 0.09 8.54
CA ALA H 349 49.06 -1.31 8.61
C ALA H 349 49.71 -2.08 9.76
N GLY H 350 50.90 -2.67 9.48
CA GLY H 350 51.59 -3.52 10.44
C GLY H 350 51.71 -4.95 9.93
N ILE H 351 50.69 -5.38 9.19
CA ILE H 351 50.65 -6.72 8.60
C ILE H 351 50.98 -6.65 7.09
N ARG H 352 52.24 -7.03 6.77
CA ARG H 352 52.70 -7.03 5.37
C ARG H 352 51.91 -8.05 4.53
N ASP H 353 51.93 -7.84 3.18
CA ASP H 353 51.24 -8.77 2.28
C ASP H 353 51.92 -10.13 2.26
N GLY H 354 53.26 -10.13 2.14
CA GLY H 354 54.04 -11.37 2.10
C GLY H 354 54.20 -12.01 3.48
N LEU H 355 53.17 -11.87 4.34
CA LEU H 355 53.20 -12.48 5.66
C LEU H 355 52.57 -13.87 5.62
N VAL H 356 53.36 -14.86 5.99
CA VAL H 356 52.90 -16.25 6.03
C VAL H 356 52.66 -16.65 7.48
N ARG H 357 51.46 -17.14 7.78
CA ARG H 357 51.17 -17.70 9.08
C ARG H 357 51.27 -19.23 9.04
N LEU H 358 51.99 -19.79 10.01
CA LEU H 358 52.17 -21.23 10.09
C LEU H 358 51.58 -21.80 11.38
N SER H 359 50.68 -22.75 11.22
CA SER H 359 50.16 -23.52 12.36
C SER H 359 50.91 -24.84 12.35
N VAL H 360 52.01 -24.90 13.10
CA VAL H 360 52.92 -26.04 13.03
C VAL H 360 52.30 -27.27 13.70
N GLY H 361 52.13 -28.33 12.91
CA GLY H 361 51.47 -29.55 13.39
C GLY H 361 52.37 -30.40 14.27
N ILE H 362 51.99 -31.66 14.45
CA ILE H 362 52.79 -32.57 15.26
C ILE H 362 53.52 -33.63 14.42
N GLU H 363 53.60 -33.38 13.12
CA GLU H 363 54.36 -34.26 12.22
C GLU H 363 55.84 -34.21 12.55
N HIS H 364 56.61 -35.14 11.99
CA HIS H 364 58.04 -35.23 12.26
C HIS H 364 58.78 -34.00 11.80
N GLU H 365 59.54 -33.42 12.73
CA GLU H 365 60.22 -32.14 12.49
C GLU H 365 61.08 -32.13 11.21
N GLN H 366 61.70 -33.27 10.92
CA GLN H 366 62.54 -33.38 9.73
C GLN H 366 61.72 -33.30 8.45
N ASP H 367 60.51 -33.88 8.48
CA ASP H 367 59.58 -33.82 7.35
C ASP H 367 59.01 -32.41 7.12
N LEU H 368 58.82 -31.67 8.21
CA LEU H 368 58.29 -30.32 8.12
C LEU H 368 59.33 -29.34 7.61
N LEU H 369 60.59 -29.60 7.94
CA LEU H 369 61.70 -28.78 7.48
C LEU H 369 61.99 -29.08 6.01
N GLU H 370 62.00 -30.36 5.66
CA GLU H 370 62.21 -30.77 4.27
C GLU H 370 61.16 -30.16 3.34
N ASP H 371 59.92 -30.08 3.81
CA ASP H 371 58.83 -29.47 3.04
C ASP H 371 59.04 -27.97 2.83
N LEU H 372 59.65 -27.31 3.81
CA LEU H 372 60.02 -25.90 3.68
C LEU H 372 61.20 -25.73 2.72
N GLU H 373 62.23 -26.55 2.89
CA GLU H 373 63.43 -26.49 2.04
C GLU H 373 63.07 -26.53 0.55
N GLN H 374 62.32 -27.55 0.15
CA GLN H 374 61.93 -27.74 -1.26
C GLN H 374 61.06 -26.58 -1.80
N ALA H 375 60.28 -25.98 -0.91
CA ALA H 375 59.37 -24.89 -1.28
C ALA H 375 60.11 -23.59 -1.54
N PHE H 376 61.16 -23.34 -0.76
CA PHE H 376 62.04 -22.19 -0.97
C PHE H 376 62.81 -22.32 -2.28
N ALA H 377 63.15 -23.57 -2.63
CA ALA H 377 63.86 -23.88 -3.88
C ALA H 377 63.03 -23.55 -5.13
N LYS H 378 61.72 -23.45 -4.96
CA LYS H 378 60.80 -23.24 -6.08
C LYS H 378 60.30 -21.79 -6.20
N ILE H 379 60.96 -20.87 -5.50
CA ILE H 379 60.65 -19.42 -5.64
C ILE H 379 61.92 -18.58 -5.90
#